data_8OPG
#
_entry.id   8OPG
#
_cell.length_a   1.00
_cell.length_b   1.00
_cell.length_c   1.00
_cell.angle_alpha   90.00
_cell.angle_beta   90.00
_cell.angle_gamma   90.00
#
_symmetry.space_group_name_H-M   'P 1'
#
_entity_poly.entity_id   1
_entity_poly.type   'polypeptide(L)'
_entity_poly.pdbx_seq_one_letter_code
;GNDTIDAGGSTKKDAKQEQGSIQPNLNKEKEKDVNVGTSGTHTVPRIKAITSKMRMPKSKGATVLNLEHLLEYAPQQIDI
SNTRATQSQFDTWYEAVQLAYDIGETEMPTVMNGLMVWCIENGTSPNINGVWVMMDGDEQVEYPLKPIVENAKPTLRQIM
AHFSDVAEAYIEMRNKKEPYMPRYGLVR
;
_entity_poly.pdbx_strand_id   Aa,Ab,Ac,Ad,Ae,Af,Ag,Ah,Ai,Aj,Ak,Al,Am,An,Ao,Ap,Aq,Ar,As
#
# COMPACT_ATOMS: atom_id res chain seq x y z
N HIS A 42 51.96 26.66 -30.52
CA HIS A 42 51.99 26.37 -31.94
C HIS A 42 50.66 25.78 -32.43
N THR A 43 50.50 24.48 -32.23
CA THR A 43 49.30 23.77 -32.64
C THR A 43 48.52 23.35 -31.40
N VAL A 44 47.21 23.58 -31.42
CA VAL A 44 46.35 23.29 -30.29
C VAL A 44 46.01 21.80 -30.28
N PRO A 45 46.25 21.09 -29.17
CA PRO A 45 45.97 19.65 -29.12
C PRO A 45 44.47 19.34 -29.01
N ARG A 46 43.88 18.84 -30.09
CA ARG A 46 42.48 18.45 -30.07
C ARG A 46 42.36 17.00 -29.61
N ILE A 47 41.56 16.78 -28.55
CA ILE A 47 41.44 15.45 -27.98
C ILE A 47 40.65 14.54 -28.91
N LYS A 48 40.96 13.25 -28.86
CA LYS A 48 40.25 12.26 -29.66
C LYS A 48 39.11 11.64 -28.85
N ALA A 49 38.16 11.03 -29.57
CA ALA A 49 37.05 10.36 -28.92
C ALA A 49 37.45 9.01 -28.34
N ILE A 50 38.32 8.28 -29.03
CA ILE A 50 38.81 6.98 -28.57
C ILE A 50 40.18 7.23 -27.95
N THR A 51 40.21 7.47 -26.65
CA THR A 51 41.47 7.66 -25.94
C THR A 51 42.24 6.35 -25.87
N SER A 52 43.57 6.48 -25.83
CA SER A 52 44.42 5.29 -25.74
C SER A 52 44.17 4.55 -24.43
N LYS A 53 44.05 5.28 -23.33
CA LYS A 53 43.85 4.67 -22.01
C LYS A 53 42.36 4.51 -21.72
N MET A 54 41.70 3.73 -22.57
CA MET A 54 40.29 3.40 -22.41
C MET A 54 40.09 1.91 -22.68
N ARG A 55 39.38 1.24 -21.78
CA ARG A 55 39.29 -0.22 -21.76
C ARG A 55 38.25 -0.69 -22.77
N MET A 56 38.72 -1.03 -23.97
CA MET A 56 37.88 -1.77 -24.90
C MET A 56 37.61 -3.16 -24.32
N PRO A 57 36.38 -3.66 -24.41
CA PRO A 57 36.10 -5.01 -23.91
C PRO A 57 36.92 -6.04 -24.68
N LYS A 58 37.40 -7.06 -23.95
CA LYS A 58 38.28 -8.06 -24.53
C LYS A 58 37.73 -9.46 -24.24
N SER A 59 38.02 -10.39 -25.16
CA SER A 59 37.66 -11.79 -25.00
C SER A 59 38.79 -12.64 -25.55
N LYS A 60 39.48 -13.36 -24.67
CA LYS A 60 40.61 -14.21 -25.05
C LYS A 60 41.67 -13.43 -25.82
N GLY A 61 41.96 -12.23 -25.35
CA GLY A 61 42.97 -11.37 -25.98
C GLY A 61 42.42 -10.43 -27.02
N ALA A 62 41.58 -10.93 -27.92
CA ALA A 62 41.01 -10.10 -28.96
C ALA A 62 39.93 -9.18 -28.39
N THR A 63 39.38 -8.32 -29.24
CA THR A 63 38.38 -7.35 -28.84
C THR A 63 37.02 -7.75 -29.41
N VAL A 64 35.99 -7.76 -28.55
CA VAL A 64 34.65 -8.13 -28.99
C VAL A 64 34.08 -7.10 -29.96
N LEU A 65 34.47 -5.83 -29.81
CA LEU A 65 33.95 -4.79 -30.68
C LEU A 65 34.72 -4.75 -32.00
N ASN A 66 34.19 -3.96 -32.93
CA ASN A 66 34.73 -3.84 -34.29
C ASN A 66 34.93 -2.35 -34.57
N LEU A 67 35.71 -1.69 -33.68
CA LEU A 67 35.77 -0.23 -33.63
C LEU A 67 36.51 0.34 -34.84
N GLU A 68 36.00 0.07 -36.05
CA GLU A 68 36.36 0.81 -37.25
C GLU A 68 35.09 1.15 -38.01
N HIS A 69 34.06 0.32 -37.84
CA HIS A 69 32.72 0.62 -38.30
C HIS A 69 31.77 1.00 -37.18
N LEU A 70 32.18 1.02 -35.97
CA LEU A 70 31.31 1.47 -34.90
C LEU A 70 31.04 2.95 -35.10
N LEU A 71 32.10 3.70 -35.54
CA LEU A 71 31.88 5.10 -35.81
C LEU A 71 31.04 5.31 -37.05
N GLU A 72 31.15 4.43 -38.04
CA GLU A 72 30.31 4.46 -39.24
C GLU A 72 29.06 3.59 -39.06
N TYR A 73 28.32 3.86 -37.99
CA TYR A 73 27.08 3.13 -37.70
C TYR A 73 26.17 4.08 -36.93
N ALA A 74 25.23 4.71 -37.64
CA ALA A 74 24.36 5.72 -37.06
C ALA A 74 22.91 5.42 -37.43
N PRO A 75 22.23 4.59 -36.64
CA PRO A 75 20.81 4.34 -36.88
C PRO A 75 19.92 5.35 -36.16
N GLN A 76 18.70 5.47 -36.67
CA GLN A 76 17.72 6.36 -36.07
C GLN A 76 17.30 5.82 -34.71
N GLN A 77 17.01 6.74 -33.77
CA GLN A 77 16.64 6.35 -32.42
C GLN A 77 15.29 5.64 -32.35
N ILE A 78 14.50 5.67 -33.41
CA ILE A 78 13.19 5.01 -33.41
C ILE A 78 13.22 3.66 -34.12
N ASP A 79 14.24 3.37 -34.92
CA ASP A 79 14.30 2.14 -35.68
C ASP A 79 15.06 1.03 -34.96
N ILE A 80 15.59 1.31 -33.77
CA ILE A 80 16.28 0.30 -32.98
C ILE A 80 15.73 0.33 -31.55
N SER A 81 14.60 0.99 -31.37
CA SER A 81 13.95 1.11 -30.07
C SER A 81 12.87 0.05 -29.94
N ASN A 82 12.72 -0.51 -28.75
CA ASN A 82 11.73 -1.54 -28.50
C ASN A 82 10.34 -0.99 -28.18
N THR A 83 10.19 0.33 -28.07
CA THR A 83 8.87 0.90 -27.86
C THR A 83 7.99 0.76 -29.09
N ARG A 84 8.56 0.48 -30.25
CA ARG A 84 7.83 0.21 -31.48
C ARG A 84 8.08 -1.22 -31.91
N ALA A 85 7.04 -1.87 -32.44
CA ALA A 85 7.21 -3.22 -32.97
C ALA A 85 8.09 -3.18 -34.20
N THR A 86 8.90 -4.23 -34.37
CA THR A 86 9.80 -4.30 -35.51
C THR A 86 9.00 -4.38 -36.81
N GLN A 87 9.63 -3.93 -37.90
CA GLN A 87 8.93 -3.84 -39.17
C GLN A 87 8.42 -5.21 -39.64
N SER A 88 9.16 -6.28 -39.31
CA SER A 88 8.69 -7.62 -39.67
C SER A 88 7.39 -7.97 -38.95
N GLN A 89 7.29 -7.62 -37.67
CA GLN A 89 6.06 -7.86 -36.93
C GLN A 89 4.94 -6.93 -37.34
N PHE A 90 5.26 -5.73 -37.84
CA PHE A 90 4.23 -4.87 -38.39
C PHE A 90 3.77 -5.34 -39.76
N ASP A 91 4.68 -5.92 -40.55
CA ASP A 91 4.29 -6.49 -41.83
C ASP A 91 3.41 -7.73 -41.66
N THR A 92 3.44 -8.36 -40.48
CA THR A 92 2.59 -9.50 -40.19
C THR A 92 1.23 -9.07 -39.67
N TRP A 93 1.19 -8.12 -38.74
CA TRP A 93 -0.08 -7.62 -38.24
C TRP A 93 -0.89 -6.95 -39.35
N TYR A 94 -0.24 -6.15 -40.19
CA TYR A 94 -0.95 -5.49 -41.28
C TYR A 94 -1.45 -6.49 -42.32
N GLU A 95 -0.76 -7.61 -42.48
CA GLU A 95 -1.17 -8.63 -43.43
C GLU A 95 -2.16 -9.62 -42.84
N ALA A 96 -2.10 -9.87 -41.54
CA ALA A 96 -3.04 -10.75 -40.89
C ALA A 96 -4.37 -10.07 -40.56
N VAL A 97 -4.41 -8.73 -40.62
CA VAL A 97 -5.66 -7.99 -40.45
C VAL A 97 -6.38 -7.82 -41.77
N GLN A 98 -5.63 -7.55 -42.85
CA GLN A 98 -6.23 -7.40 -44.16
C GLN A 98 -6.94 -8.67 -44.61
N LEU A 99 -6.42 -9.84 -44.23
CA LEU A 99 -7.07 -11.09 -44.61
C LEU A 99 -8.35 -11.33 -43.81
N ALA A 100 -8.38 -10.94 -42.54
CA ALA A 100 -9.58 -11.14 -41.73
C ALA A 100 -10.73 -10.26 -42.23
N TYR A 101 -10.44 -9.04 -42.64
CA TYR A 101 -11.45 -8.16 -43.18
C TYR A 101 -11.80 -8.47 -44.64
N ASP A 102 -10.98 -9.29 -45.31
CA ASP A 102 -11.15 -9.60 -46.73
C ASP A 102 -11.14 -8.36 -47.61
N ILE A 103 -10.48 -7.30 -47.15
CA ILE A 103 -10.43 -6.04 -47.88
C ILE A 103 -9.26 -6.08 -48.86
N GLY A 104 -9.49 -5.62 -50.09
CA GLY A 104 -8.44 -5.59 -51.07
C GLY A 104 -7.34 -4.61 -50.72
N GLU A 105 -6.18 -4.81 -51.35
CA GLU A 105 -5.01 -3.99 -51.05
C GLU A 105 -5.20 -2.53 -51.45
N THR A 106 -6.06 -2.25 -52.42
CA THR A 106 -6.34 -0.88 -52.80
C THR A 106 -7.34 -0.21 -51.86
N GLU A 107 -8.29 -0.96 -51.32
CA GLU A 107 -9.22 -0.45 -50.32
C GLU A 107 -8.68 -0.59 -48.91
N MET A 108 -7.56 -1.30 -48.72
CA MET A 108 -7.01 -1.51 -47.39
C MET A 108 -6.58 -0.22 -46.71
N PRO A 109 -5.81 0.69 -47.34
CA PRO A 109 -5.25 1.81 -46.56
C PRO A 109 -6.28 2.78 -46.03
N THR A 110 -7.41 2.96 -46.73
CA THR A 110 -8.45 3.87 -46.24
C THR A 110 -8.98 3.44 -44.88
N VAL A 111 -8.97 2.13 -44.61
CA VAL A 111 -9.40 1.64 -43.30
C VAL A 111 -8.44 2.09 -42.21
N MET A 112 -7.13 2.10 -42.51
CA MET A 112 -6.13 2.47 -41.52
C MET A 112 -6.20 3.94 -41.12
N ASN A 113 -6.81 4.81 -41.93
CA ASN A 113 -7.05 6.17 -41.49
C ASN A 113 -7.98 6.19 -40.29
N GLY A 114 -9.10 5.48 -40.39
CA GLY A 114 -10.05 5.44 -39.29
C GLY A 114 -9.50 4.75 -38.06
N LEU A 115 -8.67 3.72 -38.25
CA LEU A 115 -8.16 2.96 -37.11
C LEU A 115 -7.31 3.83 -36.20
N MET A 116 -6.47 4.68 -36.78
CA MET A 116 -5.66 5.58 -35.97
C MET A 116 -6.51 6.63 -35.27
N VAL A 117 -7.43 7.26 -36.03
CA VAL A 117 -8.32 8.26 -35.45
C VAL A 117 -9.15 7.64 -34.33
N TRP A 118 -9.67 6.43 -34.56
CA TRP A 118 -10.40 5.75 -33.49
C TRP A 118 -9.49 5.47 -32.30
N CYS A 119 -8.24 5.11 -32.57
CA CYS A 119 -7.28 4.84 -31.50
C CYS A 119 -6.74 6.11 -30.84
N ILE A 120 -7.18 7.29 -31.26
CA ILE A 120 -6.75 8.51 -30.60
C ILE A 120 -7.63 8.82 -29.41
N GLU A 121 -8.92 8.84 -29.58
CA GLU A 121 -9.83 9.02 -28.45
C GLU A 121 -9.77 7.83 -27.50
N ASN A 122 -9.78 6.62 -28.07
CA ASN A 122 -9.77 5.40 -27.27
C ASN A 122 -8.37 4.81 -27.22
N GLY A 123 -8.02 4.26 -26.06
CA GLY A 123 -6.68 3.74 -25.85
C GLY A 123 -6.39 2.48 -26.66
N THR A 124 -5.14 2.04 -26.57
CA THR A 124 -4.66 0.89 -27.31
C THR A 124 -4.91 -0.42 -26.57
N SER A 125 -5.85 -0.43 -25.62
CA SER A 125 -6.25 -1.65 -24.90
C SER A 125 -7.76 -1.77 -24.94
N PRO A 126 -8.32 -2.07 -26.11
CA PRO A 126 -9.79 -2.17 -26.21
C PRO A 126 -10.29 -3.57 -25.90
N ASN A 127 -11.61 -3.75 -26.00
CA ASN A 127 -12.21 -5.07 -25.80
C ASN A 127 -12.01 -5.91 -27.05
N ILE A 128 -11.41 -7.09 -26.89
CA ILE A 128 -11.20 -7.98 -28.04
C ILE A 128 -12.53 -8.43 -28.62
N ASN A 129 -13.55 -8.54 -27.78
CA ASN A 129 -14.90 -8.89 -28.24
C ASN A 129 -15.73 -7.64 -28.51
N GLY A 130 -15.19 -6.73 -29.33
CA GLY A 130 -15.87 -5.49 -29.63
C GLY A 130 -15.62 -5.01 -31.06
N VAL A 131 -16.09 -3.81 -31.37
CA VAL A 131 -15.96 -3.25 -32.71
C VAL A 131 -15.48 -1.81 -32.61
N TRP A 132 -14.89 -1.33 -33.72
CA TRP A 132 -14.48 0.06 -33.86
C TRP A 132 -15.16 0.65 -35.09
N VAL A 133 -15.31 1.97 -35.09
CA VAL A 133 -16.18 2.66 -36.05
C VAL A 133 -15.39 3.66 -36.88
N MET A 134 -15.69 3.69 -38.17
CA MET A 134 -15.16 4.71 -39.08
C MET A 134 -16.24 5.05 -40.10
N MET A 135 -16.48 6.35 -40.29
CA MET A 135 -17.68 6.82 -40.96
C MET A 135 -17.53 6.92 -42.47
N ASP A 136 -18.57 6.51 -43.18
CA ASP A 136 -18.80 6.92 -44.58
C ASP A 136 -19.69 8.17 -44.54
N GLY A 137 -19.10 9.25 -44.04
CA GLY A 137 -19.84 10.50 -43.90
C GLY A 137 -20.58 10.58 -42.58
N ASP A 138 -21.87 10.29 -42.59
CA ASP A 138 -22.69 10.28 -41.38
C ASP A 138 -23.13 8.88 -40.98
N GLU A 139 -22.81 7.86 -41.75
CA GLU A 139 -23.24 6.50 -41.50
C GLU A 139 -22.11 5.72 -40.85
N GLN A 140 -22.38 5.12 -39.68
CA GLN A 140 -21.36 4.34 -38.99
C GLN A 140 -21.09 3.04 -39.72
N VAL A 141 -19.80 2.66 -39.78
CA VAL A 141 -19.36 1.38 -40.32
C VAL A 141 -18.61 0.66 -39.21
N GLU A 142 -19.01 -0.58 -38.94
CA GLU A 142 -18.47 -1.35 -37.83
C GLU A 142 -17.41 -2.34 -38.34
N TYR A 143 -16.29 -2.41 -37.63
CA TYR A 143 -15.23 -3.37 -37.92
C TYR A 143 -14.87 -4.12 -36.65
N PRO A 144 -14.73 -5.44 -36.72
CA PRO A 144 -14.42 -6.22 -35.52
C PRO A 144 -13.01 -5.91 -35.01
N LEU A 145 -12.86 -6.01 -33.69
CA LEU A 145 -11.59 -5.74 -33.03
C LEU A 145 -10.80 -7.00 -32.72
N LYS A 146 -11.26 -8.16 -33.19
CA LYS A 146 -10.54 -9.39 -32.92
C LYS A 146 -9.22 -9.47 -33.70
N PRO A 147 -9.21 -9.33 -35.03
CA PRO A 147 -7.91 -9.38 -35.73
C PRO A 147 -6.96 -8.25 -35.33
N ILE A 148 -7.49 -7.12 -34.87
CA ILE A 148 -6.64 -6.00 -34.49
C ILE A 148 -5.82 -6.34 -33.25
N VAL A 149 -6.45 -6.93 -32.24
CA VAL A 149 -5.78 -7.19 -30.98
C VAL A 149 -5.11 -8.56 -30.96
N GLU A 150 -5.77 -9.58 -31.52
CA GLU A 150 -5.22 -10.93 -31.47
C GLU A 150 -3.93 -11.06 -32.29
N ASN A 151 -3.89 -10.40 -33.44
CA ASN A 151 -2.77 -10.54 -34.37
C ASN A 151 -1.67 -9.51 -34.14
N ALA A 152 -1.78 -8.69 -33.10
CA ALA A 152 -0.78 -7.67 -32.80
C ALA A 152 0.22 -8.23 -31.80
N LYS A 153 1.46 -8.44 -32.25
CA LYS A 153 2.53 -8.95 -31.42
C LYS A 153 3.68 -7.96 -31.35
N PRO A 154 4.32 -7.80 -30.19
CA PRO A 154 4.02 -8.47 -28.92
C PRO A 154 2.92 -7.75 -28.14
N THR A 155 2.57 -6.54 -28.54
CA THR A 155 1.53 -5.77 -27.89
C THR A 155 0.92 -4.81 -28.90
N LEU A 156 -0.38 -4.57 -28.75
CA LEU A 156 -1.06 -3.62 -29.62
C LEU A 156 -0.50 -2.21 -29.45
N ARG A 157 0.00 -1.89 -28.25
CA ARG A 157 0.59 -0.57 -28.03
C ARG A 157 1.82 -0.35 -28.91
N GLN A 158 2.68 -1.37 -29.02
CA GLN A 158 3.88 -1.23 -29.84
C GLN A 158 3.54 -1.27 -31.32
N ILE A 159 2.54 -2.04 -31.72
CA ILE A 159 2.11 -2.04 -33.11
C ILE A 159 1.52 -0.69 -33.49
N MET A 160 0.69 -0.12 -32.59
CA MET A 160 0.11 1.20 -32.84
C MET A 160 1.13 2.32 -32.67
N ALA A 161 2.30 2.04 -32.10
CA ALA A 161 3.32 3.08 -31.92
C ALA A 161 3.89 3.56 -33.25
N HIS A 162 3.71 2.80 -34.32
CA HIS A 162 4.14 3.26 -35.64
C HIS A 162 3.40 4.51 -36.07
N PHE A 163 2.10 4.59 -35.77
CA PHE A 163 1.27 5.72 -36.11
C PHE A 163 1.55 6.95 -35.26
N SER A 164 2.55 6.90 -34.37
CA SER A 164 2.79 8.01 -33.45
C SER A 164 3.18 9.28 -34.19
N ASP A 165 4.00 9.15 -35.24
CA ASP A 165 4.43 10.33 -35.99
C ASP A 165 3.26 11.02 -36.66
N VAL A 166 2.33 10.26 -37.23
CA VAL A 166 1.19 10.86 -37.91
C VAL A 166 0.10 11.25 -36.92
N ALA A 167 0.07 10.61 -35.75
CA ALA A 167 -0.93 10.95 -34.74
C ALA A 167 -0.81 12.40 -34.31
N GLU A 168 0.42 12.85 -34.04
CA GLU A 168 0.64 14.25 -33.70
C GLU A 168 0.34 15.15 -34.88
N ALA A 169 0.71 14.72 -36.09
CA ALA A 169 0.46 15.51 -37.29
C ALA A 169 -1.03 15.64 -37.60
N TYR A 170 -1.87 14.77 -37.03
CA TYR A 170 -3.31 14.84 -37.22
C TYR A 170 -4.02 15.61 -36.11
N ILE A 171 -3.60 15.41 -34.86
CA ILE A 171 -4.22 16.14 -33.74
C ILE A 171 -3.96 17.63 -33.88
N GLU A 172 -2.72 18.00 -34.20
CA GLU A 172 -2.38 19.42 -34.33
C GLU A 172 -3.05 20.04 -35.53
N MET A 173 -3.25 19.28 -36.61
CA MET A 173 -3.88 19.83 -37.81
C MET A 173 -5.33 20.22 -37.53
N ARG A 174 -6.05 19.39 -36.79
CA ARG A 174 -7.43 19.72 -36.44
C ARG A 174 -7.53 20.78 -35.37
N ASN A 175 -6.57 20.82 -34.42
CA ASN A 175 -6.62 21.82 -33.35
C ASN A 175 -6.63 23.23 -33.90
N LYS A 176 -6.06 23.43 -35.10
CA LYS A 176 -6.14 24.74 -35.73
C LYS A 176 -7.57 25.12 -36.04
N LYS A 177 -8.38 24.15 -36.49
CA LYS A 177 -9.77 24.43 -36.84
C LYS A 177 -10.67 24.42 -35.60
N GLU A 178 -10.76 23.28 -34.93
CA GLU A 178 -11.59 23.12 -33.74
C GLU A 178 -10.81 22.34 -32.69
N PRO A 179 -11.11 22.55 -31.41
CA PRO A 179 -10.42 21.79 -30.35
C PRO A 179 -10.60 20.29 -30.53
N TYR A 180 -9.51 19.55 -30.34
CA TYR A 180 -9.52 18.09 -30.45
C TYR A 180 -8.73 17.49 -29.29
N MET A 181 -9.02 17.95 -28.08
CA MET A 181 -8.35 17.46 -26.88
C MET A 181 -8.73 16.00 -26.67
N PRO A 182 -7.81 15.04 -26.83
CA PRO A 182 -8.18 13.63 -26.84
C PRO A 182 -8.16 13.03 -25.43
N ARG A 183 -8.50 11.75 -25.36
CA ARG A 183 -8.53 11.04 -24.09
C ARG A 183 -7.36 10.08 -23.89
N TYR A 184 -6.87 9.47 -24.95
CA TYR A 184 -5.74 8.56 -24.88
C TYR A 184 -4.85 8.80 -26.09
N GLY A 185 -3.93 7.87 -26.35
CA GLY A 185 -3.06 7.97 -27.50
C GLY A 185 -2.67 6.61 -28.03
N LEU A 186 -2.04 6.62 -29.20
CA LEU A 186 -1.58 5.39 -29.83
C LEU A 186 -0.14 5.53 -30.31
N HIS B 42 11.66 38.65 -47.41
CA HIS B 42 10.70 38.69 -48.49
C HIS B 42 9.40 37.99 -48.12
N THR B 43 9.40 36.66 -48.24
CA THR B 43 8.24 35.84 -47.93
C THR B 43 8.52 35.03 -46.68
N VAL B 44 7.56 35.01 -45.76
CA VAL B 44 7.70 34.32 -44.48
C VAL B 44 7.45 32.83 -44.68
N PRO B 45 8.37 31.96 -44.27
CA PRO B 45 8.17 30.52 -44.46
C PRO B 45 7.17 29.93 -43.48
N ARG B 46 5.98 29.57 -43.98
CA ARG B 46 4.97 28.92 -43.14
C ARG B 46 5.19 27.42 -43.15
N ILE B 47 5.33 26.83 -41.96
CA ILE B 47 5.62 25.40 -41.86
C ILE B 47 4.39 24.59 -42.24
N LYS B 48 4.62 23.39 -42.77
CA LYS B 48 3.55 22.48 -43.14
C LYS B 48 3.26 21.51 -41.99
N ALA B 49 2.08 20.90 -42.05
CA ALA B 49 1.70 19.91 -41.04
C ALA B 49 2.38 18.58 -41.29
N ILE B 50 2.53 18.19 -42.55
CA ILE B 50 3.19 16.93 -42.91
C ILE B 50 4.60 17.30 -43.33
N THR B 51 5.52 17.24 -42.37
CA THR B 51 6.92 17.51 -42.67
C THR B 51 7.51 16.38 -43.51
N SER B 52 8.51 16.73 -44.32
CA SER B 52 9.17 15.73 -45.16
C SER B 52 9.89 14.69 -44.30
N LYS B 53 10.57 15.13 -43.25
CA LYS B 53 11.32 14.23 -42.37
C LYS B 53 10.43 13.74 -41.23
N MET B 54 9.35 13.05 -41.61
CA MET B 54 8.43 12.44 -40.65
C MET B 54 8.08 11.04 -41.12
N ARG B 55 8.19 10.07 -40.21
CA ARG B 55 8.11 8.65 -40.56
C ARG B 55 6.66 8.21 -40.72
N MET B 56 6.17 8.24 -41.94
CA MET B 56 4.90 7.57 -42.25
C MET B 56 5.08 6.06 -42.06
N PRO B 57 4.12 5.38 -41.44
CA PRO B 57 4.24 3.93 -41.30
C PRO B 57 4.29 3.24 -42.67
N LYS B 58 5.12 2.22 -42.77
CA LYS B 58 5.35 1.53 -44.03
C LYS B 58 5.14 0.03 -43.87
N SER B 59 4.71 -0.61 -44.96
CA SER B 59 4.53 -2.05 -45.00
C SER B 59 4.96 -2.53 -46.39
N LYS B 60 6.06 -3.29 -46.44
CA LYS B 60 6.61 -3.82 -47.69
C LYS B 60 6.85 -2.70 -48.70
N GLY B 61 7.41 -1.60 -48.23
CA GLY B 61 7.71 -0.45 -49.09
C GLY B 61 6.61 0.58 -49.19
N ALA B 62 5.37 0.13 -49.39
CA ALA B 62 4.25 1.04 -49.50
C ALA B 62 3.89 1.60 -48.12
N THR B 63 2.91 2.50 -48.10
CA THR B 63 2.47 3.16 -46.88
C THR B 63 1.09 2.66 -46.49
N VAL B 64 0.93 2.27 -45.22
CA VAL B 64 -0.35 1.76 -44.75
C VAL B 64 -1.40 2.85 -44.76
N LEU B 65 -1.01 4.11 -44.53
CA LEU B 65 -1.97 5.19 -44.51
C LEU B 65 -2.32 5.67 -45.92
N ASN B 66 -3.33 6.52 -45.99
CA ASN B 66 -3.87 7.03 -47.25
C ASN B 66 -3.89 8.56 -47.16
N LEU B 67 -2.71 9.14 -46.87
CA LEU B 67 -2.61 10.54 -46.47
C LEU B 67 -2.90 11.49 -47.63
N GLU B 68 -4.11 11.39 -48.21
CA GLU B 68 -4.65 12.43 -49.07
C GLU B 68 -6.10 12.69 -48.65
N HIS B 69 -6.73 11.66 -48.09
CA HIS B 69 -8.03 11.79 -47.44
C HIS B 69 -7.94 11.74 -45.92
N LEU B 70 -6.80 11.57 -45.35
CA LEU B 70 -6.69 11.61 -43.90
C LEU B 70 -7.01 13.04 -43.44
N LEU B 71 -6.53 14.03 -44.24
CA LEU B 71 -6.86 15.41 -43.88
C LEU B 71 -8.32 15.72 -44.12
N GLU B 72 -8.93 15.10 -45.14
CA GLU B 72 -10.36 15.23 -45.40
C GLU B 72 -11.15 14.14 -44.70
N TYR B 73 -10.96 14.02 -43.39
CA TYR B 73 -11.67 13.03 -42.58
C TYR B 73 -11.78 13.60 -41.17
N ALA B 74 -12.94 14.18 -40.86
CA ALA B 74 -13.17 14.87 -39.60
C ALA B 74 -14.47 14.39 -38.97
N PRO B 75 -14.44 13.31 -38.21
CA PRO B 75 -15.64 12.85 -37.50
C PRO B 75 -15.78 13.51 -36.14
N GLN B 76 -17.01 13.50 -35.65
CA GLN B 76 -17.29 14.04 -34.32
C GLN B 76 -16.68 13.15 -33.25
N GLN B 77 -16.23 13.78 -32.16
CA GLN B 77 -15.57 13.04 -31.09
C GLN B 77 -16.51 12.10 -30.34
N ILE B 78 -17.81 12.21 -30.55
CA ILE B 78 -18.76 11.34 -29.87
C ILE B 78 -19.26 10.20 -30.75
N ASP B 79 -19.07 10.28 -32.06
CA ASP B 79 -19.57 9.27 -32.99
C ASP B 79 -18.54 8.20 -33.30
N ILE B 80 -17.33 8.31 -32.75
CA ILE B 80 -16.29 7.29 -32.95
C ILE B 80 -15.71 6.92 -31.59
N SER B 81 -16.40 7.31 -30.52
CA SER B 81 -15.98 7.01 -29.16
C SER B 81 -16.70 5.77 -28.65
N ASN B 82 -15.98 4.95 -27.89
CA ASN B 82 -16.55 3.72 -27.35
C ASN B 82 -17.33 3.93 -26.05
N THR B 83 -17.34 5.15 -25.51
CA THR B 83 -18.15 5.41 -24.32
C THR B 83 -19.64 5.37 -24.62
N ARG B 84 -20.02 5.46 -25.89
CA ARG B 84 -21.40 5.33 -26.32
C ARG B 84 -21.54 4.10 -27.21
N ALA B 85 -22.66 3.40 -27.07
CA ALA B 85 -22.92 2.25 -27.93
C ALA B 85 -23.13 2.70 -29.36
N THR B 86 -22.68 1.89 -30.31
CA THR B 86 -22.81 2.24 -31.72
C THR B 86 -24.28 2.29 -32.10
N GLN B 87 -24.57 3.08 -33.15
CA GLN B 87 -25.95 3.30 -33.55
C GLN B 87 -26.66 2.00 -33.92
N SER B 88 -25.92 1.03 -34.48
CA SER B 88 -26.52 -0.25 -34.81
C SER B 88 -26.97 -0.99 -33.55
N GLN B 89 -26.16 -0.95 -32.49
CA GLN B 89 -26.55 -1.57 -31.23
C GLN B 89 -27.64 -0.79 -30.51
N PHE B 90 -27.73 0.52 -30.73
CA PHE B 90 -28.84 1.29 -30.18
C PHE B 90 -30.12 1.04 -30.96
N ASP B 91 -30.01 0.83 -32.28
CA ASP B 91 -31.18 0.47 -33.07
C ASP B 91 -31.72 -0.90 -32.72
N THR B 92 -30.90 -1.75 -32.10
CA THR B 92 -31.34 -3.08 -31.66
C THR B 92 -31.97 -3.03 -30.27
N TRP B 93 -31.35 -2.32 -29.33
CA TRP B 93 -31.91 -2.19 -28.00
C TRP B 93 -33.25 -1.45 -28.04
N TYR B 94 -33.34 -0.40 -28.84
CA TYR B 94 -34.59 0.35 -28.92
C TYR B 94 -35.69 -0.47 -29.59
N GLU B 95 -35.31 -1.39 -30.49
CA GLU B 95 -36.29 -2.23 -31.16
C GLU B 95 -36.61 -3.50 -30.38
N ALA B 96 -35.67 -4.00 -29.58
CA ALA B 96 -35.93 -5.17 -28.76
C ALA B 96 -36.65 -4.82 -27.46
N VAL B 97 -36.71 -3.55 -27.10
CA VAL B 97 -37.48 -3.11 -25.94
C VAL B 97 -38.91 -2.79 -26.34
N GLN B 98 -39.09 -2.16 -27.50
CA GLN B 98 -40.44 -1.84 -27.97
C GLN B 98 -41.28 -3.10 -28.16
N LEU B 99 -40.66 -4.20 -28.58
CA LEU B 99 -41.41 -5.44 -28.76
C LEU B 99 -41.80 -6.08 -27.44
N ALA B 100 -40.94 -5.98 -26.42
CA ALA B 100 -41.26 -6.57 -25.13
C ALA B 100 -42.41 -5.84 -24.46
N TYR B 101 -42.47 -4.51 -24.59
CA TYR B 101 -43.57 -3.75 -24.04
C TYR B 101 -44.82 -3.79 -24.91
N ASP B 102 -44.70 -4.27 -26.16
CA ASP B 102 -45.80 -4.30 -27.12
C ASP B 102 -46.38 -2.92 -27.38
N ILE B 103 -45.58 -1.89 -27.19
CA ILE B 103 -46.02 -0.51 -27.39
C ILE B 103 -45.85 -0.13 -28.85
N GLY B 104 -46.86 0.54 -29.41
CA GLY B 104 -46.77 0.97 -30.78
C GLY B 104 -45.72 2.05 -30.99
N GLU B 105 -45.31 2.20 -32.26
CA GLU B 105 -44.24 3.13 -32.59
C GLU B 105 -44.63 4.58 -32.32
N THR B 106 -45.93 4.91 -32.35
CA THR B 106 -46.37 6.25 -32.03
C THR B 106 -46.44 6.51 -30.53
N GLU B 107 -46.77 5.49 -29.74
CA GLU B 107 -46.74 5.59 -28.29
C GLU B 107 -45.38 5.25 -27.70
N MET B 108 -44.46 4.74 -28.52
CA MET B 108 -43.14 4.36 -28.01
C MET B 108 -42.34 5.53 -27.46
N PRO B 109 -42.21 6.67 -28.15
CA PRO B 109 -41.25 7.68 -27.67
C PRO B 109 -41.61 8.32 -26.34
N THR B 110 -42.91 8.42 -26.03
CA THR B 110 -43.31 9.01 -24.74
C THR B 110 -42.77 8.20 -23.57
N VAL B 111 -42.59 6.89 -23.76
CA VAL B 111 -42.02 6.06 -22.71
C VAL B 111 -40.56 6.44 -22.47
N MET B 112 -39.82 6.75 -23.53
CA MET B 112 -38.40 7.08 -23.39
C MET B 112 -38.16 8.39 -22.66
N ASN B 113 -39.15 9.27 -22.58
CA ASN B 113 -39.00 10.45 -21.73
C ASN B 113 -38.85 10.04 -20.27
N GLY B 114 -39.74 9.16 -19.80
CA GLY B 114 -39.68 8.72 -18.42
C GLY B 114 -38.43 7.89 -18.12
N LEU B 115 -37.99 7.10 -19.09
CA LEU B 115 -36.85 6.21 -18.87
C LEU B 115 -35.59 7.00 -18.55
N MET B 116 -35.36 8.12 -19.27
CA MET B 116 -34.19 8.95 -18.99
C MET B 116 -34.33 9.65 -17.64
N VAL B 117 -35.50 10.24 -17.38
CA VAL B 117 -35.73 10.91 -16.10
C VAL B 117 -35.59 9.93 -14.95
N TRP B 118 -36.13 8.71 -15.10
CA TRP B 118 -35.94 7.70 -14.08
C TRP B 118 -34.46 7.35 -13.94
N CYS B 119 -33.74 7.29 -15.05
CA CYS B 119 -32.32 6.97 -15.03
C CYS B 119 -31.46 8.14 -14.57
N ILE B 120 -32.04 9.29 -14.24
CA ILE B 120 -31.26 10.40 -13.72
C ILE B 120 -31.07 10.28 -12.21
N GLU B 121 -32.13 10.09 -11.47
CA GLU B 121 -32.01 9.84 -10.04
C GLU B 121 -31.33 8.52 -9.75
N ASN B 122 -31.74 7.47 -10.49
CA ASN B 122 -31.21 6.14 -10.28
C ASN B 122 -30.16 5.82 -11.34
N GLY B 123 -29.12 5.10 -10.92
CA GLY B 123 -28.01 4.80 -11.81
C GLY B 123 -28.38 3.84 -12.93
N THR B 124 -27.41 3.63 -13.82
CA THR B 124 -27.60 2.76 -14.98
C THR B 124 -27.28 1.30 -14.67
N SER B 125 -27.31 0.91 -13.39
CA SER B 125 -27.12 -0.47 -12.98
C SER B 125 -28.24 -0.87 -12.03
N PRO B 126 -29.46 -1.01 -12.55
CA PRO B 126 -30.60 -1.35 -11.68
C PRO B 126 -30.78 -2.85 -11.52
N ASN B 127 -31.80 -3.26 -10.78
CA ASN B 127 -32.11 -4.67 -10.63
C ASN B 127 -32.84 -5.16 -11.86
N ILE B 128 -32.31 -6.23 -12.47
CA ILE B 128 -32.97 -6.78 -13.66
C ILE B 128 -34.34 -7.35 -13.31
N ASN B 129 -34.50 -7.83 -12.09
CA ASN B 129 -35.81 -8.31 -11.61
C ASN B 129 -36.58 -7.20 -10.89
N GLY B 130 -36.73 -6.06 -11.55
CA GLY B 130 -37.40 -4.92 -10.97
C GLY B 130 -38.21 -4.12 -11.98
N VAL B 131 -38.76 -2.98 -11.56
CA VAL B 131 -39.57 -2.13 -12.41
C VAL B 131 -39.13 -0.67 -12.26
N TRP B 132 -39.45 0.12 -13.27
CA TRP B 132 -39.24 1.57 -13.24
C TRP B 132 -40.57 2.27 -13.48
N VAL B 133 -40.66 3.51 -13.00
CA VAL B 133 -41.94 4.21 -12.88
C VAL B 133 -41.92 5.49 -13.71
N MET B 134 -43.03 5.75 -14.41
CA MET B 134 -43.25 7.02 -15.09
C MET B 134 -44.73 7.37 -14.99
N MET B 135 -45.01 8.61 -14.60
CA MET B 135 -46.34 8.98 -14.14
C MET B 135 -47.27 9.44 -15.25
N ASP B 136 -48.53 9.00 -15.17
CA ASP B 136 -49.64 9.66 -15.86
C ASP B 136 -50.24 10.68 -14.89
N GLY B 137 -49.46 11.72 -14.63
CA GLY B 137 -49.88 12.75 -13.69
C GLY B 137 -49.50 12.41 -12.27
N ASP B 138 -50.46 11.89 -11.50
CA ASP B 138 -50.22 11.47 -10.12
C ASP B 138 -50.27 9.96 -9.94
N GLU B 139 -50.60 9.21 -10.99
CA GLU B 139 -50.75 7.76 -10.90
C GLU B 139 -49.49 7.09 -11.43
N GLN B 140 -48.90 6.21 -10.62
CA GLN B 140 -47.69 5.51 -11.03
C GLN B 140 -48.01 4.46 -12.10
N VAL B 141 -47.13 4.35 -13.07
CA VAL B 141 -47.20 3.32 -14.10
C VAL B 141 -45.91 2.52 -14.05
N GLU B 142 -46.03 1.20 -13.95
CA GLU B 142 -44.88 0.32 -13.76
C GLU B 142 -44.48 -0.31 -15.09
N TYR B 143 -43.18 -0.32 -15.36
CA TYR B 143 -42.63 -0.99 -16.53
C TYR B 143 -41.50 -1.92 -16.11
N PRO B 144 -41.46 -3.13 -16.63
CA PRO B 144 -40.42 -4.08 -16.22
C PRO B 144 -39.05 -3.63 -16.71
N LEU B 145 -38.03 -3.99 -15.93
CA LEU B 145 -36.65 -3.64 -16.22
C LEU B 145 -35.88 -4.77 -16.89
N LYS B 146 -36.56 -5.87 -17.24
CA LYS B 146 -35.86 -6.97 -17.89
C LYS B 146 -35.45 -6.64 -19.31
N PRO B 147 -36.35 -6.20 -20.22
CA PRO B 147 -35.88 -5.86 -21.57
C PRO B 147 -34.91 -4.70 -21.61
N ILE B 148 -34.95 -3.81 -20.61
CA ILE B 148 -34.07 -2.66 -20.60
C ILE B 148 -32.62 -3.10 -20.38
N VAL B 149 -32.39 -4.00 -19.43
CA VAL B 149 -31.04 -4.40 -19.06
C VAL B 149 -30.56 -5.59 -19.89
N GLU B 150 -31.44 -6.57 -20.14
CA GLU B 150 -31.03 -7.78 -20.84
C GLU B 150 -30.66 -7.47 -22.29
N ASN B 151 -31.41 -6.59 -22.94
CA ASN B 151 -31.24 -6.32 -24.36
C ASN B 151 -30.27 -5.19 -24.64
N ALA B 152 -29.62 -4.64 -23.61
CA ALA B 152 -28.67 -3.54 -23.77
C ALA B 152 -27.27 -4.11 -23.91
N LYS B 153 -26.68 -3.98 -25.10
CA LYS B 153 -25.35 -4.45 -25.38
C LYS B 153 -24.45 -3.30 -25.81
N PRO B 154 -23.18 -3.28 -25.38
CA PRO B 154 -22.53 -4.25 -24.50
C PRO B 154 -22.78 -3.94 -23.03
N THR B 155 -23.30 -2.74 -22.73
CA THR B 155 -23.58 -2.34 -21.37
C THR B 155 -24.71 -1.32 -21.39
N LEU B 156 -25.55 -1.36 -20.36
CA LEU B 156 -26.64 -0.39 -20.25
C LEU B 156 -26.09 1.03 -20.10
N ARG B 157 -24.89 1.17 -19.51
CA ARG B 157 -24.30 2.49 -19.37
C ARG B 157 -24.00 3.11 -20.73
N GLN B 158 -23.47 2.33 -21.67
CA GLN B 158 -23.17 2.87 -22.98
C GLN B 158 -24.43 3.08 -23.81
N ILE B 159 -25.44 2.23 -23.64
CA ILE B 159 -26.71 2.45 -24.31
C ILE B 159 -27.37 3.73 -23.79
N MET B 160 -27.36 3.93 -22.47
CA MET B 160 -27.92 5.14 -21.88
C MET B 160 -27.06 6.36 -22.12
N ALA B 161 -25.82 6.20 -22.57
CA ALA B 161 -24.95 7.34 -22.83
C ALA B 161 -25.43 8.19 -24.00
N HIS B 162 -26.31 7.65 -24.84
CA HIS B 162 -26.90 8.46 -25.91
C HIS B 162 -27.71 9.62 -25.36
N PHE B 163 -28.45 9.38 -24.27
CA PHE B 163 -29.27 10.40 -23.64
C PHE B 163 -28.46 11.44 -22.87
N SER B 164 -27.13 11.39 -22.94
CA SER B 164 -26.31 12.30 -22.15
C SER B 164 -26.52 13.75 -22.57
N ASP B 165 -26.64 14.00 -23.87
CA ASP B 165 -26.82 15.37 -24.34
C ASP B 165 -28.13 15.97 -23.83
N VAL B 166 -29.20 15.18 -23.83
CA VAL B 166 -30.49 15.69 -23.38
C VAL B 166 -30.59 15.66 -21.85
N ALA B 167 -29.82 14.78 -21.20
CA ALA B 167 -29.86 14.70 -19.74
C ALA B 167 -29.44 16.02 -19.11
N GLU B 168 -28.36 16.62 -19.61
CA GLU B 168 -27.95 17.93 -19.12
C GLU B 168 -28.97 19.00 -19.49
N ALA B 169 -29.53 18.91 -20.70
CA ALA B 169 -30.53 19.88 -21.13
C ALA B 169 -31.82 19.80 -20.33
N TYR B 170 -32.05 18.70 -19.63
CA TYR B 170 -33.23 18.53 -18.78
C TYR B 170 -32.96 18.89 -17.33
N ILE B 171 -31.81 18.52 -16.79
CA ILE B 171 -31.48 18.85 -15.41
C ILE B 171 -31.36 20.37 -15.25
N GLU B 172 -30.66 21.02 -16.18
CA GLU B 172 -30.50 22.47 -16.10
C GLU B 172 -31.81 23.21 -16.31
N MET B 173 -32.70 22.67 -17.14
CA MET B 173 -33.97 23.33 -17.39
C MET B 173 -34.83 23.38 -16.14
N ARG B 174 -34.85 22.28 -15.37
CA ARG B 174 -35.61 22.28 -14.12
C ARG B 174 -34.92 23.05 -13.01
N ASN B 175 -33.58 23.05 -12.98
CA ASN B 175 -32.87 23.77 -11.92
C ASN B 175 -33.22 25.25 -11.90
N LYS B 176 -33.63 25.80 -13.05
CA LYS B 176 -34.10 27.18 -13.07
C LYS B 176 -35.37 27.34 -12.23
N LYS B 177 -36.27 26.36 -12.28
CA LYS B 177 -37.52 26.44 -11.52
C LYS B 177 -37.31 26.00 -10.07
N GLU B 178 -36.93 24.75 -9.86
CA GLU B 178 -36.72 24.18 -8.54
C GLU B 178 -35.45 23.35 -8.54
N PRO B 179 -34.79 23.22 -7.39
CA PRO B 179 -33.56 22.40 -7.34
C PRO B 179 -33.84 20.96 -7.76
N TYR B 180 -32.93 20.41 -8.56
CA TYR B 180 -33.02 19.04 -9.05
C TYR B 180 -31.67 18.36 -8.93
N MET B 181 -31.04 18.49 -7.77
CA MET B 181 -29.73 17.88 -7.53
C MET B 181 -29.88 16.36 -7.55
N PRO B 182 -29.35 15.66 -8.54
CA PRO B 182 -29.63 14.23 -8.71
C PRO B 182 -28.67 13.36 -7.91
N ARG B 183 -28.87 12.05 -8.00
CA ARG B 183 -28.03 11.10 -7.30
C ARG B 183 -27.07 10.34 -8.20
N TYR B 184 -27.45 10.07 -9.44
CA TYR B 184 -26.58 9.39 -10.40
C TYR B 184 -26.77 10.05 -11.76
N GLY B 185 -26.30 9.38 -12.82
CA GLY B 185 -26.46 9.90 -14.17
C GLY B 185 -26.56 8.78 -15.17
N LEU B 186 -26.91 9.15 -16.40
CA LEU B 186 -27.03 8.20 -17.49
C LEU B 186 -26.30 8.71 -18.74
N HIS C 42 67.77 20.55 11.48
CA HIS C 42 68.69 19.86 10.57
C HIS C 42 67.94 19.14 9.45
N THR C 43 67.44 17.96 9.76
CA THR C 43 66.71 17.13 8.80
C THR C 43 65.24 17.08 9.22
N VAL C 44 64.36 17.27 8.24
CA VAL C 44 62.92 17.30 8.50
C VAL C 44 62.39 15.87 8.61
N PRO C 45 61.70 15.51 9.69
CA PRO C 45 61.20 14.14 9.83
C PRO C 45 59.99 13.86 8.95
N ARG C 46 60.18 13.06 7.91
CA ARG C 46 59.08 12.66 7.03
C ARG C 46 58.41 11.40 7.59
N ILE C 47 57.09 11.48 7.82
CA ILE C 47 56.38 10.36 8.42
C ILE C 47 56.26 9.21 7.42
N LYS C 48 56.21 7.99 7.95
CA LYS C 48 56.04 6.81 7.13
C LYS C 48 54.56 6.43 7.02
N ALA C 49 54.24 5.63 6.01
CA ALA C 49 52.88 5.15 5.83
C ALA C 49 52.53 4.03 6.81
N ILE C 50 53.49 3.15 7.09
CA ILE C 50 53.29 2.05 8.03
C ILE C 50 53.93 2.49 9.34
N THR C 51 53.13 3.08 10.21
CA THR C 51 53.61 3.48 11.52
C THR C 51 53.88 2.26 12.39
N SER C 52 54.85 2.40 13.30
CA SER C 52 55.17 1.31 14.21
C SER C 52 53.99 0.96 15.11
N LYS C 53 53.30 1.98 15.64
CA LYS C 53 52.17 1.76 16.54
C LYS C 53 50.87 1.66 15.75
N MET C 54 50.81 0.67 14.87
CA MET C 54 49.62 0.38 14.07
C MET C 54 49.38 -1.12 14.07
N ARG C 55 48.14 -1.53 14.36
CA ARG C 55 47.79 -2.92 14.63
C ARG C 55 47.63 -3.68 13.32
N MET C 56 48.69 -4.33 12.88
CA MET C 56 48.56 -5.32 11.82
C MET C 56 47.73 -6.49 12.33
N PRO C 57 46.80 -7.01 11.54
CA PRO C 57 46.02 -8.17 11.97
C PRO C 57 46.93 -9.37 12.22
N LYS C 58 46.61 -10.12 13.27
CA LYS C 58 47.44 -11.24 13.70
C LYS C 58 46.60 -12.51 13.83
N SER C 59 47.24 -13.65 13.59
CA SER C 59 46.61 -14.96 13.76
C SER C 59 47.65 -15.91 14.33
N LYS C 60 47.44 -16.34 15.57
CA LYS C 60 48.35 -17.25 16.27
C LYS C 60 49.77 -16.70 16.30
N GLY C 61 49.89 -15.41 16.58
CA GLY C 61 51.19 -14.76 16.64
C GLY C 61 51.67 -14.15 15.34
N ALA C 62 51.56 -14.91 14.24
CA ALA C 62 51.99 -14.42 12.94
C ALA C 62 50.99 -13.38 12.41
N THR C 63 51.32 -12.82 11.25
CA THR C 63 50.50 -11.78 10.62
C THR C 63 49.82 -12.34 9.39
N VAL C 64 48.51 -12.12 9.27
CA VAL C 64 47.76 -12.63 8.13
C VAL C 64 48.18 -11.92 6.85
N LEU C 65 48.59 -10.66 6.93
CA LEU C 65 48.98 -9.92 5.75
C LEU C 65 50.43 -10.24 5.36
N ASN C 66 50.81 -9.75 4.18
CA ASN C 66 52.12 -10.02 3.58
C ASN C 66 52.74 -8.67 3.21
N LEU C 67 52.82 -7.77 4.22
CA LEU C 67 53.11 -6.36 3.98
C LEU C 67 54.55 -6.13 3.53
N GLU C 68 54.93 -6.75 2.39
CA GLU C 68 56.13 -6.38 1.65
C GLU C 68 55.77 -6.28 0.19
N HIS C 69 54.76 -7.04 -0.22
CA HIS C 69 54.15 -6.91 -1.54
C HIS C 69 52.79 -6.24 -1.49
N LEU C 70 52.28 -5.87 -0.38
CA LEU C 70 51.02 -5.15 -0.33
C LEU C 70 51.24 -3.79 -0.97
N LEU C 71 52.44 -3.19 -0.70
CA LEU C 71 52.72 -1.92 -1.36
C LEU C 71 52.98 -2.07 -2.85
N GLU C 72 53.54 -3.21 -3.25
CA GLU C 72 53.73 -3.53 -4.67
C GLU C 72 52.55 -4.32 -5.21
N TYR C 73 51.35 -3.78 -5.05
CA TYR C 73 50.12 -4.41 -5.54
C TYR C 73 49.13 -3.30 -5.84
N ALA C 74 49.04 -2.91 -7.11
CA ALA C 74 48.20 -1.79 -7.53
C ALA C 74 47.34 -2.20 -8.72
N PRO C 75 46.17 -2.79 -8.46
CA PRO C 75 45.26 -3.12 -9.55
C PRO C 75 44.32 -1.96 -9.88
N GLN C 76 43.80 -2.01 -11.11
CA GLN C 76 42.85 -0.99 -11.55
C GLN C 76 41.54 -1.13 -10.79
N GLN C 77 40.88 0.01 -10.53
CA GLN C 77 39.65 0.01 -9.76
C GLN C 77 38.49 -0.67 -10.49
N ILE C 78 38.63 -0.94 -11.78
CA ILE C 78 37.55 -1.60 -12.53
C ILE C 78 37.79 -3.09 -12.71
N ASP C 79 39.01 -3.58 -12.50
CA ASP C 79 39.33 -4.98 -12.73
C ASP C 79 39.20 -5.82 -11.47
N ILE C 80 38.85 -5.21 -10.33
CA ILE C 80 38.64 -5.95 -9.09
C ILE C 80 37.30 -5.52 -8.48
N SER C 81 36.48 -4.86 -9.29
CA SER C 81 35.17 -4.38 -8.85
C SER C 81 34.10 -5.37 -9.30
N ASN C 82 33.10 -5.57 -8.43
CA ASN C 82 32.02 -6.51 -8.73
C ASN C 82 30.91 -5.91 -9.58
N THR C 83 30.98 -4.61 -9.90
CA THR C 83 29.98 -4.01 -10.78
C THR C 83 30.12 -4.53 -12.21
N ARG C 84 31.26 -5.11 -12.56
CA ARG C 84 31.49 -5.73 -13.85
C ARG C 84 31.71 -7.22 -13.66
N ALA C 85 31.18 -8.01 -14.60
CA ALA C 85 31.39 -9.45 -14.56
C ALA C 85 32.87 -9.76 -14.83
N THR C 86 33.36 -10.80 -14.16
CA THR C 86 34.77 -11.17 -14.31
C THR C 86 35.03 -11.63 -15.74
N GLN C 87 36.28 -11.49 -16.16
CA GLN C 87 36.65 -11.79 -17.55
C GLN C 87 36.33 -13.23 -17.92
N SER C 88 36.44 -14.16 -16.97
CA SER C 88 36.10 -15.55 -17.25
C SER C 88 34.62 -15.70 -17.56
N GLN C 89 33.76 -15.01 -16.82
CA GLN C 89 32.33 -15.05 -17.10
C GLN C 89 31.96 -14.29 -18.36
N PHE C 90 32.75 -13.28 -18.74
CA PHE C 90 32.52 -12.61 -20.02
C PHE C 90 33.02 -13.46 -21.18
N ASP C 91 34.09 -14.23 -20.98
CA ASP C 91 34.55 -15.15 -22.01
C ASP C 91 33.57 -16.30 -22.23
N THR C 92 32.70 -16.57 -21.26
CA THR C 92 31.68 -17.59 -21.39
C THR C 92 30.42 -17.06 -22.07
N TRP C 93 29.95 -15.88 -21.66
CA TRP C 93 28.78 -15.27 -22.29
C TRP C 93 29.05 -14.96 -23.76
N TYR C 94 30.25 -14.43 -24.06
CA TYR C 94 30.57 -14.11 -25.45
C TYR C 94 30.71 -15.37 -26.29
N GLU C 95 31.11 -16.48 -25.69
CA GLU C 95 31.25 -17.73 -26.42
C GLU C 95 29.97 -18.53 -26.48
N ALA C 96 29.09 -18.39 -25.47
CA ALA C 96 27.81 -19.08 -25.49
C ALA C 96 26.77 -18.34 -26.32
N VAL C 97 27.02 -17.08 -26.68
CA VAL C 97 26.14 -16.35 -27.57
C VAL C 97 26.53 -16.57 -29.03
N GLN C 98 27.83 -16.59 -29.31
CA GLN C 98 28.30 -16.83 -30.67
C GLN C 98 27.84 -18.19 -31.20
N LEU C 99 27.75 -19.20 -30.32
CA LEU C 99 27.30 -20.51 -30.76
C LEU C 99 25.80 -20.53 -31.04
N ALA C 100 25.01 -19.80 -30.27
CA ALA C 100 23.56 -19.78 -30.49
C ALA C 100 23.21 -19.10 -31.80
N TYR C 101 23.93 -18.04 -32.15
CA TYR C 101 23.72 -17.36 -33.43
C TYR C 101 24.38 -18.08 -34.60
N ASP C 102 25.26 -19.04 -34.33
CA ASP C 102 26.02 -19.75 -35.36
C ASP C 102 26.84 -18.80 -36.22
N ILE C 103 27.21 -17.64 -35.69
CA ILE C 103 27.97 -16.65 -36.43
C ILE C 103 29.45 -16.95 -36.29
N GLY C 104 30.19 -16.85 -37.40
CA GLY C 104 31.61 -17.09 -37.37
C GLY C 104 32.36 -16.04 -36.58
N GLU C 105 33.58 -16.40 -36.17
CA GLU C 105 34.37 -15.50 -35.34
C GLU C 105 34.77 -14.23 -36.05
N THR C 106 34.85 -14.24 -37.39
CA THR C 106 35.14 -13.04 -38.14
C THR C 106 33.92 -12.15 -38.32
N GLU C 107 32.74 -12.73 -38.44
CA GLU C 107 31.50 -11.96 -38.49
C GLU C 107 30.92 -11.68 -37.11
N MET C 108 31.48 -12.30 -36.07
CA MET C 108 30.96 -12.12 -34.72
C MET C 108 31.05 -10.67 -34.21
N PRO C 109 32.19 -9.97 -34.33
CA PRO C 109 32.30 -8.68 -33.64
C PRO C 109 31.38 -7.60 -34.20
N THR C 110 31.05 -7.64 -35.49
CA THR C 110 30.15 -6.65 -36.06
C THR C 110 28.78 -6.69 -35.40
N VAL C 111 28.37 -7.86 -34.92
CA VAL C 111 27.10 -7.96 -34.21
C VAL C 111 27.16 -7.21 -32.88
N MET C 112 28.30 -7.27 -32.20
CA MET C 112 28.44 -6.61 -30.89
C MET C 112 28.40 -5.10 -30.98
N ASN C 113 28.66 -4.52 -32.15
CA ASN C 113 28.44 -3.08 -32.31
C ASN C 113 26.98 -2.73 -32.13
N GLY C 114 26.09 -3.46 -32.82
CA GLY C 114 24.67 -3.19 -32.69
C GLY C 114 24.12 -3.50 -31.31
N LEU C 115 24.66 -4.53 -30.66
CA LEU C 115 24.14 -4.93 -29.35
C LEU C 115 24.31 -3.83 -28.32
N MET C 116 25.46 -3.15 -28.33
CA MET C 116 25.68 -2.05 -27.40
C MET C 116 24.79 -0.87 -27.73
N VAL C 117 24.74 -0.49 -29.02
CA VAL C 117 23.90 0.63 -29.44
C VAL C 117 22.44 0.34 -29.12
N TRP C 118 21.99 -0.89 -29.37
CA TRP C 118 20.63 -1.26 -28.99
C TRP C 118 20.45 -1.17 -27.47
N CYS C 119 21.47 -1.58 -26.72
CA CYS C 119 21.41 -1.53 -25.26
C CYS C 119 21.60 -0.12 -24.71
N ILE C 120 21.77 0.90 -25.55
CA ILE C 120 21.88 2.27 -25.06
C ILE C 120 20.49 2.89 -24.91
N GLU C 121 19.68 2.83 -25.92
CA GLU C 121 18.31 3.31 -25.80
C GLU C 121 17.50 2.44 -24.85
N ASN C 122 17.65 1.13 -24.97
CA ASN C 122 16.90 0.18 -24.16
C ASN C 122 17.77 -0.36 -23.03
N GLY C 123 17.15 -0.55 -21.88
CA GLY C 123 17.89 -0.96 -20.70
C GLY C 123 18.41 -2.39 -20.80
N THR C 124 19.17 -2.77 -19.77
CA THR C 124 19.79 -4.09 -19.70
C THR C 124 18.87 -5.13 -19.08
N SER C 125 17.57 -4.89 -19.07
CA SER C 125 16.58 -5.85 -18.57
C SER C 125 15.48 -6.01 -19.62
N PRO C 126 15.80 -6.63 -20.76
CA PRO C 126 14.79 -6.77 -21.81
C PRO C 126 13.95 -8.03 -21.64
N ASN C 127 13.03 -8.26 -22.57
CA ASN C 127 12.22 -9.48 -22.56
C ASN C 127 13.05 -10.64 -23.12
N ILE C 128 13.14 -11.71 -22.34
CA ILE C 128 13.89 -12.88 -22.80
C ILE C 128 13.23 -13.51 -24.02
N ASN C 129 11.91 -13.39 -24.12
CA ASN C 129 11.18 -13.87 -25.28
C ASN C 129 10.98 -12.75 -26.31
N GLY C 130 12.08 -12.11 -26.70
CA GLY C 130 12.03 -11.02 -27.65
C GLY C 130 13.23 -10.97 -28.57
N VAL C 131 13.33 -9.90 -29.38
CA VAL C 131 14.42 -9.75 -30.33
C VAL C 131 14.97 -8.33 -30.24
N TRP C 132 16.22 -8.18 -30.69
CA TRP C 132 16.85 -6.88 -30.82
C TRP C 132 17.29 -6.68 -32.27
N VAL C 133 17.42 -5.41 -32.66
CA VAL C 133 17.54 -5.03 -34.07
C VAL C 133 18.87 -4.31 -34.31
N MET C 134 19.52 -4.63 -35.42
CA MET C 134 20.69 -3.91 -35.91
C MET C 134 20.65 -3.90 -37.42
N MET C 135 20.84 -2.71 -38.00
CA MET C 135 20.51 -2.46 -39.39
C MET C 135 21.63 -2.79 -40.37
N ASP C 136 21.26 -3.39 -41.50
CA ASP C 136 22.10 -3.40 -42.69
C ASP C 136 21.66 -2.21 -43.55
N GLY C 137 21.96 -1.02 -43.04
CA GLY C 137 21.55 0.20 -43.71
C GLY C 137 20.17 0.64 -43.32
N ASP C 138 19.17 0.35 -44.17
CA ASP C 138 17.78 0.66 -43.89
C ASP C 138 16.94 -0.56 -43.60
N GLU C 139 17.49 -1.77 -43.70
CA GLU C 139 16.75 -3.00 -43.53
C GLU C 139 17.01 -3.54 -42.12
N GLN C 140 15.94 -3.79 -41.38
CA GLN C 140 16.06 -4.33 -40.04
C GLN C 140 16.51 -5.78 -40.07
N VAL C 141 17.40 -6.14 -39.15
CA VAL C 141 17.83 -7.52 -38.94
C VAL C 141 17.52 -7.88 -37.50
N GLU C 142 16.83 -9.00 -37.31
CA GLU C 142 16.34 -9.43 -36.01
C GLU C 142 17.26 -10.50 -35.42
N TYR C 143 17.59 -10.34 -34.15
CA TYR C 143 18.37 -11.32 -33.42
C TYR C 143 17.65 -11.68 -32.13
N PRO C 144 17.56 -12.97 -31.79
CA PRO C 144 16.84 -13.36 -30.57
C PRO C 144 17.58 -12.90 -29.32
N LEU C 145 16.80 -12.63 -28.28
CA LEU C 145 17.32 -12.15 -27.01
C LEU C 145 17.46 -13.27 -25.98
N LYS C 146 17.23 -14.52 -26.37
CA LYS C 146 17.34 -15.62 -25.41
C LYS C 146 18.80 -15.90 -25.04
N PRO C 147 19.73 -16.14 -25.97
CA PRO C 147 21.12 -16.36 -25.56
C PRO C 147 21.75 -15.15 -24.87
N ILE C 148 21.26 -13.95 -25.15
CA ILE C 148 21.85 -12.75 -24.55
C ILE C 148 21.55 -12.71 -23.06
N VAL C 149 20.32 -13.00 -22.66
CA VAL C 149 19.92 -12.89 -21.26
C VAL C 149 20.14 -14.19 -20.50
N GLU C 150 19.85 -15.32 -21.13
CA GLU C 150 19.96 -16.60 -20.42
C GLU C 150 21.41 -16.93 -20.08
N ASN C 151 22.33 -16.64 -20.98
CA ASN C 151 23.73 -17.02 -20.82
C ASN C 151 24.57 -15.95 -20.13
N ALA C 152 23.95 -14.87 -19.67
CA ALA C 152 24.66 -13.79 -18.99
C ALA C 152 24.63 -14.03 -17.49
N LYS C 153 25.78 -14.34 -16.90
CA LYS C 153 25.91 -14.58 -15.48
C LYS C 153 26.89 -13.58 -14.86
N PRO C 154 26.61 -13.10 -13.65
CA PRO C 154 25.43 -13.38 -12.82
C PRO C 154 24.24 -12.49 -13.20
N THR C 155 24.49 -11.45 -13.98
CA THR C 155 23.44 -10.53 -14.41
C THR C 155 23.84 -9.91 -15.73
N LEU C 156 22.84 -9.66 -16.58
CA LEU C 156 23.11 -9.01 -17.86
C LEU C 156 23.66 -7.59 -17.66
N ARG C 157 23.29 -6.94 -16.55
CA ARG C 157 23.81 -5.60 -16.27
C ARG C 157 25.33 -5.63 -16.08
N GLN C 158 25.84 -6.62 -15.35
CA GLN C 158 27.27 -6.70 -15.13
C GLN C 158 28.02 -7.17 -16.37
N ILE C 159 27.39 -8.04 -17.17
CA ILE C 159 28.00 -8.44 -18.43
C ILE C 159 28.08 -7.26 -19.39
N MET C 160 27.00 -6.47 -19.47
CA MET C 160 26.98 -5.29 -20.31
C MET C 160 27.82 -4.14 -19.74
N ALA C 161 28.23 -4.23 -18.48
CA ALA C 161 29.04 -3.17 -17.88
C ALA C 161 30.43 -3.07 -18.51
N HIS C 162 30.87 -4.11 -19.22
CA HIS C 162 32.15 -4.05 -19.92
C HIS C 162 32.12 -2.98 -21.00
N PHE C 163 31.00 -2.84 -21.70
CA PHE C 163 30.82 -1.86 -22.77
C PHE C 163 30.69 -0.43 -22.24
N SER C 164 30.82 -0.22 -20.93
CA SER C 164 30.59 1.12 -20.36
C SER C 164 31.60 2.13 -20.89
N ASP C 165 32.87 1.72 -21.02
CA ASP C 165 33.90 2.63 -21.49
C ASP C 165 33.61 3.10 -22.91
N VAL C 166 33.18 2.19 -23.78
CA VAL C 166 32.92 2.55 -25.16
C VAL C 166 31.54 3.19 -25.32
N ALA C 167 30.62 2.91 -24.39
CA ALA C 167 29.29 3.51 -24.46
C ALA C 167 29.36 5.03 -24.38
N GLU C 168 30.16 5.55 -23.45
CA GLU C 168 30.34 7.00 -23.37
C GLU C 168 31.09 7.52 -24.58
N ALA C 169 32.07 6.76 -25.07
CA ALA C 169 32.83 7.17 -26.24
C ALA C 169 31.99 7.19 -27.51
N TYR C 170 30.84 6.51 -27.51
CA TYR C 170 29.93 6.51 -28.65
C TYR C 170 28.83 7.54 -28.54
N ILE C 171 28.25 7.71 -27.33
CA ILE C 171 27.21 8.72 -27.14
C ILE C 171 27.77 10.11 -27.38
N GLU C 172 28.95 10.40 -26.82
CA GLU C 172 29.54 11.72 -26.99
C GLU C 172 29.96 11.98 -28.43
N MET C 173 30.39 10.93 -29.15
CA MET C 173 30.83 11.11 -30.52
C MET C 173 29.66 11.54 -31.41
N ARG C 174 28.48 10.94 -31.21
CA ARG C 174 27.32 11.34 -31.99
C ARG C 174 26.74 12.67 -31.54
N ASN C 175 26.81 12.98 -30.25
CA ASN C 175 26.25 14.23 -29.75
C ASN C 175 26.88 15.44 -30.44
N LYS C 176 28.11 15.30 -30.92
CA LYS C 176 28.72 16.38 -31.70
C LYS C 176 27.95 16.62 -32.98
N LYS C 177 27.49 15.56 -33.64
CA LYS C 177 26.77 15.70 -34.89
C LYS C 177 25.29 16.04 -34.66
N GLU C 178 24.56 15.14 -34.00
CA GLU C 178 23.15 15.31 -33.72
C GLU C 178 22.87 14.87 -32.29
N PRO C 179 21.84 15.42 -31.65
CA PRO C 179 21.51 15.01 -30.28
C PRO C 179 21.20 13.52 -30.20
N TYR C 180 21.74 12.88 -29.16
CA TYR C 180 21.53 11.45 -28.93
C TYR C 180 21.23 11.22 -27.46
N MET C 181 20.30 11.99 -26.92
CA MET C 181 19.91 11.87 -25.51
C MET C 181 19.22 10.53 -25.32
N PRO C 182 19.81 9.59 -24.59
CA PRO C 182 19.29 8.21 -24.54
C PRO C 182 18.26 8.05 -23.43
N ARG C 183 17.73 6.83 -23.33
CA ARG C 183 16.74 6.52 -22.32
C ARG C 183 17.27 5.66 -21.18
N TYR C 184 18.22 4.78 -21.44
CA TYR C 184 18.82 3.95 -20.41
C TYR C 184 20.31 3.85 -20.69
N GLY C 185 20.99 2.90 -20.04
CA GLY C 185 22.40 2.68 -20.26
C GLY C 185 22.78 1.23 -20.06
N LEU C 186 24.01 0.92 -20.45
CA LEU C 186 24.54 -0.43 -20.31
C LEU C 186 25.92 -0.41 -19.67
N HIS D 42 71.48 58.07 -17.15
CA HIS D 42 71.76 57.68 -18.52
C HIS D 42 70.54 57.08 -19.20
N THR D 43 70.30 55.80 -18.95
CA THR D 43 69.17 55.08 -19.53
C THR D 43 68.16 54.76 -18.44
N VAL D 44 66.90 55.02 -18.72
CA VAL D 44 65.82 54.82 -17.75
C VAL D 44 65.45 53.34 -17.71
N PRO D 45 65.44 52.71 -16.52
CA PRO D 45 65.11 51.28 -16.45
C PRO D 45 63.63 51.01 -16.60
N ARG D 46 63.23 50.44 -17.73
CA ARG D 46 61.83 50.07 -17.96
C ARG D 46 61.58 48.67 -17.42
N ILE D 47 60.60 48.53 -16.53
CA ILE D 47 60.32 47.24 -15.89
C ILE D 47 59.70 46.29 -16.91
N LYS D 48 59.95 44.99 -16.71
CA LYS D 48 59.38 43.96 -17.56
C LYS D 48 58.08 43.43 -16.94
N ALA D 49 57.28 42.79 -17.79
CA ALA D 49 56.04 42.19 -17.32
C ALA D 49 56.28 40.88 -16.58
N ILE D 50 57.25 40.08 -17.04
CA ILE D 50 57.59 38.82 -16.40
C ILE D 50 58.84 39.08 -15.56
N THR D 51 58.62 39.41 -14.29
CA THR D 51 59.73 39.63 -13.37
C THR D 51 60.44 38.32 -13.07
N SER D 52 61.74 38.42 -12.78
CA SER D 52 62.51 37.23 -12.45
C SER D 52 62.01 36.58 -11.16
N LYS D 53 61.70 37.40 -10.16
CA LYS D 53 61.24 36.89 -8.87
C LYS D 53 59.71 36.78 -8.85
N MET D 54 59.20 35.94 -9.76
CA MET D 54 57.77 35.66 -9.85
C MET D 54 57.58 34.16 -10.05
N ARG D 55 56.70 33.57 -9.25
CA ARG D 55 56.57 32.12 -9.16
C ARG D 55 55.73 31.58 -10.31
N MET D 56 56.39 31.16 -11.37
CA MET D 56 55.73 30.37 -12.39
C MET D 56 55.31 29.03 -11.78
N PRO D 57 54.10 28.54 -12.06
CA PRO D 57 53.69 27.23 -11.54
C PRO D 57 54.60 26.13 -12.07
N LYS D 58 54.92 25.17 -11.21
CA LYS D 58 55.85 24.10 -11.52
C LYS D 58 55.22 22.74 -11.25
N SER D 59 55.65 21.75 -12.03
CA SER D 59 55.22 20.37 -11.85
C SER D 59 56.41 19.46 -12.13
N LYS D 60 56.90 18.80 -11.08
CA LYS D 60 58.06 17.90 -11.18
C LYS D 60 59.26 18.61 -11.78
N GLY D 61 59.50 19.83 -11.34
CA GLY D 61 60.62 20.63 -11.83
C GLY D 61 60.32 21.50 -13.02
N ALA D 62 59.65 20.95 -14.02
CA ALA D 62 59.30 21.72 -15.22
C ALA D 62 58.17 22.69 -14.91
N THR D 63 57.81 23.48 -15.91
CA THR D 63 56.78 24.51 -15.79
C THR D 63 55.55 24.09 -16.58
N VAL D 64 54.38 24.16 -15.92
CA VAL D 64 53.14 23.78 -16.59
C VAL D 64 52.79 24.75 -17.71
N LEU D 65 53.18 26.02 -17.57
CA LEU D 65 52.86 26.99 -18.60
C LEU D 65 53.87 26.94 -19.74
N ASN D 66 53.55 27.66 -20.82
CA ASN D 66 54.34 27.68 -22.05
C ASN D 66 54.65 29.14 -22.38
N LEU D 67 55.25 29.85 -21.41
CA LEU D 67 55.35 31.30 -21.45
C LEU D 67 56.32 31.77 -22.53
N GLU D 68 56.04 31.41 -23.80
CA GLU D 68 56.64 32.07 -24.95
C GLU D 68 55.55 32.38 -25.96
N HIS D 69 54.48 31.58 -25.93
CA HIS D 69 53.26 31.86 -26.67
C HIS D 69 52.13 32.35 -25.77
N LEU D 70 52.30 32.44 -24.50
CA LEU D 70 51.26 32.98 -23.65
C LEU D 70 51.08 34.45 -24.00
N LEU D 71 52.23 35.15 -24.28
CA LEU D 71 52.10 36.54 -24.69
C LEU D 71 51.52 36.67 -26.09
N GLU D 72 51.79 35.71 -26.96
CA GLU D 72 51.19 35.67 -28.30
C GLU D 72 49.90 34.84 -28.30
N TYR D 73 48.98 35.20 -27.41
CA TYR D 73 47.69 34.50 -27.32
C TYR D 73 46.68 35.52 -26.80
N ALA D 74 45.92 36.12 -27.72
CA ALA D 74 44.97 37.18 -27.39
C ALA D 74 43.61 36.88 -28.01
N PRO D 75 42.77 36.13 -27.31
CA PRO D 75 41.41 35.88 -27.79
C PRO D 75 40.44 36.96 -27.33
N GLN D 76 39.34 37.06 -28.07
CA GLN D 76 38.29 38.01 -27.72
C GLN D 76 37.60 37.58 -26.43
N GLN D 77 37.18 38.57 -25.64
CA GLN D 77 36.54 38.27 -24.35
C GLN D 77 35.18 37.60 -24.49
N ILE D 78 34.61 37.57 -25.69
CA ILE D 78 33.31 36.93 -25.89
C ILE D 78 33.42 35.53 -26.48
N ASP D 79 34.56 35.17 -27.05
CA ASP D 79 34.73 33.88 -27.71
C ASP D 79 35.31 32.82 -26.78
N ILE D 80 35.62 33.17 -25.53
CA ILE D 80 36.11 32.21 -24.55
C ILE D 80 35.32 32.36 -23.26
N SER D 81 34.18 33.05 -23.35
CA SER D 81 33.30 33.26 -22.21
C SER D 81 32.18 32.24 -22.22
N ASN D 82 31.79 31.77 -21.04
CA ASN D 82 30.74 30.77 -20.93
C ASN D 82 29.34 31.37 -20.90
N THR D 83 29.22 32.71 -20.92
CA THR D 83 27.89 33.32 -21.00
C THR D 83 27.24 33.10 -22.36
N ARG D 84 28.03 32.73 -23.37
CA ARG D 84 27.52 32.38 -24.68
C ARG D 84 27.82 30.92 -24.98
N ALA D 85 26.88 30.25 -25.64
CA ALA D 85 27.10 28.87 -26.03
C ALA D 85 28.20 28.79 -27.08
N THR D 86 29.00 27.72 -27.02
CA THR D 86 30.09 27.55 -27.96
C THR D 86 29.55 27.40 -29.38
N GLN D 87 30.39 27.76 -30.35
CA GLN D 87 29.95 27.75 -31.75
C GLN D 87 29.50 26.38 -32.21
N SER D 88 30.11 25.31 -31.67
CA SER D 88 29.69 23.97 -32.03
C SER D 88 28.27 23.69 -31.54
N GLN D 89 27.94 24.13 -30.33
CA GLN D 89 26.58 23.96 -29.82
C GLN D 89 25.58 24.89 -30.51
N PHE D 90 26.03 26.04 -31.00
CA PHE D 90 25.15 26.88 -31.81
C PHE D 90 24.94 26.32 -33.20
N ASP D 91 25.96 25.67 -33.77
CA ASP D 91 25.81 25.00 -35.05
C ASP D 91 24.88 23.81 -34.97
N THR D 92 24.67 23.26 -33.77
CA THR D 92 23.74 22.15 -33.57
C THR D 92 22.31 22.64 -33.35
N TRP D 93 22.13 23.66 -32.52
CA TRP D 93 20.80 24.22 -32.30
C TRP D 93 20.23 24.82 -33.57
N TYR D 94 21.06 25.53 -34.33
CA TYR D 94 20.58 26.14 -35.57
C TYR D 94 20.27 25.08 -36.62
N GLU D 95 20.95 23.93 -36.57
CA GLU D 95 20.68 22.86 -37.52
C GLU D 95 19.57 21.92 -37.06
N ALA D 96 19.38 21.77 -35.75
CA ALA D 96 18.30 20.95 -35.24
C ALA D 96 16.96 21.69 -35.21
N VAL D 97 16.97 23.00 -35.38
CA VAL D 97 15.74 23.77 -35.49
C VAL D 97 15.28 23.87 -36.94
N GLN D 98 16.23 24.04 -37.86
CA GLN D 98 15.90 24.11 -39.28
C GLN D 98 15.24 22.82 -39.76
N LEU D 99 15.64 21.68 -39.21
CA LEU D 99 15.04 20.41 -39.62
C LEU D 99 13.63 20.25 -39.08
N ALA D 100 13.37 20.74 -37.86
CA ALA D 100 12.03 20.62 -37.29
C ALA D 100 11.02 21.47 -38.05
N TYR D 101 11.43 22.66 -38.47
CA TYR D 101 10.56 23.51 -39.26
C TYR D 101 10.49 23.11 -40.73
N ASP D 102 11.39 22.24 -41.18
CA ASP D 102 11.49 21.82 -42.58
C ASP D 102 11.70 23.00 -43.52
N ILE D 103 12.29 24.07 -43.01
CA ILE D 103 12.52 25.27 -43.82
C ILE D 103 13.85 25.13 -44.54
N GLY D 104 13.86 25.52 -45.82
CA GLY D 104 15.08 25.45 -46.60
C GLY D 104 16.13 26.44 -46.10
N GLU D 105 17.38 26.17 -46.49
CA GLU D 105 18.49 26.99 -46.02
C GLU D 105 18.42 28.42 -46.54
N THR D 106 17.77 28.64 -47.68
CA THR D 106 17.61 29.99 -48.20
C THR D 106 16.47 30.75 -47.53
N GLU D 107 15.42 30.04 -47.11
CA GLU D 107 14.34 30.64 -46.34
C GLU D 107 14.59 30.60 -44.85
N MET D 108 15.62 29.88 -44.42
CA MET D 108 15.91 29.77 -42.99
C MET D 108 16.25 31.09 -42.32
N PRO D 109 17.14 31.94 -42.85
CA PRO D 109 17.59 33.10 -42.06
C PRO D 109 16.50 34.13 -41.81
N THR D 110 15.53 34.28 -42.71
CA THR D 110 14.46 35.24 -42.49
C THR D 110 13.66 34.91 -41.24
N VAL D 111 13.58 33.64 -40.88
CA VAL D 111 12.89 33.25 -39.65
C VAL D 111 13.66 33.76 -38.43
N MET D 112 14.98 33.73 -38.48
CA MET D 112 15.79 34.14 -37.33
C MET D 112 15.70 35.65 -37.05
N ASN D 113 15.28 36.45 -38.04
CA ASN D 113 15.01 37.85 -37.73
C ASN D 113 13.86 37.98 -36.74
N GLY D 114 12.75 37.27 -37.00
CA GLY D 114 11.61 37.35 -36.11
C GLY D 114 11.90 36.73 -34.74
N LEU D 115 12.72 35.68 -34.71
CA LEU D 115 12.98 34.98 -33.45
C LEU D 115 13.67 35.90 -32.45
N MET D 116 14.63 36.71 -32.91
CA MET D 116 15.31 37.64 -32.02
C MET D 116 14.37 38.75 -31.58
N VAL D 117 13.63 39.34 -32.53
CA VAL D 117 12.68 40.39 -32.20
C VAL D 117 11.62 39.87 -31.22
N TRP D 118 11.12 38.66 -31.46
CA TRP D 118 10.19 38.07 -30.52
C TRP D 118 10.85 37.87 -29.16
N CYS D 119 12.12 37.46 -29.15
CA CYS D 119 12.85 37.25 -27.91
C CYS D 119 13.29 38.55 -27.24
N ILE D 120 12.98 39.70 -27.82
CA ILE D 120 13.31 40.97 -27.17
C ILE D 120 12.23 41.38 -26.19
N GLU D 121 11.00 41.40 -26.61
CA GLU D 121 9.89 41.68 -25.69
C GLU D 121 9.73 40.56 -24.66
N ASN D 122 9.80 39.31 -25.13
CA ASN D 122 9.62 38.16 -24.28
C ASN D 122 10.97 37.55 -23.91
N GLY D 123 11.08 37.07 -22.68
CA GLY D 123 12.33 36.55 -22.18
C GLY D 123 12.73 35.25 -22.84
N THR D 124 13.94 34.79 -22.48
CA THR D 124 14.50 33.57 -23.04
C THR D 124 14.08 32.32 -22.26
N SER D 125 12.98 32.39 -21.51
CA SER D 125 12.42 31.24 -20.80
C SER D 125 10.94 31.14 -21.12
N PRO D 126 10.60 30.77 -22.36
CA PRO D 126 9.17 30.69 -22.73
C PRO D 126 8.57 29.34 -22.43
N ASN D 127 7.30 29.15 -22.76
CA ASN D 127 6.64 27.87 -22.59
C ASN D 127 7.05 26.94 -23.72
N ILE D 128 7.55 25.75 -23.37
CA ILE D 128 7.96 24.79 -24.40
C ILE D 128 6.75 24.31 -25.19
N ASN D 129 5.57 24.28 -24.56
CA ASN D 129 4.33 23.92 -25.23
C ASN D 129 3.60 25.17 -25.74
N GLY D 130 4.31 26.00 -26.50
CA GLY D 130 3.75 27.24 -27.01
C GLY D 130 4.27 27.60 -28.39
N VAL D 131 3.90 28.79 -28.88
CA VAL D 131 4.31 29.24 -30.20
C VAL D 131 4.81 30.68 -30.12
N TRP D 132 5.61 31.06 -31.10
CA TRP D 132 6.07 32.44 -31.27
C TRP D 132 5.66 32.95 -32.64
N VAL D 133 5.55 34.27 -32.76
CA VAL D 133 4.90 34.90 -33.90
C VAL D 133 5.86 35.82 -34.63
N MET D 134 5.82 35.77 -35.97
CA MET D 134 6.53 36.71 -36.83
C MET D 134 5.68 37.00 -38.05
N MET D 135 5.52 38.28 -38.36
CA MET D 135 4.49 38.72 -39.29
C MET D 135 4.93 38.71 -40.75
N ASP D 136 4.01 38.27 -41.61
CA ASP D 136 4.07 38.58 -43.04
C ASP D 136 3.23 39.84 -43.27
N GLY D 137 3.74 40.95 -42.75
CA GLY D 137 3.03 42.21 -42.82
C GLY D 137 2.06 42.41 -41.67
N ASP D 138 0.78 42.14 -41.92
CA ASP D 138 -0.25 42.23 -40.89
C ASP D 138 -0.81 40.87 -40.48
N GLU D 139 -0.37 39.79 -41.11
CA GLU D 139 -0.89 38.46 -40.85
C GLU D 139 0.09 37.70 -39.94
N GLN D 140 -0.42 37.20 -38.82
CA GLN D 140 0.43 36.46 -37.89
C GLN D 140 0.79 35.10 -38.46
N VAL D 141 2.04 34.70 -38.25
CA VAL D 141 2.54 33.37 -38.60
C VAL D 141 3.05 32.71 -37.33
N GLU D 142 2.57 31.50 -37.06
CA GLU D 142 2.88 30.80 -35.82
C GLU D 142 3.97 29.77 -36.05
N TYR D 143 4.94 29.73 -35.13
CA TYR D 143 6.00 28.74 -35.15
C TYR D 143 6.09 28.07 -33.79
N PRO D 144 6.20 26.75 -33.74
CA PRO D 144 6.27 26.06 -32.45
C PRO D 144 7.55 26.38 -31.70
N LEU D 145 7.45 26.37 -30.38
CA LEU D 145 8.57 26.68 -29.50
C LEU D 145 9.25 25.42 -28.97
N LYS D 146 8.86 24.23 -29.44
CA LYS D 146 9.49 23.01 -28.95
C LYS D 146 10.91 22.85 -29.46
N PRO D 147 11.19 22.91 -30.77
CA PRO D 147 12.59 22.79 -31.20
C PRO D 147 13.48 23.91 -30.71
N ILE D 148 12.91 25.08 -30.43
CA ILE D 148 13.71 26.21 -29.97
C ILE D 148 14.27 25.96 -28.58
N VAL D 149 13.45 25.45 -27.68
CA VAL D 149 13.85 25.26 -26.29
C VAL D 149 14.47 23.89 -26.06
N GLU D 150 13.90 22.84 -26.66
CA GLU D 150 14.38 21.49 -26.41
C GLU D 150 15.78 21.28 -26.96
N ASN D 151 16.08 21.86 -28.12
CA ASN D 151 17.34 21.63 -28.81
C ASN D 151 18.41 22.65 -28.44
N ALA D 152 18.14 23.54 -27.51
CA ALA D 152 19.09 24.57 -27.09
C ALA D 152 19.86 24.06 -25.89
N LYS D 153 21.16 23.80 -26.08
CA LYS D 153 22.04 23.33 -25.02
C LYS D 153 23.19 24.31 -24.81
N PRO D 154 23.60 24.55 -23.56
CA PRO D 154 23.05 23.97 -22.33
C PRO D 154 21.84 24.76 -21.82
N THR D 155 21.62 25.96 -22.37
CA THR D 155 20.49 26.79 -21.97
C THR D 155 20.11 27.67 -23.14
N LEU D 156 18.81 27.95 -23.26
CA LEU D 156 18.34 28.85 -24.31
C LEU D 156 18.90 30.25 -24.13
N ARG D 157 19.18 30.66 -22.89
CA ARG D 157 19.75 31.97 -22.64
C ARG D 157 21.13 32.10 -23.28
N GLN D 158 21.96 31.07 -23.15
CA GLN D 158 23.30 31.13 -23.75
C GLN D 158 23.25 30.99 -25.26
N ILE D 159 22.31 30.20 -25.78
CA ILE D 159 22.15 30.11 -27.23
C ILE D 159 21.68 31.45 -27.79
N MET D 160 20.73 32.09 -27.13
CA MET D 160 20.25 33.40 -27.56
C MET D 160 21.24 34.51 -27.28
N ALA D 161 22.28 34.26 -26.48
CA ALA D 161 23.27 35.29 -26.18
C ALA D 161 24.10 35.66 -27.40
N HIS D 162 24.10 34.82 -28.45
CA HIS D 162 24.80 35.17 -29.68
C HIS D 162 24.18 36.42 -30.32
N PHE D 163 22.86 36.52 -30.28
CA PHE D 163 22.13 37.66 -30.86
C PHE D 163 22.29 38.94 -30.04
N SER D 164 23.10 38.93 -28.98
CA SER D 164 23.20 40.10 -28.11
C SER D 164 23.75 41.31 -28.86
N ASP D 165 24.76 41.08 -29.71
CA ASP D 165 25.36 42.20 -30.44
C ASP D 165 24.35 42.87 -31.37
N VAL D 166 23.53 42.07 -32.05
CA VAL D 166 22.56 42.64 -32.98
C VAL D 166 21.31 43.12 -32.24
N ALA D 167 21.04 42.57 -31.05
CA ALA D 167 19.87 43.00 -30.29
C ALA D 167 19.96 44.48 -29.93
N GLU D 168 21.13 44.92 -29.46
CA GLU D 168 21.31 46.34 -29.19
C GLU D 168 21.28 47.16 -30.47
N ALA D 169 21.86 46.63 -31.55
CA ALA D 169 21.86 47.34 -32.82
C ALA D 169 20.47 47.48 -33.41
N TYR D 170 19.50 46.67 -32.96
CA TYR D 170 18.13 46.74 -33.43
C TYR D 170 17.25 47.60 -32.53
N ILE D 171 17.42 47.49 -31.21
CA ILE D 171 16.63 48.30 -30.28
C ILE D 171 16.95 49.78 -30.48
N GLU D 172 18.25 50.11 -30.57
CA GLU D 172 18.64 51.49 -30.73
C GLU D 172 18.22 52.06 -32.09
N MET D 173 18.21 51.22 -33.12
CA MET D 173 17.83 51.68 -34.45
C MET D 173 16.37 52.12 -34.49
N ARG D 174 15.49 51.36 -33.83
CA ARG D 174 14.09 51.73 -33.78
C ARG D 174 13.82 52.88 -32.81
N ASN D 175 14.58 52.96 -31.72
CA ASN D 175 14.36 54.03 -30.74
C ASN D 175 14.51 55.41 -31.38
N LYS D 176 15.30 55.52 -32.45
CA LYS D 176 15.37 56.77 -33.19
C LYS D 176 14.03 57.15 -33.78
N LYS D 177 13.30 56.17 -34.32
CA LYS D 177 12.01 56.44 -34.94
C LYS D 177 10.90 56.54 -33.90
N GLU D 178 10.64 55.46 -33.17
CA GLU D 178 9.60 55.39 -32.16
C GLU D 178 10.13 54.68 -30.93
N PRO D 179 9.60 54.98 -29.74
CA PRO D 179 10.07 54.29 -28.53
C PRO D 179 9.87 52.79 -28.63
N TYR D 180 10.88 52.04 -28.19
CA TYR D 180 10.86 50.59 -28.20
C TYR D 180 11.39 50.06 -26.87
N MET D 181 10.90 50.61 -25.77
CA MET D 181 11.31 50.19 -24.44
C MET D 181 10.85 48.75 -24.20
N PRO D 182 11.76 47.78 -24.12
CA PRO D 182 11.35 46.37 -24.11
C PRO D 182 11.08 45.89 -22.69
N ARG D 183 10.70 44.61 -22.59
CA ARG D 183 10.42 43.99 -21.30
C ARG D 183 11.49 43.03 -20.82
N TYR D 184 12.16 42.33 -21.73
CA TYR D 184 13.22 41.41 -21.37
C TYR D 184 14.33 41.55 -22.41
N GLY D 185 15.26 40.59 -22.43
CA GLY D 185 16.34 40.60 -23.40
C GLY D 185 16.77 39.19 -23.75
N LEU D 186 17.60 39.10 -24.78
CA LEU D 186 18.14 37.82 -25.24
C LEU D 186 19.65 37.91 -25.43
N HIS E 42 35.48 69.50 -42.17
CA HIS E 42 34.74 69.47 -43.42
C HIS E 42 33.37 68.81 -43.25
N THR E 43 33.35 67.48 -43.29
CA THR E 43 32.12 66.72 -43.14
C THR E 43 32.14 65.98 -41.80
N VAL E 44 31.02 66.06 -41.10
CA VAL E 44 30.91 65.46 -39.76
C VAL E 44 30.65 63.96 -39.90
N PRO E 45 31.45 63.11 -39.27
CA PRO E 45 31.24 61.66 -39.39
C PRO E 45 30.06 61.16 -38.59
N ARG E 46 28.97 60.78 -39.27
CA ARG E 46 27.81 60.22 -38.60
C ARG E 46 27.97 58.71 -38.48
N ILE E 47 27.87 58.20 -37.24
CA ILE E 47 28.09 56.79 -36.99
C ILE E 47 26.93 55.97 -37.54
N LYS E 48 27.22 54.74 -37.93
CA LYS E 48 26.21 53.82 -38.43
C LYS E 48 25.69 52.94 -37.30
N ALA E 49 24.51 52.35 -37.54
CA ALA E 49 23.93 51.45 -36.56
C ALA E 49 24.59 50.08 -36.59
N ILE E 50 24.96 49.60 -37.77
CA ILE E 50 25.64 48.31 -37.91
C ILE E 50 27.13 48.61 -38.08
N THR E 51 27.84 48.61 -36.96
CA THR E 51 29.29 48.83 -36.99
C THR E 51 29.99 47.64 -37.63
N SER E 52 31.13 47.92 -38.27
CA SER E 52 31.91 46.85 -38.88
C SER E 52 32.41 45.86 -37.84
N LYS E 53 32.90 46.37 -36.71
CA LYS E 53 33.43 45.51 -35.65
C LYS E 53 32.34 45.11 -34.66
N MET E 54 31.33 44.43 -35.20
CA MET E 54 30.23 43.90 -34.39
C MET E 54 29.94 42.48 -34.82
N ARG E 55 29.83 41.57 -33.85
CA ARG E 55 29.78 40.13 -34.11
C ARG E 55 28.37 39.71 -34.50
N MET E 56 28.12 39.66 -35.80
CA MET E 56 26.92 38.99 -36.29
C MET E 56 27.01 37.50 -35.98
N PRO E 57 25.94 36.87 -35.51
CA PRO E 57 25.98 35.43 -35.25
C PRO E 57 26.26 34.66 -36.53
N LYS E 58 27.07 33.61 -36.41
CA LYS E 58 27.52 32.83 -37.54
C LYS E 58 27.23 31.34 -37.33
N SER E 59 26.99 30.65 -38.44
CA SER E 59 26.78 29.20 -38.42
C SER E 59 27.44 28.60 -39.65
N LYS E 60 28.51 27.83 -39.44
CA LYS E 60 29.27 27.22 -40.53
C LYS E 60 29.74 28.25 -41.54
N GLY E 61 30.23 29.37 -41.05
CA GLY E 61 30.72 30.44 -41.92
C GLY E 61 29.70 31.49 -42.29
N ALA E 62 28.51 31.04 -42.70
CA ALA E 62 27.44 31.97 -43.08
C ALA E 62 26.85 32.62 -41.84
N THR E 63 25.91 33.54 -42.07
CA THR E 63 25.27 34.30 -41.00
C THR E 63 23.82 33.84 -40.85
N VAL E 64 23.43 33.56 -39.61
CA VAL E 64 22.06 33.10 -39.36
C VAL E 64 21.05 34.21 -39.63
N LEU E 65 21.44 35.47 -39.43
CA LEU E 65 20.52 36.58 -39.66
C LEU E 65 20.47 36.94 -41.13
N ASN E 66 19.51 37.82 -41.46
CA ASN E 66 19.23 38.24 -42.84
C ASN E 66 19.24 39.77 -42.86
N LEU E 67 20.36 40.35 -42.38
CA LEU E 67 20.43 41.77 -42.06
C LEU E 67 20.40 42.64 -43.31
N GLU E 68 19.31 42.53 -44.11
CA GLU E 68 18.98 43.51 -45.12
C GLU E 68 17.49 43.81 -45.01
N HIS E 69 16.72 42.84 -44.51
CA HIS E 69 15.33 43.04 -44.13
C HIS E 69 15.14 43.10 -42.63
N LEU E 70 16.13 42.96 -41.83
CA LEU E 70 15.97 43.11 -40.40
C LEU E 70 15.62 44.55 -40.10
N LEU E 71 16.28 45.49 -40.86
CA LEU E 71 15.93 46.88 -40.67
C LEU E 71 14.54 47.21 -41.21
N GLU E 72 14.11 46.53 -42.27
CA GLU E 72 12.76 46.67 -42.81
C GLU E 72 11.81 45.63 -42.20
N TYR E 73 11.76 45.61 -40.86
CA TYR E 73 10.88 44.69 -40.14
C TYR E 73 10.52 45.37 -38.82
N ALA E 74 9.34 46.00 -38.79
CA ALA E 74 8.90 46.78 -37.63
C ALA E 74 7.48 46.36 -37.24
N PRO E 75 7.34 45.33 -36.42
CA PRO E 75 6.01 44.94 -35.92
C PRO E 75 5.65 45.70 -34.66
N GLN E 76 4.34 45.76 -34.40
CA GLN E 76 3.84 46.39 -33.20
C GLN E 76 4.21 45.59 -31.97
N GLN E 77 4.47 46.27 -30.86
CA GLN E 77 4.89 45.61 -29.63
C GLN E 77 3.79 44.73 -29.02
N ILE E 78 2.55 44.85 -29.48
CA ILE E 78 1.46 44.05 -28.93
C ILE E 78 1.11 42.85 -29.82
N ASP E 79 1.54 42.84 -31.07
CA ASP E 79 1.20 41.78 -32.01
C ASP E 79 2.24 40.66 -32.04
N ILE E 80 3.32 40.79 -31.28
CA ILE E 80 4.35 39.76 -31.21
C ILE E 80 4.65 39.47 -29.74
N SER E 81 3.78 39.94 -28.85
CA SER E 81 3.93 39.74 -27.41
C SER E 81 3.09 38.55 -26.97
N ASN E 82 3.63 37.78 -26.03
CA ASN E 82 2.93 36.60 -25.54
C ASN E 82 1.93 36.92 -24.42
N THR E 83 1.85 38.17 -23.97
CA THR E 83 0.84 38.52 -22.99
C THR E 83 -0.57 38.48 -23.56
N ARG E 84 -0.70 38.50 -24.88
CA ARG E 84 -1.98 38.36 -25.56
C ARG E 84 -1.99 37.07 -26.37
N ALA E 85 -3.13 36.40 -26.39
CA ALA E 85 -3.26 35.20 -27.21
C ALA E 85 -3.18 35.55 -28.68
N THR E 86 -2.58 34.66 -29.47
CA THR E 86 -2.43 34.90 -30.90
C THR E 86 -3.81 34.96 -31.57
N GLN E 87 -3.87 35.67 -32.69
CA GLN E 87 -5.15 35.89 -33.37
C GLN E 87 -5.80 34.58 -33.78
N SER E 88 -5.01 33.56 -34.12
CA SER E 88 -5.57 32.26 -34.46
C SER E 88 -6.28 31.63 -33.27
N GLN E 89 -5.68 31.73 -32.08
CA GLN E 89 -6.31 31.21 -30.88
C GLN E 89 -7.50 32.06 -30.43
N PHE E 90 -7.50 33.36 -30.75
CA PHE E 90 -8.68 34.17 -30.48
C PHE E 90 -9.79 33.90 -31.47
N ASP E 91 -9.45 33.58 -32.72
CA ASP E 91 -10.46 33.19 -33.70
C ASP E 91 -11.09 31.86 -33.36
N THR E 92 -10.43 31.04 -32.55
CA THR E 92 -10.98 29.76 -32.11
C THR E 92 -11.86 29.91 -30.88
N TRP E 93 -11.40 30.68 -29.89
CA TRP E 93 -12.21 30.92 -28.69
C TRP E 93 -13.49 31.67 -29.03
N TYR E 94 -13.40 32.67 -29.90
CA TYR E 94 -14.59 33.43 -30.28
C TYR E 94 -15.56 32.58 -31.09
N GLU E 95 -15.05 31.59 -31.83
CA GLU E 95 -15.90 30.72 -32.62
C GLU E 95 -16.41 29.52 -31.83
N ALA E 96 -15.65 29.06 -30.84
CA ALA E 96 -16.09 27.96 -29.99
C ALA E 96 -17.04 28.41 -28.89
N VAL E 97 -17.12 29.71 -28.63
CA VAL E 97 -18.09 30.25 -27.67
C VAL E 97 -19.42 30.56 -28.36
N GLN E 98 -19.35 31.10 -29.57
CA GLN E 98 -20.57 31.41 -30.31
C GLN E 98 -21.40 30.16 -30.58
N LEU E 99 -20.75 29.03 -30.79
CA LEU E 99 -21.48 27.78 -31.03
C LEU E 99 -22.13 27.25 -29.76
N ALA E 100 -21.48 27.41 -28.61
CA ALA E 100 -22.06 26.92 -27.37
C ALA E 100 -23.29 27.71 -26.98
N TYR E 101 -23.29 29.03 -27.21
CA TYR E 101 -24.45 29.85 -26.93
C TYR E 101 -25.51 29.77 -28.03
N ASP E 102 -25.17 29.19 -29.18
CA ASP E 102 -26.08 29.11 -30.33
C ASP E 102 -26.55 30.48 -30.79
N ILE E 103 -25.77 31.51 -30.52
CA ILE E 103 -26.13 32.87 -30.90
C ILE E 103 -25.66 33.15 -32.32
N GLY E 104 -26.53 33.79 -33.10
CA GLY E 104 -26.17 34.13 -34.47
C GLY E 104 -25.06 35.16 -34.54
N GLU E 105 -24.42 35.21 -35.71
CA GLU E 105 -23.28 36.10 -35.89
C GLU E 105 -23.67 37.58 -35.80
N THR E 106 -24.92 37.92 -36.10
CA THR E 106 -25.38 39.29 -35.96
C THR E 106 -25.73 39.66 -34.53
N GLU E 107 -26.22 38.70 -33.74
CA GLU E 107 -26.47 38.92 -32.33
C GLU E 107 -25.26 38.59 -31.47
N MET E 108 -24.21 38.00 -32.05
CA MET E 108 -23.03 37.64 -31.29
C MET E 108 -22.30 38.83 -30.67
N PRO E 109 -22.01 39.92 -31.40
CA PRO E 109 -21.13 40.95 -30.82
C PRO E 109 -21.73 41.68 -29.63
N THR E 110 -23.06 41.83 -29.57
CA THR E 110 -23.67 42.52 -28.43
C THR E 110 -23.39 41.79 -27.12
N VAL E 111 -23.21 40.46 -27.19
CA VAL E 111 -22.87 39.70 -25.99
C VAL E 111 -21.48 40.07 -25.50
N MET E 112 -20.54 40.29 -26.42
CA MET E 112 -19.16 40.59 -26.04
C MET E 112 -19.02 41.96 -25.37
N ASN E 113 -19.99 42.86 -25.54
CA ASN E 113 -19.96 44.09 -24.75
C ASN E 113 -20.11 43.79 -23.27
N GLY E 114 -21.09 42.96 -22.92
CA GLY E 114 -21.30 42.63 -21.52
C GLY E 114 -20.17 41.79 -20.95
N LEU E 115 -19.56 40.93 -21.75
CA LEU E 115 -18.53 40.04 -21.25
C LEU E 115 -17.32 40.83 -20.76
N MET E 116 -16.93 41.89 -21.49
CA MET E 116 -15.81 42.72 -21.05
C MET E 116 -16.17 43.51 -19.81
N VAL E 117 -17.35 44.14 -19.82
CA VAL E 117 -17.80 44.91 -18.65
C VAL E 117 -17.90 44.01 -17.43
N TRP E 118 -18.45 42.79 -17.60
CA TRP E 118 -18.48 41.85 -16.49
C TRP E 118 -17.07 41.49 -16.05
N CYS E 119 -16.15 41.33 -17.01
CA CYS E 119 -14.77 41.00 -16.68
C CYS E 119 -13.98 42.18 -16.15
N ILE E 120 -14.58 43.36 -16.01
CA ILE E 120 -13.88 44.49 -15.42
C ILE E 120 -13.99 44.48 -13.91
N GLU E 121 -15.16 44.36 -13.38
CA GLU E 121 -15.33 44.22 -11.93
C GLU E 121 -14.75 42.90 -11.44
N ASN E 122 -15.04 41.81 -12.16
CA ASN E 122 -14.60 40.50 -11.77
C ASN E 122 -13.39 40.08 -12.58
N GLY E 123 -12.47 39.37 -11.94
CA GLY E 123 -11.22 39.00 -12.57
C GLY E 123 -11.40 37.96 -13.67
N THR E 124 -10.29 37.67 -14.35
CA THR E 124 -10.28 36.72 -15.45
C THR E 124 -10.07 35.29 -14.99
N SER E 125 -10.35 34.99 -13.72
CA SER E 125 -10.28 33.63 -13.18
C SER E 125 -11.58 33.32 -12.44
N PRO E 126 -12.69 33.17 -13.18
CA PRO E 126 -13.97 32.92 -12.53
C PRO E 126 -14.22 31.44 -12.30
N ASN E 127 -15.38 31.09 -11.74
CA ASN E 127 -15.76 29.71 -11.55
C ASN E 127 -16.25 29.13 -12.87
N ILE E 128 -15.66 28.02 -13.29
CA ILE E 128 -16.09 27.40 -14.54
C ILE E 128 -17.51 26.88 -14.42
N ASN E 129 -17.93 26.49 -13.23
CA ASN E 129 -19.31 26.07 -12.97
C ASN E 129 -20.17 27.24 -12.48
N GLY E 130 -20.16 28.33 -13.24
CA GLY E 130 -20.90 29.52 -12.88
C GLY E 130 -21.47 30.26 -14.07
N VAL E 131 -22.05 31.43 -13.83
CA VAL E 131 -22.67 32.24 -14.88
C VAL E 131 -22.22 33.68 -14.75
N TRP E 132 -22.31 34.42 -15.86
CA TRP E 132 -22.07 35.85 -15.89
C TRP E 132 -23.31 36.56 -16.42
N VAL E 133 -23.45 37.84 -16.06
CA VAL E 133 -24.70 38.57 -16.23
C VAL E 133 -24.48 39.78 -17.13
N MET E 134 -25.44 40.01 -18.04
CA MET E 134 -25.49 41.23 -18.84
C MET E 134 -26.95 41.61 -19.04
N MET E 135 -27.27 42.88 -18.80
CA MET E 135 -28.65 43.31 -18.61
C MET E 135 -29.33 43.70 -19.91
N ASP E 136 -30.60 43.29 -20.04
CA ASP E 136 -31.53 43.91 -20.98
C ASP E 136 -32.28 45.01 -20.22
N GLY E 137 -31.53 46.06 -19.89
CA GLY E 137 -32.08 47.15 -19.11
C GLY E 137 -32.00 46.91 -17.61
N ASP E 138 -33.10 46.47 -17.01
CA ASP E 138 -33.13 46.15 -15.59
C ASP E 138 -33.28 44.65 -15.32
N GLU E 139 -33.42 43.83 -16.35
CA GLU E 139 -33.62 42.40 -16.20
C GLU E 139 -32.30 41.67 -16.44
N GLN E 140 -31.91 40.85 -15.48
CA GLN E 140 -30.67 40.09 -15.60
C GLN E 140 -30.81 38.97 -16.62
N VAL E 141 -29.76 38.79 -17.42
CA VAL E 141 -29.67 37.68 -18.37
C VAL E 141 -28.43 36.86 -18.01
N GLU E 142 -28.61 35.56 -17.86
CA GLU E 142 -27.55 34.68 -17.38
C GLU E 142 -26.92 33.94 -18.57
N TYR E 143 -25.59 33.89 -18.58
CA TYR E 143 -24.85 33.13 -19.58
C TYR E 143 -23.86 32.21 -18.88
N PRO E 144 -23.76 30.95 -19.30
CA PRO E 144 -22.83 30.03 -18.64
C PRO E 144 -21.39 30.42 -18.89
N LEU E 145 -20.54 30.10 -17.90
CA LEU E 145 -19.12 30.41 -17.96
C LEU E 145 -18.27 29.22 -18.40
N LYS E 146 -18.92 28.11 -18.79
CA LYS E 146 -18.13 26.95 -19.21
C LYS E 146 -17.45 27.17 -20.56
N PRO E 147 -18.15 27.55 -21.64
CA PRO E 147 -17.43 27.79 -22.90
C PRO E 147 -16.44 28.93 -22.83
N ILE E 148 -16.64 29.89 -21.92
CA ILE E 148 -15.73 31.03 -21.82
C ILE E 148 -14.37 30.58 -21.30
N VAL E 149 -14.35 29.74 -20.27
CA VAL E 149 -13.10 29.34 -19.63
C VAL E 149 -12.52 28.09 -20.26
N GLU E 150 -13.36 27.11 -20.60
CA GLU E 150 -12.86 25.85 -21.14
C GLU E 150 -12.22 26.04 -22.50
N ASN E 151 -12.80 26.88 -23.35
CA ASN E 151 -12.36 27.04 -24.72
C ASN E 151 -11.32 28.15 -24.88
N ALA E 152 -10.86 28.75 -23.80
CA ALA E 152 -9.86 29.81 -23.85
C ALA E 152 -8.48 29.22 -23.67
N LYS E 153 -7.68 29.26 -24.74
CA LYS E 153 -6.32 28.73 -24.72
C LYS E 153 -5.33 29.85 -25.06
N PRO E 154 -4.17 29.87 -24.39
CA PRO E 154 -3.72 28.96 -23.34
C PRO E 154 -4.23 29.37 -21.96
N THR E 155 -4.76 30.60 -21.85
CA THR E 155 -5.29 31.10 -20.59
C THR E 155 -6.36 32.14 -20.90
N LEU E 156 -7.39 32.19 -20.05
CA LEU E 156 -8.44 33.19 -20.21
C LEU E 156 -7.88 34.59 -20.06
N ARG E 157 -6.82 34.76 -19.27
CA ARG E 157 -6.21 36.08 -19.11
C ARG E 157 -5.66 36.60 -20.42
N GLN E 158 -4.98 35.73 -21.18
CA GLN E 158 -4.41 36.17 -22.46
C GLN E 158 -5.49 36.36 -23.51
N ILE E 159 -6.54 35.54 -23.48
CA ILE E 159 -7.66 35.74 -24.40
C ILE E 159 -8.37 37.05 -24.11
N MET E 160 -8.59 37.34 -22.83
CA MET E 160 -9.22 38.60 -22.44
C MET E 160 -8.29 39.80 -22.60
N ALA E 161 -7.00 39.57 -22.79
CA ALA E 161 -6.06 40.67 -22.95
C ALA E 161 -6.29 41.45 -24.24
N HIS E 162 -7.01 40.87 -25.20
CA HIS E 162 -7.35 41.60 -26.42
C HIS E 162 -8.22 42.81 -26.11
N PHE E 163 -9.15 42.67 -25.17
CA PHE E 163 -10.06 43.74 -24.76
C PHE E 163 -9.37 44.82 -23.94
N SER E 164 -8.05 44.74 -23.75
CA SER E 164 -7.37 45.70 -22.88
C SER E 164 -7.45 47.11 -23.42
N ASP E 165 -7.31 47.27 -24.74
CA ASP E 165 -7.36 48.61 -25.32
C ASP E 165 -8.72 49.26 -25.11
N VAL E 166 -9.81 48.49 -25.26
CA VAL E 166 -11.13 49.06 -25.11
C VAL E 166 -11.53 49.14 -23.63
N ALA E 167 -10.92 48.30 -22.78
CA ALA E 167 -11.23 48.32 -21.36
C ALA E 167 -10.91 49.68 -20.75
N GLU E 168 -9.73 50.22 -21.07
CA GLU E 168 -9.38 51.56 -20.61
C GLU E 168 -10.27 52.61 -21.24
N ALA E 169 -10.60 52.44 -22.52
CA ALA E 169 -11.47 53.40 -23.21
C ALA E 169 -12.89 53.40 -22.66
N TYR E 170 -13.28 52.35 -21.93
CA TYR E 170 -14.60 52.27 -21.32
C TYR E 170 -14.61 52.73 -19.87
N ILE E 171 -13.59 52.37 -19.09
CA ILE E 171 -13.51 52.80 -17.71
C ILE E 171 -13.39 54.33 -17.64
N GLU E 172 -12.50 54.90 -18.46
CA GLU E 172 -12.31 56.34 -18.44
C GLU E 172 -13.54 57.09 -18.94
N MET E 173 -14.27 56.51 -19.89
CA MET E 173 -15.45 57.17 -20.43
C MET E 173 -16.53 57.33 -19.35
N ARG E 174 -16.72 56.29 -18.54
CA ARG E 174 -17.70 56.38 -17.46
C ARG E 174 -17.21 57.23 -16.30
N ASN E 175 -15.91 57.20 -16.01
CA ASN E 175 -15.38 57.98 -14.89
C ASN E 175 -15.69 59.47 -15.03
N LYS E 176 -15.87 59.94 -16.27
CA LYS E 176 -16.29 61.32 -16.48
C LYS E 176 -17.67 61.56 -15.90
N LYS E 177 -18.58 60.60 -16.06
CA LYS E 177 -19.94 60.76 -15.56
C LYS E 177 -20.03 60.42 -14.07
N GLU E 178 -19.73 59.18 -13.71
CA GLU E 178 -19.79 58.71 -12.33
C GLU E 178 -18.57 57.86 -12.03
N PRO E 179 -18.13 57.79 -10.78
CA PRO E 179 -16.98 56.96 -10.44
C PRO E 179 -17.21 55.50 -10.81
N TYR E 180 -16.18 54.88 -11.38
CA TYR E 180 -16.23 53.48 -11.78
C TYR E 180 -14.93 52.79 -11.37
N MET E 181 -14.53 52.98 -10.12
CA MET E 181 -13.31 52.37 -9.60
C MET E 181 -13.51 50.86 -9.53
N PRO E 182 -12.81 50.08 -10.35
CA PRO E 182 -13.11 48.65 -10.47
C PRO E 182 -12.34 47.83 -9.46
N ARG E 183 -12.56 46.52 -9.50
CA ARG E 183 -11.89 45.60 -8.58
C ARG E 183 -10.80 44.76 -9.23
N TYR E 184 -10.95 44.42 -10.50
CA TYR E 184 -9.94 43.65 -11.22
C TYR E 184 -9.86 44.22 -12.64
N GLY E 185 -9.21 43.47 -13.53
CA GLY E 185 -9.10 43.88 -14.92
C GLY E 185 -9.04 42.69 -15.85
N LEU E 186 -9.14 42.98 -17.14
CA LEU E 186 -9.08 41.96 -18.18
C LEU E 186 -8.12 42.36 -19.29
N HIS F 42 78.88 54.74 27.41
CA HIS F 42 79.93 53.98 26.74
C HIS F 42 79.38 53.19 25.56
N THR F 43 78.80 52.04 25.84
CA THR F 43 78.24 51.16 24.82
C THR F 43 76.72 51.15 24.95
N VAL F 44 76.04 51.30 23.82
CA VAL F 44 74.58 51.37 23.80
C VAL F 44 74.00 49.96 23.89
N PRO F 45 73.11 49.68 24.84
CA PRO F 45 72.55 48.34 24.98
C PRO F 45 71.52 48.02 23.92
N ARG F 46 71.87 47.14 22.97
CA ARG F 46 70.94 46.71 21.94
C ARG F 46 70.14 45.50 22.44
N ILE F 47 68.81 45.61 22.41
CA ILE F 47 67.97 44.56 22.94
C ILE F 47 68.00 43.34 22.02
N LYS F 48 67.81 42.17 22.60
CA LYS F 48 67.77 40.93 21.84
C LYS F 48 66.33 40.57 21.49
N ALA F 49 66.18 39.70 20.49
CA ALA F 49 64.86 39.24 20.09
C ALA F 49 64.30 38.20 21.05
N ILE F 50 65.16 37.32 21.57
CA ILE F 50 64.76 36.29 22.53
C ILE F 50 65.15 36.80 23.90
N THR F 51 64.21 37.47 24.57
CA THR F 51 64.45 37.97 25.92
C THR F 51 64.51 36.80 26.90
N SER F 52 65.29 37.00 27.97
CA SER F 52 65.41 35.97 28.99
C SER F 52 64.07 35.71 29.67
N LYS F 53 63.33 36.77 29.98
CA LYS F 53 62.04 36.64 30.66
C LYS F 53 60.91 36.51 29.66
N MET F 54 60.99 35.45 28.85
CA MET F 54 59.96 35.13 27.87
C MET F 54 59.68 33.63 27.93
N ARG F 55 58.40 33.27 27.99
CA ARG F 55 57.97 31.90 28.28
C ARG F 55 58.02 31.05 27.02
N MET F 56 59.13 30.36 26.83
CA MET F 56 59.18 29.30 25.84
C MET F 56 58.23 28.18 26.26
N PRO F 57 57.44 27.62 25.34
CA PRO F 57 56.56 26.50 25.70
C PRO F 57 57.36 25.31 26.20
N LYS F 58 56.83 24.64 27.22
CA LYS F 58 57.54 23.55 27.87
C LYS F 58 56.65 22.30 27.93
N SER F 59 57.29 21.14 27.89
CA SER F 59 56.60 19.86 28.02
C SER F 59 57.48 18.93 28.85
N LYS F 60 57.01 18.59 30.05
CA LYS F 60 57.75 17.72 30.97
C LYS F 60 59.16 18.25 31.23
N GLY F 61 59.28 19.56 31.43
CA GLY F 61 60.56 20.19 31.70
C GLY F 61 61.29 20.69 30.48
N ALA F 62 61.36 19.86 29.43
CA ALA F 62 62.04 20.25 28.21
C ALA F 62 61.20 21.25 27.43
N THR F 63 61.75 21.73 26.32
CA THR F 63 61.10 22.74 25.48
C THR F 63 60.66 22.09 24.17
N VAL F 64 59.39 22.33 23.80
CA VAL F 64 58.86 21.75 22.57
C VAL F 64 59.54 22.36 21.34
N LEU F 65 59.95 23.62 21.43
CA LEU F 65 60.59 24.27 20.29
C LEU F 65 62.07 23.89 20.20
N ASN F 66 62.69 24.29 19.10
CA ASN F 66 64.07 23.96 18.77
C ASN F 66 64.79 25.27 18.44
N LEU F 67 64.71 26.23 19.37
CA LEU F 67 65.08 27.62 19.10
C LEU F 67 66.59 27.78 18.92
N GLU F 68 67.16 27.08 17.92
CA GLU F 68 68.49 27.38 17.41
C GLU F 68 68.42 27.37 15.89
N HIS F 69 67.48 26.61 15.34
CA HIS F 69 67.13 26.65 13.93
C HIS F 69 65.80 27.34 13.67
N LEU F 70 65.11 27.80 14.64
CA LEU F 70 63.89 28.55 14.39
C LEU F 70 64.26 29.85 13.71
N LEU F 71 65.41 30.45 14.17
CA LEU F 71 65.85 31.67 13.49
C LEU F 71 66.37 31.39 12.10
N GLU F 72 66.97 30.23 11.89
CA GLU F 72 67.42 29.80 10.56
C GLU F 72 66.34 28.99 9.85
N TYR F 73 65.14 29.56 9.75
CA TYR F 73 64.01 28.92 9.07
C TYR F 73 63.13 30.02 8.53
N ALA F 74 63.28 30.32 7.24
CA ALA F 74 62.58 31.43 6.58
C ALA F 74 61.95 30.95 5.28
N PRO F 75 60.73 30.40 5.35
CA PRO F 75 60.02 30.00 4.14
C PRO F 75 59.22 31.15 3.55
N GLN F 76 58.93 31.03 2.26
CA GLN F 76 58.11 32.02 1.58
C GLN F 76 56.67 31.97 2.08
N GLN F 77 56.02 33.13 2.13
CA GLN F 77 54.66 33.21 2.65
C GLN F 77 53.63 32.50 1.76
N ILE F 78 54.00 32.12 0.54
CA ILE F 78 53.08 31.43 -0.35
C ILE F 78 53.29 29.92 -0.39
N ASP F 79 54.43 29.44 0.09
CA ASP F 79 54.76 28.02 0.03
C ASP F 79 54.35 27.27 1.29
N ILE F 80 53.82 27.97 2.29
CA ILE F 80 53.36 27.33 3.52
C ILE F 80 51.95 27.82 3.83
N SER F 81 51.31 28.44 2.84
CA SER F 81 49.96 28.97 2.98
C SER F 81 48.96 27.96 2.42
N ASN F 82 47.81 27.84 3.07
CA ASN F 82 46.78 26.90 2.65
C ASN F 82 45.87 27.47 1.57
N THR F 83 46.03 28.74 1.18
CA THR F 83 45.24 29.27 0.09
C THR F 83 45.63 28.67 -1.25
N ARG F 84 46.80 28.04 -1.34
CA ARG F 84 47.24 27.33 -2.52
C ARG F 84 47.38 25.84 -2.20
N ALA F 85 47.00 25.01 -3.16
CA ALA F 85 47.18 23.57 -2.98
C ALA F 85 48.66 23.21 -2.94
N THR F 86 48.99 22.22 -2.12
CA THR F 86 50.38 21.81 -1.98
C THR F 86 50.90 21.24 -3.30
N GLN F 87 52.22 21.33 -3.49
CA GLN F 87 52.82 20.92 -4.75
C GLN F 87 52.54 19.47 -5.08
N SER F 88 52.44 18.61 -4.06
CA SER F 88 52.12 17.21 -4.31
C SER F 88 50.71 17.06 -4.89
N GLN F 89 49.75 17.82 -4.37
CA GLN F 89 48.40 17.79 -4.91
C GLN F 89 48.30 18.46 -6.27
N PHE F 90 49.17 19.43 -6.56
CA PHE F 90 49.22 20.00 -7.90
C PHE F 90 49.89 19.06 -8.89
N ASP F 91 50.89 18.29 -8.44
CA ASP F 91 51.50 17.28 -9.29
C ASP F 91 50.55 16.15 -9.62
N THR F 92 49.50 15.96 -8.81
CA THR F 92 48.49 14.94 -9.07
C THR F 92 47.41 15.45 -10.01
N TRP F 93 46.90 16.67 -9.77
CA TRP F 93 45.89 17.24 -10.66
C TRP F 93 46.44 17.45 -12.06
N TYR F 94 47.68 17.93 -12.18
CA TYR F 94 48.27 18.15 -13.49
C TYR F 94 48.53 16.83 -14.21
N GLU F 95 48.78 15.75 -13.46
CA GLU F 95 49.02 14.45 -14.07
C GLU F 95 47.74 13.67 -14.31
N ALA F 96 46.70 13.90 -13.50
CA ALA F 96 45.42 13.24 -13.72
C ALA F 96 44.58 13.93 -14.78
N VAL F 97 44.93 15.15 -15.17
CA VAL F 97 44.26 15.84 -16.26
C VAL F 97 44.91 15.51 -17.60
N GLN F 98 46.24 15.43 -17.62
CA GLN F 98 46.95 15.09 -18.85
C GLN F 98 46.55 13.70 -19.36
N LEU F 99 46.27 12.77 -18.46
CA LEU F 99 45.87 11.44 -18.88
C LEU F 99 44.45 11.41 -19.44
N ALA F 100 43.55 12.22 -18.88
CA ALA F 100 42.18 12.24 -19.38
C ALA F 100 42.10 12.83 -20.77
N TYR F 101 42.91 13.86 -21.06
CA TYR F 101 42.96 14.45 -22.39
C TYR F 101 43.80 13.64 -23.36
N ASP F 102 44.60 12.68 -22.86
CA ASP F 102 45.51 11.88 -23.67
C ASP F 102 46.51 12.75 -24.43
N ILE F 103 46.81 13.94 -23.91
CA ILE F 103 47.72 14.86 -24.56
C ILE F 103 49.14 14.54 -24.13
N GLY F 104 50.07 14.54 -25.09
CA GLY F 104 51.46 14.29 -24.77
C GLY F 104 52.07 15.38 -23.91
N GLU F 105 53.19 15.04 -23.26
CA GLU F 105 53.84 15.97 -22.35
C GLU F 105 54.39 17.19 -23.07
N THR F 106 54.72 17.07 -24.36
CA THR F 106 55.19 18.22 -25.12
C THR F 106 54.05 19.12 -25.59
N GLU F 107 52.89 18.54 -25.89
CA GLU F 107 51.72 19.32 -26.23
C GLU F 107 50.89 19.72 -25.00
N MET F 108 51.23 19.17 -23.84
CA MET F 108 50.46 19.46 -22.63
C MET F 108 50.51 20.93 -22.21
N PRO F 109 51.67 21.60 -22.15
CA PRO F 109 51.69 22.94 -21.56
C PRO F 109 50.92 23.99 -22.34
N THR F 110 50.85 23.86 -23.67
CA THR F 110 50.10 24.83 -24.47
C THR F 110 48.63 24.86 -24.08
N VAL F 111 48.09 23.73 -23.60
CA VAL F 111 46.71 23.70 -23.14
C VAL F 111 46.54 24.55 -21.89
N MET F 112 47.54 24.52 -20.99
CA MET F 112 47.45 25.26 -19.74
C MET F 112 47.47 26.77 -19.93
N ASN F 113 47.96 27.26 -21.07
CA ASN F 113 47.82 28.69 -21.36
C ASN F 113 46.36 29.08 -21.49
N GLY F 114 45.60 28.31 -22.28
CA GLY F 114 44.19 28.61 -22.44
C GLY F 114 43.38 28.42 -21.18
N LEU F 115 43.75 27.43 -20.36
CA LEU F 115 42.98 27.12 -19.16
C LEU F 115 42.99 28.29 -18.19
N MET F 116 44.14 28.95 -18.02
CA MET F 116 44.22 30.11 -17.14
C MET F 116 43.44 31.29 -17.72
N VAL F 117 43.65 31.57 -19.02
CA VAL F 117 42.93 32.67 -19.67
C VAL F 117 41.43 32.42 -19.61
N TRP F 118 40.99 31.19 -19.86
CA TRP F 118 39.58 30.87 -19.71
C TRP F 118 39.12 31.08 -18.28
N CYS F 119 39.96 30.71 -17.31
CA CYS F 119 39.64 30.86 -15.90
C CYS F 119 39.76 32.30 -15.41
N ILE F 120 40.12 33.25 -16.28
CA ILE F 120 40.17 34.65 -15.88
C ILE F 120 38.81 35.31 -16.03
N GLU F 121 38.20 35.19 -17.17
CA GLU F 121 36.84 35.70 -17.35
C GLU F 121 35.84 34.92 -16.51
N ASN F 122 35.97 33.59 -16.52
CA ASN F 122 35.05 32.72 -15.80
C ASN F 122 35.68 32.26 -14.49
N GLY F 123 34.85 32.15 -13.46
CA GLY F 123 35.33 31.81 -12.14
C GLY F 123 35.82 30.38 -12.04
N THR F 124 36.37 30.06 -10.87
CA THR F 124 36.92 28.74 -10.59
C THR F 124 35.87 27.76 -10.09
N SER F 125 34.59 28.02 -10.33
CA SER F 125 33.50 27.11 -9.98
C SER F 125 32.62 26.91 -11.20
N PRO F 126 33.12 26.20 -12.21
CA PRO F 126 32.32 25.99 -13.43
C PRO F 126 31.43 24.77 -13.34
N ASN F 127 30.70 24.48 -14.40
CA ASN F 127 29.87 23.29 -14.47
C ASN F 127 30.74 22.08 -14.77
N ILE F 128 30.66 21.05 -13.92
CA ILE F 128 31.45 19.84 -14.15
C ILE F 128 31.00 19.15 -15.43
N ASN F 129 29.74 19.28 -15.79
CA ASN F 129 29.22 18.72 -17.04
C ASN F 129 29.25 19.77 -18.16
N GLY F 130 30.43 20.36 -18.37
CA GLY F 130 30.59 21.39 -19.38
C GLY F 130 31.94 21.35 -20.06
N VAL F 131 32.22 22.34 -20.90
CA VAL F 131 33.48 22.41 -21.64
C VAL F 131 34.05 23.82 -21.54
N TRP F 132 35.36 23.92 -21.76
CA TRP F 132 36.05 25.20 -21.85
C TRP F 132 36.76 25.29 -23.20
N VAL F 133 37.00 26.53 -23.65
CA VAL F 133 37.40 26.80 -25.02
C VAL F 133 38.76 27.48 -25.06
N MET F 134 39.60 27.05 -26.00
CA MET F 134 40.86 27.72 -26.31
C MET F 134 41.11 27.64 -27.81
N MET F 135 41.44 28.77 -28.41
CA MET F 135 41.39 28.92 -29.86
C MET F 135 42.66 28.51 -30.56
N ASP F 136 42.49 27.82 -31.70
CA ASP F 136 43.54 27.72 -32.71
C ASP F 136 43.31 28.85 -33.72
N GLY F 137 43.54 30.08 -33.24
CA GLY F 137 43.31 31.24 -34.06
C GLY F 137 41.89 31.75 -33.97
N ASP F 138 41.06 31.40 -34.96
CA ASP F 138 39.66 31.76 -34.98
C ASP F 138 38.73 30.57 -34.78
N GLU F 139 39.27 29.36 -34.69
CA GLU F 139 38.47 28.15 -34.58
C GLU F 139 38.44 27.71 -33.12
N GLN F 140 37.23 27.53 -32.58
CA GLN F 140 37.09 27.09 -31.20
C GLN F 140 37.49 25.63 -31.05
N VAL F 141 38.18 25.33 -29.95
CA VAL F 141 38.52 23.96 -29.57
C VAL F 141 37.93 23.70 -28.19
N GLU F 142 37.18 22.61 -28.07
CA GLU F 142 36.45 22.30 -26.86
C GLU F 142 37.20 21.26 -26.04
N TYR F 143 37.30 21.50 -24.73
CA TYR F 143 37.89 20.55 -23.81
C TYR F 143 36.93 20.30 -22.65
N PRO F 144 36.74 19.05 -22.25
CA PRO F 144 35.79 18.76 -21.16
C PRO F 144 36.29 19.29 -19.84
N LEU F 145 35.34 19.65 -18.99
CA LEU F 145 35.63 20.21 -17.67
C LEU F 145 35.54 19.17 -16.56
N LYS F 146 35.34 17.89 -16.91
CA LYS F 146 35.25 16.87 -15.87
C LYS F 146 36.59 16.59 -15.20
N PRO F 147 37.67 16.28 -15.93
CA PRO F 147 38.95 16.06 -15.24
C PRO F 147 39.48 17.29 -14.53
N ILE F 148 39.09 18.49 -14.98
CA ILE F 148 39.59 19.71 -14.36
C ILE F 148 39.02 19.87 -12.96
N VAL F 149 37.73 19.62 -12.78
CA VAL F 149 37.07 19.85 -11.50
C VAL F 149 37.11 18.61 -10.62
N GLU F 150 36.90 17.42 -11.20
CA GLU F 150 36.84 16.21 -10.41
C GLU F 150 38.19 15.88 -9.78
N ASN F 151 39.27 16.10 -10.51
CA ASN F 151 40.60 15.70 -10.06
C ASN F 151 41.32 16.79 -9.30
N ALA F 152 40.66 17.92 -9.03
CA ALA F 152 41.27 19.03 -8.31
C ALA F 152 40.94 18.90 -6.82
N LYS F 153 41.96 18.62 -6.02
CA LYS F 153 41.81 18.48 -4.58
C LYS F 153 42.68 19.49 -3.85
N PRO F 154 42.20 20.08 -2.75
CA PRO F 154 40.88 19.88 -2.15
C PRO F 154 39.81 20.75 -2.80
N THR F 155 40.23 21.74 -3.60
CA THR F 155 39.30 22.64 -4.27
C THR F 155 39.97 23.15 -5.54
N LEU F 156 39.16 23.36 -6.58
CA LEU F 156 39.68 23.91 -7.82
C LEU F 156 40.22 25.32 -7.62
N ARG F 157 39.67 26.06 -6.64
CA ARG F 157 40.17 27.40 -6.36
C ARG F 157 41.61 27.37 -5.89
N GLN F 158 41.95 26.42 -5.00
CA GLN F 158 43.32 26.34 -4.51
C GLN F 158 44.27 25.76 -5.56
N ILE F 159 43.79 24.84 -6.39
CA ILE F 159 44.61 24.35 -7.49
C ILE F 159 44.90 25.46 -8.49
N MET F 160 43.88 26.26 -8.83
CA MET F 160 44.06 27.38 -9.74
C MET F 160 44.80 28.54 -9.11
N ALA F 161 44.98 28.54 -7.78
CA ALA F 161 45.69 29.62 -7.11
C ALA F 161 47.16 29.65 -7.46
N HIS F 162 47.70 28.55 -8.01
CA HIS F 162 49.09 28.55 -8.46
C HIS F 162 49.30 29.55 -9.59
N PHE F 163 48.33 29.64 -10.51
CA PHE F 163 48.40 30.56 -11.64
C PHE F 163 48.21 32.02 -11.25
N SER F 164 48.09 32.33 -9.95
CA SER F 164 47.80 33.69 -9.53
C SER F 164 48.93 34.64 -9.93
N ASP F 165 50.18 34.20 -9.79
CA ASP F 165 51.31 35.07 -10.11
C ASP F 165 51.31 35.44 -11.59
N VAL F 166 51.02 34.47 -12.47
CA VAL F 166 51.03 34.74 -13.89
C VAL F 166 49.73 35.40 -14.35
N ALA F 167 48.65 35.20 -13.59
CA ALA F 167 47.37 35.80 -13.96
C ALA F 167 47.47 37.32 -13.97
N GLU F 168 48.09 37.90 -12.93
CA GLU F 168 48.31 39.34 -12.92
C GLU F 168 49.28 39.76 -14.01
N ALA F 169 50.32 38.96 -14.25
CA ALA F 169 51.30 39.27 -15.28
C ALA F 169 50.71 39.22 -16.68
N TYR F 170 49.56 38.56 -16.85
CA TYR F 170 48.89 38.48 -18.14
C TYR F 170 47.81 39.54 -18.31
N ILE F 171 47.03 39.81 -17.26
CA ILE F 171 45.99 40.84 -17.33
C ILE F 171 46.63 42.21 -17.56
N GLU F 172 47.69 42.52 -16.81
CA GLU F 172 48.34 43.81 -16.94
C GLU F 172 49.04 43.96 -18.29
N MET F 173 49.56 42.85 -18.84
CA MET F 173 50.26 42.92 -20.12
C MET F 173 49.30 43.31 -21.24
N ARG F 174 48.08 42.75 -21.23
CA ARG F 174 47.10 43.11 -22.24
C ARG F 174 46.48 44.48 -22.00
N ASN F 175 46.32 44.87 -20.74
CA ASN F 175 45.71 46.18 -20.44
C ASN F 175 46.49 47.32 -21.08
N LYS F 176 47.80 47.12 -21.31
CA LYS F 176 48.57 48.12 -22.02
C LYS F 176 48.07 48.29 -23.45
N LYS F 177 47.71 47.19 -24.10
CA LYS F 177 47.24 47.26 -25.48
C LYS F 177 45.76 47.63 -25.55
N GLU F 178 44.89 46.79 -24.99
CA GLU F 178 43.45 47.01 -25.00
C GLU F 178 42.89 46.68 -23.62
N PRO F 179 41.77 47.30 -23.23
CA PRO F 179 41.18 46.99 -21.93
C PRO F 179 40.83 45.51 -21.80
N TYR F 180 41.14 44.94 -20.63
CA TYR F 180 40.85 43.54 -20.35
C TYR F 180 40.26 43.42 -18.94
N MET F 181 39.27 44.25 -18.65
CA MET F 181 38.62 44.23 -17.35
C MET F 181 37.86 42.91 -17.19
N PRO F 182 38.29 42.02 -16.30
CA PRO F 182 37.72 40.67 -16.26
C PRO F 182 36.49 40.60 -15.36
N ARG F 183 35.92 39.40 -15.27
CA ARG F 183 34.73 39.17 -14.46
C ARG F 183 35.02 38.40 -13.18
N TYR F 184 35.98 37.48 -13.19
CA TYR F 184 36.34 36.71 -12.01
C TYR F 184 37.86 36.57 -12.01
N GLY F 185 38.37 35.65 -11.17
CA GLY F 185 39.79 35.41 -11.10
C GLY F 185 40.08 33.97 -10.74
N LEU F 186 41.35 33.60 -10.86
CA LEU F 186 41.81 32.25 -10.52
C LEU F 186 43.05 32.30 -9.65
N HIS G 42 30.78 -4.35 -42.19
CA HIS G 42 30.55 -4.54 -43.62
C HIS G 42 29.16 -5.13 -43.88
N THR G 43 29.07 -6.45 -43.75
CA THR G 43 27.82 -7.17 -43.97
C THR G 43 27.30 -7.69 -42.65
N VAL G 44 26.01 -7.50 -42.40
CA VAL G 44 25.38 -7.90 -41.15
C VAL G 44 25.08 -9.40 -41.19
N PRO G 45 25.53 -10.17 -40.20
CA PRO G 45 25.29 -11.62 -40.20
C PRO G 45 23.86 -11.97 -39.84
N ARG G 46 23.07 -12.43 -40.81
CA ARG G 46 21.70 -12.86 -40.55
C ARG G 46 21.70 -14.34 -40.19
N ILE G 47 21.13 -14.66 -39.03
CA ILE G 47 21.15 -16.03 -38.54
C ILE G 47 20.21 -16.90 -39.37
N LYS G 48 20.53 -18.18 -39.47
CA LYS G 48 19.71 -19.13 -40.19
C LYS G 48 18.76 -19.84 -39.22
N ALA G 49 17.70 -20.43 -39.80
CA ALA G 49 16.74 -21.17 -39.00
C ALA G 49 17.27 -22.54 -38.60
N ILE G 50 18.01 -23.20 -39.50
CA ILE G 50 18.60 -24.50 -39.22
C ILE G 50 20.05 -24.26 -38.87
N THR G 51 20.32 -24.11 -37.58
CA THR G 51 21.69 -23.93 -37.11
C THR G 51 22.49 -25.21 -37.28
N SER G 52 23.80 -25.06 -37.49
CA SER G 52 24.67 -26.22 -37.63
C SER G 52 24.69 -27.05 -36.36
N LYS G 53 24.77 -26.40 -35.21
CA LYS G 53 24.83 -27.11 -33.92
C LYS G 53 23.42 -27.34 -33.36
N MET G 54 22.63 -28.07 -34.14
CA MET G 54 21.28 -28.45 -33.74
C MET G 54 21.06 -29.92 -34.06
N ARG G 55 20.55 -30.68 -33.09
CA ARG G 55 20.48 -32.14 -33.17
C ARG G 55 19.29 -32.58 -34.00
N MET G 56 19.52 -32.81 -35.29
CA MET G 56 18.53 -33.52 -36.08
C MET G 56 18.40 -34.95 -35.57
N PRO G 57 17.19 -35.48 -35.45
CA PRO G 57 17.03 -36.87 -35.02
C PRO G 57 17.70 -37.82 -36.00
N LYS G 58 18.33 -38.86 -35.46
CA LYS G 58 19.10 -39.80 -36.25
C LYS G 58 18.66 -41.23 -35.97
N SER G 59 18.78 -42.08 -37.00
CA SER G 59 18.47 -43.51 -36.87
C SER G 59 19.49 -44.28 -37.69
N LYS G 60 20.35 -45.04 -37.01
CA LYS G 60 21.41 -45.83 -37.65
C LYS G 60 22.29 -44.95 -38.55
N GLY G 61 22.65 -43.78 -38.06
CA GLY G 61 23.49 -42.86 -38.81
C GLY G 61 22.74 -41.86 -39.66
N ALA G 62 21.75 -42.33 -40.41
CA ALA G 62 20.97 -41.45 -41.27
C ALA G 62 20.02 -40.60 -40.42
N THR G 63 19.29 -39.71 -41.10
CA THR G 63 18.37 -38.80 -40.45
C THR G 63 16.93 -39.19 -40.78
N VAL G 64 16.09 -39.29 -39.75
CA VAL G 64 14.69 -39.68 -39.96
C VAL G 64 13.94 -38.60 -40.72
N LEU G 65 14.32 -37.34 -40.56
CA LEU G 65 13.62 -36.26 -41.24
C LEU G 65 14.13 -36.10 -42.67
N ASN G 66 13.42 -35.26 -43.43
CA ASN G 66 13.69 -35.04 -44.84
C ASN G 66 13.81 -33.53 -45.06
N LEU G 67 14.73 -32.91 -44.28
CA LEU G 67 14.78 -31.45 -44.14
C LEU G 67 15.26 -30.77 -45.41
N GLU G 68 14.53 -30.98 -46.53
CA GLU G 68 14.65 -30.15 -47.71
C GLU G 68 13.25 -29.80 -48.19
N HIS G 69 12.29 -30.66 -47.89
CA HIS G 69 10.88 -30.38 -48.07
C HIS G 69 10.15 -30.11 -46.76
N LEU G 70 10.78 -30.16 -45.65
CA LEU G 70 10.12 -29.81 -44.41
C LEU G 70 9.80 -28.33 -44.45
N LEU G 71 10.75 -27.52 -45.03
CA LEU G 71 10.44 -26.11 -45.15
C LEU G 71 9.37 -25.84 -46.19
N GLU G 72 9.32 -26.65 -47.24
CA GLU G 72 8.27 -26.56 -48.25
C GLU G 72 7.09 -27.48 -47.91
N TYR G 73 6.56 -27.31 -46.70
CA TYR G 73 5.42 -28.10 -46.24
C TYR G 73 4.65 -27.23 -45.24
N ALA G 74 3.58 -26.58 -45.71
CA ALA G 74 2.81 -25.63 -44.91
C ALA G 74 1.32 -25.96 -45.02
N PRO G 75 0.82 -26.86 -44.18
CA PRO G 75 -0.62 -27.14 -44.16
C PRO G 75 -1.36 -26.20 -43.23
N GLN G 76 -2.66 -26.09 -43.48
CA GLN G 76 -3.53 -25.27 -42.63
C GLN G 76 -3.67 -25.92 -41.26
N GLN G 77 -3.79 -25.07 -40.24
CA GLN G 77 -3.89 -25.57 -38.86
C GLN G 77 -5.18 -26.32 -38.59
N ILE G 78 -6.17 -26.24 -39.48
CA ILE G 78 -7.44 -26.94 -39.28
C ILE G 78 -7.53 -28.24 -40.08
N ASP G 79 -6.67 -28.44 -41.07
CA ASP G 79 -6.73 -29.62 -41.92
C ASP G 79 -5.83 -30.75 -41.44
N ILE G 80 -5.08 -30.54 -40.36
CA ILE G 80 -4.24 -31.58 -39.78
C ILE G 80 -4.51 -31.66 -38.29
N SER G 81 -5.60 -31.04 -37.84
CA SER G 81 -5.99 -31.04 -36.44
C SER G 81 -7.02 -32.13 -36.19
N ASN G 82 -6.91 -32.78 -35.03
CA ASN G 82 -7.83 -33.86 -34.68
C ASN G 82 -9.13 -33.37 -34.06
N THR G 83 -9.28 -32.06 -33.83
CA THR G 83 -10.55 -31.54 -33.33
C THR G 83 -11.66 -31.63 -34.37
N ARG G 84 -11.29 -31.81 -35.65
CA ARG G 84 -12.25 -32.02 -36.72
C ARG G 84 -12.06 -33.41 -37.31
N ALA G 85 -13.16 -34.07 -37.66
CA ALA G 85 -13.08 -35.35 -38.31
C ALA G 85 -12.45 -35.22 -39.69
N THR G 86 -11.67 -36.22 -40.08
CA THR G 86 -11.01 -36.19 -41.37
C THR G 86 -12.03 -36.20 -42.50
N GLN G 87 -11.63 -35.66 -43.65
CA GLN G 87 -12.56 -35.51 -44.77
C GLN G 87 -13.11 -36.85 -45.22
N SER G 88 -12.33 -37.93 -45.12
CA SER G 88 -12.82 -39.25 -45.49
C SER G 88 -13.96 -39.69 -44.55
N GLN G 89 -13.82 -39.43 -43.26
CA GLN G 89 -14.88 -39.77 -42.32
C GLN G 89 -16.08 -38.83 -42.44
N PHE G 90 -15.88 -37.60 -42.90
CA PHE G 90 -17.01 -36.72 -43.18
C PHE G 90 -17.71 -37.12 -44.48
N ASP G 91 -16.96 -37.61 -45.47
CA ASP G 91 -17.57 -38.12 -46.68
C ASP G 91 -18.39 -39.39 -46.44
N THR G 92 -18.12 -40.09 -45.34
CA THR G 92 -18.88 -41.28 -44.98
C THR G 92 -20.13 -40.93 -44.18
N TRP G 93 -20.00 -40.04 -43.20
CA TRP G 93 -21.17 -39.62 -42.43
C TRP G 93 -22.18 -38.91 -43.31
N TYR G 94 -21.71 -38.03 -44.20
CA TYR G 94 -22.63 -37.31 -45.08
C TYR G 94 -23.30 -38.25 -46.07
N GLU G 95 -22.63 -39.34 -46.45
CA GLU G 95 -23.20 -40.30 -47.38
C GLU G 95 -24.04 -41.37 -46.69
N ALA G 96 -23.73 -41.69 -45.44
CA ALA G 96 -24.53 -42.65 -44.69
C ALA G 96 -25.77 -42.04 -44.07
N VAL G 97 -25.85 -40.70 -44.02
CA VAL G 97 -27.05 -40.02 -43.57
C VAL G 97 -28.01 -39.77 -44.71
N GLN G 98 -27.49 -39.41 -45.88
CA GLN G 98 -28.33 -39.19 -47.05
C GLN G 98 -29.09 -40.45 -47.45
N LEU G 99 -28.49 -41.62 -47.26
CA LEU G 99 -29.18 -42.86 -47.60
C LEU G 99 -30.27 -43.20 -46.60
N ALA G 100 -30.07 -42.89 -45.31
CA ALA G 100 -31.09 -43.18 -44.32
C ALA G 100 -32.33 -42.33 -44.51
N TYR G 101 -32.14 -41.06 -44.89
CA TYR G 101 -33.26 -40.17 -45.17
C TYR G 101 -33.86 -40.39 -46.54
N ASP G 102 -33.18 -41.14 -47.42
CA ASP G 102 -33.60 -41.37 -48.80
C ASP G 102 -33.78 -40.06 -49.57
N ILE G 103 -33.07 -39.02 -49.17
CA ILE G 103 -33.18 -37.71 -49.82
C ILE G 103 -32.22 -37.65 -50.99
N GLY G 104 -32.69 -37.11 -52.11
CA GLY G 104 -31.84 -36.99 -53.27
C GLY G 104 -30.71 -36.00 -53.07
N GLU G 105 -29.69 -36.12 -53.92
CA GLU G 105 -28.50 -35.29 -53.78
C GLU G 105 -28.79 -33.81 -54.03
N THR G 106 -29.83 -33.49 -54.80
CA THR G 106 -30.20 -32.10 -55.01
C THR G 106 -31.02 -31.52 -53.87
N GLU G 107 -31.83 -32.35 -53.20
CA GLU G 107 -32.56 -31.93 -52.01
C GLU G 107 -31.75 -32.15 -50.74
N MET G 108 -30.62 -32.84 -50.82
CA MET G 108 -29.82 -33.11 -49.63
C MET G 108 -29.28 -31.86 -48.95
N PRO G 109 -28.67 -30.90 -49.65
CA PRO G 109 -27.98 -29.81 -48.91
C PRO G 109 -28.92 -28.91 -48.13
N THR G 110 -30.16 -28.72 -48.59
CA THR G 110 -31.10 -27.88 -47.85
C THR G 110 -31.36 -28.42 -46.45
N VAL G 111 -31.27 -29.74 -46.27
CA VAL G 111 -31.44 -30.33 -44.95
C VAL G 111 -30.29 -29.92 -44.04
N MET G 112 -29.07 -29.85 -44.57
CA MET G 112 -27.91 -29.52 -43.76
C MET G 112 -27.92 -28.08 -43.25
N ASN G 113 -28.69 -27.18 -43.88
CA ASN G 113 -28.86 -25.86 -43.30
C ASN G 113 -29.56 -25.95 -41.94
N GLY G 114 -30.65 -26.69 -41.88
CA GLY G 114 -31.38 -26.83 -40.62
C GLY G 114 -30.59 -27.58 -39.58
N LEU G 115 -29.80 -28.57 -40.00
CA LEU G 115 -29.07 -29.39 -39.03
C LEU G 115 -28.07 -28.57 -38.24
N MET G 116 -27.37 -27.65 -38.90
CA MET G 116 -26.44 -26.78 -38.19
C MET G 116 -27.16 -25.81 -37.28
N VAL G 117 -28.21 -25.15 -37.80
CA VAL G 117 -28.99 -24.23 -36.98
C VAL G 117 -29.59 -24.94 -35.78
N TRP G 118 -30.12 -26.15 -35.99
CA TRP G 118 -30.62 -26.93 -34.86
C TRP G 118 -29.50 -27.26 -33.89
N CYS G 119 -28.31 -27.57 -34.41
CA CYS G 119 -27.16 -27.87 -33.57
C CYS G 119 -26.53 -26.64 -32.93
N ILE G 120 -27.06 -25.45 -33.18
CA ILE G 120 -26.53 -24.25 -32.51
C ILE G 120 -27.18 -24.06 -31.16
N GLU G 121 -28.48 -24.07 -31.09
CA GLU G 121 -29.16 -23.99 -29.79
C GLU G 121 -28.91 -25.24 -28.97
N ASN G 122 -28.99 -26.41 -29.61
CA ASN G 122 -28.81 -27.68 -28.91
C ASN G 122 -27.42 -28.22 -29.17
N GLY G 123 -26.85 -28.84 -28.14
CA GLY G 123 -25.49 -29.34 -28.22
C GLY G 123 -25.34 -30.52 -29.17
N THR G 124 -24.08 -30.93 -29.35
CA THR G 124 -23.73 -32.02 -30.25
C THR G 124 -23.81 -33.39 -29.56
N SER G 125 -24.54 -33.49 -28.46
CA SER G 125 -24.78 -34.76 -27.76
C SER G 125 -26.27 -34.92 -27.52
N PRO G 126 -27.05 -35.16 -28.59
CA PRO G 126 -28.49 -35.30 -28.42
C PRO G 126 -28.91 -36.73 -28.12
N ASN G 127 -30.21 -36.95 -27.98
CA ASN G 127 -30.74 -38.29 -27.77
C ASN G 127 -30.76 -39.04 -29.10
N ILE G 128 -30.13 -40.21 -29.14
CA ILE G 128 -30.13 -41.01 -30.36
C ILE G 128 -31.54 -41.46 -30.72
N ASN G 129 -32.38 -41.67 -29.72
CA ASN G 129 -33.79 -42.02 -29.93
C ASN G 129 -34.68 -40.77 -29.94
N GLY G 130 -34.31 -39.81 -30.78
CA GLY G 130 -35.06 -38.56 -30.87
C GLY G 130 -35.10 -37.99 -32.27
N VAL G 131 -35.64 -36.78 -32.41
CA VAL G 131 -35.78 -36.12 -33.71
C VAL G 131 -35.30 -34.68 -33.60
N TRP G 132 -34.94 -34.11 -34.75
CA TRP G 132 -34.61 -32.70 -34.87
C TRP G 132 -35.51 -32.06 -35.90
N VAL G 133 -35.69 -30.74 -35.78
CA VAL G 133 -36.73 -30.02 -36.49
C VAL G 133 -36.12 -28.95 -37.39
N MET G 134 -36.67 -28.82 -38.60
CA MET G 134 -36.34 -27.73 -39.51
C MET G 134 -37.60 -27.36 -40.28
N MET G 135 -37.89 -26.05 -40.33
CA MET G 135 -39.21 -25.57 -40.73
C MET G 135 -39.34 -25.38 -42.23
N ASP G 136 -40.51 -25.76 -42.76
CA ASP G 136 -41.00 -25.26 -44.04
C ASP G 136 -41.89 -24.05 -43.75
N GLY G 137 -41.24 -22.98 -43.30
CA GLY G 137 -41.95 -21.78 -42.93
C GLY G 137 -42.42 -21.81 -41.49
N ASP G 138 -43.70 -22.13 -41.28
CA ASP G 138 -44.27 -22.26 -39.94
C ASP G 138 -44.60 -23.68 -39.56
N GLU G 139 -44.42 -24.64 -40.47
CA GLU G 139 -44.77 -26.04 -40.22
C GLU G 139 -43.51 -26.82 -39.86
N GLN G 140 -43.55 -27.50 -38.72
CA GLN G 140 -42.41 -28.30 -38.28
C GLN G 140 -42.24 -29.53 -39.14
N VAL G 141 -41.00 -29.87 -39.46
CA VAL G 141 -40.64 -31.10 -40.16
C VAL G 141 -39.68 -31.87 -39.29
N GLU G 142 -39.99 -33.14 -39.04
CA GLU G 142 -39.24 -33.98 -38.11
C GLU G 142 -38.29 -34.87 -38.87
N TYR G 143 -37.05 -34.96 -38.39
CA TYR G 143 -36.06 -35.86 -38.94
C TYR G 143 -35.44 -36.69 -37.82
N PRO G 144 -35.29 -38.00 -38.02
CA PRO G 144 -34.74 -38.84 -36.95
C PRO G 144 -33.27 -38.53 -36.70
N LEU G 145 -32.87 -38.72 -35.44
CA LEU G 145 -31.51 -38.45 -35.01
C LEU G 145 -30.65 -39.71 -34.95
N LYS G 146 -31.17 -40.84 -35.41
CA LYS G 146 -30.39 -42.07 -35.36
C LYS G 146 -29.25 -42.05 -36.38
N PRO G 147 -29.47 -41.82 -37.69
CA PRO G 147 -28.34 -41.79 -38.61
C PRO G 147 -27.35 -40.66 -38.32
N ILE G 148 -27.81 -39.58 -37.69
CA ILE G 148 -26.91 -38.46 -37.40
C ILE G 148 -25.87 -38.85 -36.37
N VAL G 149 -26.29 -39.54 -35.30
CA VAL G 149 -25.38 -39.86 -34.20
C VAL G 149 -24.70 -41.20 -34.42
N GLU G 150 -25.43 -42.20 -34.92
CA GLU G 150 -24.86 -43.54 -35.07
C GLU G 150 -23.76 -43.57 -36.11
N ASN G 151 -23.93 -42.83 -37.20
CA ASN G 151 -23.02 -42.88 -38.33
C ASN G 151 -21.91 -41.84 -38.24
N ALA G 152 -21.84 -41.09 -37.15
CA ALA G 152 -20.82 -40.06 -36.97
C ALA G 152 -19.63 -40.66 -36.21
N LYS G 153 -18.50 -40.79 -36.92
CA LYS G 153 -17.29 -41.33 -36.34
C LYS G 153 -16.16 -40.31 -36.42
N PRO G 154 -15.31 -40.20 -35.38
CA PRO G 154 -15.35 -40.97 -34.13
C PRO G 154 -16.29 -40.34 -33.11
N THR G 155 -16.73 -39.11 -33.36
CA THR G 155 -17.64 -38.41 -32.45
C THR G 155 -18.46 -37.42 -33.26
N LEU G 156 -19.70 -37.22 -32.85
CA LEU G 156 -20.56 -36.24 -33.51
C LEU G 156 -20.00 -34.83 -33.35
N ARG G 157 -19.29 -34.58 -32.25
CA ARG G 157 -18.69 -33.26 -32.04
C ARG G 157 -17.66 -32.95 -33.11
N GLN G 158 -16.81 -33.92 -33.46
CA GLN G 158 -15.79 -33.70 -34.48
C GLN G 158 -16.40 -33.64 -35.87
N ILE G 159 -17.45 -34.42 -36.12
CA ILE G 159 -18.14 -34.34 -37.41
C ILE G 159 -18.82 -32.98 -37.56
N MET G 160 -19.47 -32.49 -36.50
CA MET G 160 -20.10 -31.19 -36.53
C MET G 160 -19.10 -30.04 -36.49
N ALA G 161 -17.83 -30.32 -36.16
CA ALA G 161 -16.82 -29.27 -36.10
C ALA G 161 -16.51 -28.68 -37.47
N HIS G 162 -16.88 -29.38 -38.55
CA HIS G 162 -16.71 -28.82 -39.89
C HIS G 162 -17.55 -27.56 -40.08
N PHE G 163 -18.77 -27.55 -39.53
CA PHE G 163 -19.67 -26.41 -39.63
C PHE G 163 -19.25 -25.24 -38.75
N SER G 164 -18.10 -25.32 -38.08
CA SER G 164 -17.70 -24.27 -37.15
C SER G 164 -17.49 -22.94 -37.85
N ASP G 165 -16.88 -22.97 -39.04
CA ASP G 165 -16.61 -21.73 -39.77
C ASP G 165 -17.92 -21.03 -40.15
N VAL G 166 -18.92 -21.79 -40.60
CA VAL G 166 -20.17 -21.17 -41.00
C VAL G 166 -21.07 -20.89 -39.80
N ALA G 167 -20.85 -21.60 -38.69
CA ALA G 167 -21.66 -21.37 -37.50
C ALA G 167 -21.48 -19.94 -36.99
N GLU G 168 -20.24 -19.48 -36.92
CA GLU G 168 -19.98 -18.09 -36.53
C GLU G 168 -20.51 -17.12 -37.58
N ALA G 169 -20.37 -17.47 -38.86
CA ALA G 169 -20.85 -16.60 -39.92
C ALA G 169 -22.38 -16.50 -39.94
N TYR G 170 -23.08 -17.43 -39.29
CA TYR G 170 -24.53 -17.39 -39.19
C TYR G 170 -25.03 -16.72 -37.92
N ILE G 171 -24.38 -16.99 -36.78
CA ILE G 171 -24.78 -16.36 -35.53
C ILE G 171 -24.59 -14.86 -35.61
N GLU G 172 -23.42 -14.43 -36.11
CA GLU G 172 -23.14 -12.99 -36.21
C GLU G 172 -24.05 -12.30 -37.22
N MET G 173 -24.44 -13.00 -38.29
CA MET G 173 -25.29 -12.39 -39.30
C MET G 173 -26.67 -12.07 -38.73
N ARG G 174 -27.23 -12.98 -37.91
CA ARG G 174 -28.51 -12.71 -37.30
C ARG G 174 -28.42 -11.72 -36.15
N ASN G 175 -27.31 -11.72 -35.40
CA ASN G 175 -27.17 -10.80 -34.27
C ASN G 175 -27.30 -9.35 -34.70
N LYS G 176 -26.98 -9.05 -35.97
CA LYS G 176 -27.20 -7.70 -36.49
C LYS G 176 -28.68 -7.36 -36.49
N LYS G 177 -29.54 -8.32 -36.85
CA LYS G 177 -30.97 -8.06 -36.91
C LYS G 177 -31.61 -8.17 -35.53
N GLU G 178 -31.56 -9.36 -34.93
CA GLU G 178 -32.14 -9.62 -33.62
C GLU G 178 -31.17 -10.44 -32.80
N PRO G 179 -31.23 -10.35 -31.47
CA PRO G 179 -30.33 -11.14 -30.63
C PRO G 179 -30.51 -12.64 -30.86
N TYR G 180 -29.40 -13.35 -30.94
CA TYR G 180 -29.40 -14.80 -31.15
C TYR G 180 -28.39 -15.45 -30.21
N MET G 181 -28.46 -15.08 -28.93
CA MET G 181 -27.56 -15.64 -27.92
C MET G 181 -27.86 -17.12 -27.75
N PRO G 182 -26.98 -18.03 -28.16
CA PRO G 182 -27.31 -19.45 -28.20
C PRO G 182 -27.02 -20.14 -26.86
N ARG G 183 -27.31 -21.43 -26.82
CA ARG G 183 -27.08 -22.23 -25.61
C ARG G 183 -25.89 -23.16 -25.72
N TYR G 184 -25.60 -23.69 -26.90
CA TYR G 184 -24.45 -24.57 -27.10
C TYR G 184 -23.82 -24.21 -28.44
N GLY G 185 -22.95 -25.09 -28.93
CA GLY G 185 -22.31 -24.88 -30.22
C GLY G 185 -22.01 -26.20 -30.90
N LEU G 186 -21.62 -26.09 -32.17
CA LEU G 186 -21.27 -27.26 -32.98
C LEU G 186 -19.94 -27.03 -33.70
N HIS H 42 -12.19 7.52 -50.26
CA HIS H 42 -13.34 7.59 -51.15
C HIS H 42 -14.53 6.82 -50.59
N THR H 43 -14.53 5.51 -50.80
CA THR H 43 -15.61 4.63 -50.33
C THR H 43 -15.08 3.75 -49.22
N VAL H 44 -15.84 3.65 -48.14
CA VAL H 44 -15.44 2.88 -46.97
C VAL H 44 -15.70 1.40 -47.22
N PRO H 45 -14.70 0.52 -47.05
CA PRO H 45 -14.92 -0.91 -47.31
C PRO H 45 -15.70 -1.60 -46.20
N ARG H 46 -16.95 -1.96 -46.49
CA ARG H 46 -17.77 -2.69 -45.53
C ARG H 46 -17.53 -4.18 -45.69
N ILE H 47 -17.17 -4.85 -44.59
CA ILE H 47 -16.83 -6.27 -44.65
C ILE H 47 -18.10 -7.09 -44.85
N LYS H 48 -17.95 -8.24 -45.51
CA LYS H 48 -19.06 -9.16 -45.73
C LYS H 48 -19.10 -10.21 -44.63
N ALA H 49 -20.27 -10.84 -44.49
CA ALA H 49 -20.43 -11.91 -43.51
C ALA H 49 -19.79 -13.21 -43.98
N ILE H 50 -19.88 -13.51 -45.28
CA ILE H 50 -19.28 -14.72 -45.84
C ILE H 50 -17.98 -14.28 -46.50
N THR H 51 -16.89 -14.37 -45.74
CA THR H 51 -15.57 -14.05 -46.26
C THR H 51 -15.13 -15.09 -47.28
N SER H 52 -14.32 -14.65 -48.24
CA SER H 52 -13.81 -15.58 -49.25
C SER H 52 -12.93 -16.64 -48.63
N LYS H 53 -12.07 -16.26 -47.69
CA LYS H 53 -11.15 -17.20 -47.04
C LYS H 53 -11.79 -17.80 -45.79
N MET H 54 -12.90 -18.48 -46.00
CA MET H 54 -13.61 -19.18 -44.94
C MET H 54 -14.02 -20.57 -45.44
N ARG H 55 -13.74 -21.59 -44.64
CA ARG H 55 -13.85 -22.99 -45.07
C ARG H 55 -15.30 -23.45 -44.97
N MET H 56 -16.02 -23.36 -46.08
CA MET H 56 -17.30 -24.04 -46.19
C MET H 56 -17.06 -25.55 -46.15
N PRO H 57 -17.87 -26.31 -45.41
CA PRO H 57 -17.70 -27.77 -45.40
C PRO H 57 -17.91 -28.34 -46.80
N LYS H 58 -17.09 -29.34 -47.13
CA LYS H 58 -17.09 -29.94 -48.46
C LYS H 58 -17.24 -31.45 -48.37
N SER H 59 -17.87 -32.02 -49.40
CA SER H 59 -18.02 -33.46 -49.52
C SER H 59 -17.86 -33.84 -50.99
N LYS H 60 -16.77 -34.56 -51.30
CA LYS H 60 -16.47 -34.98 -52.66
C LYS H 60 -16.43 -33.79 -53.62
N GLY H 61 -15.81 -32.70 -53.18
CA GLY H 61 -15.70 -31.50 -54.00
C GLY H 61 -16.82 -30.50 -53.82
N ALA H 62 -18.06 -30.96 -53.81
CA ALA H 62 -19.20 -30.08 -53.64
C ALA H 62 -19.31 -29.64 -52.18
N THR H 63 -20.28 -28.76 -51.91
CA THR H 63 -20.50 -28.19 -50.59
C THR H 63 -21.77 -28.78 -49.99
N VAL H 64 -21.67 -29.25 -48.74
CA VAL H 64 -22.83 -29.83 -48.07
C VAL H 64 -23.89 -28.77 -47.80
N LEU H 65 -23.48 -27.53 -47.57
CA LEU H 65 -24.44 -26.48 -47.28
C LEU H 65 -25.05 -25.92 -48.56
N ASN H 66 -26.07 -25.09 -48.38
CA ASN H 66 -26.86 -24.51 -49.47
C ASN H 66 -26.89 -23.00 -49.28
N LEU H 67 -25.69 -22.40 -49.17
CA LEU H 67 -25.53 -21.03 -48.70
C LEU H 67 -26.05 -20.02 -49.70
N GLU H 68 -27.35 -20.11 -50.05
CA GLU H 68 -28.07 -19.03 -50.72
C GLU H 68 -29.40 -18.85 -50.01
N HIS H 69 -29.91 -19.92 -49.42
CA HIS H 69 -31.06 -19.88 -48.53
C HIS H 69 -30.67 -20.04 -47.07
N LEU H 70 -29.46 -20.21 -46.73
CA LEU H 70 -29.07 -20.26 -45.33
C LEU H 70 -29.31 -18.88 -44.72
N LEU H 71 -29.01 -17.82 -45.53
CA LEU H 71 -29.29 -16.48 -45.01
C LEU H 71 -30.78 -16.19 -44.95
N GLU H 72 -31.56 -16.77 -45.86
CA GLU H 72 -33.01 -16.66 -45.85
C GLU H 72 -33.65 -17.82 -45.09
N TYR H 73 -33.20 -18.03 -43.84
CA TYR H 73 -33.73 -19.09 -42.99
C TYR H 73 -33.58 -18.62 -41.55
N ALA H 74 -34.67 -18.09 -40.99
CA ALA H 74 -34.66 -17.50 -39.66
C ALA H 74 -35.81 -18.06 -38.83
N PRO H 75 -35.62 -19.20 -38.17
CA PRO H 75 -36.66 -19.74 -37.29
C PRO H 75 -36.54 -19.18 -35.87
N GLN H 76 -37.66 -19.26 -35.16
CA GLN H 76 -37.69 -18.81 -33.77
C GLN H 76 -36.86 -19.75 -32.90
N GLN H 77 -36.23 -19.19 -31.87
CA GLN H 77 -35.36 -19.98 -31.00
C GLN H 77 -36.13 -20.99 -30.16
N ILE H 78 -37.46 -20.91 -30.11
CA ILE H 78 -38.25 -21.86 -29.33
C ILE H 78 -38.87 -22.95 -30.18
N ASP H 79 -38.94 -22.77 -31.50
CA ASP H 79 -39.59 -23.73 -32.38
C ASP H 79 -38.61 -24.74 -32.97
N ILE H 80 -37.33 -24.64 -32.65
CA ILE H 80 -36.33 -25.60 -33.10
C ILE H 80 -35.50 -26.05 -31.91
N SER H 81 -35.97 -25.76 -30.71
CA SER H 81 -35.30 -26.13 -29.47
C SER H 81 -35.89 -27.42 -28.93
N ASN H 82 -35.02 -28.27 -28.38
CA ASN H 82 -35.46 -29.55 -27.83
C ASN H 82 -35.97 -29.46 -26.40
N THR H 83 -35.91 -28.28 -25.77
CA THR H 83 -36.47 -28.13 -24.44
C THR H 83 -38.00 -28.19 -24.46
N ARG H 84 -38.62 -28.03 -25.62
CA ARG H 84 -40.05 -28.18 -25.80
C ARG H 84 -40.34 -29.34 -26.73
N ALA H 85 -41.39 -30.09 -26.43
CA ALA H 85 -41.79 -31.19 -27.30
C ALA H 85 -42.29 -30.63 -28.64
N THR H 86 -42.00 -31.38 -29.71
CA THR H 86 -42.40 -30.93 -31.04
C THR H 86 -43.93 -30.90 -31.14
N GLN H 87 -44.42 -30.06 -32.04
CA GLN H 87 -45.86 -29.84 -32.16
C GLN H 87 -46.60 -31.14 -32.49
N SER H 88 -45.96 -32.04 -33.24
CA SER H 88 -46.60 -33.32 -33.55
C SER H 88 -46.79 -34.15 -32.28
N GLN H 89 -45.79 -34.16 -31.40
CA GLN H 89 -45.92 -34.88 -30.14
C GLN H 89 -46.87 -34.19 -29.16
N PHE H 90 -47.02 -32.86 -29.26
CA PHE H 90 -48.02 -32.18 -28.46
C PHE H 90 -49.42 -32.40 -29.00
N ASP H 91 -49.56 -32.53 -30.33
CA ASP H 91 -50.85 -32.86 -30.91
C ASP H 91 -51.28 -34.28 -30.56
N THR H 92 -50.35 -35.14 -30.18
CA THR H 92 -50.67 -36.50 -29.76
C THR H 92 -51.03 -36.57 -28.28
N TRP H 93 -50.25 -35.91 -27.42
CA TRP H 93 -50.56 -35.87 -26.00
C TRP H 93 -51.89 -35.19 -25.74
N TYR H 94 -52.16 -34.08 -26.42
CA TYR H 94 -53.41 -33.37 -26.22
C TYR H 94 -54.59 -34.18 -26.73
N GLU H 95 -54.38 -35.02 -27.74
CA GLU H 95 -55.45 -35.85 -28.28
C GLU H 95 -55.60 -37.18 -27.54
N ALA H 96 -54.51 -37.70 -26.98
CA ALA H 96 -54.59 -38.93 -26.20
C ALA H 96 -55.05 -38.69 -24.77
N VAL H 97 -55.06 -37.45 -24.32
CA VAL H 97 -55.61 -37.11 -23.01
C VAL H 97 -57.10 -36.81 -23.09
N GLN H 98 -57.51 -36.11 -24.15
CA GLN H 98 -58.92 -35.80 -24.34
C GLN H 98 -59.77 -37.06 -24.47
N LEU H 99 -59.22 -38.12 -25.06
CA LEU H 99 -59.97 -39.37 -25.20
C LEU H 99 -60.08 -40.10 -23.88
N ALA H 100 -59.05 -40.04 -23.04
CA ALA H 100 -59.11 -40.73 -21.74
C ALA H 100 -60.13 -40.09 -20.81
N TYR H 101 -60.23 -38.76 -20.84
CA TYR H 101 -61.22 -38.06 -20.04
C TYR H 101 -62.61 -38.08 -20.66
N ASP H 102 -62.72 -38.48 -21.93
CA ASP H 102 -63.99 -38.48 -22.67
C ASP H 102 -64.63 -37.10 -22.72
N ILE H 103 -63.82 -36.06 -22.62
CA ILE H 103 -64.32 -34.68 -22.62
C ILE H 103 -64.44 -34.20 -24.06
N GLY H 104 -65.55 -33.52 -24.37
CA GLY H 104 -65.73 -33.00 -25.70
C GLY H 104 -64.75 -31.89 -26.03
N GLU H 105 -64.59 -31.63 -27.33
CA GLU H 105 -63.62 -30.65 -27.78
C GLU H 105 -63.98 -29.23 -27.35
N THR H 106 -65.26 -28.95 -27.11
CA THR H 106 -65.66 -27.64 -26.61
C THR H 106 -65.45 -27.49 -25.11
N GLU H 107 -65.60 -28.57 -24.35
CA GLU H 107 -65.30 -28.56 -22.92
C GLU H 107 -63.85 -28.89 -22.63
N MET H 108 -63.10 -29.33 -23.64
CA MET H 108 -61.70 -29.70 -23.42
C MET H 108 -60.82 -28.55 -22.95
N PRO H 109 -60.85 -27.35 -23.57
CA PRO H 109 -59.83 -26.35 -23.20
C PRO H 109 -59.95 -25.82 -21.78
N THR H 110 -61.16 -25.77 -21.23
CA THR H 110 -61.32 -25.29 -19.85
C THR H 110 -60.56 -26.16 -18.86
N VAL H 111 -60.39 -27.44 -19.18
CA VAL H 111 -59.61 -28.32 -18.32
C VAL H 111 -58.14 -27.92 -18.32
N MET H 112 -57.63 -27.51 -19.49
CA MET H 112 -56.21 -27.15 -19.60
C MET H 112 -55.86 -25.89 -18.83
N ASN H 113 -56.83 -25.04 -18.50
CA ASN H 113 -56.54 -23.92 -17.60
C ASN H 113 -56.11 -24.42 -16.24
N GLY H 114 -56.88 -25.36 -15.67
CA GLY H 114 -56.54 -25.89 -14.36
C GLY H 114 -55.25 -26.70 -14.37
N LEU H 115 -54.99 -27.41 -15.46
CA LEU H 115 -53.81 -28.28 -15.51
C LEU H 115 -52.53 -27.46 -15.39
N MET H 116 -52.46 -26.30 -16.05
CA MET H 116 -51.28 -25.46 -15.93
C MET H 116 -51.17 -24.86 -14.54
N VAL H 117 -52.27 -24.32 -14.03
CA VAL H 117 -52.27 -23.74 -12.68
C VAL H 117 -51.89 -24.80 -11.64
N TRP H 118 -52.43 -26.01 -11.79
CA TRP H 118 -52.04 -27.09 -10.89
C TRP H 118 -50.55 -27.40 -11.06
N CYS H 119 -50.05 -27.37 -12.29
CA CYS H 119 -48.64 -27.64 -12.57
C CYS H 119 -47.73 -26.48 -12.19
N ILE H 120 -48.27 -25.37 -11.67
CA ILE H 120 -47.41 -24.27 -11.22
C ILE H 120 -46.95 -24.49 -9.79
N GLU H 121 -47.84 -24.76 -8.89
CA GLU H 121 -47.44 -25.10 -7.52
C GLU H 121 -46.70 -26.43 -7.46
N ASN H 122 -47.22 -27.42 -8.18
CA ASN H 122 -46.64 -28.75 -8.18
C ASN H 122 -45.81 -28.97 -9.43
N GLY H 123 -44.69 -29.68 -9.28
CA GLY H 123 -43.77 -29.88 -10.37
C GLY H 123 -44.33 -30.78 -11.47
N THR H 124 -43.55 -30.90 -12.54
CA THR H 124 -43.93 -31.70 -13.70
C THR H 124 -43.54 -33.16 -13.56
N SER H 125 -43.31 -33.64 -12.34
CA SER H 125 -43.02 -35.04 -12.06
C SER H 125 -43.94 -35.53 -10.96
N PRO H 126 -45.24 -35.68 -11.25
CA PRO H 126 -46.18 -36.11 -10.21
C PRO H 126 -46.29 -37.62 -10.13
N ASN H 127 -47.15 -38.10 -9.23
CA ASN H 127 -47.40 -39.54 -9.13
C ASN H 127 -48.35 -39.97 -10.24
N ILE H 128 -47.93 -40.97 -11.01
CA ILE H 128 -48.78 -41.47 -12.10
C ILE H 128 -50.05 -42.09 -11.54
N ASN H 129 -49.98 -42.66 -10.33
CA ASN H 129 -51.15 -43.21 -9.66
C ASN H 129 -51.79 -42.18 -8.72
N GLY H 130 -52.08 -41.00 -9.27
CA GLY H 130 -52.67 -39.93 -8.48
C GLY H 130 -53.65 -39.09 -9.26
N VAL H 131 -54.13 -37.99 -8.65
CA VAL H 131 -55.11 -37.11 -9.28
C VAL H 131 -54.67 -35.66 -9.11
N TRP H 132 -55.20 -34.81 -9.99
CA TRP H 132 -55.01 -33.36 -9.89
C TRP H 132 -56.36 -32.69 -9.82
N VAL H 133 -56.39 -31.48 -9.25
CA VAL H 133 -57.63 -30.83 -8.85
C VAL H 133 -57.79 -29.50 -9.57
N MET H 134 -59.02 -29.23 -10.02
CA MET H 134 -59.39 -27.92 -10.55
C MET H 134 -60.83 -27.63 -10.15
N MET H 135 -61.06 -26.43 -9.63
CA MET H 135 -62.28 -26.12 -8.89
C MET H 135 -63.41 -25.62 -9.78
N ASP H 136 -64.63 -26.10 -9.49
CA ASP H 136 -65.85 -25.44 -9.91
C ASP H 136 -66.28 -24.51 -8.78
N GLY H 137 -65.48 -23.46 -8.59
CA GLY H 137 -65.73 -22.52 -7.51
C GLY H 137 -65.08 -22.95 -6.22
N ASP H 138 -65.87 -23.53 -5.32
CA ASP H 138 -65.36 -24.04 -4.05
C ASP H 138 -65.36 -25.56 -3.97
N GLU H 139 -65.86 -26.25 -4.99
CA GLU H 139 -65.97 -27.70 -4.98
C GLU H 139 -64.82 -28.30 -5.79
N GLN H 140 -64.07 -29.21 -5.16
CA GLN H 140 -62.96 -29.84 -5.84
C GLN H 140 -63.45 -30.83 -6.91
N VAL H 141 -62.76 -30.84 -8.04
CA VAL H 141 -63.01 -31.80 -9.11
C VAL H 141 -61.72 -32.56 -9.36
N GLU H 142 -61.79 -33.89 -9.34
CA GLU H 142 -60.62 -34.74 -9.43
C GLU H 142 -60.47 -35.27 -10.85
N TYR H 143 -59.24 -35.22 -11.37
CA TYR H 143 -58.91 -35.79 -12.66
C TYR H 143 -57.71 -36.71 -12.52
N PRO H 144 -57.75 -37.89 -13.12
CA PRO H 144 -56.63 -38.83 -12.99
C PRO H 144 -55.38 -38.31 -13.69
N LEU H 145 -54.23 -38.68 -13.16
CA LEU H 145 -52.94 -38.27 -13.67
C LEU H 145 -52.29 -39.33 -14.55
N LYS H 146 -53.00 -40.41 -14.85
CA LYS H 146 -52.42 -41.46 -15.70
C LYS H 146 -52.30 -41.02 -17.15
N PRO H 147 -53.36 -40.55 -17.83
CA PRO H 147 -53.17 -40.10 -19.22
C PRO H 147 -52.24 -38.91 -19.35
N ILE H 148 -52.11 -38.10 -18.31
CA ILE H 148 -51.25 -36.91 -18.38
C ILE H 148 -49.79 -37.32 -18.47
N VAL H 149 -49.37 -38.28 -17.65
CA VAL H 149 -47.96 -38.66 -17.58
C VAL H 149 -47.63 -39.78 -18.56
N GLU H 150 -48.51 -40.76 -18.70
CA GLU H 150 -48.22 -41.91 -19.56
C GLU H 150 -48.15 -41.50 -21.03
N ASN H 151 -49.02 -40.60 -21.46
CA ASN H 151 -49.13 -40.22 -22.87
C ASN H 151 -48.24 -39.04 -23.24
N ALA H 152 -47.43 -38.55 -22.31
CA ALA H 152 -46.55 -37.41 -22.57
C ALA H 152 -45.18 -37.93 -23.01
N LYS H 153 -44.84 -37.70 -24.28
CA LYS H 153 -43.57 -38.11 -24.84
C LYS H 153 -42.79 -36.90 -25.35
N PRO H 154 -41.47 -36.88 -25.17
CA PRO H 154 -40.65 -37.88 -24.48
C PRO H 154 -40.62 -37.68 -22.98
N THR H 155 -41.09 -36.53 -22.51
CA THR H 155 -41.11 -36.23 -21.09
C THR H 155 -42.25 -35.24 -20.82
N LEU H 156 -42.87 -35.38 -19.66
CA LEU H 156 -43.94 -34.45 -19.27
C LEU H 156 -43.39 -33.03 -19.13
N ARG H 157 -42.11 -32.89 -18.76
CA ARG H 157 -41.51 -31.56 -18.64
C ARG H 157 -41.50 -30.83 -19.99
N GLN H 158 -41.15 -31.54 -21.06
CA GLN H 158 -41.11 -30.91 -22.37
C GLN H 158 -42.50 -30.67 -22.92
N ILE H 159 -43.45 -31.56 -22.62
CA ILE H 159 -44.83 -31.33 -23.03
C ILE H 159 -45.41 -30.13 -22.31
N MET H 160 -45.14 -30.01 -21.00
CA MET H 160 -45.60 -28.87 -20.24
C MET H 160 -44.83 -27.59 -20.54
N ALA H 161 -43.69 -27.70 -21.23
CA ALA H 161 -42.90 -26.51 -21.56
C ALA H 161 -43.61 -25.60 -22.55
N HIS H 162 -44.63 -26.10 -23.25
CA HIS H 162 -45.42 -25.25 -24.14
C HIS H 162 -46.13 -24.16 -23.36
N PHE H 163 -46.65 -24.49 -22.17
CA PHE H 163 -47.35 -23.54 -21.31
C PHE H 163 -46.43 -22.53 -20.64
N SER H 164 -45.13 -22.54 -20.97
CA SER H 164 -44.19 -21.66 -20.28
C SER H 164 -44.50 -20.19 -20.54
N ASP H 165 -44.88 -19.86 -21.78
CA ASP H 165 -45.17 -18.46 -22.10
C ASP H 165 -46.36 -17.94 -21.31
N VAL H 166 -47.41 -18.75 -21.17
CA VAL H 166 -48.59 -18.32 -20.44
C VAL H 166 -48.40 -18.46 -18.94
N ALA H 167 -47.50 -19.35 -18.51
CA ALA H 167 -47.26 -19.53 -17.08
C ALA H 167 -46.76 -18.25 -16.44
N GLU H 168 -45.80 -17.59 -17.10
CA GLU H 168 -45.33 -16.29 -16.59
C GLU H 168 -46.42 -15.23 -16.70
N ALA H 169 -47.20 -15.26 -17.77
CA ALA H 169 -48.27 -14.30 -17.94
C ALA H 169 -49.39 -14.47 -16.91
N TYR H 170 -49.46 -15.63 -16.27
CA TYR H 170 -50.46 -15.89 -15.22
C TYR H 170 -49.93 -15.61 -13.83
N ILE H 171 -48.68 -15.99 -13.54
CA ILE H 171 -48.10 -15.74 -12.23
C ILE H 171 -47.99 -14.23 -11.99
N GLU H 172 -47.49 -13.50 -12.99
CA GLU H 172 -47.33 -12.05 -12.83
C GLU H 172 -48.67 -11.34 -12.73
N MET H 173 -49.70 -11.85 -13.41
CA MET H 173 -51.01 -11.21 -13.38
C MET H 173 -51.60 -11.28 -11.98
N ARG H 174 -51.47 -12.42 -11.31
CA ARG H 174 -51.98 -12.54 -9.95
C ARG H 174 -51.09 -11.82 -8.93
N ASN H 175 -49.78 -11.78 -9.15
CA ASN H 175 -48.89 -11.11 -8.20
C ASN H 175 -49.26 -9.65 -8.01
N LYS H 176 -49.89 -9.03 -9.01
CA LYS H 176 -50.39 -7.68 -8.84
C LYS H 176 -51.46 -7.61 -7.76
N LYS H 177 -52.34 -8.61 -7.72
CA LYS H 177 -53.42 -8.62 -6.73
C LYS H 177 -52.94 -9.15 -5.38
N GLU H 178 -52.51 -10.40 -5.33
CA GLU H 178 -52.03 -11.05 -4.12
C GLU H 178 -50.77 -11.84 -4.43
N PRO H 179 -49.90 -12.03 -3.44
CA PRO H 179 -48.68 -12.81 -3.68
C PRO H 179 -49.00 -14.23 -4.14
N TYR H 180 -48.25 -14.69 -5.14
CA TYR H 180 -48.41 -16.03 -5.69
C TYR H 180 -47.05 -16.67 -5.90
N MET H 181 -46.21 -16.61 -4.86
CA MET H 181 -44.87 -17.19 -4.92
C MET H 181 -45.00 -18.71 -5.01
N PRO H 182 -44.64 -19.33 -6.13
CA PRO H 182 -44.94 -20.75 -6.34
C PRO H 182 -43.82 -21.63 -5.81
N ARG H 183 -44.01 -22.94 -5.96
CA ARG H 183 -43.04 -23.92 -5.49
C ARG H 183 -42.25 -24.57 -6.62
N TYR H 184 -42.86 -24.77 -7.78
CA TYR H 184 -42.18 -25.36 -8.93
C TYR H 184 -42.64 -24.61 -10.18
N GLY H 185 -42.36 -25.19 -11.35
CA GLY H 185 -42.78 -24.60 -12.60
C GLY H 185 -43.05 -25.65 -13.65
N LEU H 186 -43.64 -25.20 -14.75
CA LEU H 186 -43.95 -26.08 -15.87
C LEU H 186 -43.49 -25.47 -17.20
N HIS I 42 54.40 -12.80 -4.49
CA HIS I 42 55.14 -13.39 -5.60
C HIS I 42 54.20 -14.06 -6.60
N THR I 43 53.80 -15.28 -6.30
CA THR I 43 52.92 -16.05 -7.15
C THR I 43 51.55 -16.19 -6.47
N VAL I 44 50.50 -15.95 -7.24
CA VAL I 44 49.13 -15.99 -6.71
C VAL I 44 48.67 -17.44 -6.62
N PRO I 45 48.19 -17.89 -5.45
CA PRO I 45 47.76 -19.28 -5.33
C PRO I 45 46.40 -19.55 -5.98
N ARG I 46 46.40 -20.27 -7.09
CA ARG I 46 45.16 -20.62 -7.77
C ARG I 46 44.64 -21.94 -7.19
N ILE I 47 43.38 -21.93 -6.71
CA ILE I 47 42.81 -23.11 -6.07
C ILE I 47 42.53 -24.18 -7.11
N LYS I 48 42.60 -25.43 -6.67
CA LYS I 48 42.30 -26.58 -7.53
C LYS I 48 40.84 -26.99 -7.38
N ALA I 49 40.35 -27.73 -8.37
CA ALA I 49 38.98 -28.22 -8.32
C ALA I 49 38.85 -29.42 -7.38
N ILE I 50 39.86 -30.29 -7.36
CA ILE I 50 39.86 -31.46 -6.47
C ILE I 50 40.72 -31.10 -5.28
N THR I 51 40.09 -30.59 -4.22
CA THR I 51 40.81 -30.27 -3.01
C THR I 51 41.26 -31.53 -2.30
N SER I 52 42.38 -31.42 -1.57
CA SER I 52 42.89 -32.57 -0.83
C SER I 52 41.91 -33.01 0.25
N LYS I 53 41.32 -32.05 0.96
CA LYS I 53 40.39 -32.36 2.05
C LYS I 53 38.95 -32.44 1.52
N MET I 54 38.75 -33.39 0.59
CA MET I 54 37.44 -33.66 0.03
C MET I 54 37.22 -35.16 -0.04
N ARG I 55 36.07 -35.61 0.44
CA ARG I 55 35.81 -37.03 0.66
C ARG I 55 35.40 -37.71 -0.64
N MET I 56 36.38 -38.29 -1.33
CA MET I 56 36.07 -39.21 -2.41
C MET I 56 35.37 -40.44 -1.83
N PRO I 57 34.31 -40.93 -2.47
CA PRO I 57 33.65 -42.15 -1.98
C PRO I 57 34.60 -43.34 -1.99
N LYS I 58 34.52 -44.17 -0.96
CA LYS I 58 35.42 -45.29 -0.77
C LYS I 58 34.64 -46.58 -0.58
N SER I 59 35.26 -47.68 -1.02
CA SER I 59 34.69 -49.01 -0.84
C SER I 59 35.83 -49.98 -0.54
N LYS I 60 35.86 -50.50 0.69
CA LYS I 60 36.91 -51.42 1.14
C LYS I 60 38.30 -50.83 0.94
N GLY I 61 38.45 -49.56 1.27
CA GLY I 61 39.74 -48.87 1.13
C GLY I 61 39.94 -48.17 -0.19
N ALA I 62 39.64 -48.84 -1.29
CA ALA I 62 39.80 -48.25 -2.61
C ALA I 62 38.70 -47.22 -2.87
N THR I 63 38.79 -46.56 -4.02
CA THR I 63 37.86 -45.51 -4.41
C THR I 63 36.96 -46.02 -5.54
N VAL I 64 35.65 -45.83 -5.37
CA VAL I 64 34.71 -46.28 -6.39
C VAL I 64 34.87 -45.47 -7.68
N LEU I 65 35.26 -44.21 -7.58
CA LEU I 65 35.41 -43.38 -8.76
C LEU I 65 36.75 -43.62 -9.43
N ASN I 66 36.90 -43.05 -10.63
CA ASN I 66 38.07 -43.23 -11.48
C ASN I 66 38.59 -41.83 -11.86
N LEU I 67 38.85 -41.01 -10.83
CA LEU I 67 39.06 -39.58 -11.01
C LEU I 67 40.38 -39.28 -11.71
N GLU I 68 40.56 -39.81 -12.94
CA GLU I 68 41.58 -39.34 -13.86
C GLU I 68 40.95 -39.16 -15.22
N HIS I 69 39.88 -39.92 -15.50
CA HIS I 69 39.04 -39.72 -16.66
C HIS I 69 37.70 -39.10 -16.30
N LEU I 70 37.41 -38.82 -15.08
CA LEU I 70 36.16 -38.15 -14.76
C LEU I 70 36.24 -36.74 -15.33
N LEU I 71 37.45 -36.11 -15.25
CA LEU I 71 37.58 -34.80 -15.84
C LEU I 71 37.54 -34.85 -17.36
N GLU I 72 38.05 -35.93 -17.95
CA GLU I 72 37.98 -36.15 -19.40
C GLU I 72 36.72 -36.95 -19.77
N TYR I 73 35.57 -36.45 -19.34
CA TYR I 73 34.28 -37.09 -19.63
C TYR I 73 33.22 -35.99 -19.65
N ALA I 74 32.89 -35.52 -20.86
CA ALA I 74 31.97 -34.40 -21.03
C ALA I 74 30.90 -34.75 -22.06
N PRO I 75 29.82 -35.38 -21.63
CA PRO I 75 28.71 -35.67 -22.55
C PRO I 75 27.72 -34.51 -22.62
N GLN I 76 26.97 -34.49 -23.72
CA GLN I 76 25.93 -33.49 -23.89
C GLN I 76 24.79 -33.72 -22.91
N GLN I 77 24.19 -32.62 -22.46
CA GLN I 77 23.12 -32.71 -21.47
C GLN I 77 21.85 -33.37 -22.01
N ILE I 78 21.74 -33.56 -23.33
CA ILE I 78 20.57 -34.19 -23.91
C ILE I 78 20.78 -35.66 -24.24
N ASP I 79 22.03 -36.13 -24.29
CA ASP I 79 22.33 -37.50 -24.67
C ASP I 79 22.45 -38.43 -23.47
N ILE I 80 22.32 -37.91 -22.26
CA ILE I 80 22.35 -38.73 -21.05
C ILE I 80 21.16 -38.39 -20.18
N SER I 81 20.18 -37.68 -20.76
CA SER I 81 18.97 -37.29 -20.06
C SER I 81 17.85 -38.28 -20.36
N ASN I 82 17.04 -38.57 -19.34
CA ASN I 82 15.94 -39.52 -19.50
C ASN I 82 14.68 -38.90 -20.07
N THR I 83 14.67 -37.58 -20.30
CA THR I 83 13.51 -36.95 -20.94
C THR I 83 13.38 -37.37 -22.40
N ARG I 84 14.45 -37.89 -22.99
CA ARG I 84 14.43 -38.41 -24.35
C ARG I 84 14.70 -39.90 -24.32
N ALA I 85 14.02 -40.64 -25.19
CA ALA I 85 14.27 -42.07 -25.31
C ALA I 85 15.67 -42.32 -25.85
N THR I 86 16.31 -43.39 -25.38
CA THR I 86 17.65 -43.70 -25.82
C THR I 86 17.65 -44.05 -27.31
N GLN I 87 18.80 -43.85 -27.95
CA GLN I 87 18.90 -44.04 -29.39
C GLN I 87 18.55 -45.47 -29.80
N SER I 88 18.85 -46.45 -28.95
CA SER I 88 18.49 -47.83 -29.26
C SER I 88 16.97 -48.01 -29.31
N GLN I 89 16.26 -47.38 -28.36
CA GLN I 89 14.80 -47.45 -28.37
C GLN I 89 14.19 -46.63 -29.48
N PHE I 90 14.86 -45.56 -29.93
CA PHE I 90 14.39 -44.82 -31.09
C PHE I 90 14.67 -45.58 -32.39
N ASP I 91 15.77 -46.32 -32.44
CA ASP I 91 16.05 -47.16 -33.60
C ASP I 91 15.06 -48.32 -33.71
N THR I 92 14.39 -48.67 -32.62
CA THR I 92 13.39 -49.72 -32.64
C THR I 92 12.02 -49.18 -33.03
N TRP I 93 11.62 -48.05 -32.45
CA TRP I 93 10.34 -47.44 -32.81
C TRP I 93 10.32 -47.02 -34.26
N TYR I 94 11.42 -46.43 -34.75
CA TYR I 94 11.46 -46.01 -36.15
C TYR I 94 11.46 -47.20 -37.10
N GLU I 95 12.00 -48.34 -36.66
CA GLU I 95 12.02 -49.54 -37.49
C GLU I 95 10.75 -50.36 -37.36
N ALA I 96 10.09 -50.33 -36.20
CA ALA I 96 8.84 -51.04 -36.02
C ALA I 96 7.64 -50.29 -36.59
N VAL I 97 7.80 -49.00 -36.89
CA VAL I 97 6.76 -48.23 -37.56
C VAL I 97 6.86 -48.34 -39.07
N GLN I 98 8.09 -48.31 -39.59
CA GLN I 98 8.30 -48.44 -41.03
C GLN I 98 7.77 -49.77 -41.55
N LEU I 99 7.87 -50.84 -40.76
CA LEU I 99 7.36 -52.14 -41.19
C LEU I 99 5.83 -52.18 -41.19
N ALA I 100 5.19 -51.53 -40.22
CA ALA I 100 3.73 -51.55 -40.17
C ALA I 100 3.13 -50.79 -41.35
N TYR I 101 3.74 -49.68 -41.74
CA TYR I 101 3.28 -48.92 -42.91
C TYR I 101 3.72 -49.54 -44.23
N ASP I 102 4.65 -50.49 -44.20
CA ASP I 102 5.22 -51.10 -45.40
C ASP I 102 5.84 -50.07 -46.34
N ILE I 103 6.28 -48.94 -45.79
CA ILE I 103 6.87 -47.88 -46.60
C ILE I 103 8.37 -48.14 -46.76
N GLY I 104 8.87 -47.95 -47.98
CA GLY I 104 10.28 -48.15 -48.24
C GLY I 104 11.14 -47.13 -47.53
N GLU I 105 12.42 -47.47 -47.38
CA GLU I 105 13.35 -46.62 -46.65
C GLU I 105 13.58 -45.27 -47.33
N THR I 106 13.39 -45.20 -48.65
CA THR I 106 13.53 -43.93 -49.36
C THR I 106 12.27 -43.07 -49.25
N GLU I 107 11.10 -43.68 -49.18
CA GLU I 107 9.86 -42.95 -48.93
C GLU I 107 9.55 -42.79 -47.46
N MET I 108 10.31 -43.46 -46.59
CA MET I 108 10.05 -43.37 -45.15
C MET I 108 10.21 -41.97 -44.57
N PRO I 109 11.30 -41.23 -44.85
CA PRO I 109 11.51 -39.98 -44.11
C PRO I 109 10.48 -38.90 -44.40
N THR I 110 9.92 -38.87 -45.61
CA THR I 110 8.91 -37.86 -45.93
C THR I 110 7.70 -37.99 -45.02
N VAL I 111 7.40 -39.21 -44.55
CA VAL I 111 6.29 -39.40 -43.62
C VAL I 111 6.59 -38.73 -42.28
N MET I 112 7.84 -38.80 -41.84
CA MET I 112 8.21 -38.23 -40.54
C MET I 112 8.13 -36.71 -40.51
N ASN I 113 8.14 -36.04 -41.67
CA ASN I 113 7.88 -34.61 -41.66
C ASN I 113 6.47 -34.32 -41.18
N GLY I 114 5.49 -35.03 -41.74
CA GLY I 114 4.11 -34.81 -41.34
C GLY I 114 3.84 -35.22 -39.90
N LEU I 115 4.51 -36.28 -39.44
CA LEU I 115 4.25 -36.79 -38.10
C LEU I 115 4.60 -35.75 -37.03
N MET I 116 5.71 -35.04 -37.21
CA MET I 116 6.09 -34.01 -36.26
C MET I 116 5.13 -32.82 -36.33
N VAL I 117 4.84 -32.37 -37.56
CA VAL I 117 3.90 -31.25 -37.74
C VAL I 117 2.54 -31.61 -37.16
N TRP I 118 2.07 -32.84 -37.41
CA TRP I 118 0.82 -33.26 -36.80
C TRP I 118 0.93 -33.28 -35.29
N CYS I 119 2.08 -33.71 -34.77
CA CYS I 119 2.29 -33.76 -33.33
C CYS I 119 2.56 -32.39 -32.71
N ILE I 120 2.55 -31.31 -33.50
CA ILE I 120 2.72 -29.98 -32.94
C ILE I 120 1.39 -29.40 -32.49
N GLU I 121 0.40 -29.42 -33.33
CA GLU I 121 -0.94 -28.99 -32.93
C GLU I 121 -1.54 -29.94 -31.90
N ASN I 122 -1.39 -31.25 -32.15
CA ASN I 122 -1.96 -32.27 -31.27
C ASN I 122 -0.87 -32.85 -30.37
N GLY I 123 -1.26 -33.14 -29.13
CA GLY I 123 -0.31 -33.62 -28.14
C GLY I 123 0.21 -35.01 -28.44
N THR I 124 1.17 -35.43 -27.62
CA THR I 124 1.81 -36.74 -27.77
C THR I 124 1.05 -37.85 -27.05
N SER I 125 -0.24 -37.65 -26.77
CA SER I 125 -1.09 -38.67 -26.18
C SER I 125 -2.37 -38.79 -27.01
N PRO I 126 -2.27 -39.33 -28.23
CA PRO I 126 -3.47 -39.43 -29.08
C PRO I 126 -4.23 -40.71 -28.84
N ASN I 127 -5.30 -40.92 -29.60
CA ASN I 127 -6.07 -42.15 -29.52
C ASN I 127 -5.35 -43.24 -30.30
N ILE I 128 -5.09 -44.37 -29.64
CA ILE I 128 -4.42 -45.47 -30.31
C ILE I 128 -5.29 -46.04 -31.43
N ASN I 129 -6.61 -45.96 -31.27
CA ASN I 129 -7.54 -46.38 -32.32
C ASN I 129 -7.94 -45.21 -33.20
N GLY I 130 -6.95 -44.51 -33.74
CA GLY I 130 -7.20 -43.35 -34.58
C GLY I 130 -6.20 -43.20 -35.70
N VAL I 131 -6.27 -42.09 -36.43
CA VAL I 131 -5.39 -41.83 -37.57
C VAL I 131 -4.86 -40.41 -37.48
N TRP I 132 -3.73 -40.19 -38.15
CA TRP I 132 -3.14 -38.86 -38.30
C TRP I 132 -2.99 -38.55 -39.78
N VAL I 133 -2.95 -37.25 -40.10
CA VAL I 133 -3.11 -36.77 -41.48
C VAL I 133 -1.88 -35.99 -41.90
N MET I 134 -1.44 -36.23 -43.15
CA MET I 134 -0.40 -35.44 -43.79
C MET I 134 -0.73 -35.31 -45.27
N MET I 135 -0.67 -34.09 -45.78
CA MET I 135 -1.27 -33.75 -47.07
C MET I 135 -0.34 -33.99 -48.24
N ASP I 136 -0.90 -34.53 -49.33
CA ASP I 136 -0.31 -34.43 -50.66
C ASP I 136 -0.93 -33.19 -51.33
N GLY I 137 -0.56 -32.03 -50.81
CA GLY I 137 -1.10 -30.79 -51.30
C GLY I 137 -2.40 -30.40 -50.62
N ASP I 138 -3.53 -30.68 -51.28
CA ASP I 138 -4.84 -30.42 -50.72
C ASP I 138 -5.61 -31.70 -50.38
N GLU I 139 -5.05 -32.86 -50.66
CA GLU I 139 -5.73 -34.14 -50.44
C GLU I 139 -5.19 -34.76 -49.16
N GLN I 140 -6.11 -35.10 -48.24
CA GLN I 140 -5.72 -35.71 -46.98
C GLN I 140 -5.26 -37.15 -47.21
N VAL I 141 -4.21 -37.54 -46.50
CA VAL I 141 -3.71 -38.91 -46.48
C VAL I 141 -3.74 -39.40 -45.03
N GLU I 142 -4.37 -40.54 -44.81
CA GLU I 142 -4.58 -41.06 -43.47
C GLU I 142 -3.55 -42.14 -43.15
N TYR I 143 -2.99 -42.06 -41.94
CA TYR I 143 -2.07 -43.08 -41.44
C TYR I 143 -2.52 -43.54 -40.07
N PRO I 144 -2.53 -44.84 -39.82
CA PRO I 144 -2.99 -45.34 -38.52
C PRO I 144 -2.04 -44.94 -37.40
N LEU I 145 -2.61 -44.76 -36.21
CA LEU I 145 -1.86 -44.36 -35.03
C LEU I 145 -1.51 -45.54 -34.13
N LYS I 146 -1.79 -46.78 -34.56
CA LYS I 146 -1.47 -47.92 -33.73
C LYS I 146 0.03 -48.19 -33.65
N PRO I 147 0.76 -48.33 -34.76
CA PRO I 147 2.21 -48.54 -34.63
C PRO I 147 2.94 -47.36 -33.99
N ILE I 148 2.39 -46.16 -34.09
CA ILE I 148 3.06 -44.99 -33.52
C ILE I 148 3.06 -45.06 -32.00
N VAL I 149 1.92 -45.41 -31.40
CA VAL I 149 1.79 -45.40 -29.95
C VAL I 149 2.18 -46.75 -29.34
N GLU I 150 1.79 -47.85 -29.97
CA GLU I 150 2.06 -49.16 -29.40
C GLU I 150 3.54 -49.47 -29.36
N ASN I 151 4.28 -49.08 -30.39
CA ASN I 151 5.69 -49.43 -30.54
C ASN I 151 6.62 -48.39 -29.94
N ALA I 152 6.08 -47.36 -29.29
CA ALA I 152 6.89 -46.31 -28.68
C ALA I 152 7.15 -46.65 -27.22
N LYS I 153 8.40 -46.96 -26.90
CA LYS I 153 8.80 -47.30 -25.54
C LYS I 153 9.86 -46.32 -25.04
N PRO I 154 9.80 -45.92 -23.77
CA PRO I 154 8.81 -46.29 -22.76
C PRO I 154 7.57 -45.42 -22.84
N THR I 155 7.64 -44.32 -23.58
CA THR I 155 6.51 -43.41 -23.72
C THR I 155 6.64 -42.69 -25.06
N LEU I 156 5.49 -42.41 -25.69
CA LEU I 156 5.50 -41.66 -26.94
C LEU I 156 6.05 -40.25 -26.74
N ARG I 157 5.89 -39.69 -25.54
CA ARG I 157 6.43 -38.36 -25.27
C ARG I 157 7.95 -38.35 -25.36
N GLN I 158 8.61 -39.38 -24.82
CA GLN I 158 10.06 -39.42 -24.88
C GLN I 158 10.56 -39.78 -26.27
N ILE I 159 9.83 -40.61 -27.00
CA ILE I 159 10.19 -40.91 -28.38
C ILE I 159 10.05 -39.66 -29.25
N MET I 160 8.97 -38.91 -29.06
CA MET I 160 8.77 -37.67 -29.80
C MET I 160 9.68 -36.54 -29.32
N ALA I 161 10.32 -36.70 -28.17
CA ALA I 161 11.21 -35.66 -27.65
C ALA I 161 12.46 -35.48 -28.52
N HIS I 162 12.77 -36.45 -29.37
CA HIS I 162 13.89 -36.30 -30.30
C HIS I 162 13.64 -35.16 -31.28
N PHE I 163 12.40 -35.01 -31.74
CA PHE I 163 12.01 -33.96 -32.68
C PHE I 163 11.95 -32.58 -32.03
N SER I 164 12.33 -32.45 -30.76
CA SER I 164 12.19 -31.17 -30.07
C SER I 164 13.07 -30.09 -30.70
N ASP I 165 14.29 -30.45 -31.09
CA ASP I 165 15.19 -29.47 -31.68
C ASP I 165 14.63 -28.92 -32.99
N VAL I 166 14.06 -29.78 -33.83
CA VAL I 166 13.53 -29.34 -35.11
C VAL I 166 12.14 -28.73 -34.94
N ALA I 167 11.43 -29.11 -33.88
CA ALA I 167 10.09 -28.54 -33.67
C ALA I 167 10.15 -27.04 -33.48
N GLU I 168 11.09 -26.56 -32.68
CA GLU I 168 11.27 -25.12 -32.54
C GLU I 168 11.76 -24.48 -33.83
N ALA I 169 12.65 -25.18 -34.55
CA ALA I 169 13.17 -24.65 -35.81
C ALA I 169 12.09 -24.58 -36.89
N TYR I 170 10.98 -25.30 -36.72
CA TYR I 170 9.87 -25.26 -37.67
C TYR I 170 8.79 -24.27 -37.27
N ILE I 171 8.46 -24.19 -35.97
CA ILE I 171 7.45 -23.24 -35.52
C ILE I 171 7.92 -21.81 -35.76
N GLU I 172 9.19 -21.53 -35.41
CA GLU I 172 9.72 -20.17 -35.59
C GLU I 172 9.85 -19.81 -37.07
N MET I 173 10.15 -20.79 -37.91
CA MET I 173 10.32 -20.50 -39.34
C MET I 173 9.00 -20.05 -39.96
N ARG I 174 7.89 -20.70 -39.58
CA ARG I 174 6.60 -20.29 -40.10
C ARG I 174 6.08 -19.01 -39.45
N ASN I 175 6.39 -18.79 -38.17
CA ASN I 175 5.92 -17.58 -37.49
C ASN I 175 6.38 -16.32 -38.19
N LYS I 176 7.50 -16.38 -38.91
CA LYS I 176 7.94 -15.24 -39.71
C LYS I 176 6.93 -14.93 -40.81
N LYS I 177 6.37 -15.96 -41.44
CA LYS I 177 5.41 -15.75 -42.52
C LYS I 177 4.01 -15.49 -41.98
N GLU I 178 3.44 -16.45 -41.28
CA GLU I 178 2.09 -16.34 -40.72
C GLU I 178 2.10 -16.89 -39.30
N PRO I 179 1.20 -16.41 -38.44
CA PRO I 179 1.14 -16.92 -37.06
C PRO I 179 0.89 -18.43 -37.04
N TYR I 180 1.62 -19.12 -36.17
CA TYR I 180 1.49 -20.56 -36.00
C TYR I 180 1.48 -20.90 -34.51
N MET I 181 0.66 -20.19 -33.76
CA MET I 181 0.53 -20.42 -32.32
C MET I 181 -0.08 -21.80 -32.09
N PRO I 182 0.66 -22.77 -31.56
CA PRO I 182 0.18 -24.15 -31.52
C PRO I 182 -0.61 -24.43 -30.24
N ARG I 183 -1.10 -25.67 -30.14
CA ARG I 183 -1.88 -26.08 -28.98
C ARG I 183 -1.12 -26.99 -28.02
N TYR I 184 -0.22 -27.83 -28.53
CA TYR I 184 0.58 -28.71 -27.68
C TYR I 184 1.99 -28.75 -28.26
N GLY I 185 2.79 -29.72 -27.82
CA GLY I 185 4.14 -29.87 -28.31
C GLY I 185 4.57 -31.32 -28.29
N LEU I 186 5.71 -31.57 -28.93
CA LEU I 186 6.29 -32.91 -28.99
C LEU I 186 7.77 -32.88 -28.62
N HIS J 42 -45.77 42.19 12.87
CA HIS J 42 -46.90 42.03 13.77
C HIS J 42 -46.79 40.74 14.59
N THR J 43 -47.19 39.63 13.99
CA THR J 43 -47.15 38.33 14.64
C THR J 43 -46.09 37.46 13.97
N VAL J 44 -45.27 36.81 14.78
CA VAL J 44 -44.17 35.99 14.29
C VAL J 44 -44.71 34.64 13.83
N PRO J 45 -44.43 34.21 12.60
CA PRO J 45 -44.95 32.93 12.13
C PRO J 45 -44.20 31.74 12.71
N ARG J 46 -44.85 30.99 13.61
CA ARG J 46 -44.25 29.80 14.18
C ARG J 46 -44.58 28.59 13.30
N ILE J 47 -43.54 27.88 12.86
CA ILE J 47 -43.73 26.76 11.94
C ILE J 47 -44.38 25.59 12.67
N LYS J 48 -45.14 24.79 11.94
CA LYS J 48 -45.77 23.61 12.49
C LYS J 48 -44.89 22.38 12.25
N ALA J 49 -45.16 21.33 13.03
CA ALA J 49 -44.43 20.08 12.87
C ALA J 49 -44.92 19.28 11.66
N ILE J 50 -46.22 19.31 11.40
CA ILE J 50 -46.80 18.61 10.26
C ILE J 50 -47.03 19.66 9.18
N THR J 51 -46.04 19.81 8.31
CA THR J 51 -46.16 20.75 7.19
C THR J 51 -47.18 20.23 6.18
N SER J 52 -47.83 21.18 5.49
CA SER J 52 -48.80 20.81 4.47
C SER J 52 -48.15 20.05 3.34
N LYS J 53 -46.98 20.50 2.89
CA LYS J 53 -46.27 19.85 1.78
C LYS J 53 -45.33 18.76 2.30
N MET J 54 -45.92 17.77 2.96
CA MET J 54 -45.20 16.61 3.45
C MET J 54 -46.00 15.35 3.13
N ARG J 55 -45.31 14.35 2.57
CA ARG J 55 -45.97 13.17 2.00
C ARG J 55 -46.32 12.18 3.09
N MET J 56 -47.55 12.26 3.59
CA MET J 56 -48.08 11.18 4.41
C MET J 56 -48.22 9.92 3.55
N PRO J 57 -47.84 8.75 4.06
CA PRO J 57 -48.01 7.52 3.28
C PRO J 57 -49.48 7.27 2.99
N LYS J 58 -49.75 6.78 1.77
CA LYS J 58 -51.11 6.59 1.29
C LYS J 58 -51.31 5.16 0.80
N SER J 59 -52.53 4.67 0.93
CA SER J 59 -52.91 3.36 0.42
C SER J 59 -54.32 3.44 -0.13
N LYS J 60 -54.46 3.31 -1.45
CA LYS J 60 -55.75 3.39 -2.13
C LYS J 60 -56.48 4.70 -1.80
N GLY J 61 -55.73 5.79 -1.81
CA GLY J 61 -56.29 7.11 -1.52
C GLY J 61 -56.24 7.52 -0.07
N ALA J 62 -56.63 6.62 0.83
CA ALA J 62 -56.62 6.92 2.25
C ALA J 62 -55.18 6.91 2.78
N THR J 63 -55.03 7.25 4.07
CA THR J 63 -53.74 7.34 4.72
C THR J 63 -53.57 6.18 5.69
N VAL J 64 -52.44 5.49 5.60
CA VAL J 64 -52.18 4.36 6.49
C VAL J 64 -52.02 4.82 7.93
N LEU J 65 -51.50 6.02 8.15
CA LEU J 65 -51.30 6.52 9.51
C LEU J 65 -52.60 7.09 10.07
N ASN J 66 -52.56 7.39 11.37
CA ASN J 66 -53.71 7.86 12.14
C ASN J 66 -53.29 9.15 12.85
N LEU J 67 -52.79 10.12 12.06
CA LEU J 67 -52.09 11.28 12.60
C LEU J 67 -53.02 12.24 13.33
N GLU J 68 -53.70 11.73 14.39
CA GLU J 68 -54.35 12.58 15.37
C GLU J 68 -54.00 12.04 16.76
N HIS J 69 -53.71 10.74 16.84
CA HIS J 69 -53.15 10.12 18.02
C HIS J 69 -51.69 9.77 17.86
N LEU J 70 -51.07 10.01 16.76
CA LEU J 70 -49.65 9.76 16.63
C LEU J 70 -48.92 10.73 17.53
N LEU J 71 -49.44 12.00 17.59
CA LEU J 71 -48.82 12.95 18.50
C LEU J 71 -49.09 12.60 19.96
N GLU J 72 -50.25 12.03 20.25
CA GLU J 72 -50.59 11.56 21.59
C GLU J 72 -50.20 10.09 21.77
N TYR J 73 -48.94 9.78 21.49
CA TYR J 73 -48.41 8.42 21.63
C TYR J 73 -46.93 8.54 21.95
N ALA J 74 -46.58 8.44 23.23
CA ALA J 74 -45.22 8.64 23.70
C ALA J 74 -44.82 7.50 24.62
N PRO J 75 -44.31 6.39 24.07
CA PRO J 75 -43.81 5.30 24.89
C PRO J 75 -42.35 5.48 25.27
N GLN J 76 -41.96 4.81 26.34
CA GLN J 76 -40.57 4.85 26.79
C GLN J 76 -39.68 4.12 25.79
N GLN J 77 -38.45 4.60 25.65
CA GLN J 77 -37.52 4.03 24.67
C GLN J 77 -37.07 2.62 25.05
N ILE J 78 -37.34 2.17 26.28
CA ILE J 78 -36.94 0.83 26.70
C ILE J 78 -38.09 -0.17 26.64
N ASP J 79 -39.34 0.29 26.56
CA ASP J 79 -40.49 -0.60 26.57
C ASP J 79 -40.96 -0.98 25.18
N ILE J 80 -40.31 -0.47 24.13
CA ILE J 80 -40.64 -0.82 22.76
C ILE J 80 -39.36 -1.19 22.02
N SER J 81 -38.29 -1.41 22.77
CA SER J 81 -37.00 -1.79 22.21
C SER J 81 -36.83 -3.30 22.26
N ASN J 82 -36.21 -3.86 21.21
CA ASN J 82 -36.01 -5.29 21.14
C ASN J 82 -34.75 -5.77 21.87
N THR J 83 -33.96 -4.85 22.44
CA THR J 83 -32.80 -5.26 23.22
C THR J 83 -33.21 -5.91 24.54
N ARG J 84 -34.46 -5.72 24.96
CA ARG J 84 -35.01 -6.35 26.14
C ARG J 84 -36.15 -7.27 25.74
N ALA J 85 -36.25 -8.42 26.39
CA ALA J 85 -37.35 -9.33 26.13
C ALA J 85 -38.67 -8.70 26.59
N THR J 86 -39.73 -8.98 25.85
CA THR J 86 -41.04 -8.42 26.17
C THR J 86 -41.51 -8.95 27.52
N GLN J 87 -42.38 -8.17 28.17
CA GLN J 87 -42.82 -8.52 29.52
C GLN J 87 -43.52 -9.87 29.56
N SER J 88 -44.22 -10.24 28.49
CA SER J 88 -44.87 -11.54 28.45
C SER J 88 -43.84 -12.68 28.46
N GLN J 89 -42.73 -12.51 27.71
CA GLN J 89 -41.68 -13.51 27.73
C GLN J 89 -40.88 -13.50 29.03
N PHE J 90 -40.81 -12.37 29.71
CA PHE J 90 -40.19 -12.33 31.04
C PHE J 90 -41.10 -12.96 32.08
N ASP J 91 -42.42 -12.78 31.94
CA ASP J 91 -43.35 -13.44 32.84
C ASP J 91 -43.36 -14.95 32.68
N THR J 92 -42.88 -15.45 31.54
CA THR J 92 -42.77 -16.89 31.30
C THR J 92 -41.46 -17.45 31.83
N TRP J 93 -40.34 -16.77 31.57
CA TRP J 93 -39.06 -17.22 32.09
C TRP J 93 -39.03 -17.19 33.61
N TYR J 94 -39.59 -16.13 34.21
CA TYR J 94 -39.60 -16.04 35.67
C TYR J 94 -40.52 -17.09 36.28
N GLU J 95 -41.56 -17.51 35.56
CA GLU J 95 -42.48 -18.52 36.06
C GLU J 95 -42.01 -19.94 35.75
N ALA J 96 -41.28 -20.13 34.65
CA ALA J 96 -40.74 -21.44 34.31
C ALA J 96 -39.46 -21.76 35.06
N VAL J 97 -38.84 -20.77 35.68
CA VAL J 97 -37.67 -21.01 36.52
C VAL J 97 -38.08 -21.30 37.96
N GLN J 98 -39.09 -20.58 38.46
CA GLN J 98 -39.58 -20.81 39.81
C GLN J 98 -40.12 -22.22 39.99
N LEU J 99 -40.71 -22.79 38.95
CA LEU J 99 -41.22 -24.16 39.05
C LEU J 99 -40.10 -25.19 39.06
N ALA J 100 -39.02 -24.95 38.31
CA ALA J 100 -37.92 -25.90 38.26
C ALA J 100 -37.18 -25.95 39.60
N TYR J 101 -37.03 -24.80 40.26
CA TYR J 101 -36.41 -24.77 41.58
C TYR J 101 -37.36 -25.17 42.70
N ASP J 102 -38.67 -25.25 42.42
CA ASP J 102 -39.69 -25.56 43.41
C ASP J 102 -39.68 -24.57 44.57
N ILE J 103 -39.21 -23.36 44.32
CA ILE J 103 -39.13 -22.33 45.36
C ILE J 103 -40.45 -21.59 45.44
N GLY J 104 -40.93 -21.35 46.65
CA GLY J 104 -42.17 -20.62 46.84
C GLY J 104 -42.06 -19.17 46.39
N GLU J 105 -43.22 -18.57 46.15
CA GLU J 105 -43.26 -17.20 45.64
C GLU J 105 -42.70 -16.19 46.64
N THR J 106 -42.76 -16.49 47.94
CA THR J 106 -42.18 -15.61 48.95
C THR J 106 -40.68 -15.76 49.06
N GLU J 107 -40.16 -16.97 48.86
CA GLU J 107 -38.72 -17.20 48.84
C GLU J 107 -38.13 -17.01 47.45
N MET J 108 -38.95 -16.84 46.43
CA MET J 108 -38.46 -16.69 45.05
C MET J 108 -37.60 -15.44 44.86
N PRO J 109 -38.01 -14.24 45.29
CA PRO J 109 -37.26 -13.04 44.89
C PRO J 109 -35.85 -12.97 45.46
N THR J 110 -35.61 -13.54 46.65
CA THR J 110 -34.27 -13.51 47.22
C THR J 110 -33.26 -14.23 46.34
N VAL J 111 -33.72 -15.23 45.58
CA VAL J 111 -32.84 -15.92 44.65
C VAL J 111 -32.42 -14.99 43.51
N MET J 112 -33.33 -14.14 43.04
CA MET J 112 -33.03 -13.25 41.93
C MET J 112 -32.01 -12.17 42.28
N ASN J 113 -31.81 -11.88 43.57
CA ASN J 113 -30.70 -11.00 43.95
C ASN J 113 -29.36 -11.62 43.57
N GLY J 114 -29.17 -12.89 43.94
CA GLY J 114 -27.91 -13.55 43.63
C GLY J 114 -27.71 -13.77 42.14
N LEU J 115 -28.80 -14.02 41.41
CA LEU J 115 -28.69 -14.32 39.99
C LEU J 115 -28.12 -13.14 39.22
N MET J 116 -28.55 -11.92 39.56
CA MET J 116 -28.02 -10.73 38.89
C MET J 116 -26.56 -10.50 39.28
N VAL J 117 -26.26 -10.58 40.58
CA VAL J 117 -24.88 -10.40 41.04
C VAL J 117 -23.98 -11.45 40.43
N TRP J 118 -24.43 -12.70 40.36
CA TRP J 118 -23.65 -13.72 39.69
C TRP J 118 -23.48 -13.38 38.21
N CYS J 119 -24.52 -12.85 37.58
CA CYS J 119 -24.47 -12.48 36.17
C CYS J 119 -23.70 -11.19 35.93
N ILE J 120 -23.15 -10.54 36.97
CA ILE J 120 -22.34 -9.35 36.75
C ILE J 120 -20.90 -9.72 36.48
N GLU J 121 -20.30 -10.53 37.31
CA GLU J 121 -18.95 -11.01 37.03
C GLU J 121 -18.92 -11.91 35.81
N ASN J 122 -19.89 -12.83 35.72
CA ASN J 122 -19.94 -13.79 34.63
C ASN J 122 -20.97 -13.34 33.59
N GLY J 123 -20.65 -13.58 32.32
CA GLY J 123 -21.49 -13.13 31.24
C GLY J 123 -22.81 -13.87 31.16
N THR J 124 -23.66 -13.41 30.24
CA THR J 124 -24.98 -13.98 30.05
C THR J 124 -24.98 -15.15 29.08
N SER J 125 -23.83 -15.80 28.88
CA SER J 125 -23.71 -17.00 28.06
C SER J 125 -22.97 -18.07 28.84
N PRO J 126 -23.60 -18.62 29.89
CA PRO J 126 -22.91 -19.63 30.71
C PRO J 126 -23.09 -21.03 30.17
N ASN J 127 -22.54 -22.03 30.86
CA ASN J 127 -22.72 -23.42 30.49
C ASN J 127 -24.09 -23.89 30.95
N ILE J 128 -24.88 -24.43 30.02
CA ILE J 128 -26.20 -24.93 30.38
C ILE J 128 -26.09 -26.12 31.32
N ASN J 129 -25.01 -26.89 31.21
CA ASN J 129 -24.75 -28.00 32.13
C ASN J 129 -23.85 -27.57 33.29
N GLY J 130 -24.26 -26.51 33.98
CA GLY J 130 -23.49 -25.96 35.08
C GLY J 130 -24.36 -25.41 36.20
N VAL J 131 -23.74 -24.76 37.19
CA VAL J 131 -24.44 -24.21 38.33
C VAL J 131 -23.95 -22.80 38.61
N TRP J 132 -24.78 -22.03 39.30
CA TRP J 132 -24.42 -20.69 39.76
C TRP J 132 -24.59 -20.64 41.28
N VAL J 133 -23.86 -19.72 41.91
CA VAL J 133 -23.69 -19.72 43.36
C VAL J 133 -24.21 -18.42 43.96
N MET J 134 -24.91 -18.55 45.10
CA MET J 134 -25.31 -17.40 45.90
C MET J 134 -25.25 -17.79 47.37
N MET J 135 -24.61 -16.95 48.18
CA MET J 135 -24.18 -17.32 49.52
C MET J 135 -25.23 -17.11 50.58
N ASP J 136 -25.34 -18.07 51.50
CA ASP J 136 -25.95 -17.86 52.81
C ASP J 136 -24.83 -17.47 53.78
N GLY J 137 -24.28 -16.28 53.55
CA GLY J 137 -23.18 -15.80 54.36
C GLY J 137 -21.83 -16.25 53.81
N ASP J 138 -21.27 -17.31 54.40
CA ASP J 138 -20.01 -17.88 53.94
C ASP J 138 -20.17 -19.24 53.30
N GLU J 139 -21.38 -19.80 53.28
CA GLU J 139 -21.62 -21.14 52.75
C GLU J 139 -22.19 -21.02 51.33
N GLN J 140 -21.55 -21.68 50.38
CA GLN J 140 -22.02 -21.65 49.00
C GLN J 140 -23.31 -22.46 48.85
N VAL J 141 -24.23 -21.92 48.04
CA VAL J 141 -25.45 -22.61 47.67
C VAL J 141 -25.48 -22.72 46.16
N GLU J 142 -25.69 -23.93 45.65
CA GLU J 142 -25.61 -24.21 44.22
C GLU J 142 -27.01 -24.27 43.63
N TYR J 143 -27.18 -23.62 42.47
CA TYR J 143 -28.43 -23.68 41.72
C TYR J 143 -28.13 -24.07 40.28
N PRO J 144 -28.90 -24.98 39.70
CA PRO J 144 -28.64 -25.40 38.33
C PRO J 144 -28.91 -24.29 37.34
N LEU J 145 -28.15 -24.31 36.25
CA LEU J 145 -28.27 -23.31 35.20
C LEU J 145 -29.11 -23.79 34.01
N LYS J 146 -29.74 -24.96 34.13
CA LYS J 146 -30.56 -25.44 33.02
C LYS J 146 -31.85 -24.64 32.86
N PRO J 147 -32.70 -24.47 33.88
CA PRO J 147 -33.91 -23.65 33.68
C PRO J 147 -33.61 -22.21 33.36
N ILE J 148 -32.45 -21.69 33.77
CA ILE J 148 -32.13 -20.30 33.50
C ILE J 148 -31.90 -20.06 32.01
N VAL J 149 -31.15 -20.95 31.37
CA VAL J 149 -30.80 -20.77 29.96
C VAL J 149 -31.83 -21.39 29.02
N GLU J 150 -32.34 -22.57 29.36
CA GLU J 150 -33.27 -23.27 28.47
C GLU J 150 -34.58 -22.52 28.34
N ASN J 151 -35.07 -21.93 29.42
CA ASN J 151 -36.38 -21.30 29.46
C ASN J 151 -36.33 -19.82 29.12
N ALA J 152 -35.17 -19.29 28.76
CA ALA J 152 -35.01 -17.88 28.44
C ALA J 152 -35.16 -17.70 26.93
N LYS J 153 -36.25 -17.05 26.52
CA LYS J 153 -36.53 -16.78 25.12
C LYS J 153 -36.63 -15.28 24.87
N PRO J 154 -36.12 -14.78 23.73
CA PRO J 154 -35.43 -15.53 22.68
C PRO J 154 -33.94 -15.71 23.00
N THR J 155 -33.43 -14.98 23.99
CA THR J 155 -32.03 -15.08 24.38
C THR J 155 -31.92 -14.72 25.85
N LEU J 156 -30.98 -15.36 26.54
CA LEU J 156 -30.73 -15.04 27.94
C LEU J 156 -30.24 -13.61 28.10
N ARG J 157 -29.55 -13.07 27.08
CA ARG J 157 -29.08 -11.70 27.15
C ARG J 157 -30.24 -10.72 27.23
N GLN J 158 -31.29 -10.94 26.43
CA GLN J 158 -32.44 -10.05 26.45
C GLN J 158 -33.28 -10.24 27.71
N ILE J 159 -33.37 -11.47 28.21
CA ILE J 159 -34.07 -11.70 29.46
C ILE J 159 -33.34 -11.02 30.61
N MET J 160 -32.01 -11.14 30.65
CA MET J 160 -31.21 -10.50 31.68
C MET J 160 -31.11 -8.99 31.49
N ALA J 161 -31.50 -8.47 30.33
CA ALA J 161 -31.43 -7.03 30.08
C ALA J 161 -32.41 -6.25 30.95
N HIS J 162 -33.42 -6.92 31.52
CA HIS J 162 -34.32 -6.25 32.44
C HIS J 162 -33.59 -5.74 33.68
N PHE J 163 -32.64 -6.54 34.18
CA PHE J 163 -31.86 -6.18 35.35
C PHE J 163 -30.83 -5.09 35.09
N SER J 164 -30.81 -4.51 33.88
CA SER J 164 -29.78 -3.54 33.54
C SER J 164 -29.87 -2.29 34.41
N ASP J 165 -31.10 -1.83 34.68
CA ASP J 165 -31.27 -0.63 35.49
C ASP J 165 -30.73 -0.82 36.91
N VAL J 166 -30.98 -1.99 37.49
CA VAL J 166 -30.53 -2.24 38.86
C VAL J 166 -29.06 -2.66 38.87
N ALA J 167 -28.56 -3.21 37.76
CA ALA J 167 -27.17 -3.63 37.70
C ALA J 167 -26.24 -2.45 37.92
N GLU J 168 -26.51 -1.33 37.25
CA GLU J 168 -25.72 -0.13 37.48
C GLU J 168 -25.92 0.41 38.89
N ALA J 169 -27.15 0.35 39.39
CA ALA J 169 -27.43 0.84 40.73
C ALA J 169 -26.77 0.00 41.81
N TYR J 170 -26.34 -1.22 41.48
CA TYR J 170 -25.64 -2.09 42.43
C TYR J 170 -24.13 -1.99 42.31
N ILE J 171 -23.60 -1.91 41.08
CA ILE J 171 -22.16 -1.79 40.89
C ILE J 171 -21.67 -0.47 41.48
N GLU J 172 -22.38 0.63 41.20
CA GLU J 172 -21.96 1.93 41.70
C GLU J 172 -22.10 2.02 43.22
N MET J 173 -23.09 1.34 43.79
CA MET J 173 -23.29 1.39 45.24
C MET J 173 -22.12 0.75 45.98
N ARG J 174 -21.62 -0.38 45.46
CA ARG J 174 -20.46 -1.01 46.08
C ARG J 174 -19.16 -0.28 45.79
N ASN J 175 -19.03 0.32 44.60
CA ASN J 175 -17.80 1.02 44.25
C ASN J 175 -17.47 2.12 45.25
N LYS J 176 -18.49 2.67 45.91
CA LYS J 176 -18.25 3.65 46.97
C LYS J 176 -17.48 3.02 48.12
N LYS J 177 -17.82 1.78 48.47
CA LYS J 177 -17.15 1.11 49.60
C LYS J 177 -15.82 0.50 49.16
N GLU J 178 -15.86 -0.46 48.24
CA GLU J 178 -14.68 -1.15 47.75
C GLU J 178 -14.78 -1.28 46.23
N PRO J 179 -13.64 -1.37 45.53
CA PRO J 179 -13.68 -1.52 44.07
C PRO J 179 -14.43 -2.80 43.68
N TYR J 180 -15.27 -2.67 42.64
CA TYR J 180 -16.04 -3.79 42.12
C TYR J 180 -15.99 -3.77 40.59
N MET J 181 -14.78 -3.65 40.05
CA MET J 181 -14.58 -3.63 38.60
C MET J 181 -14.94 -5.01 38.05
N PRO J 182 -16.02 -5.14 37.28
CA PRO J 182 -16.52 -6.46 36.89
C PRO J 182 -15.86 -6.95 35.60
N ARG J 183 -16.25 -8.15 35.19
CA ARG J 183 -15.73 -8.76 33.97
C ARG J 183 -16.69 -8.76 32.80
N TYR J 184 -17.99 -8.88 33.07
CA TYR J 184 -19.01 -8.85 32.02
C TYR J 184 -20.20 -8.06 32.55
N GLY J 185 -21.34 -8.17 31.86
CA GLY J 185 -22.54 -7.49 32.28
C GLY J 185 -23.78 -8.28 31.89
N LEU J 186 -24.91 -7.84 32.43
CA LEU J 186 -26.20 -8.46 32.13
C LEU J 186 -27.25 -7.41 31.77
N HIS K 42 -29.17 26.09 51.83
CA HIS K 42 -29.37 25.53 53.16
C HIS K 42 -28.74 24.15 53.29
N THR K 43 -29.47 23.13 52.82
CA THR K 43 -29.01 21.75 52.87
C THR K 43 -28.71 21.26 51.46
N VAL K 44 -27.57 20.62 51.30
CA VAL K 44 -27.12 20.14 49.99
C VAL K 44 -27.85 18.84 49.65
N PRO K 45 -28.50 18.75 48.49
CA PRO K 45 -29.22 17.52 48.14
C PRO K 45 -28.29 16.40 47.71
N ARG K 46 -28.15 15.37 48.55
CA ARG K 46 -27.35 14.21 48.21
C ARG K 46 -28.20 13.18 47.47
N ILE K 47 -27.77 12.79 46.28
CA ILE K 47 -28.55 11.88 45.46
C ILE K 47 -28.53 10.48 46.06
N LYS K 48 -29.60 9.73 45.83
CA LYS K 48 -29.70 8.36 46.29
C LYS K 48 -29.24 7.39 45.19
N ALA K 49 -28.92 6.17 45.61
CA ALA K 49 -28.51 5.14 44.66
C ALA K 49 -29.71 4.55 43.93
N ILE K 50 -30.84 4.38 44.61
CA ILE K 50 -32.05 3.86 44.01
C ILE K 50 -32.94 5.05 43.71
N THR K 51 -32.83 5.57 42.49
CA THR K 51 -33.67 6.69 42.07
C THR K 51 -35.11 6.22 41.90
N SER K 52 -36.04 7.16 42.12
CA SER K 52 -37.46 6.85 41.95
C SER K 52 -37.77 6.48 40.51
N LYS K 53 -37.22 7.22 39.55
CA LYS K 53 -37.48 6.97 38.13
C LYS K 53 -36.46 5.99 37.55
N MET K 54 -36.46 4.79 38.13
CA MET K 54 -35.60 3.71 37.66
C MET K 54 -36.42 2.41 37.61
N ARG K 55 -36.33 1.71 36.49
CA ARG K 55 -37.21 0.58 36.19
C ARG K 55 -36.72 -0.68 36.90
N MET K 56 -37.28 -0.93 38.08
CA MET K 56 -37.11 -2.24 38.68
C MET K 56 -37.82 -3.29 37.84
N PRO K 57 -37.21 -4.45 37.60
CA PRO K 57 -37.89 -5.50 36.83
C PRO K 57 -39.17 -5.94 37.53
N LYS K 58 -40.20 -6.20 36.73
CA LYS K 58 -41.53 -6.54 37.24
C LYS K 58 -42.02 -7.83 36.62
N SER K 59 -42.83 -8.56 37.38
CA SER K 59 -43.47 -9.78 36.91
C SER K 59 -44.87 -9.84 37.49
N LYS K 60 -45.89 -9.71 36.63
CA LYS K 60 -47.30 -9.72 37.04
C LYS K 60 -47.57 -8.67 38.11
N GLY K 61 -47.02 -7.49 37.92
CA GLY K 61 -47.21 -6.39 38.87
C GLY K 61 -46.17 -6.30 39.96
N ALA K 62 -45.84 -7.42 40.58
CA ALA K 62 -44.85 -7.44 41.65
C ALA K 62 -43.44 -7.30 41.06
N THR K 63 -42.46 -7.23 41.95
CA THR K 63 -41.07 -7.04 41.56
C THR K 63 -40.29 -8.33 41.80
N VAL K 64 -39.53 -8.76 40.80
CA VAL K 64 -38.76 -9.99 40.92
C VAL K 64 -37.64 -9.83 41.95
N LEU K 65 -37.10 -8.62 42.10
CA LEU K 65 -36.02 -8.40 43.04
C LEU K 65 -36.56 -8.22 44.45
N ASN K 66 -35.62 -8.20 45.41
CA ASN K 66 -35.94 -8.13 46.84
C ASN K 66 -35.12 -6.97 47.42
N LEU K 67 -35.29 -5.78 46.82
CA LEU K 67 -34.38 -4.65 47.05
C LEU K 67 -34.56 -4.07 48.45
N GLU K 68 -34.32 -4.90 49.49
CA GLU K 68 -34.10 -4.43 50.84
C GLU K 68 -32.90 -5.17 51.41
N HIS K 69 -32.66 -6.38 50.91
CA HIS K 69 -31.45 -7.13 51.19
C HIS K 69 -30.50 -7.16 50.00
N LEU K 70 -30.81 -6.58 48.90
CA LEU K 70 -29.88 -6.52 47.79
C LEU K 70 -28.71 -5.65 48.22
N LEU K 71 -29.02 -4.55 48.96
CA LEU K 71 -27.92 -3.72 49.44
C LEU K 71 -27.13 -4.41 50.55
N GLU K 72 -27.78 -5.24 51.35
CA GLU K 72 -27.10 -6.05 52.37
C GLU K 72 -26.72 -7.42 51.82
N TYR K 73 -26.00 -7.43 50.70
CA TYR K 73 -25.55 -8.66 50.08
C TYR K 73 -24.25 -8.34 49.34
N ALA K 74 -23.12 -8.65 49.97
CA ALA K 74 -21.80 -8.31 49.45
C ALA K 74 -20.89 -9.53 49.49
N PRO K 75 -20.93 -10.37 48.46
CA PRO K 75 -20.01 -11.51 48.39
C PRO K 75 -18.69 -11.14 47.73
N GLN K 76 -17.68 -11.95 48.03
CA GLN K 76 -16.37 -11.75 47.44
C GLN K 76 -16.41 -12.07 45.95
N GLN K 77 -15.62 -11.34 45.16
CA GLN K 77 -15.61 -11.51 43.72
C GLN K 77 -15.05 -12.86 43.28
N ILE K 78 -14.41 -13.60 44.17
CA ILE K 78 -13.85 -14.90 43.82
C ILE K 78 -14.74 -16.07 44.26
N ASP K 79 -15.69 -15.84 45.16
CA ASP K 79 -16.53 -16.91 45.69
C ASP K 79 -17.84 -17.06 44.92
N ILE K 80 -18.08 -16.22 43.92
CA ILE K 80 -19.27 -16.33 43.08
C ILE K 80 -18.86 -16.29 41.62
N SER K 81 -17.57 -16.46 41.36
CA SER K 81 -17.02 -16.46 40.01
C SER K 81 -16.88 -17.89 39.50
N ASN K 82 -17.16 -18.08 38.22
CA ASN K 82 -17.08 -19.41 37.62
C ASN K 82 -15.68 -19.79 37.16
N THR K 83 -14.70 -18.88 37.28
CA THR K 83 -13.33 -19.23 36.94
C THR K 83 -12.73 -20.21 37.95
N ARG K 84 -13.33 -20.35 39.12
CA ARG K 84 -12.94 -21.32 40.13
C ARG K 84 -14.05 -22.32 40.33
N ALA K 85 -13.69 -23.59 40.54
CA ALA K 85 -14.68 -24.61 40.83
C ALA K 85 -15.31 -24.34 42.19
N THR K 86 -16.60 -24.65 42.30
CA THR K 86 -17.32 -24.42 43.55
C THR K 86 -16.75 -25.32 44.65
N GLN K 87 -16.91 -24.87 45.89
CA GLN K 87 -16.31 -25.56 47.03
C GLN K 87 -16.81 -27.00 47.13
N SER K 88 -18.07 -27.25 46.75
CA SER K 88 -18.58 -28.61 46.77
C SER K 88 -17.84 -29.51 45.78
N GLN K 89 -17.54 -28.99 44.59
CA GLN K 89 -16.79 -29.76 43.61
C GLN K 89 -15.32 -29.88 43.98
N PHE K 90 -14.78 -28.92 44.74
CA PHE K 90 -13.42 -29.07 45.25
C PHE K 90 -13.37 -30.05 46.41
N ASP K 91 -14.41 -30.10 47.22
CA ASP K 91 -14.48 -31.10 48.29
C ASP K 91 -14.62 -32.52 47.74
N THR K 92 -15.07 -32.66 46.50
CA THR K 92 -15.17 -33.97 45.86
C THR K 92 -13.86 -34.38 45.19
N TRP K 93 -13.23 -33.46 44.47
CA TRP K 93 -11.95 -33.77 43.85
C TRP K 93 -10.88 -34.07 44.89
N TYR K 94 -10.85 -33.28 45.97
CA TYR K 94 -9.86 -33.51 47.01
C TYR K 94 -10.12 -34.82 47.75
N GLU K 95 -11.37 -35.26 47.83
CA GLU K 95 -11.71 -36.50 48.49
C GLU K 95 -11.61 -37.71 47.56
N ALA K 96 -11.84 -37.52 46.27
CA ALA K 96 -11.70 -38.60 45.30
C ALA K 96 -10.26 -38.85 44.88
N VAL K 97 -9.36 -37.91 45.17
CA VAL K 97 -7.93 -38.10 44.93
C VAL K 97 -7.25 -38.76 46.11
N GLN K 98 -7.64 -38.36 47.33
CA GLN K 98 -7.06 -38.97 48.53
C GLN K 98 -7.34 -40.46 48.60
N LEU K 99 -8.51 -40.90 48.12
CA LEU K 99 -8.82 -42.32 48.13
C LEU K 99 -8.02 -43.10 47.10
N ALA K 100 -7.76 -42.50 45.93
CA ALA K 100 -6.99 -43.21 44.90
C ALA K 100 -5.54 -43.41 45.34
N TYR K 101 -4.96 -42.43 46.01
CA TYR K 101 -3.61 -42.56 46.52
C TYR K 101 -3.53 -43.36 47.81
N ASP K 102 -4.67 -43.62 48.45
CA ASP K 102 -4.73 -44.33 49.74
C ASP K 102 -3.91 -43.62 50.82
N ILE K 103 -3.72 -42.32 50.69
CA ILE K 103 -2.94 -41.55 51.64
C ILE K 103 -3.84 -41.09 52.78
N GLY K 104 -3.34 -41.20 54.01
CA GLY K 104 -4.11 -40.78 55.16
C GLY K 104 -4.30 -39.28 55.19
N GLU K 105 -5.31 -38.85 55.96
CA GLU K 105 -5.66 -37.44 56.03
C GLU K 105 -4.56 -36.59 56.64
N THR K 106 -3.71 -37.17 57.49
CA THR K 106 -2.59 -36.43 58.05
C THR K 106 -1.41 -36.33 57.10
N GLU K 107 -1.20 -37.34 56.27
CA GLU K 107 -0.17 -37.29 55.23
C GLU K 107 -0.70 -36.70 53.93
N MET K 108 -2.01 -36.48 53.82
CA MET K 108 -2.58 -35.94 52.59
C MET K 108 -2.07 -34.55 52.24
N PRO K 109 -2.06 -33.56 53.15
CA PRO K 109 -1.77 -32.19 52.71
C PRO K 109 -0.35 -31.98 52.20
N THR K 110 0.63 -32.74 52.69
CA THR K 110 2.00 -32.58 52.21
C THR K 110 2.11 -32.91 50.73
N VAL K 111 1.24 -33.78 50.23
CA VAL K 111 1.23 -34.08 48.80
C VAL K 111 0.78 -32.86 48.00
N MET K 112 -0.20 -32.12 48.52
CA MET K 112 -0.73 -30.97 47.79
C MET K 112 0.26 -29.82 47.67
N ASN K 113 1.31 -29.79 48.51
CA ASN K 113 2.37 -28.81 48.29
C ASN K 113 3.08 -29.08 46.98
N GLY K 114 3.46 -30.33 46.74
CA GLY K 114 4.14 -30.68 45.50
C GLY K 114 3.25 -30.53 44.28
N LEU K 115 1.96 -30.81 44.42
CA LEU K 115 1.06 -30.77 43.27
C LEU K 115 0.97 -29.37 42.70
N MET K 116 0.89 -28.35 43.56
CA MET K 116 0.85 -26.96 43.09
C MET K 116 2.17 -26.57 42.45
N VAL K 117 3.29 -26.87 43.13
CA VAL K 117 4.60 -26.54 42.60
C VAL K 117 4.82 -27.24 41.27
N TRP K 118 4.43 -28.51 41.16
CA TRP K 118 4.52 -29.20 39.89
C TRP K 118 3.63 -28.53 38.85
N CYS K 119 2.45 -28.07 39.25
CA CYS K 119 1.53 -27.40 38.35
C CYS K 119 1.93 -25.97 38.03
N ILE K 120 3.05 -25.48 38.58
CA ILE K 120 3.51 -24.14 38.24
C ILE K 120 4.37 -24.16 36.98
N GLU K 121 5.36 -25.01 36.93
CA GLU K 121 6.15 -25.16 35.71
C GLU K 121 5.31 -25.76 34.58
N ASN K 122 4.53 -26.79 34.91
CA ASN K 122 3.73 -27.48 33.91
C ASN K 122 2.28 -27.02 34.01
N GLY K 123 1.64 -26.92 32.85
CA GLY K 123 0.28 -26.41 32.77
C GLY K 123 -0.74 -27.34 33.39
N THR K 124 -1.98 -26.86 33.45
CA THR K 124 -3.09 -27.61 34.02
C THR K 124 -3.77 -28.54 33.02
N SER K 125 -3.08 -28.89 31.94
CA SER K 125 -3.58 -29.85 30.94
C SER K 125 -2.51 -30.90 30.70
N PRO K 126 -2.25 -31.78 31.68
CA PRO K 126 -1.21 -32.79 31.51
C PRO K 126 -1.74 -34.06 30.86
N ASN K 127 -0.87 -35.05 30.69
CA ASN K 127 -1.27 -36.34 30.15
C ASN K 127 -1.95 -37.15 31.24
N ILE K 128 -3.18 -37.61 30.97
CA ILE K 128 -3.90 -38.42 31.96
C ILE K 128 -3.18 -39.73 32.20
N ASN K 129 -2.49 -40.25 31.19
CA ASN K 129 -1.68 -41.47 31.33
C ASN K 129 -0.23 -41.13 31.67
N GLY K 130 -0.04 -40.34 32.72
CA GLY K 130 1.29 -39.91 33.13
C GLY K 130 1.43 -39.78 34.64
N VAL K 131 2.58 -39.27 35.08
CA VAL K 131 2.87 -39.12 36.51
C VAL K 131 3.43 -37.73 36.76
N TRP K 132 3.31 -37.28 38.01
CA TRP K 132 3.92 -36.04 38.48
C TRP K 132 4.83 -36.35 39.66
N VAL K 133 5.82 -35.47 39.87
CA VAL K 133 6.93 -35.75 40.77
C VAL K 133 6.98 -34.73 41.90
N MET K 134 7.26 -35.22 43.11
CA MET K 134 7.54 -34.38 44.26
C MET K 134 8.59 -35.06 45.13
N MET K 135 9.61 -34.30 45.50
CA MET K 135 10.84 -34.88 46.03
C MET K 135 10.82 -35.09 47.53
N ASP K 136 11.36 -36.23 47.96
CA ASP K 136 11.82 -36.42 49.34
C ASP K 136 13.30 -36.06 49.38
N GLY K 137 13.56 -34.76 49.20
CA GLY K 137 14.92 -34.28 49.16
C GLY K 137 15.51 -34.33 47.76
N ASP K 138 16.32 -35.37 47.49
CA ASP K 138 16.91 -35.58 46.19
C ASP K 138 16.33 -36.79 45.46
N GLU K 139 15.43 -37.54 46.08
CA GLU K 139 14.86 -38.74 45.50
C GLU K 139 13.48 -38.43 44.94
N GLN K 140 13.29 -38.76 43.66
CA GLN K 140 12.00 -38.51 43.02
C GLN K 140 10.94 -39.48 43.53
N VAL K 141 9.74 -38.97 43.74
CA VAL K 141 8.57 -39.77 44.10
C VAL K 141 7.51 -39.56 43.04
N GLU K 142 7.00 -40.65 42.48
CA GLU K 142 6.07 -40.60 41.37
C GLU K 142 4.64 -40.79 41.86
N TYR K 143 3.73 -39.95 41.35
CA TYR K 143 2.32 -40.07 41.64
C TYR K 143 1.52 -40.07 40.34
N PRO K 144 0.55 -40.97 40.19
CA PRO K 144 -0.20 -41.03 38.95
C PRO K 144 -1.07 -39.80 38.76
N LEU K 145 -1.28 -39.45 37.49
CA LEU K 145 -2.06 -38.28 37.12
C LEU K 145 -3.48 -38.64 36.73
N LYS K 146 -3.89 -39.90 36.89
CA LYS K 146 -5.25 -40.29 36.53
C LYS K 146 -6.28 -39.72 37.50
N PRO K 147 -6.19 -39.93 38.81
CA PRO K 147 -7.19 -39.33 39.71
C PRO K 147 -7.19 -37.81 39.70
N ILE K 148 -6.05 -37.19 39.36
CA ILE K 148 -5.98 -35.74 39.36
C ILE K 148 -6.83 -35.15 38.24
N VAL K 149 -6.76 -35.74 37.05
CA VAL K 149 -7.46 -35.18 35.89
C VAL K 149 -8.86 -35.76 35.74
N GLU K 150 -9.01 -37.07 35.98
CA GLU K 150 -10.32 -37.71 35.78
C GLU K 150 -11.35 -37.20 36.77
N ASN K 151 -10.94 -36.98 38.02
CA ASN K 151 -11.87 -36.62 39.08
C ASN K 151 -12.04 -35.11 39.24
N ALA K 152 -11.44 -34.31 38.38
CA ALA K 152 -11.53 -32.86 38.44
C ALA K 152 -12.67 -32.39 37.55
N LYS K 153 -13.73 -31.88 38.17
CA LYS K 153 -14.89 -31.38 37.46
C LYS K 153 -15.11 -29.91 37.79
N PRO K 154 -15.52 -29.10 36.79
CA PRO K 154 -15.75 -29.44 35.39
C PRO K 154 -14.46 -29.41 34.57
N THR K 155 -13.40 -28.84 35.13
CA THR K 155 -12.11 -28.75 34.45
C THR K 155 -11.01 -28.70 35.49
N LEU K 156 -9.87 -29.30 35.17
CA LEU K 156 -8.72 -29.24 36.07
C LEU K 156 -8.23 -27.82 36.26
N ARG K 157 -8.42 -26.96 35.25
CA ARG K 157 -8.01 -25.56 35.38
C ARG K 157 -8.78 -24.86 36.48
N GLN K 158 -10.10 -25.09 36.55
CA GLN K 158 -10.90 -24.45 37.58
C GLN K 158 -10.66 -25.06 38.95
N ILE K 159 -10.39 -26.36 39.02
CA ILE K 159 -10.04 -26.99 40.29
C ILE K 159 -8.71 -26.46 40.79
N MET K 160 -7.72 -26.33 39.90
CA MET K 160 -6.43 -25.79 40.27
C MET K 160 -6.46 -24.28 40.50
N ALA K 161 -7.54 -23.59 40.10
CA ALA K 161 -7.63 -22.16 40.29
C ALA K 161 -7.75 -21.77 41.76
N HIS K 162 -8.08 -22.73 42.64
CA HIS K 162 -8.11 -22.45 44.06
C HIS K 162 -6.71 -22.10 44.58
N PHE K 163 -5.69 -22.78 44.07
CA PHE K 163 -4.31 -22.55 44.47
C PHE K 163 -3.73 -21.25 43.91
N SER K 164 -4.53 -20.44 43.22
CA SER K 164 -4.00 -19.25 42.58
C SER K 164 -3.47 -18.25 43.60
N ASP K 165 -4.15 -18.10 44.73
CA ASP K 165 -3.70 -17.15 45.75
C ASP K 165 -2.35 -17.55 46.32
N VAL K 166 -2.14 -18.84 46.56
CA VAL K 166 -0.88 -19.28 47.13
C VAL K 166 0.19 -19.43 46.06
N ALA K 167 -0.21 -19.62 44.81
CA ALA K 167 0.76 -19.75 43.72
C ALA K 167 1.60 -18.49 43.58
N GLU K 168 0.95 -17.32 43.61
CA GLU K 168 1.69 -16.07 43.59
C GLU K 168 2.52 -15.89 44.85
N ALA K 169 1.98 -16.29 46.00
CA ALA K 169 2.70 -16.16 47.26
C ALA K 169 3.93 -17.08 47.33
N TYR K 170 3.98 -18.11 46.47
CA TYR K 170 5.13 -19.00 46.41
C TYR K 170 6.15 -18.60 45.35
N ILE K 171 5.68 -18.18 44.17
CA ILE K 171 6.60 -17.74 43.12
C ILE K 171 7.38 -16.51 43.58
N GLU K 172 6.69 -15.53 44.17
CA GLU K 172 7.36 -14.32 44.61
C GLU K 172 8.30 -14.59 45.78
N MET K 173 7.97 -15.55 46.64
CA MET K 173 8.82 -15.84 47.79
C MET K 173 10.17 -16.39 47.34
N ARG K 174 10.16 -17.27 46.34
CA ARG K 174 11.42 -17.81 45.82
C ARG K 174 12.17 -16.80 44.95
N ASN K 175 11.45 -15.95 44.22
CA ASN K 175 12.12 -14.97 43.36
C ASN K 175 13.06 -14.06 44.15
N LYS K 176 12.78 -13.86 45.44
CA LYS K 176 13.70 -13.12 46.29
C LYS K 176 15.05 -13.82 46.41
N LYS K 177 15.02 -15.15 46.52
CA LYS K 177 16.27 -15.91 46.66
C LYS K 177 16.93 -16.16 45.31
N GLU K 178 16.24 -16.89 44.42
CA GLU K 178 16.75 -17.22 43.10
C GLU K 178 15.64 -17.05 42.08
N PRO K 179 15.99 -16.76 40.82
CA PRO K 179 14.95 -16.61 39.80
C PRO K 179 14.12 -17.88 39.64
N TYR K 180 12.80 -17.69 39.53
CA TYR K 180 11.85 -18.79 39.36
C TYR K 180 10.85 -18.44 38.27
N MET K 181 11.35 -17.98 37.13
CA MET K 181 10.51 -17.62 36.00
C MET K 181 9.84 -18.88 35.46
N PRO K 182 8.53 -19.04 35.61
CA PRO K 182 7.88 -20.31 35.29
C PRO K 182 7.46 -20.39 33.82
N ARG K 183 6.87 -21.52 33.45
CA ARG K 183 6.41 -21.74 32.09
C ARG K 183 4.91 -21.67 31.92
N TYR K 184 4.15 -22.08 32.93
CA TYR K 184 2.68 -22.02 32.89
C TYR K 184 2.19 -21.59 34.26
N GLY K 185 0.89 -21.77 34.51
CA GLY K 185 0.32 -21.43 35.80
C GLY K 185 -0.86 -22.33 36.12
N LEU K 186 -1.30 -22.23 37.36
CA LEU K 186 -2.45 -23.00 37.84
C LEU K 186 -3.44 -22.10 38.57
N HIS L 42 -29.02 46.32 -29.01
CA HIS L 42 -30.47 46.41 -29.11
C HIS L 42 -31.17 45.41 -28.19
N THR L 43 -31.26 44.17 -28.65
CA THR L 43 -31.90 43.10 -27.90
C THR L 43 -30.85 42.10 -27.45
N VAL L 44 -30.92 41.71 -26.18
CA VAL L 44 -29.94 40.81 -25.58
C VAL L 44 -30.28 39.37 -25.98
N PRO L 45 -29.34 38.61 -26.54
CA PRO L 45 -29.64 37.24 -26.96
C PRO L 45 -29.71 36.27 -25.78
N ARG L 46 -30.91 35.81 -25.44
CA ARG L 46 -31.08 34.84 -24.38
C ARG L 46 -30.95 33.42 -24.96
N ILE L 47 -30.04 32.63 -24.39
CA ILE L 47 -29.78 31.30 -24.91
C ILE L 47 -30.95 30.37 -24.59
N LYS L 48 -31.16 29.39 -25.46
CA LYS L 48 -32.21 28.40 -25.26
C LYS L 48 -31.64 27.17 -24.56
N ALA L 49 -32.54 26.37 -23.98
CA ALA L 49 -32.14 25.14 -23.31
C ALA L 49 -31.84 24.03 -24.32
N ILE L 50 -32.61 23.96 -25.40
CA ILE L 50 -32.40 22.96 -26.44
C ILE L 50 -31.65 23.65 -27.56
N THR L 51 -30.33 23.57 -27.53
CA THR L 51 -29.50 24.14 -28.58
C THR L 51 -29.67 23.35 -29.87
N SER L 52 -29.51 24.05 -31.00
CA SER L 52 -29.61 23.40 -32.30
C SER L 52 -28.52 22.35 -32.48
N LYS L 53 -27.29 22.67 -32.07
CA LYS L 53 -26.17 21.75 -32.22
C LYS L 53 -26.02 20.86 -30.98
N MET L 54 -27.08 20.09 -30.71
CA MET L 54 -27.10 19.14 -29.62
C MET L 54 -27.69 17.82 -30.11
N ARG L 55 -27.01 16.72 -29.83
CA ARG L 55 -27.33 15.41 -30.42
C ARG L 55 -28.49 14.76 -29.69
N MET L 56 -29.70 14.96 -30.21
CA MET L 56 -30.82 14.15 -29.76
C MET L 56 -30.59 12.71 -30.19
N PRO L 57 -30.87 11.73 -29.31
CA PRO L 57 -30.71 10.32 -29.71
C PRO L 57 -31.62 9.98 -30.88
N LYS L 58 -31.11 9.17 -31.80
CA LYS L 58 -31.81 8.83 -33.03
C LYS L 58 -31.89 7.32 -33.19
N SER L 59 -32.95 6.87 -33.84
CA SER L 59 -33.13 5.45 -34.17
C SER L 59 -33.78 5.36 -35.55
N LYS L 60 -33.03 4.85 -36.52
CA LYS L 60 -33.51 4.72 -37.90
C LYS L 60 -34.00 6.05 -38.45
N GLY L 61 -33.25 7.12 -38.18
CA GLY L 61 -33.61 8.45 -38.65
C GLY L 61 -34.46 9.26 -37.70
N ALA L 62 -35.50 8.64 -37.15
CA ALA L 62 -36.38 9.34 -36.22
C ALA L 62 -35.69 9.50 -34.87
N THR L 63 -36.37 10.18 -33.95
CA THR L 63 -35.85 10.48 -32.62
C THR L 63 -36.59 9.64 -31.58
N VAL L 64 -35.83 8.98 -30.71
CA VAL L 64 -36.44 8.15 -29.68
C VAL L 64 -37.20 9.00 -28.66
N LEU L 65 -36.75 10.23 -28.43
CA LEU L 65 -37.41 11.09 -27.45
C LEU L 65 -38.62 11.78 -28.08
N ASN L 66 -39.39 12.44 -27.21
CA ASN L 66 -40.65 13.09 -27.57
C ASN L 66 -40.58 14.53 -27.07
N LEU L 67 -39.51 15.24 -27.48
CA LEU L 67 -39.14 16.52 -26.88
C LEU L 67 -40.13 17.63 -27.22
N GLU L 68 -41.41 17.43 -26.85
CA GLU L 68 -42.38 18.51 -26.79
C GLU L 68 -43.14 18.40 -25.47
N HIS L 69 -43.23 17.18 -24.95
CA HIS L 69 -43.73 16.93 -23.60
C HIS L 69 -42.61 16.57 -22.63
N LEU L 70 -41.40 16.49 -23.03
CA LEU L 70 -40.32 16.24 -22.08
C LEU L 70 -40.22 17.44 -21.15
N LEU L 71 -40.40 18.67 -21.75
CA LEU L 71 -40.38 19.84 -20.89
C LEU L 71 -41.61 19.92 -20.00
N GLU L 72 -42.75 19.44 -20.48
CA GLU L 72 -43.96 19.36 -19.67
C GLU L 72 -44.07 18.01 -18.97
N TYR L 73 -43.02 17.65 -18.22
CA TYR L 73 -43.00 16.39 -17.47
C TYR L 73 -42.11 16.62 -16.25
N ALA L 74 -42.73 16.90 -15.11
CA ALA L 74 -42.01 17.24 -13.88
C ALA L 74 -42.54 16.40 -12.73
N PRO L 75 -42.01 15.20 -12.52
CA PRO L 75 -42.40 14.38 -11.37
C PRO L 75 -41.55 14.70 -10.14
N GLN L 76 -42.11 14.36 -8.99
CA GLN L 76 -41.39 14.55 -7.73
C GLN L 76 -40.22 13.58 -7.65
N GLN L 77 -39.14 14.02 -7.01
CA GLN L 77 -37.93 13.21 -6.91
C GLN L 77 -38.12 11.96 -6.04
N ILE L 78 -39.20 11.87 -5.29
CA ILE L 78 -39.44 10.71 -4.44
C ILE L 78 -40.41 9.72 -5.04
N ASP L 79 -41.19 10.13 -6.06
CA ASP L 79 -42.19 9.26 -6.65
C ASP L 79 -41.68 8.50 -7.86
N ILE L 80 -40.42 8.70 -8.26
CA ILE L 80 -39.82 7.97 -9.36
C ILE L 80 -38.47 7.42 -8.90
N SER L 81 -38.24 7.43 -7.60
CA SER L 81 -36.99 6.94 -7.02
C SER L 81 -37.18 5.51 -6.54
N ASN L 82 -36.15 4.68 -6.71
CA ASN L 82 -36.21 3.29 -6.32
C ASN L 82 -35.87 3.06 -4.85
N THR L 83 -35.50 4.11 -4.11
CA THR L 83 -35.26 3.96 -2.68
C THR L 83 -36.55 3.70 -1.91
N ARG L 84 -37.70 3.99 -2.52
CA ARG L 84 -39.00 3.70 -1.94
C ARG L 84 -39.72 2.69 -2.81
N ALA L 85 -40.45 1.77 -2.17
CA ALA L 85 -41.25 0.81 -2.91
C ALA L 85 -42.38 1.52 -3.64
N THR L 86 -42.71 1.02 -4.83
CA THR L 86 -43.77 1.64 -5.62
C THR L 86 -45.12 1.50 -4.90
N GLN L 87 -46.03 2.43 -5.21
CA GLN L 87 -47.30 2.47 -4.50
C GLN L 87 -48.09 1.18 -4.67
N SER L 88 -47.96 0.51 -5.81
CA SER L 88 -48.64 -0.77 -6.02
C SER L 88 -48.11 -1.83 -5.05
N GLN L 89 -46.79 -1.87 -4.84
CA GLN L 89 -46.22 -2.80 -3.88
C GLN L 89 -46.50 -2.42 -2.44
N PHE L 90 -46.69 -1.13 -2.16
CA PHE L 90 -47.11 -0.72 -0.83
C PHE L 90 -48.58 -1.03 -0.59
N ASP L 91 -49.41 -0.93 -1.64
CA ASP L 91 -50.82 -1.31 -1.51
C ASP L 91 -50.98 -2.81 -1.30
N THR L 92 -49.97 -3.61 -1.66
CA THR L 92 -50.00 -5.04 -1.44
C THR L 92 -49.51 -5.42 -0.05
N TRP L 93 -48.40 -4.82 0.38
CA TRP L 93 -47.89 -5.09 1.73
C TRP L 93 -48.88 -4.63 2.80
N TYR L 94 -49.47 -3.45 2.61
CA TYR L 94 -50.44 -2.96 3.59
C TYR L 94 -51.71 -3.80 3.60
N GLU L 95 -52.06 -4.42 2.49
CA GLU L 95 -53.24 -5.27 2.42
C GLU L 95 -52.96 -6.70 2.82
N ALA L 96 -51.74 -7.19 2.61
CA ALA L 96 -51.37 -8.52 3.01
C ALA L 96 -51.00 -8.61 4.49
N VAL L 97 -50.77 -7.47 5.14
CA VAL L 97 -50.52 -7.44 6.58
C VAL L 97 -51.84 -7.31 7.36
N GLN L 98 -52.76 -6.50 6.84
CA GLN L 98 -54.06 -6.34 7.50
C GLN L 98 -54.83 -7.65 7.57
N LEU L 99 -54.67 -8.51 6.55
CA LEU L 99 -55.36 -9.79 6.56
C LEU L 99 -54.74 -10.76 7.56
N ALA L 100 -53.42 -10.73 7.73
CA ALA L 100 -52.77 -11.63 8.67
C ALA L 100 -53.13 -11.30 10.11
N TYR L 101 -53.25 -10.01 10.43
CA TYR L 101 -53.66 -9.59 11.76
C TYR L 101 -55.16 -9.68 11.96
N ASP L 102 -55.93 -9.86 10.89
CA ASP L 102 -57.40 -9.88 10.94
C ASP L 102 -57.97 -8.61 11.54
N ILE L 103 -57.25 -7.50 11.43
CA ILE L 103 -57.69 -6.23 11.98
C ILE L 103 -58.56 -5.51 10.96
N GLY L 104 -59.66 -4.93 11.43
CA GLY L 104 -60.54 -4.20 10.54
C GLY L 104 -59.91 -2.94 10.00
N GLU L 105 -60.48 -2.44 8.90
CA GLU L 105 -59.91 -1.28 8.23
C GLU L 105 -59.99 -0.03 9.09
N THR L 106 -60.95 0.05 10.01
CA THR L 106 -61.03 1.20 10.91
C THR L 106 -60.06 1.11 12.07
N GLU L 107 -59.76 -0.10 12.54
CA GLU L 107 -58.74 -0.30 13.57
C GLU L 107 -57.35 -0.51 12.97
N MET L 108 -57.25 -0.66 11.65
CA MET L 108 -55.96 -0.88 11.02
C MET L 108 -54.97 0.27 11.20
N PRO L 109 -55.33 1.54 10.96
CA PRO L 109 -54.30 2.57 10.94
C PRO L 109 -53.64 2.83 12.29
N THR L 110 -54.36 2.63 13.40
CA THR L 110 -53.76 2.83 14.72
C THR L 110 -52.58 1.90 14.95
N VAL L 111 -52.60 0.72 14.32
CA VAL L 111 -51.47 -0.19 14.44
C VAL L 111 -50.24 0.38 13.75
N MET L 112 -50.43 1.05 12.60
CA MET L 112 -49.30 1.60 11.85
C MET L 112 -48.60 2.74 12.56
N ASN L 113 -49.25 3.40 13.53
CA ASN L 113 -48.54 4.36 14.35
C ASN L 113 -47.44 3.68 15.16
N GLY L 114 -47.77 2.57 15.82
CA GLY L 114 -46.78 1.87 16.61
C GLY L 114 -45.69 1.24 15.76
N LEU L 115 -46.04 0.77 14.56
CA LEU L 115 -45.07 0.09 13.72
C LEU L 115 -43.93 1.01 13.32
N MET L 116 -44.24 2.27 12.99
CA MET L 116 -43.19 3.22 12.65
C MET L 116 -42.35 3.57 13.87
N VAL L 117 -43.01 3.88 14.99
CA VAL L 117 -42.29 4.20 16.22
C VAL L 117 -41.41 3.03 16.65
N TRP L 118 -41.93 1.81 16.56
CA TRP L 118 -41.10 0.64 16.84
C TRP L 118 -39.93 0.55 15.88
N CYS L 119 -40.18 0.86 14.60
CA CYS L 119 -39.13 0.83 13.59
C CYS L 119 -38.17 2.01 13.67
N ILE L 120 -38.35 2.92 14.61
CA ILE L 120 -37.41 4.03 14.77
C ILE L 120 -36.24 3.61 15.66
N GLU L 121 -36.51 3.08 16.82
CA GLU L 121 -35.44 2.57 17.66
C GLU L 121 -34.77 1.35 17.02
N ASN L 122 -35.58 0.44 16.49
CA ASN L 122 -35.08 -0.79 15.90
C ASN L 122 -35.05 -0.67 14.38
N GLY L 123 -34.02 -1.26 13.78
CA GLY L 123 -33.83 -1.15 12.35
C GLY L 123 -34.87 -1.91 11.55
N THR L 124 -34.79 -1.74 10.23
CA THR L 124 -35.73 -2.35 9.30
C THR L 124 -35.30 -3.76 8.89
N SER L 125 -34.46 -4.41 9.68
CA SER L 125 -34.05 -5.80 9.45
C SER L 125 -34.23 -6.58 10.74
N PRO L 126 -35.47 -6.83 11.15
CA PRO L 126 -35.71 -7.56 12.40
C PRO L 126 -35.75 -9.06 12.21
N ASN L 127 -35.98 -9.80 13.29
CA ASN L 127 -36.12 -11.25 13.20
C ASN L 127 -37.51 -11.59 12.69
N ILE L 128 -37.57 -12.38 11.61
CA ILE L 128 -38.86 -12.78 11.06
C ILE L 128 -39.63 -13.64 12.05
N ASN L 129 -38.92 -14.41 12.88
CA ASN L 129 -39.53 -15.20 13.93
C ASN L 129 -39.58 -14.44 15.26
N GLY L 130 -40.14 -13.23 15.23
CA GLY L 130 -40.21 -12.40 16.40
C GLY L 130 -41.48 -11.56 16.46
N VAL L 131 -41.56 -10.66 17.43
CA VAL L 131 -42.72 -9.81 17.62
C VAL L 131 -42.28 -8.37 17.86
N TRP L 132 -43.20 -7.44 17.59
CA TRP L 132 -43.01 -6.03 17.88
C TRP L 132 -44.12 -5.54 18.80
N VAL L 133 -43.85 -4.47 19.54
CA VAL L 133 -44.68 -4.06 20.67
C VAL L 133 -45.22 -2.66 20.43
N MET L 134 -46.49 -2.46 20.77
CA MET L 134 -47.11 -1.14 20.80
C MET L 134 -48.11 -1.11 21.95
N MET L 135 -48.02 -0.05 22.76
CA MET L 135 -48.66 -0.03 24.08
C MET L 135 -50.10 0.46 24.04
N ASP L 136 -50.96 -0.20 24.81
CA ASP L 136 -52.24 0.37 25.25
C ASP L 136 -52.00 1.03 26.61
N GLY L 137 -51.24 2.12 26.57
CA GLY L 137 -50.87 2.82 27.79
C GLY L 137 -49.63 2.25 28.43
N ASP L 138 -49.80 1.42 29.46
CA ASP L 138 -48.69 0.76 30.13
C ASP L 138 -48.62 -0.74 29.87
N GLU L 139 -49.59 -1.29 29.14
CA GLU L 139 -49.66 -2.73 28.89
C GLU L 139 -49.12 -3.02 27.49
N GLN L 140 -48.15 -3.92 27.42
CA GLN L 140 -47.57 -4.29 26.13
C GLN L 140 -48.54 -5.12 25.32
N VAL L 141 -48.58 -4.85 24.02
CA VAL L 141 -49.35 -5.63 23.06
C VAL L 141 -48.38 -6.17 22.01
N GLU L 142 -48.42 -7.48 21.78
CA GLU L 142 -47.48 -8.15 20.90
C GLU L 142 -48.11 -8.39 19.54
N TYR L 143 -47.35 -8.11 18.48
CA TYR L 143 -47.76 -8.39 17.11
C TYR L 143 -46.66 -9.17 16.41
N PRO L 144 -47.01 -10.22 15.68
CA PRO L 144 -45.99 -11.02 14.99
C PRO L 144 -45.32 -10.23 13.88
N LEU L 145 -44.05 -10.55 13.64
CA LEU L 145 -43.25 -9.89 12.62
C LEU L 145 -43.17 -10.69 11.33
N LYS L 146 -43.91 -11.79 11.23
CA LYS L 146 -43.87 -12.59 10.00
C LYS L 146 -44.55 -11.88 8.83
N PRO L 147 -45.82 -11.44 8.92
CA PRO L 147 -46.41 -10.73 7.78
C PRO L 147 -45.70 -9.43 7.44
N ILE L 148 -45.05 -8.81 8.41
CA ILE L 148 -44.37 -7.53 8.15
C ILE L 148 -43.18 -7.73 7.22
N VAL L 149 -42.37 -8.76 7.47
CA VAL L 149 -41.14 -8.97 6.71
C VAL L 149 -41.39 -9.84 5.49
N GLU L 150 -42.20 -10.89 5.63
CA GLU L 150 -42.41 -11.82 4.52
C GLU L 150 -43.14 -11.16 3.36
N ASN L 151 -44.11 -10.31 3.65
CA ASN L 151 -44.96 -9.71 2.63
C ASN L 151 -44.43 -8.38 2.12
N ALA L 152 -43.25 -7.96 2.55
CA ALA L 152 -42.65 -6.70 2.13
C ALA L 152 -41.73 -6.95 0.94
N LYS L 153 -42.13 -6.46 -0.23
CA LYS L 153 -41.35 -6.61 -1.45
C LYS L 153 -40.99 -5.24 -2.02
N PRO L 154 -39.77 -5.09 -2.55
CA PRO L 154 -38.70 -6.08 -2.65
C PRO L 154 -37.87 -6.14 -1.37
N THR L 155 -38.03 -5.17 -0.48
CA THR L 155 -37.29 -5.12 0.76
C THR L 155 -38.11 -4.35 1.79
N LEU L 156 -38.01 -4.77 3.06
CA LEU L 156 -38.70 -4.05 4.12
C LEU L 156 -38.18 -2.63 4.27
N ARG L 157 -36.91 -2.40 3.92
CA ARG L 157 -36.36 -1.04 4.00
C ARG L 157 -37.07 -0.10 3.04
N GLN L 158 -37.34 -0.56 1.81
CA GLN L 158 -38.02 0.29 0.85
C GLN L 158 -39.50 0.45 1.17
N ILE L 159 -40.13 -0.59 1.73
CA ILE L 159 -41.51 -0.46 2.16
C ILE L 159 -41.62 0.51 3.32
N MET L 160 -40.69 0.43 4.28
CA MET L 160 -40.69 1.36 5.40
C MET L 160 -40.20 2.75 5.02
N ALA L 161 -39.62 2.91 3.83
CA ALA L 161 -39.14 4.23 3.40
C ALA L 161 -40.28 5.20 3.16
N HIS L 162 -41.52 4.71 3.01
CA HIS L 162 -42.66 5.60 2.87
C HIS L 162 -42.86 6.44 4.13
N PHE L 163 -42.64 5.85 5.30
CA PHE L 163 -42.79 6.52 6.58
C PHE L 163 -41.67 7.51 6.86
N SER L 164 -40.74 7.72 5.92
CA SER L 164 -39.59 8.58 6.19
C SER L 164 -40.00 10.02 6.45
N ASP L 165 -40.98 10.52 5.70
CA ASP L 165 -41.43 11.91 5.87
C ASP L 165 -42.01 12.12 7.27
N VAL L 166 -42.80 11.17 7.75
CA VAL L 166 -43.42 11.32 9.07
C VAL L 166 -42.45 10.94 10.17
N ALA L 167 -41.45 10.10 9.87
CA ALA L 167 -40.48 9.71 10.88
C ALA L 167 -39.72 10.92 11.42
N GLU L 168 -39.26 11.80 10.52
CA GLU L 168 -38.61 13.02 10.97
C GLU L 168 -39.59 13.94 11.69
N ALA L 169 -40.84 14.00 11.20
CA ALA L 169 -41.84 14.85 11.83
C ALA L 169 -42.23 14.36 13.22
N TYR L 170 -41.93 13.10 13.55
CA TYR L 170 -42.21 12.55 14.87
C TYR L 170 -41.01 12.63 15.81
N ILE L 171 -39.81 12.36 15.30
CA ILE L 171 -38.60 12.45 16.13
C ILE L 171 -38.40 13.89 16.60
N GLU L 172 -38.53 14.85 15.67
CA GLU L 172 -38.32 16.25 16.03
C GLU L 172 -39.41 16.76 16.97
N MET L 173 -40.64 16.25 16.83
CA MET L 173 -41.72 16.72 17.69
C MET L 173 -41.48 16.33 19.14
N ARG L 174 -40.99 15.11 19.37
CA ARG L 174 -40.68 14.69 20.74
C ARG L 174 -39.40 15.32 21.27
N ASN L 175 -38.40 15.57 20.41
CA ASN L 175 -37.15 16.15 20.86
C ASN L 175 -37.38 17.50 21.54
N LYS L 176 -38.45 18.20 21.17
CA LYS L 176 -38.79 19.44 21.87
C LYS L 176 -39.12 19.19 23.34
N LYS L 177 -39.83 18.09 23.61
CA LYS L 177 -40.20 17.77 24.99
C LYS L 177 -39.07 17.08 25.73
N GLU L 178 -38.67 15.90 25.27
CA GLU L 178 -37.61 15.12 25.89
C GLU L 178 -36.71 14.55 24.81
N PRO L 179 -35.43 14.30 25.13
CA PRO L 179 -34.52 13.73 24.12
C PRO L 179 -35.03 12.39 23.61
N TYR L 180 -34.94 12.20 22.29
CA TYR L 180 -35.36 10.97 21.63
C TYR L 180 -34.30 10.55 20.60
N MET L 181 -33.05 10.53 21.03
CA MET L 181 -31.95 10.14 20.16
C MET L 181 -32.09 8.67 19.82
N PRO L 182 -32.39 8.30 18.58
CA PRO L 182 -32.73 6.91 18.25
C PRO L 182 -31.49 6.09 17.92
N ARG L 183 -31.73 4.82 17.62
CA ARG L 183 -30.65 3.90 17.28
C ARG L 183 -30.58 3.56 15.80
N TYR L 184 -31.71 3.50 15.11
CA TYR L 184 -31.75 3.21 13.69
C TYR L 184 -32.82 4.10 13.05
N GLY L 185 -33.20 3.78 11.83
CA GLY L 185 -34.24 4.53 11.13
C GLY L 185 -35.03 3.65 10.18
N LEU L 186 -36.11 4.21 9.68
CA LEU L 186 -36.97 3.51 8.72
C LEU L 186 -37.29 4.39 7.53
N HIS M 42 -32.15 78.37 5.69
CA HIS M 42 -33.43 78.29 6.38
C HIS M 42 -33.51 77.07 7.29
N THR M 43 -33.83 75.92 6.70
CA THR M 43 -33.96 74.68 7.42
C THR M 43 -32.81 73.74 7.03
N VAL M 44 -32.18 73.14 8.02
CA VAL M 44 -31.02 72.27 7.80
C VAL M 44 -31.51 70.89 7.35
N PRO M 45 -31.02 70.37 6.23
CA PRO M 45 -31.48 69.05 5.75
C PRO M 45 -30.89 67.90 6.54
N ARG M 46 -31.72 67.24 7.35
CA ARG M 46 -31.28 66.07 8.11
C ARG M 46 -31.47 64.82 7.26
N ILE M 47 -30.39 64.06 7.07
CA ILE M 47 -30.45 62.88 6.22
C ILE M 47 -31.24 61.78 6.89
N LYS M 48 -31.87 60.95 6.08
CA LYS M 48 -32.65 59.80 6.58
C LYS M 48 -31.77 58.54 6.60
N ALA M 49 -32.22 57.57 7.38
CA ALA M 49 -31.50 56.30 7.45
C ALA M 49 -31.78 55.43 6.22
N ILE M 50 -33.01 55.45 5.72
CA ILE M 50 -33.39 54.68 4.54
C ILE M 50 -33.37 55.66 3.37
N THR M 51 -32.23 55.73 2.69
CA THR M 51 -32.11 56.58 1.51
C THR M 51 -32.94 56.02 0.37
N SER M 52 -33.41 56.92 -0.50
CA SER M 52 -34.19 56.49 -1.66
C SER M 52 -33.36 55.63 -2.60
N LYS M 53 -32.11 56.03 -2.84
CA LYS M 53 -31.23 55.30 -3.75
C LYS M 53 -30.43 54.24 -2.99
N MET M 54 -31.18 53.30 -2.40
CA MET M 54 -30.59 52.16 -1.69
C MET M 54 -31.35 50.91 -2.07
N ARG M 55 -30.61 49.86 -2.43
CA ARG M 55 -31.18 48.66 -3.03
C ARG M 55 -31.76 47.75 -1.95
N MET M 56 -33.06 47.88 -1.71
CA MET M 56 -33.76 46.88 -0.93
C MET M 56 -33.77 45.56 -1.72
N PRO M 57 -33.53 44.42 -1.06
CA PRO M 57 -33.60 43.14 -1.77
C PRO M 57 -35.00 42.89 -2.33
N LYS M 58 -35.04 42.33 -3.53
CA LYS M 58 -36.30 42.12 -4.25
C LYS M 58 -36.44 40.67 -4.67
N SER M 59 -37.68 40.21 -4.74
CA SER M 59 -37.99 38.87 -5.22
C SER M 59 -39.28 38.94 -6.04
N LYS M 60 -39.17 38.71 -7.35
CA LYS M 60 -40.30 38.76 -8.27
C LYS M 60 -41.03 40.11 -8.18
N GLY M 61 -40.26 41.18 -8.12
CA GLY M 61 -40.83 42.53 -8.03
C GLY M 61 -41.04 43.04 -6.62
N ALA M 62 -41.62 42.22 -5.75
CA ALA M 62 -41.86 42.62 -4.38
C ALA M 62 -40.56 42.63 -3.59
N THR M 63 -40.65 43.04 -2.33
CA THR M 63 -39.50 43.16 -1.45
C THR M 63 -39.56 42.08 -0.38
N VAL M 64 -38.44 41.36 -0.20
CA VAL M 64 -38.39 40.30 0.79
C VAL M 64 -38.49 40.85 2.21
N LEU M 65 -38.00 42.07 2.44
CA LEU M 65 -38.04 42.65 3.77
C LEU M 65 -39.40 43.29 4.04
N ASN M 66 -39.60 43.67 5.30
CA ASN M 66 -40.85 44.22 5.79
C ASN M 66 -40.53 45.55 6.48
N LEU M 67 -39.87 46.46 5.74
CA LEU M 67 -39.24 47.63 6.32
C LEU M 67 -40.27 48.65 6.79
N GLU M 68 -41.15 48.24 7.73
CA GLU M 68 -41.95 49.16 8.52
C GLU M 68 -41.88 48.73 9.98
N HIS M 69 -41.65 47.43 10.19
CA HIS M 69 -41.35 46.89 11.51
C HIS M 69 -39.88 46.51 11.64
N LEU M 70 -39.07 46.65 10.67
CA LEU M 70 -37.66 46.37 10.83
C LEU M 70 -37.07 47.39 11.79
N LEU M 71 -37.56 48.67 11.66
CA LEU M 71 -37.09 49.67 12.62
C LEU M 71 -37.64 49.44 14.01
N GLU M 72 -38.86 48.91 14.11
CA GLU M 72 -39.45 48.54 15.40
C GLU M 72 -39.16 47.07 15.74
N TYR M 73 -37.87 46.73 15.73
CA TYR M 73 -37.43 45.37 16.06
C TYR M 73 -36.03 45.49 16.64
N ALA M 74 -35.93 45.48 17.97
CA ALA M 74 -34.67 45.69 18.68
C ALA M 74 -34.49 44.60 19.73
N PRO M 75 -33.92 43.46 19.36
CA PRO M 75 -33.62 42.41 20.34
C PRO M 75 -32.25 42.60 20.97
N GLN M 76 -32.09 42.00 22.14
CA GLN M 76 -30.82 42.04 22.84
C GLN M 76 -29.77 41.24 22.09
N GLN M 77 -28.52 41.69 22.14
CA GLN M 77 -27.44 41.03 21.41
C GLN M 77 -27.12 39.64 21.96
N ILE M 78 -27.63 39.28 23.14
CA ILE M 78 -27.36 37.97 23.71
C ILE M 78 -28.51 36.98 23.52
N ASP M 79 -29.70 37.46 23.16
CA ASP M 79 -30.86 36.60 23.02
C ASP M 79 -31.07 36.12 21.59
N ILE M 80 -30.22 36.56 20.65
CA ILE M 80 -30.30 36.10 19.27
C ILE M 80 -28.91 35.66 18.81
N SER M 81 -28.01 35.47 19.76
CA SER M 81 -26.65 35.04 19.49
C SER M 81 -26.54 33.53 19.67
N ASN M 82 -25.75 32.90 18.80
CA ASN M 82 -25.57 31.45 18.87
C ASN M 82 -24.50 31.01 19.86
N THR M 83 -23.80 31.95 20.50
CA THR M 83 -22.83 31.57 21.51
C THR M 83 -23.50 31.02 22.77
N ARG M 84 -24.79 31.28 22.93
CA ARG M 84 -25.58 30.73 24.03
C ARG M 84 -26.65 29.81 23.47
N ALA M 85 -26.90 28.71 24.18
CA ALA M 85 -27.97 27.81 23.78
C ALA M 85 -29.32 28.49 23.93
N THR M 86 -30.24 28.17 23.01
CA THR M 86 -31.57 28.78 23.05
C THR M 86 -32.30 28.35 24.31
N GLN M 87 -33.24 29.19 24.74
CA GLN M 87 -33.95 28.95 26.00
C GLN M 87 -34.68 27.62 26.00
N SER M 88 -35.17 27.19 24.83
CA SER M 88 -35.84 25.89 24.75
C SER M 88 -34.87 24.75 25.04
N GLN M 89 -33.65 24.84 24.52
CA GLN M 89 -32.64 23.83 24.80
C GLN M 89 -32.10 23.91 26.22
N PHE M 90 -32.13 25.10 26.83
CA PHE M 90 -31.77 25.21 28.23
C PHE M 90 -32.88 24.69 29.14
N ASP M 91 -34.14 24.87 28.73
CA ASP M 91 -35.25 24.30 29.49
C ASP M 91 -35.26 22.78 29.43
N THR M 92 -34.60 22.19 28.43
CA THR M 92 -34.50 20.74 28.31
C THR M 92 -33.33 20.19 29.12
N TRP M 93 -32.16 20.83 29.03
CA TRP M 93 -31.01 20.40 29.81
C TRP M 93 -31.27 20.54 31.30
N TYR M 94 -31.89 21.65 31.72
CA TYR M 94 -32.18 21.83 33.14
C TYR M 94 -33.22 20.85 33.64
N GLU M 95 -34.12 20.40 32.77
CA GLU M 95 -35.15 19.44 33.15
C GLU M 95 -34.68 18.00 33.02
N ALA M 96 -33.77 17.72 32.09
CA ALA M 96 -33.22 16.38 31.96
C ALA M 96 -32.11 16.09 32.96
N VAL M 97 -31.57 17.11 33.62
CA VAL M 97 -30.60 16.92 34.69
C VAL M 97 -31.29 16.74 36.04
N GLN M 98 -32.35 17.52 36.27
CA GLN M 98 -33.09 17.40 37.52
C GLN M 98 -33.68 16.00 37.70
N LEU M 99 -34.10 15.36 36.60
CA LEU M 99 -34.66 14.02 36.69
C LEU M 99 -33.58 12.98 36.98
N ALA M 100 -32.38 13.14 36.43
CA ALA M 100 -31.32 12.17 36.68
C ALA M 100 -30.86 12.20 38.13
N TYR M 101 -30.80 13.39 38.72
CA TYR M 101 -30.43 13.52 40.12
C TYR M 101 -31.59 13.21 41.06
N ASP M 102 -32.82 13.13 40.55
CA ASP M 102 -34.02 12.91 41.35
C ASP M 102 -34.19 13.98 42.42
N ILE M 103 -33.65 15.17 42.19
CA ILE M 103 -33.74 16.26 43.15
C ILE M 103 -35.03 17.04 42.92
N GLY M 104 -35.72 17.38 44.01
CA GLY M 104 -36.94 18.14 43.89
C GLY M 104 -36.70 19.54 43.39
N GLU M 105 -37.78 20.15 42.89
CA GLU M 105 -37.68 21.48 42.29
C GLU M 105 -37.31 22.54 43.31
N THR M 106 -37.61 22.33 44.58
CA THR M 106 -37.21 23.28 45.62
C THR M 106 -35.75 23.10 46.04
N GLU M 107 -35.24 21.88 46.02
CA GLU M 107 -33.83 21.63 46.28
C GLU M 107 -32.97 21.71 45.03
N MET M 108 -33.60 21.81 43.85
CA MET M 108 -32.85 21.85 42.60
C MET M 108 -31.93 23.07 42.49
N PRO M 109 -32.38 24.31 42.75
CA PRO M 109 -31.52 25.45 42.42
C PRO M 109 -30.25 25.55 43.23
N THR M 110 -30.26 25.07 44.48
CA THR M 110 -29.05 25.11 45.30
C THR M 110 -27.92 24.31 44.67
N VAL M 111 -28.25 23.26 43.91
CA VAL M 111 -27.23 22.49 43.21
C VAL M 111 -26.58 23.33 42.13
N MET M 112 -27.36 24.16 41.42
CA MET M 112 -26.82 24.97 40.34
C MET M 112 -25.85 26.04 40.81
N ASN M 113 -25.89 26.42 42.08
CA ASN M 113 -24.85 27.31 42.60
C ASN M 113 -23.49 26.65 42.53
N GLY M 114 -23.40 25.41 43.02
CA GLY M 114 -22.13 24.70 42.99
C GLY M 114 -21.66 24.37 41.59
N LEU M 115 -22.60 24.08 40.69
CA LEU M 115 -22.23 23.69 39.34
C LEU M 115 -21.49 24.80 38.61
N MET M 116 -21.94 26.04 38.77
CA MET M 116 -21.25 27.17 38.14
C MET M 116 -19.89 27.40 38.79
N VAL M 117 -19.84 27.42 40.12
CA VAL M 117 -18.57 27.60 40.83
C VAL M 117 -17.60 26.50 40.46
N TRP M 118 -18.07 25.26 40.40
CA TRP M 118 -17.21 24.17 39.96
C TRP M 118 -16.74 24.39 38.52
N CYS M 119 -17.64 24.89 37.66
CA CYS M 119 -17.30 25.17 36.28
C CYS M 119 -16.47 26.42 36.10
N ILE M 120 -16.11 27.13 37.16
CA ILE M 120 -15.25 28.30 37.04
C ILE M 120 -13.78 27.88 37.07
N GLU M 121 -13.37 27.12 38.05
CA GLU M 121 -12.01 26.60 38.07
C GLU M 121 -11.78 25.61 36.94
N ASN M 122 -12.74 24.71 36.73
CA ASN M 122 -12.62 23.68 35.72
C ASN M 122 -13.42 24.06 34.47
N GLY M 123 -12.87 23.73 33.31
CA GLY M 123 -13.48 24.12 32.05
C GLY M 123 -14.79 23.39 31.77
N THR M 124 -15.43 23.80 30.68
CA THR M 124 -16.71 23.24 30.28
C THR M 124 -16.56 21.99 29.42
N SER M 125 -15.41 21.33 29.48
CA SER M 125 -15.18 20.06 28.78
C SER M 125 -14.63 19.05 29.77
N PRO M 126 -15.46 18.57 30.70
CA PRO M 126 -14.97 17.62 31.70
C PRO M 126 -15.09 16.18 31.23
N ASN M 127 -14.70 15.24 32.08
CA ASN M 127 -14.86 13.82 31.78
C ASN M 127 -16.30 13.40 32.01
N ILE M 128 -16.92 12.82 30.98
CA ILE M 128 -18.30 12.36 31.12
C ILE M 128 -18.41 11.24 32.15
N ASN M 129 -17.35 10.45 32.29
CA ASN M 129 -17.30 9.41 33.31
C ASN M 129 -16.63 9.91 34.59
N GLY M 130 -17.13 11.03 35.11
CA GLY M 130 -16.57 11.63 36.31
C GLY M 130 -17.61 12.27 37.20
N VAL M 131 -17.16 12.97 38.24
CA VAL M 131 -18.05 13.62 39.19
C VAL M 131 -17.58 15.05 39.45
N TRP M 132 -18.50 15.89 39.91
CA TRP M 132 -18.19 17.23 40.36
C TRP M 132 -18.65 17.40 41.80
N VAL M 133 -18.02 18.36 42.51
CA VAL M 133 -18.13 18.45 43.96
C VAL M 133 -18.71 19.80 44.36
N MET M 134 -19.61 19.78 45.34
CA MET M 134 -20.13 20.99 45.97
C MET M 134 -20.35 20.69 47.45
N MET M 135 -19.85 21.59 48.31
CA MET M 135 -19.69 21.29 49.73
C MET M 135 -20.92 21.60 50.56
N ASP M 136 -21.23 20.71 51.50
CA ASP M 136 -22.07 21.03 52.65
C ASP M 136 -21.14 21.47 53.79
N GLY M 137 -20.53 22.63 53.59
CA GLY M 137 -19.57 23.14 54.56
C GLY M 137 -18.18 22.64 54.31
N ASP M 138 -17.76 21.61 55.06
CA ASP M 138 -16.46 20.99 54.90
C ASP M 138 -16.53 19.59 54.33
N GLU M 139 -17.73 19.05 54.11
CA GLU M 139 -17.91 17.69 53.63
C GLU M 139 -18.20 17.71 52.13
N GLN M 140 -17.41 16.97 51.37
CA GLN M 140 -17.61 16.90 49.93
C GLN M 140 -18.86 16.12 49.58
N VAL M 141 -19.60 16.61 48.59
CA VAL M 141 -20.76 15.92 48.03
C VAL M 141 -20.51 15.71 46.55
N GLU M 142 -20.65 14.46 46.11
CA GLU M 142 -20.31 14.07 44.74
C GLU M 142 -21.58 14.00 43.89
N TYR M 143 -21.51 14.56 42.68
CA TYR M 143 -22.58 14.48 41.72
C TYR M 143 -22.04 13.98 40.39
N PRO M 144 -22.72 13.04 39.74
CA PRO M 144 -22.21 12.50 38.47
C PRO M 144 -22.25 13.55 37.37
N LEU M 145 -21.31 13.44 36.44
CA LEU M 145 -21.19 14.36 35.32
C LEU M 145 -21.80 13.81 34.05
N LYS M 146 -22.49 12.66 34.11
CA LYS M 146 -23.09 12.12 32.90
C LYS M 146 -24.30 12.92 32.45
N PRO M 147 -25.33 13.18 33.28
CA PRO M 147 -26.44 14.00 32.80
C PRO M 147 -26.06 15.43 32.44
N ILE M 148 -24.98 15.94 33.02
CA ILE M 148 -24.56 17.32 32.73
C ILE M 148 -24.05 17.43 31.30
N VAL M 149 -23.23 16.48 30.87
CA VAL M 149 -22.60 16.57 29.55
C VAL M 149 -23.46 15.90 28.48
N GLU M 150 -24.06 14.74 28.79
CA GLU M 150 -24.82 14.01 27.79
C GLU M 150 -26.06 14.77 27.36
N ASN M 151 -26.74 15.43 28.29
CA ASN M 151 -28.01 16.09 28.03
C ASN M 151 -27.85 17.55 27.61
N ALA M 152 -26.63 18.02 27.44
CA ALA M 152 -26.37 19.41 27.06
C ALA M 152 -26.23 19.48 25.54
N LYS M 153 -27.19 20.12 24.88
CA LYS M 153 -27.19 20.28 23.45
C LYS M 153 -27.20 21.77 23.08
N PRO M 154 -26.47 22.17 22.03
CA PRO M 154 -25.61 21.34 21.18
C PRO M 154 -24.22 21.15 21.78
N THR M 155 -23.89 21.94 22.81
CA THR M 155 -22.59 21.85 23.46
C THR M 155 -22.74 22.33 24.90
N LEU M 156 -21.97 21.70 25.79
CA LEU M 156 -21.98 22.12 27.19
C LEU M 156 -21.48 23.56 27.35
N ARG M 157 -20.61 24.01 26.45
CA ARG M 157 -20.11 25.37 26.51
C ARG M 157 -21.23 26.38 26.30
N GLN M 158 -22.12 26.11 25.34
CA GLN M 158 -23.22 27.04 25.07
C GLN M 158 -24.29 26.95 26.16
N ILE M 159 -24.51 25.76 26.71
CA ILE M 159 -25.45 25.63 27.82
C ILE M 159 -24.92 26.37 29.05
N MET M 160 -23.63 26.23 29.34
CA MET M 160 -23.02 26.93 30.46
C MET M 160 -22.84 28.43 30.19
N ALA M 161 -22.99 28.87 28.93
CA ALA M 161 -22.83 30.28 28.61
C ALA M 161 -23.93 31.14 29.23
N HIS M 162 -25.04 30.53 29.64
CA HIS M 162 -26.09 31.28 30.32
C HIS M 162 -25.59 31.86 31.63
N PHE M 163 -24.78 31.09 32.37
CA PHE M 163 -24.21 31.52 33.64
C PHE M 163 -23.12 32.57 33.50
N SER M 164 -22.85 33.05 32.29
CA SER M 164 -21.75 33.99 32.08
C SER M 164 -21.97 35.30 32.83
N ASP M 165 -23.21 35.79 32.83
CA ASP M 165 -23.49 37.05 33.51
C ASP M 165 -23.24 36.95 35.01
N VAL M 166 -23.63 35.84 35.62
CA VAL M 166 -23.46 35.68 37.06
C VAL M 166 -22.03 35.23 37.38
N ALA M 167 -21.36 34.59 36.43
CA ALA M 167 -19.97 34.15 36.66
C ALA M 167 -19.07 35.33 36.98
N GLU M 168 -19.17 36.40 36.19
CA GLU M 168 -18.40 37.61 36.47
C GLU M 168 -18.85 38.25 37.78
N ALA M 169 -20.16 38.24 38.05
CA ALA M 169 -20.67 38.84 39.27
C ALA M 169 -20.24 38.06 40.51
N TYR M 170 -19.80 36.81 40.36
CA TYR M 170 -19.32 36.01 41.47
C TYR M 170 -17.81 36.07 41.63
N ILE M 171 -17.06 36.04 40.53
CA ILE M 171 -15.61 36.14 40.62
C ILE M 171 -15.19 37.48 41.19
N GLU M 172 -15.80 38.56 40.71
CA GLU M 172 -15.46 39.90 41.20
C GLU M 172 -15.88 40.09 42.65
N MET M 173 -16.97 39.47 43.06
CA MET M 173 -17.44 39.64 44.44
C MET M 173 -16.44 39.03 45.42
N ARG M 174 -15.89 37.86 45.09
CA ARG M 174 -14.90 37.25 45.97
C ARG M 174 -13.54 37.93 45.88
N ASN M 175 -13.17 38.45 44.70
CA ASN M 175 -11.87 39.09 44.55
C ASN M 175 -11.71 40.26 45.51
N LYS M 176 -12.82 40.88 45.92
CA LYS M 176 -12.74 41.93 46.93
C LYS M 176 -12.23 41.36 48.26
N LYS M 177 -12.66 40.17 48.63
CA LYS M 177 -12.24 39.56 49.89
C LYS M 177 -10.88 38.90 49.76
N GLU M 178 -10.77 37.88 48.92
CA GLU M 178 -9.54 37.14 48.70
C GLU M 178 -9.35 36.89 47.22
N PRO M 179 -8.11 36.75 46.76
CA PRO M 179 -7.88 36.48 45.33
C PRO M 179 -8.57 35.20 44.88
N TYR M 180 -9.20 35.26 43.70
CA TYR M 180 -9.89 34.12 43.11
C TYR M 180 -9.55 34.02 41.63
N MET M 181 -8.27 34.09 41.32
CA MET M 181 -7.80 33.99 39.94
C MET M 181 -8.08 32.60 39.42
N PRO M 182 -9.00 32.42 38.47
CA PRO M 182 -9.46 31.08 38.08
C PRO M 182 -8.59 30.49 36.98
N ARG M 183 -8.93 29.27 36.58
CA ARG M 183 -8.20 28.58 35.53
C ARG M 183 -8.93 28.51 34.21
N TYR M 184 -10.25 28.43 34.23
CA TYR M 184 -11.06 28.40 33.01
C TYR M 184 -12.29 29.24 33.24
N GLY M 185 -13.29 29.10 32.36
CA GLY M 185 -14.54 29.82 32.49
C GLY M 185 -15.70 29.04 31.93
N LEU M 186 -16.90 29.54 32.21
CA LEU M 186 -18.13 28.92 31.72
C LEU M 186 -19.05 29.95 31.09
N HIS N 42 -23.69 64.84 48.09
CA HIS N 42 -24.15 64.40 49.40
C HIS N 42 -23.61 63.01 49.74
N THR N 43 -24.26 61.98 49.22
CA THR N 43 -23.87 60.59 49.45
C THR N 43 -23.33 60.01 48.15
N VAL N 44 -22.19 59.32 48.25
CA VAL N 44 -21.51 58.74 47.09
C VAL N 44 -22.21 57.43 46.71
N PRO N 45 -22.62 57.27 45.45
CA PRO N 45 -23.31 56.03 45.05
C PRO N 45 -22.35 54.86 44.89
N ARG N 46 -22.41 53.91 45.81
CA ARG N 46 -21.59 52.70 45.71
C ARG N 46 -22.32 51.65 44.90
N ILE N 47 -21.67 51.16 43.83
CA ILE N 47 -22.32 50.20 42.94
C ILE N 47 -22.46 48.84 43.63
N LYS N 48 -23.49 48.10 43.24
CA LYS N 48 -23.71 46.77 43.77
C LYS N 48 -23.09 45.72 42.85
N ALA N 49 -22.89 44.52 43.42
CA ALA N 49 -22.35 43.42 42.63
C ALA N 49 -23.39 42.81 41.72
N ILE N 50 -24.63 42.71 42.19
CA ILE N 50 -25.74 42.16 41.40
C ILE N 50 -26.51 43.35 40.86
N THR N 51 -26.15 43.77 39.65
CA THR N 51 -26.86 44.86 39.00
C THR N 51 -28.26 44.42 38.58
N SER N 52 -29.19 45.38 38.56
CA SER N 52 -30.55 45.08 38.15
C SER N 52 -30.61 44.62 36.70
N LYS N 53 -29.86 45.28 35.83
CA LYS N 53 -29.85 44.94 34.40
C LYS N 53 -28.78 43.89 34.10
N MET N 54 -28.92 42.74 34.73
CA MET N 54 -28.02 41.61 34.51
C MET N 54 -28.85 40.34 34.40
N ARG N 55 -28.57 39.55 33.37
CA ARG N 55 -29.42 38.42 32.98
C ARG N 55 -29.11 37.20 33.85
N MET N 56 -29.89 37.04 34.92
CA MET N 56 -29.89 35.78 35.64
C MET N 56 -30.45 34.68 34.73
N PRO N 57 -29.84 33.51 34.70
CA PRO N 57 -30.40 32.42 33.89
C PRO N 57 -31.80 32.04 34.36
N LYS N 58 -32.66 31.75 33.40
CA LYS N 58 -34.07 31.47 33.67
C LYS N 58 -34.48 30.15 33.06
N SER N 59 -35.44 29.49 33.70
CA SER N 59 -36.02 28.24 33.19
C SER N 59 -37.51 28.26 33.51
N LYS N 60 -38.33 28.34 32.46
CA LYS N 60 -39.79 28.38 32.58
C LYS N 60 -40.24 29.51 33.51
N GLY N 61 -39.62 30.67 33.35
CA GLY N 61 -39.96 31.83 34.18
C GLY N 61 -39.14 31.99 35.44
N ALA N 62 -38.97 30.89 36.18
CA ALA N 62 -38.20 30.94 37.42
C ALA N 62 -36.70 31.02 37.10
N THR N 63 -35.90 31.13 38.15
CA THR N 63 -34.45 31.27 38.03
C THR N 63 -33.77 29.99 38.50
N VAL N 64 -32.85 29.47 37.68
CA VAL N 64 -32.15 28.25 38.04
C VAL N 64 -31.25 28.46 39.24
N LEU N 65 -30.71 29.67 39.41
CA LEU N 65 -29.82 29.93 40.53
C LEU N 65 -30.60 30.23 41.79
N ASN N 66 -29.88 30.29 42.91
CA ASN N 66 -30.45 30.47 44.24
C ASN N 66 -29.72 31.66 44.89
N LEU N 67 -29.73 32.81 44.19
CA LEU N 67 -28.86 33.93 44.52
C LEU N 67 -29.27 34.62 45.81
N GLU N 68 -29.27 33.85 46.92
CA GLU N 68 -29.29 34.42 48.26
C GLU N 68 -28.24 33.71 49.10
N HIS N 69 -27.95 32.46 48.74
CA HIS N 69 -26.84 31.71 49.29
C HIS N 69 -25.68 31.58 48.30
N LEU N 70 -25.76 32.08 47.13
CA LEU N 70 -24.63 32.04 46.23
C LEU N 70 -23.53 32.93 46.80
N LEU N 71 -23.95 34.08 47.40
CA LEU N 71 -22.93 34.93 48.02
C LEU N 71 -22.39 34.31 49.30
N GLU N 72 -23.20 33.54 50.02
CA GLU N 72 -22.76 32.80 51.20
C GLU N 72 -22.33 31.39 50.83
N TYR N 73 -21.41 31.28 49.87
CA TYR N 73 -20.87 29.99 49.42
C TYR N 73 -19.46 30.24 48.93
N ALA N 74 -18.48 29.96 49.79
CA ALA N 74 -17.07 30.24 49.51
C ALA N 74 -16.23 29.01 49.80
N PRO N 75 -16.09 28.09 48.84
CA PRO N 75 -15.22 26.94 49.02
C PRO N 75 -13.78 27.24 48.61
N GLN N 76 -12.87 26.44 49.15
CA GLN N 76 -11.46 26.57 48.80
C GLN N 76 -11.23 26.14 47.35
N GLN N 77 -10.28 26.81 46.69
CA GLN N 77 -10.01 26.52 45.28
C GLN N 77 -9.42 25.14 45.06
N ILE N 78 -8.98 24.45 46.11
CA ILE N 78 -8.40 23.12 45.96
C ILE N 78 -9.40 22.00 46.30
N ASP N 79 -10.49 22.31 46.98
CA ASP N 79 -11.45 21.30 47.40
C ASP N 79 -12.59 21.12 46.42
N ILE N 80 -12.62 21.89 45.33
CA ILE N 80 -13.63 21.74 44.29
C ILE N 80 -12.94 21.67 42.93
N SER N 81 -11.63 21.45 42.94
CA SER N 81 -10.85 21.35 41.72
C SER N 81 -10.66 19.88 41.35
N ASN N 82 -10.69 19.60 40.04
CA ASN N 82 -10.55 18.23 39.57
C ASN N 82 -9.09 17.80 39.42
N THR N 83 -8.13 18.69 39.65
CA THR N 83 -6.73 18.29 39.61
C THR N 83 -6.36 17.38 40.77
N ARG N 84 -7.19 17.34 41.81
CA ARG N 84 -7.00 16.44 42.94
C ARG N 84 -8.18 15.47 43.00
N ALA N 85 -7.90 14.22 43.35
CA ALA N 85 -8.96 13.24 43.52
C ALA N 85 -9.83 13.61 44.71
N THR N 86 -11.12 13.34 44.60
CA THR N 86 -12.05 13.67 45.67
C THR N 86 -11.72 12.85 46.92
N GLN N 87 -12.11 13.38 48.08
CA GLN N 87 -11.75 12.76 49.34
C GLN N 87 -12.31 11.34 49.45
N SER N 88 -13.48 11.09 48.85
CA SER N 88 -14.03 9.74 48.87
C SER N 88 -13.15 8.76 48.10
N GLN N 89 -12.61 9.19 46.95
CA GLN N 89 -11.71 8.34 46.19
C GLN N 89 -10.34 8.23 46.85
N PHE N 90 -9.91 9.22 47.62
CA PHE N 90 -8.69 9.09 48.39
C PHE N 90 -8.88 8.19 49.60
N ASP N 91 -10.07 8.22 50.21
CA ASP N 91 -10.37 7.30 51.31
C ASP N 91 -10.45 5.85 50.83
N THR N 92 -10.66 5.63 49.54
CA THR N 92 -10.68 4.28 48.98
C THR N 92 -9.28 3.80 48.62
N TRP N 93 -8.49 4.65 47.95
CA TRP N 93 -7.12 4.28 47.62
C TRP N 93 -6.28 4.04 48.86
N TYR N 94 -6.43 4.90 49.88
CA TYR N 94 -5.66 4.73 51.10
C TYR N 94 -6.09 3.48 51.87
N GLU N 95 -7.35 3.07 51.72
CA GLU N 95 -7.84 1.88 52.39
C GLU N 95 -7.62 0.61 51.59
N ALA N 96 -7.59 0.71 50.26
CA ALA N 96 -7.31 -0.44 49.42
C ALA N 96 -5.82 -0.73 49.30
N VAL N 97 -4.96 0.20 49.70
CA VAL N 97 -3.52 -0.04 49.73
C VAL N 97 -3.10 -0.62 51.07
N GLN N 98 -3.69 -0.13 52.16
CA GLN N 98 -3.37 -0.65 53.48
C GLN N 98 -3.70 -2.13 53.61
N LEU N 99 -4.77 -2.59 52.94
CA LEU N 99 -5.13 -4.00 52.99
C LEU N 99 -4.17 -4.86 52.18
N ALA N 100 -3.67 -4.36 51.05
CA ALA N 100 -2.74 -5.14 50.24
C ALA N 100 -1.41 -5.34 50.95
N TYR N 101 -0.94 -4.33 51.66
CA TYR N 101 0.29 -4.44 52.42
C TYR N 101 0.10 -5.15 53.75
N ASP N 102 -1.15 -5.34 54.19
CA ASP N 102 -1.48 -5.95 55.48
C ASP N 102 -0.85 -5.19 56.64
N ILE N 103 -0.61 -3.90 56.46
CA ILE N 103 0.00 -3.07 57.49
C ILE N 103 -1.08 -2.52 58.41
N GLY N 104 -0.82 -2.55 59.71
CA GLY N 104 -1.78 -2.03 60.67
C GLY N 104 -1.93 -0.53 60.56
N GLU N 105 -3.05 -0.04 61.09
CA GLU N 105 -3.37 1.38 60.99
C GLU N 105 -2.37 2.26 61.75
N THR N 106 -1.72 1.73 62.77
CA THR N 106 -0.70 2.49 63.49
C THR N 106 0.63 2.50 62.77
N GLU N 107 0.97 1.42 62.07
CA GLU N 107 2.17 1.38 61.24
C GLU N 107 1.93 1.89 59.83
N MET N 108 0.67 2.12 59.46
CA MET N 108 0.35 2.58 58.11
C MET N 108 0.96 3.94 57.77
N PRO N 109 0.83 4.98 58.60
CA PRO N 109 1.25 6.32 58.13
C PRO N 109 2.74 6.46 57.88
N THR N 110 3.58 5.73 58.61
CA THR N 110 5.03 5.82 58.39
C THR N 110 5.40 5.39 56.97
N VAL N 111 4.62 4.50 56.37
CA VAL N 111 4.87 4.09 55.00
C VAL N 111 4.60 5.25 54.04
N MET N 112 3.57 6.05 54.31
CA MET N 112 3.23 7.16 53.43
C MET N 112 4.26 8.27 53.42
N ASN N 113 5.13 8.36 54.43
CA ASN N 113 6.25 9.29 54.36
C ASN N 113 7.18 8.91 53.23
N GLY N 114 7.56 7.64 53.15
CA GLY N 114 8.45 7.20 52.09
C GLY N 114 7.82 7.28 50.71
N LEU N 115 6.51 7.02 50.63
CA LEU N 115 5.85 7.00 49.32
C LEU N 115 5.91 8.36 48.66
N MET N 116 5.70 9.44 49.41
CA MET N 116 5.79 10.78 48.85
C MET N 116 7.22 11.11 48.45
N VAL N 117 8.17 10.85 49.35
CA VAL N 117 9.57 11.11 49.05
C VAL N 117 10.02 10.31 47.84
N TRP N 118 9.62 9.04 47.76
CA TRP N 118 9.93 8.26 46.57
C TRP N 118 9.27 8.87 45.33
N CYS N 119 8.05 9.37 45.47
CA CYS N 119 7.34 9.99 44.36
C CYS N 119 7.84 11.39 44.04
N ILE N 120 8.85 11.90 44.75
CA ILE N 120 9.40 13.21 44.42
C ILE N 120 10.48 13.08 43.35
N GLU N 121 11.44 12.21 43.54
CA GLU N 121 12.43 11.96 42.51
C GLU N 121 11.81 11.29 41.28
N ASN N 122 10.95 10.30 41.53
CA ASN N 122 10.33 9.55 40.45
C ASN N 122 8.90 10.05 40.23
N GLY N 123 8.50 10.08 38.96
CA GLY N 123 7.20 10.60 38.61
C GLY N 123 6.05 9.73 39.07
N THR N 124 4.84 10.24 38.86
CA THR N 124 3.61 9.55 39.27
C THR N 124 3.11 8.56 38.21
N SER N 125 3.98 8.12 37.31
CA SER N 125 3.65 7.10 36.32
C SER N 125 4.72 6.02 36.34
N PRO N 126 4.74 5.22 37.41
CA PRO N 126 5.78 4.17 37.50
C PRO N 126 5.34 2.87 36.86
N ASN N 127 6.20 1.85 36.93
CA ASN N 127 5.86 0.54 36.40
C ASN N 127 4.96 -0.17 37.40
N ILE N 128 3.79 -0.64 36.93
CA ILE N 128 2.88 -1.36 37.82
C ILE N 128 3.49 -2.67 38.28
N ASN N 129 4.36 -3.27 37.46
CA ASN N 129 5.07 -4.48 37.83
C ASN N 129 6.45 -4.15 38.42
N GLY N 130 6.46 -3.28 39.44
CA GLY N 130 7.70 -2.85 40.06
C GLY N 130 7.57 -2.62 41.55
N VAL N 131 8.61 -2.10 42.18
CA VAL N 131 8.63 -1.85 43.61
C VAL N 131 9.19 -0.45 43.88
N TRP N 132 8.85 0.08 45.04
CA TRP N 132 9.39 1.35 45.53
C TRP N 132 10.05 1.11 46.89
N VAL N 133 11.01 1.98 47.23
CA VAL N 133 11.93 1.75 48.33
C VAL N 133 11.79 2.85 49.38
N MET N 134 11.82 2.44 50.64
CA MET N 134 11.91 3.36 51.77
C MET N 134 12.76 2.73 52.87
N MET N 135 13.71 3.49 53.38
CA MET N 135 14.80 2.94 54.17
C MET N 135 14.48 2.83 55.65
N ASP N 136 14.90 1.71 56.25
CA ASP N 136 15.09 1.62 57.71
C ASP N 136 16.55 1.96 58.00
N GLY N 137 16.87 3.23 57.78
CA GLY N 137 18.23 3.69 57.97
C GLY N 137 19.07 3.51 56.72
N ASP N 138 19.88 2.46 56.68
CA ASP N 138 20.70 2.14 55.52
C ASP N 138 20.23 0.89 54.78
N GLU N 139 19.21 0.21 55.27
CA GLU N 139 18.73 -1.03 54.68
C GLU N 139 17.49 -0.74 53.84
N GLN N 140 17.52 -1.14 52.57
CA GLN N 140 16.39 -0.93 51.69
C GLN N 140 15.22 -1.84 52.06
N VAL N 141 14.02 -1.30 51.99
CA VAL N 141 12.78 -2.05 52.18
C VAL N 141 11.94 -1.89 50.92
N GLU N 142 11.52 -3.01 50.35
CA GLU N 142 10.82 -3.02 49.07
C GLU N 142 9.32 -3.15 49.30
N TYR N 143 8.54 -2.34 48.58
CA TYR N 143 7.09 -2.41 48.60
C TYR N 143 6.57 -2.50 47.17
N PRO N 144 5.61 -3.39 46.91
CA PRO N 144 5.11 -3.52 45.54
C PRO N 144 4.33 -2.30 45.10
N LEU N 145 4.38 -2.03 43.80
CA LEU N 145 3.71 -0.88 43.22
C LEU N 145 2.37 -1.24 42.58
N LYS N 146 1.91 -2.48 42.75
CA LYS N 146 0.63 -2.87 42.16
C LYS N 146 -0.55 -2.21 42.88
N PRO N 147 -0.71 -2.33 44.20
CA PRO N 147 -1.85 -1.65 44.85
C PRO N 147 -1.80 -0.14 44.73
N ILE N 148 -0.60 0.43 44.57
CA ILE N 148 -0.47 1.88 44.49
C ILE N 148 -1.09 2.40 43.19
N VAL N 149 -0.81 1.73 42.08
CA VAL N 149 -1.26 2.21 40.77
C VAL N 149 -2.63 1.65 40.41
N GLU N 150 -2.86 0.37 40.70
CA GLU N 150 -4.11 -0.27 40.29
C GLU N 150 -5.30 0.33 41.03
N ASN N 151 -5.14 0.64 42.32
CA ASN N 151 -6.24 1.09 43.16
C ASN N 151 -6.39 2.60 43.19
N ALA N 152 -5.60 3.33 42.39
CA ALA N 152 -5.66 4.78 42.34
C ALA N 152 -6.60 5.20 41.22
N LYS N 153 -7.75 5.77 41.59
CA LYS N 153 -8.74 6.25 40.63
C LYS N 153 -8.97 7.74 40.81
N PRO N 154 -9.15 8.48 39.72
CA PRO N 154 -9.13 8.04 38.32
C PRO N 154 -7.71 7.99 37.76
N THR N 155 -6.74 8.59 38.47
CA THR N 155 -5.35 8.60 38.04
C THR N 155 -4.48 8.71 39.27
N LEU N 156 -3.30 8.06 39.22
CA LEU N 156 -2.35 8.17 40.31
C LEU N 156 -1.86 9.60 40.49
N ARG N 157 -1.83 10.38 39.41
CA ARG N 157 -1.41 11.78 39.51
C ARG N 157 -2.36 12.58 40.40
N GLN N 158 -3.67 12.37 40.24
CA GLN N 158 -4.63 13.10 41.05
C GLN N 158 -4.66 12.58 42.49
N ILE N 159 -4.46 11.28 42.68
CA ILE N 159 -4.38 10.75 44.04
C ILE N 159 -3.15 11.29 44.75
N MET N 160 -2.00 11.34 44.05
CA MET N 160 -0.79 11.88 44.62
C MET N 160 -0.82 13.40 44.74
N ALA N 161 -1.78 14.07 44.09
CA ALA N 161 -1.86 15.52 44.17
C ALA N 161 -2.24 16.01 45.56
N HIS N 162 -2.76 15.13 46.42
CA HIS N 162 -3.04 15.51 47.80
C HIS N 162 -1.77 15.87 48.54
N PHE N 163 -0.68 15.13 48.29
CA PHE N 163 0.60 15.37 48.93
C PHE N 163 1.31 16.61 48.40
N SER N 164 0.68 17.39 47.52
CA SER N 164 1.36 18.53 46.91
C SER N 164 1.73 19.58 47.95
N ASP N 165 0.84 19.83 48.91
CA ASP N 165 1.12 20.84 49.93
C ASP N 165 2.33 20.46 50.77
N VAL N 166 2.45 19.19 51.14
CA VAL N 166 3.57 18.77 51.97
C VAL N 166 4.82 18.52 51.13
N ALA N 167 4.65 18.25 49.83
CA ALA N 167 5.80 18.02 48.96
C ALA N 167 6.69 19.26 48.90
N GLU N 168 6.09 20.44 48.73
CA GLU N 168 6.86 21.67 48.76
C GLU N 168 7.45 21.92 50.14
N ALA N 169 6.68 21.62 51.19
CA ALA N 169 7.15 21.82 52.56
C ALA N 169 8.31 20.90 52.92
N TYR N 170 8.50 19.81 52.16
CA TYR N 170 9.60 18.89 52.38
C TYR N 170 10.82 19.19 51.51
N ILE N 171 10.60 19.54 50.24
CA ILE N 171 11.71 19.89 49.36
C ILE N 171 12.43 21.14 49.87
N GLU N 172 11.67 22.16 50.24
CA GLU N 172 12.28 23.39 50.72
C GLU N 172 12.98 23.19 52.06
N MET N 173 12.45 22.30 52.91
CA MET N 173 13.06 22.08 54.22
C MET N 173 14.46 21.48 54.07
N ARG N 174 14.62 20.53 53.15
CA ARG N 174 15.92 19.93 52.92
C ARG N 174 16.86 20.86 52.15
N ASN N 175 16.33 21.67 51.23
CA ASN N 175 17.18 22.57 50.45
C ASN N 175 17.97 23.52 51.35
N LYS N 176 17.46 23.82 52.53
CA LYS N 176 18.22 24.60 53.50
C LYS N 176 19.50 23.88 53.91
N LYS N 177 19.42 22.57 54.11
CA LYS N 177 20.59 21.80 54.53
C LYS N 177 21.48 21.44 53.35
N GLU N 178 20.95 20.66 52.41
CA GLU N 178 21.69 20.22 51.24
C GLU N 178 20.80 20.34 50.01
N PRO N 179 21.39 20.53 48.82
CA PRO N 179 20.56 20.63 47.61
C PRO N 179 19.74 19.37 47.39
N TYR N 180 18.48 19.57 47.01
CA TYR N 180 17.55 18.48 46.74
C TYR N 180 16.78 18.77 45.45
N MET N 181 17.49 19.13 44.40
CA MET N 181 16.88 19.43 43.11
C MET N 181 16.30 18.14 42.55
N PRO N 182 14.97 18.01 42.45
CA PRO N 182 14.36 16.73 42.09
C PRO N 182 14.23 16.56 40.59
N ARG N 183 13.68 15.41 40.19
CA ARG N 183 13.49 15.10 38.79
C ARG N 183 12.04 15.19 38.33
N TYR N 184 11.09 14.86 39.20
CA TYR N 184 9.67 14.95 38.87
C TYR N 184 8.94 15.48 40.10
N GLY N 185 7.61 15.35 40.11
CA GLY N 185 6.81 15.79 41.23
C GLY N 185 5.57 14.94 41.39
N LEU N 186 4.89 15.14 42.51
CA LEU N 186 3.66 14.41 42.82
C LEU N 186 2.57 15.38 43.28
N HIS O 42 -7.66 79.17 -32.40
CA HIS O 42 -9.07 79.27 -32.79
C HIS O 42 -9.95 78.36 -31.96
N THR O 43 -10.01 77.08 -32.34
CA THR O 43 -10.82 76.09 -31.65
C THR O 43 -9.89 75.10 -30.94
N VAL O 44 -10.21 74.81 -29.68
CA VAL O 44 -9.39 73.94 -28.86
C VAL O 44 -9.69 72.48 -29.21
N PRO O 45 -8.69 71.67 -29.54
CA PRO O 45 -8.95 70.26 -29.90
C PRO O 45 -9.26 69.39 -28.70
N ARG O 46 -10.52 68.98 -28.56
CA ARG O 46 -10.92 68.09 -27.49
C ARG O 46 -10.73 66.64 -27.93
N ILE O 47 -9.97 65.87 -27.16
CA ILE O 47 -9.65 64.49 -27.53
C ILE O 47 -10.89 63.62 -27.37
N LYS O 48 -10.96 62.58 -28.19
CA LYS O 48 -12.06 61.61 -28.13
C LYS O 48 -11.67 60.44 -27.25
N ALA O 49 -12.69 59.70 -26.80
CA ALA O 49 -12.46 58.52 -25.99
C ALA O 49 -12.01 57.33 -26.84
N ILE O 50 -12.57 57.19 -28.04
CA ILE O 50 -12.19 56.11 -28.96
C ILE O 50 -11.23 56.72 -29.96
N THR O 51 -9.94 56.61 -29.67
CA THR O 51 -8.91 57.09 -30.59
C THR O 51 -8.85 56.22 -31.83
N SER O 52 -8.46 56.83 -32.95
CA SER O 52 -8.34 56.08 -34.19
C SER O 52 -7.27 55.01 -34.08
N LYS O 53 -6.12 55.33 -33.48
CA LYS O 53 -5.02 54.39 -33.35
C LYS O 53 -5.14 53.59 -32.04
N MET O 54 -6.25 52.85 -31.94
CA MET O 54 -6.50 51.98 -30.80
C MET O 54 -7.04 50.65 -31.31
N ARG O 55 -6.46 49.56 -30.83
CA ARG O 55 -6.69 48.22 -31.38
C ARG O 55 -7.99 47.65 -30.84
N MET O 56 -9.08 47.83 -31.59
CA MET O 56 -10.28 47.07 -31.32
C MET O 56 -10.02 45.59 -31.59
N PRO O 57 -10.49 44.69 -30.72
CA PRO O 57 -10.30 43.26 -30.98
C PRO O 57 -10.99 42.84 -32.28
N LYS O 58 -10.34 41.96 -33.03
CA LYS O 58 -10.81 41.54 -34.33
C LYS O 58 -10.89 40.02 -34.41
N SER O 59 -11.84 39.54 -35.22
CA SER O 59 -12.00 38.12 -35.48
C SER O 59 -12.37 37.93 -36.94
N LYS O 60 -11.47 37.34 -37.73
CA LYS O 60 -11.67 37.12 -39.16
C LYS O 60 -12.01 38.42 -39.88
N GLY O 61 -11.30 39.48 -39.54
CA GLY O 61 -11.52 40.79 -40.16
C GLY O 61 -12.51 41.67 -39.45
N ALA O 62 -13.65 41.12 -39.06
CA ALA O 62 -14.68 41.90 -38.37
C ALA O 62 -14.25 42.15 -36.92
N THR O 63 -15.07 42.90 -36.20
CA THR O 63 -14.79 43.29 -34.82
C THR O 63 -15.74 42.54 -33.89
N VAL O 64 -15.19 41.93 -32.85
CA VAL O 64 -16.01 41.19 -31.89
C VAL O 64 -16.91 42.12 -31.11
N LEU O 65 -16.47 43.35 -30.86
CA LEU O 65 -17.28 44.29 -30.10
C LEU O 65 -18.33 44.96 -30.98
N ASN O 66 -19.23 45.68 -30.33
CA ASN O 66 -20.37 46.33 -30.97
C ASN O 66 -20.36 47.81 -30.56
N LEU O 67 -19.21 48.47 -30.81
CA LEU O 67 -18.93 49.78 -30.24
C LEU O 67 -19.79 50.87 -30.83
N GLU O 68 -21.13 50.73 -30.70
CA GLU O 68 -22.06 51.82 -30.90
C GLU O 68 -23.05 51.83 -29.74
N HIS O 69 -23.29 50.65 -29.17
CA HIS O 69 -24.03 50.50 -27.93
C HIS O 69 -23.13 50.20 -26.74
N LEU O 70 -21.87 50.08 -26.89
CA LEU O 70 -21.00 49.88 -25.74
C LEU O 70 -21.03 51.13 -24.89
N LEU O 71 -21.06 52.32 -25.60
CA LEU O 71 -21.16 53.55 -24.83
C LEU O 71 -22.53 53.72 -24.20
N GLU O 72 -23.57 53.22 -24.84
CA GLU O 72 -24.93 53.22 -24.28
C GLU O 72 -25.21 51.92 -23.52
N TYR O 73 -24.34 51.60 -22.57
CA TYR O 73 -24.49 50.40 -21.75
C TYR O 73 -23.84 50.70 -20.40
N ALA O 74 -24.65 51.07 -19.41
CA ALA O 74 -24.17 51.49 -18.10
C ALA O 74 -24.93 50.74 -17.01
N PRO O 75 -24.49 49.55 -16.63
CA PRO O 75 -25.11 48.83 -15.53
C PRO O 75 -24.50 49.22 -14.18
N GLN O 76 -25.28 48.97 -13.13
CA GLN O 76 -24.80 49.23 -11.78
C GLN O 76 -23.69 48.26 -11.41
N GLN O 77 -22.74 48.73 -10.61
CA GLN O 77 -21.60 47.90 -10.23
C GLN O 77 -21.99 46.73 -9.33
N ILE O 78 -23.20 46.71 -8.78
CA ILE O 78 -23.63 45.62 -7.91
C ILE O 78 -24.51 44.60 -8.63
N ASP O 79 -25.05 44.94 -9.79
CA ASP O 79 -25.96 44.06 -10.51
C ASP O 79 -25.25 43.19 -11.55
N ILE O 80 -23.94 43.35 -11.71
CA ILE O 80 -23.16 42.52 -12.62
C ILE O 80 -21.94 42.00 -11.89
N SER O 81 -21.95 42.09 -10.57
CA SER O 81 -20.86 41.63 -9.73
C SER O 81 -21.18 40.23 -9.19
N ASN O 82 -20.15 39.39 -9.12
CA ASN O 82 -20.33 38.02 -8.65
C ASN O 82 -20.29 37.90 -7.12
N THR O 83 -20.02 38.99 -6.40
CA THR O 83 -20.07 38.93 -4.95
C THR O 83 -21.49 38.75 -4.42
N ARG O 84 -22.49 39.03 -5.25
CA ARG O 84 -23.89 38.80 -4.91
C ARG O 84 -24.47 37.74 -5.84
N ALA O 85 -25.32 36.89 -5.29
CA ALA O 85 -25.99 35.89 -6.10
C ALA O 85 -26.96 36.56 -7.08
N THR O 86 -27.07 35.99 -8.27
CA THR O 86 -27.95 36.56 -9.29
C THR O 86 -29.40 36.50 -8.83
N GLN O 87 -30.21 37.42 -9.37
CA GLN O 87 -31.59 37.53 -8.93
C GLN O 87 -32.37 36.24 -9.14
N SER O 88 -32.04 35.48 -10.20
CA SER O 88 -32.71 34.21 -10.43
C SER O 88 -32.41 33.22 -9.32
N GLN O 89 -31.16 33.17 -8.86
CA GLN O 89 -30.80 32.30 -7.75
C GLN O 89 -31.34 32.79 -6.43
N PHE O 90 -31.54 34.10 -6.26
CA PHE O 90 -32.19 34.61 -5.07
C PHE O 90 -33.69 34.35 -5.09
N ASP O 91 -34.30 34.38 -6.28
CA ASP O 91 -35.72 34.03 -6.40
C ASP O 91 -35.96 32.56 -6.13
N THR O 92 -34.93 31.72 -6.24
CA THR O 92 -35.05 30.30 -5.92
C THR O 92 -34.84 30.02 -4.45
N TRP O 93 -33.81 30.63 -3.85
CA TRP O 93 -33.58 30.45 -2.41
C TRP O 93 -34.73 31.01 -1.59
N TYR O 94 -35.25 32.17 -1.97
CA TYR O 94 -36.36 32.76 -1.23
C TYR O 94 -37.64 31.94 -1.39
N GLU O 95 -37.79 31.25 -2.52
CA GLU O 95 -38.96 30.42 -2.75
C GLU O 95 -38.81 29.01 -2.21
N ALA O 96 -37.58 28.50 -2.15
CA ALA O 96 -37.34 27.17 -1.59
C ALA O 96 -37.26 27.20 -0.06
N VAL O 97 -37.12 28.37 0.54
CA VAL O 97 -37.16 28.50 1.99
C VAL O 97 -38.58 28.71 2.49
N GLN O 98 -39.37 29.50 1.76
CA GLN O 98 -40.75 29.73 2.14
C GLN O 98 -41.56 28.43 2.14
N LEU O 99 -41.24 27.51 1.24
CA LEU O 99 -41.96 26.23 1.22
C LEU O 99 -41.58 25.33 2.37
N ALA O 100 -40.30 25.35 2.79
CA ALA O 100 -39.87 24.51 3.89
C ALA O 100 -40.49 24.96 5.21
N TYR O 101 -40.62 26.27 5.41
CA TYR O 101 -41.27 26.79 6.61
C TYR O 101 -42.78 26.74 6.53
N ASP O 102 -43.35 26.50 5.35
CA ASP O 102 -44.79 26.50 5.12
C ASP O 102 -45.44 27.83 5.50
N ILE O 103 -44.67 28.92 5.46
CA ILE O 103 -45.16 30.23 5.83
C ILE O 103 -45.80 30.88 4.62
N GLY O 104 -46.96 31.51 4.83
CA GLY O 104 -47.64 32.19 3.74
C GLY O 104 -46.87 33.40 3.25
N GLU O 105 -47.21 33.82 2.03
CA GLU O 105 -46.49 34.94 1.40
C GLU O 105 -46.69 36.25 2.14
N THR O 106 -47.80 36.41 2.86
CA THR O 106 -48.01 37.61 3.64
C THR O 106 -47.27 37.59 4.97
N GLU O 107 -47.12 36.41 5.57
CA GLU O 107 -46.31 36.26 6.79
C GLU O 107 -44.84 36.00 6.48
N MET O 108 -44.50 35.76 5.22
CA MET O 108 -43.12 35.45 4.86
C MET O 108 -42.15 36.59 5.14
N PRO O 109 -42.42 37.85 4.76
CA PRO O 109 -41.37 38.87 4.87
C PRO O 109 -40.97 39.21 6.29
N THR O 110 -41.89 39.11 7.25
CA THR O 110 -41.54 39.39 8.64
C THR O 110 -40.45 38.47 9.16
N VAL O 111 -40.39 37.24 8.63
CA VAL O 111 -39.33 36.32 9.02
C VAL O 111 -37.98 36.82 8.53
N MET O 112 -37.93 37.41 7.33
CA MET O 112 -36.67 37.88 6.77
C MET O 112 -36.08 39.06 7.53
N ASN O 113 -36.88 39.78 8.31
CA ASN O 113 -36.30 40.80 9.19
C ASN O 113 -35.39 40.16 10.22
N GLY O 114 -35.88 39.11 10.89
CA GLY O 114 -35.07 38.45 11.89
C GLY O 114 -33.87 37.74 11.32
N LEU O 115 -34.00 37.20 10.10
CA LEU O 115 -32.90 36.44 9.51
C LEU O 115 -31.68 37.30 9.27
N MET O 116 -31.88 38.54 8.81
CA MET O 116 -30.77 39.45 8.61
C MET O 116 -30.16 39.88 9.94
N VAL O 117 -31.01 40.26 10.90
CA VAL O 117 -30.53 40.67 12.21
C VAL O 117 -29.78 39.52 12.87
N TRP O 118 -30.31 38.30 12.77
CA TRP O 118 -29.59 37.15 13.29
C TRP O 118 -28.26 36.96 12.56
N CYS O 119 -28.25 37.19 11.25
CA CYS O 119 -27.03 37.05 10.46
C CYS O 119 -26.08 38.22 10.65
N ILE O 120 -26.40 39.21 11.47
CA ILE O 120 -25.47 40.30 11.73
C ILE O 120 -24.49 39.94 12.85
N GLU O 121 -24.99 39.50 13.97
CA GLU O 121 -24.12 39.02 15.04
C GLU O 121 -23.38 37.75 14.63
N ASN O 122 -24.11 36.82 14.01
CA ASN O 122 -23.53 35.53 13.62
C ASN O 122 -23.23 35.54 12.12
N GLY O 123 -22.11 34.90 11.77
CA GLY O 123 -21.65 34.90 10.40
C GLY O 123 -22.56 34.12 9.46
N THR O 124 -22.22 34.19 8.17
CA THR O 124 -22.98 33.52 7.13
C THR O 124 -22.53 32.08 6.90
N SER O 125 -21.87 31.47 7.89
CA SER O 125 -21.47 30.07 7.83
C SER O 125 -21.92 29.37 9.11
N PRO O 126 -23.22 29.18 9.29
CA PRO O 126 -23.70 28.56 10.52
C PRO O 126 -23.75 27.04 10.42
N ASN O 127 -24.22 26.38 11.49
CA ASN O 127 -24.37 24.94 11.48
C ASN O 127 -25.65 24.58 10.73
N ILE O 128 -25.54 23.71 9.72
CA ILE O 128 -26.71 23.31 8.96
C ILE O 128 -27.67 22.52 9.85
N ASN O 129 -27.15 21.82 10.84
CA ASN O 129 -27.98 21.10 11.82
C ASN O 129 -28.26 21.96 13.05
N GLY O 130 -28.76 23.17 12.82
CA GLY O 130 -29.02 24.10 13.91
C GLY O 130 -30.25 24.95 13.67
N VAL O 131 -30.49 25.92 14.55
CA VAL O 131 -31.65 26.81 14.45
C VAL O 131 -31.21 28.24 14.67
N TRP O 132 -32.04 29.17 14.17
CA TRP O 132 -31.86 30.60 14.40
C TRP O 132 -33.12 31.17 15.04
N VAL O 133 -32.94 32.28 15.76
CA VAL O 133 -33.96 32.79 16.67
C VAL O 133 -34.40 34.19 16.25
N MET O 134 -35.72 34.43 16.32
CA MET O 134 -36.29 35.75 16.14
C MET O 134 -37.48 35.89 17.08
N MET O 135 -37.53 37.00 17.81
CA MET O 135 -38.40 37.12 18.97
C MET O 135 -39.78 37.64 18.64
N ASP O 136 -40.80 37.05 19.27
CA ASP O 136 -42.11 37.67 19.42
C ASP O 136 -42.11 38.43 20.75
N GLY O 137 -41.32 39.50 20.79
CA GLY O 137 -41.18 40.28 22.00
C GLY O 137 -40.09 39.74 22.90
N ASP O 138 -40.48 38.98 23.93
CA ASP O 138 -39.54 38.36 24.85
C ASP O 138 -39.47 36.84 24.70
N GLU O 139 -40.30 36.25 23.85
CA GLU O 139 -40.37 34.81 23.68
C GLU O 139 -39.58 34.40 22.44
N GLN O 140 -38.64 33.48 22.61
CA GLN O 140 -37.83 33.01 21.49
C GLN O 140 -38.67 32.14 20.56
N VAL O 141 -38.45 32.31 19.26
CA VAL O 141 -39.05 31.48 18.22
C VAL O 141 -37.92 30.85 17.42
N GLU O 142 -37.96 29.53 17.28
CA GLU O 142 -36.88 28.78 16.65
C GLU O 142 -37.25 28.44 15.21
N TYR O 143 -36.29 28.64 14.30
CA TYR O 143 -36.46 28.27 12.90
C TYR O 143 -35.27 27.43 12.46
N PRO O 144 -35.50 26.33 11.75
CA PRO O 144 -34.39 25.47 11.34
C PRO O 144 -33.50 26.16 10.31
N LEU O 145 -32.22 25.80 10.35
CA LEU O 145 -31.23 26.37 9.46
C LEU O 145 -30.92 25.48 8.27
N LYS O 146 -31.67 24.38 8.10
CA LYS O 146 -31.42 23.51 6.95
C LYS O 146 -31.84 24.13 5.64
N PRO O 147 -33.09 24.61 5.45
CA PRO O 147 -33.43 25.24 4.16
C PRO O 147 -32.64 26.50 3.88
N ILE O 148 -32.16 27.18 4.92
CA ILE O 148 -31.41 28.42 4.71
C ILE O 148 -30.07 28.13 4.04
N VAL O 149 -29.35 27.11 4.51
CA VAL O 149 -28.01 26.82 4.01
C VAL O 149 -28.04 25.86 2.83
N GLU O 150 -28.90 24.84 2.87
CA GLU O 150 -28.93 23.84 1.81
C GLU O 150 -29.39 24.44 0.49
N ASN O 151 -30.39 25.32 0.54
CA ASN O 151 -31.02 25.86 -0.66
C ASN O 151 -30.35 27.14 -1.16
N ALA O 152 -29.26 27.57 -0.53
CA ALA O 152 -28.57 28.79 -0.92
C ALA O 152 -27.45 28.43 -1.89
N LYS O 153 -27.60 28.84 -3.15
CA LYS O 153 -26.60 28.59 -4.18
C LYS O 153 -26.10 29.92 -4.76
N PRO O 154 -24.80 30.01 -5.06
CA PRO O 154 -23.76 28.98 -4.89
C PRO O 154 -23.19 29.00 -3.47
N THR O 155 -23.48 30.05 -2.70
CA THR O 155 -22.99 30.17 -1.34
C THR O 155 -23.95 31.03 -0.55
N LEU O 156 -24.11 30.70 0.73
CA LEU O 156 -24.98 31.50 1.60
C LEU O 156 -24.45 32.92 1.74
N ARG O 157 -23.13 33.11 1.63
CA ARG O 157 -22.56 34.44 1.72
C ARG O 157 -23.05 35.33 0.58
N GLN O 158 -23.10 34.79 -0.63
CA GLN O 158 -23.55 35.59 -1.77
C GLN O 158 -25.06 35.79 -1.75
N ILE O 159 -25.82 34.80 -1.25
CA ILE O 159 -27.26 34.98 -1.10
C ILE O 159 -27.55 36.05 -0.05
N MET O 160 -26.83 36.02 1.07
CA MET O 160 -27.00 37.02 2.12
C MET O 160 -26.41 38.37 1.73
N ALA O 161 -25.60 38.44 0.68
CA ALA O 161 -25.02 39.71 0.25
C ALA O 161 -26.06 40.68 -0.27
N HIS O 162 -27.25 40.20 -0.62
CA HIS O 162 -28.34 41.10 -1.02
C HIS O 162 -28.73 42.04 0.11
N PHE O 163 -28.76 41.52 1.33
CA PHE O 163 -29.12 42.30 2.51
C PHE O 163 -28.04 43.28 2.94
N SER O 164 -26.95 43.41 2.18
CA SER O 164 -25.84 44.25 2.60
C SER O 164 -26.26 45.72 2.68
N ASP O 165 -27.07 46.18 1.72
CA ASP O 165 -27.49 47.58 1.73
C ASP O 165 -28.32 47.91 2.96
N VAL O 166 -29.22 47.02 3.36
CA VAL O 166 -30.07 47.27 4.51
C VAL O 166 -29.33 46.95 5.81
N ALA O 167 -28.32 46.08 5.76
CA ALA O 167 -27.57 45.74 6.96
C ALA O 167 -26.89 46.97 7.55
N GLU O 168 -26.25 47.77 6.69
CA GLU O 168 -25.66 49.02 7.16
C GLU O 168 -26.73 50.00 7.63
N ALA O 169 -27.85 50.06 6.91
CA ALA O 169 -28.94 50.96 7.27
C ALA O 169 -29.59 50.58 8.60
N TYR O 170 -29.40 49.35 9.06
CA TYR O 170 -29.93 48.89 10.34
C TYR O 170 -28.94 49.02 11.47
N ILE O 171 -27.66 48.70 11.23
CA ILE O 171 -26.64 48.82 12.27
C ILE O 171 -26.47 50.29 12.67
N GLU O 172 -26.40 51.18 11.68
CA GLU O 172 -26.22 52.60 11.97
C GLU O 172 -27.45 53.20 12.64
N MET O 173 -28.65 52.71 12.31
CA MET O 173 -29.86 53.24 12.91
C MET O 173 -29.91 52.96 14.40
N ARG O 174 -29.51 51.75 14.81
CA ARG O 174 -29.47 51.43 16.23
C ARG O 174 -28.31 52.08 16.96
N ASN O 175 -27.15 52.24 16.28
CA ASN O 175 -25.99 52.84 16.93
C ASN O 175 -26.30 54.24 17.45
N LYS O 176 -27.26 54.93 16.85
CA LYS O 176 -27.69 56.21 17.37
C LYS O 176 -28.30 56.07 18.76
N LYS O 177 -29.08 55.01 18.98
CA LYS O 177 -29.72 54.80 20.28
C LYS O 177 -28.77 54.14 21.27
N GLU O 178 -28.32 52.93 20.98
CA GLU O 178 -27.42 52.17 21.84
C GLU O 178 -26.35 51.51 20.98
N PRO O 179 -25.17 51.26 21.56
CA PRO O 179 -24.10 50.61 20.78
C PRO O 179 -24.55 49.24 20.27
N TYR O 180 -24.20 48.96 19.02
CA TYR O 180 -24.53 47.69 18.36
C TYR O 180 -23.32 47.18 17.60
N MET O 181 -22.17 47.18 18.25
CA MET O 181 -20.93 46.70 17.64
C MET O 181 -21.06 45.20 17.38
N PRO O 182 -21.13 44.76 16.13
CA PRO O 182 -21.44 43.36 15.84
C PRO O 182 -20.18 42.49 15.80
N ARG O 183 -20.40 41.20 15.55
CA ARG O 183 -19.30 40.24 15.49
C ARG O 183 -18.97 39.79 14.07
N TYR O 184 -19.96 39.70 13.19
CA TYR O 184 -19.73 39.31 11.80
C TYR O 184 -20.64 40.17 10.93
N GLY O 185 -20.80 39.77 9.66
CA GLY O 185 -21.65 40.49 8.74
C GLY O 185 -22.27 39.56 7.72
N LEU O 186 -23.23 40.09 6.98
CA LEU O 186 -23.92 39.34 5.93
C LEU O 186 -23.97 40.15 4.64
N HIS P 42 9.43 5.32 63.27
CA HIS P 42 10.20 4.46 64.16
C HIS P 42 10.72 3.22 63.44
N THR P 43 9.86 2.21 63.32
CA THR P 43 10.21 0.96 62.66
C THR P 43 9.44 0.85 61.35
N VAL P 44 10.14 0.48 60.29
CA VAL P 44 9.57 0.39 58.95
C VAL P 44 8.79 -0.92 58.82
N PRO P 45 7.52 -0.88 58.43
CA PRO P 45 6.74 -2.11 58.31
C PRO P 45 7.09 -2.93 57.08
N ARG P 46 7.76 -4.07 57.28
CA ARG P 46 8.10 -4.95 56.18
C ARG P 46 6.95 -5.94 55.95
N ILE P 47 6.45 -5.98 54.72
CA ILE P 47 5.29 -6.82 54.41
C ILE P 47 5.70 -8.29 54.42
N LYS P 48 4.76 -9.15 54.76
CA LYS P 48 4.98 -10.59 54.75
C LYS P 48 4.55 -11.19 53.42
N ALA P 49 5.05 -12.40 53.15
CA ALA P 49 4.68 -13.10 51.93
C ALA P 49 3.30 -13.74 52.04
N ILE P 50 2.95 -14.25 53.21
CA ILE P 50 1.65 -14.85 53.46
C ILE P 50 0.81 -13.80 54.17
N THR P 51 0.06 -13.02 53.39
CA THR P 51 -0.83 -12.02 53.97
C THR P 51 -1.99 -12.69 54.68
N SER P 52 -2.51 -12.01 55.72
CA SER P 52 -3.65 -12.54 56.45
C SER P 52 -4.88 -12.64 55.56
N LYS P 53 -5.13 -11.63 54.74
CA LYS P 53 -6.29 -11.60 53.86
C LYS P 53 -5.97 -12.23 52.51
N MET P 54 -5.59 -13.51 52.55
CA MET P 54 -5.31 -14.29 51.36
C MET P 54 -5.95 -15.66 51.50
N ARG P 55 -6.67 -16.08 50.46
CA ARG P 55 -7.53 -17.26 50.52
C ARG P 55 -6.71 -18.53 50.33
N MET P 56 -6.29 -19.13 51.45
CA MET P 56 -5.77 -20.49 51.38
C MET P 56 -6.90 -21.44 50.97
N PRO P 57 -6.63 -22.39 50.07
CA PRO P 57 -7.66 -23.35 49.69
C PRO P 57 -8.12 -24.17 50.89
N LYS P 58 -9.43 -24.43 50.96
CA LYS P 58 -10.03 -25.11 52.09
C LYS P 58 -10.84 -26.31 51.62
N SER P 59 -10.91 -27.33 52.48
CA SER P 59 -11.72 -28.51 52.22
C SER P 59 -12.34 -28.95 53.55
N LYS P 60 -13.67 -28.83 53.65
CA LYS P 60 -14.41 -29.19 54.86
C LYS P 60 -13.85 -28.47 56.09
N GLY P 61 -13.57 -27.19 55.93
CA GLY P 61 -13.03 -26.38 57.03
C GLY P 61 -11.53 -26.33 57.12
N ALA P 62 -10.88 -27.48 57.02
CA ALA P 62 -9.43 -27.54 57.09
C ALA P 62 -8.81 -27.02 55.79
N THR P 63 -7.49 -26.97 55.77
CA THR P 63 -6.73 -26.44 54.64
C THR P 63 -6.03 -27.59 53.93
N VAL P 64 -6.18 -27.64 52.60
CA VAL P 64 -5.55 -28.70 51.82
C VAL P 64 -4.03 -28.57 51.84
N LEU P 65 -3.51 -27.34 51.93
CA LEU P 65 -2.07 -27.13 51.92
C LEU P 65 -1.49 -27.36 53.32
N ASN P 66 -0.15 -27.38 53.37
CA ASN P 66 0.59 -27.67 54.59
C ASN P 66 1.61 -26.53 54.78
N LEU P 67 1.09 -25.29 54.80
CA LEU P 67 1.93 -24.10 54.70
C LEU P 67 2.77 -23.87 55.94
N GLU P 68 3.63 -24.85 56.26
CA GLU P 68 4.74 -24.65 57.19
C GLU P 68 5.99 -25.26 56.58
N HIS P 69 5.80 -26.26 55.74
CA HIS P 69 6.86 -26.82 54.90
C HIS P 69 6.73 -26.41 53.45
N LEU P 70 5.76 -25.68 53.06
CA LEU P 70 5.68 -25.21 51.68
C LEU P 70 6.83 -24.25 51.44
N LEU P 71 7.13 -23.41 52.49
CA LEU P 71 8.27 -22.53 52.33
C LEU P 71 9.59 -23.27 52.37
N GLU P 72 9.66 -24.36 53.12
CA GLU P 72 10.84 -25.23 53.16
C GLU P 72 10.72 -26.36 52.13
N TYR P 73 10.48 -25.99 50.87
CA TYR P 73 10.35 -26.95 49.79
C TYR P 73 10.79 -26.25 48.51
N ALA P 74 12.05 -26.47 48.11
CA ALA P 74 12.65 -25.79 46.97
C ALA P 74 13.32 -26.80 46.06
N PRO P 75 12.58 -27.38 45.13
CA PRO P 75 13.17 -28.29 44.15
C PRO P 75 13.69 -27.55 42.93
N GLN P 76 14.62 -28.20 42.23
CA GLN P 76 15.16 -27.64 41.00
C GLN P 76 14.10 -27.64 39.91
N GLN P 77 14.15 -26.62 39.04
CA GLN P 77 13.15 -26.48 37.99
C GLN P 77 13.24 -27.57 36.93
N ILE P 78 14.31 -28.36 36.92
CA ILE P 78 14.46 -29.43 35.94
C ILE P 78 14.10 -30.80 36.49
N ASP P 79 14.02 -30.96 37.82
CA ASP P 79 13.76 -32.24 38.43
C ASP P 79 12.29 -32.47 38.72
N ILE P 80 11.43 -31.49 38.43
CA ILE P 80 9.98 -31.63 38.60
C ILE P 80 9.28 -31.20 37.33
N SER P 81 10.05 -31.08 36.25
CA SER P 81 9.51 -30.69 34.95
C SER P 81 9.24 -31.92 34.11
N ASN P 82 8.15 -31.88 33.34
CA ASN P 82 7.78 -33.01 32.50
C ASN P 82 8.48 -33.01 31.14
N THR P 83 9.28 -31.99 30.84
CA THR P 83 10.04 -32.00 29.59
C THR P 83 11.14 -33.04 29.62
N ARG P 84 11.52 -33.53 30.79
CA ARG P 84 12.48 -34.61 30.94
C ARG P 84 11.79 -35.82 31.55
N ALA P 85 12.18 -37.00 31.09
CA ALA P 85 11.65 -38.23 31.66
C ALA P 85 12.13 -38.40 33.09
N THR P 86 11.26 -38.95 33.94
CA THR P 86 11.61 -39.13 35.34
C THR P 86 12.77 -40.12 35.47
N GLN P 87 13.52 -39.98 36.57
CA GLN P 87 14.72 -40.80 36.76
C GLN P 87 14.41 -42.28 36.76
N SER P 88 13.23 -42.68 37.24
CA SER P 88 12.85 -44.08 37.22
C SER P 88 12.70 -44.58 35.79
N GLN P 89 12.09 -43.78 34.92
CA GLN P 89 11.96 -44.17 33.52
C GLN P 89 13.28 -44.09 32.76
N PHE P 90 14.21 -43.23 33.20
CA PHE P 90 15.55 -43.23 32.61
C PHE P 90 16.37 -44.41 33.11
N ASP P 91 16.17 -44.84 34.35
CA ASP P 91 16.83 -46.04 34.85
C ASP P 91 16.33 -47.29 34.16
N THR P 92 15.15 -47.25 33.55
CA THR P 92 14.62 -48.39 32.81
C THR P 92 15.10 -48.39 31.37
N TRP P 93 15.07 -47.24 30.70
CA TRP P 93 15.58 -47.16 29.33
C TRP P 93 17.06 -47.47 29.26
N TYR P 94 17.84 -46.95 30.22
CA TYR P 94 19.28 -47.22 30.22
C TYR P 94 19.58 -48.68 30.53
N GLU P 95 18.71 -49.34 31.28
CA GLU P 95 18.91 -50.75 31.62
C GLU P 95 18.32 -51.67 30.57
N ALA P 96 17.27 -51.26 29.87
CA ALA P 96 16.69 -52.07 28.81
C ALA P 96 17.44 -51.94 27.50
N VAL P 97 18.31 -50.93 27.37
CA VAL P 97 19.17 -50.80 26.19
C VAL P 97 20.47 -51.57 26.38
N GLN P 98 21.04 -51.52 27.58
CA GLN P 98 22.27 -52.25 27.87
C GLN P 98 22.10 -53.75 27.68
N LEU P 99 20.91 -54.28 27.98
CA LEU P 99 20.67 -55.70 27.80
C LEU P 99 20.53 -56.08 26.33
N ALA P 100 19.93 -55.22 25.52
CA ALA P 100 19.77 -55.53 24.10
C ALA P 100 21.12 -55.55 23.38
N TYR P 101 22.01 -54.64 23.75
CA TYR P 101 23.35 -54.62 23.16
C TYR P 101 24.28 -55.66 23.78
N ASP P 102 23.89 -56.26 24.91
CA ASP P 102 24.72 -57.22 25.64
C ASP P 102 26.06 -56.63 26.05
N ILE P 103 26.13 -55.31 26.20
CA ILE P 103 27.36 -54.63 26.56
C ILE P 103 27.50 -54.60 28.08
N GLY P 104 28.71 -54.88 28.57
CA GLY P 104 28.95 -54.86 29.98
C GLY P 104 28.85 -53.47 30.58
N GLU P 105 28.65 -53.42 31.89
CA GLU P 105 28.46 -52.14 32.57
C GLU P 105 29.70 -51.26 32.51
N THR P 106 30.89 -51.84 32.37
CA THR P 106 32.10 -51.04 32.22
C THR P 106 32.31 -50.52 30.81
N GLU P 107 31.87 -51.27 29.80
CA GLU P 107 31.90 -50.81 28.42
C GLU P 107 30.64 -50.05 28.03
N MET P 108 29.62 -50.07 28.89
CA MET P 108 28.36 -49.39 28.56
C MET P 108 28.50 -47.88 28.39
N PRO P 109 29.16 -47.13 29.29
CA PRO P 109 29.08 -45.67 29.18
C PRO P 109 29.76 -45.10 27.95
N THR P 110 30.81 -45.75 27.43
CA THR P 110 31.47 -45.25 26.23
C THR P 110 30.52 -45.21 25.04
N VAL P 111 29.53 -46.11 25.01
CA VAL P 111 28.54 -46.09 23.95
C VAL P 111 27.68 -44.84 24.03
N MET P 112 27.33 -44.41 25.26
CA MET P 112 26.48 -43.25 25.43
C MET P 112 27.12 -41.94 25.01
N ASN P 113 28.46 -41.89 24.92
CA ASN P 113 29.09 -40.72 24.33
C ASN P 113 28.70 -40.56 22.87
N GLY P 114 28.80 -41.64 22.10
CA GLY P 114 28.43 -41.57 20.70
C GLY P 114 26.95 -41.33 20.47
N LEU P 115 26.11 -41.88 21.35
CA LEU P 115 24.67 -41.75 21.16
C LEU P 115 24.23 -40.30 21.23
N MET P 116 24.78 -39.53 22.16
CA MET P 116 24.43 -38.11 22.26
C MET P 116 24.97 -37.34 21.05
N VAL P 117 26.24 -37.56 20.71
CA VAL P 117 26.83 -36.89 19.55
C VAL P 117 26.07 -37.24 18.29
N TRP P 118 25.70 -38.51 18.12
CA TRP P 118 24.87 -38.87 16.98
C TRP P 118 23.52 -38.18 17.04
N CYS P 119 22.94 -38.05 18.22
CA CYS P 119 21.67 -37.37 18.40
C CYS P 119 21.77 -35.87 18.32
N ILE P 120 22.96 -35.30 18.10
CA ILE P 120 23.08 -33.85 17.94
C ILE P 120 22.83 -33.45 16.49
N GLU P 121 23.50 -34.06 15.56
CA GLU P 121 23.24 -33.80 14.15
C GLU P 121 21.85 -34.29 13.75
N ASN P 122 21.49 -35.49 14.20
CA ASN P 122 20.21 -36.09 13.85
C ASN P 122 19.22 -35.94 15.00
N GLY P 123 17.96 -35.70 14.65
CA GLY P 123 16.95 -35.45 15.65
C GLY P 123 16.61 -36.68 16.48
N THR P 124 15.75 -36.45 17.48
CA THR P 124 15.33 -37.50 18.40
C THR P 124 14.14 -38.30 17.89
N SER P 125 13.90 -38.28 16.59
CA SER P 125 12.83 -39.07 15.96
C SER P 125 13.42 -39.83 14.78
N PRO P 126 14.27 -40.84 15.04
CA PRO P 126 14.89 -41.57 13.94
C PRO P 126 14.05 -42.75 13.48
N ASN P 127 14.55 -43.50 12.50
CA ASN P 127 13.86 -44.70 12.03
C ASN P 127 14.11 -45.84 13.01
N ILE P 128 13.03 -46.44 13.51
CA ILE P 128 13.17 -47.56 14.44
C ILE P 128 13.85 -48.74 13.76
N ASN P 129 13.64 -48.90 12.45
CA ASN P 129 14.31 -49.94 11.67
C ASN P 129 15.60 -49.43 11.04
N GLY P 130 16.47 -48.85 11.87
CA GLY P 130 17.72 -48.30 11.40
C GLY P 130 18.86 -48.47 12.38
N VAL P 131 20.01 -47.86 12.08
CA VAL P 131 21.20 -47.96 12.92
C VAL P 131 21.81 -46.58 13.11
N TRP P 132 22.59 -46.45 14.18
CA TRP P 132 23.37 -45.24 14.46
C TRP P 132 24.83 -45.62 14.58
N VAL P 133 25.71 -44.64 14.33
CA VAL P 133 27.13 -44.90 14.13
C VAL P 133 27.96 -44.16 15.16
N MET P 134 28.98 -44.83 15.68
CA MET P 134 30.00 -44.22 16.54
C MET P 134 31.34 -44.86 16.25
N MET P 135 32.36 -44.03 16.04
CA MET P 135 33.60 -44.47 15.43
C MET P 135 34.61 -45.00 16.43
N ASP P 136 35.28 -46.09 16.04
CA ASP P 136 36.57 -46.48 16.64
C ASP P 136 37.67 -45.87 15.79
N GLY P 137 37.75 -44.54 15.86
CA GLY P 137 38.72 -43.81 15.06
C GLY P 137 38.20 -43.46 13.69
N ASP P 138 38.58 -44.25 12.68
CA ASP P 138 38.10 -44.06 11.32
C ASP P 138 37.16 -45.16 10.86
N GLU P 139 36.93 -46.18 11.67
CA GLU P 139 36.10 -47.32 11.30
C GLU P 139 34.71 -47.16 11.91
N GLN P 140 33.68 -47.22 11.07
CA GLN P 140 32.32 -47.09 11.55
C GLN P 140 31.89 -48.33 12.33
N VAL P 141 31.16 -48.11 13.41
CA VAL P 141 30.56 -49.17 14.21
C VAL P 141 29.05 -48.93 14.24
N GLU P 142 28.28 -49.95 13.88
CA GLU P 142 26.84 -49.83 13.73
C GLU P 142 26.15 -50.39 14.98
N TYR P 143 25.15 -49.65 15.47
CA TYR P 143 24.32 -50.08 16.57
C TYR P 143 22.86 -49.95 16.19
N PRO P 144 22.04 -50.97 16.47
CA PRO P 144 20.62 -50.90 16.09
C PRO P 144 19.88 -49.83 16.89
N LEU P 145 18.86 -49.26 16.25
CA LEU P 145 18.06 -48.21 16.84
C LEU P 145 16.74 -48.73 17.42
N LYS P 146 16.55 -50.04 17.43
CA LYS P 146 15.30 -50.59 17.98
C LYS P 146 15.23 -50.45 19.50
N PRO P 147 16.21 -50.92 20.28
CA PRO P 147 16.11 -50.73 21.74
C PRO P 147 16.12 -49.26 22.16
N ILE P 148 16.72 -48.39 21.35
CA ILE P 148 16.80 -46.97 21.71
C ILE P 148 15.41 -46.34 21.66
N VAL P 149 14.64 -46.62 20.63
CA VAL P 149 13.34 -45.97 20.44
C VAL P 149 12.22 -46.76 21.10
N GLU P 150 12.25 -48.09 21.00
CA GLU P 150 11.17 -48.90 21.54
C GLU P 150 11.10 -48.82 23.06
N ASN P 151 12.25 -48.80 23.72
CA ASN P 151 12.32 -48.86 25.18
C ASN P 151 12.33 -47.49 25.83
N ALA P 152 12.17 -46.41 25.04
CA ALA P 152 12.18 -45.06 25.57
C ALA P 152 10.74 -44.62 25.84
N LYS P 153 10.41 -44.46 27.12
CA LYS P 153 9.08 -44.04 27.54
C LYS P 153 9.16 -42.74 28.33
N PRO P 154 8.21 -41.82 28.14
CA PRO P 154 7.07 -41.91 27.22
C PRO P 154 7.44 -41.46 25.81
N THR P 155 8.61 -40.83 25.65
CA THR P 155 9.07 -40.36 24.35
C THR P 155 10.59 -40.32 24.37
N LEU P 156 11.18 -40.62 23.21
CA LEU P 156 12.64 -40.55 23.09
C LEU P 156 13.14 -39.12 23.30
N ARG P 157 12.33 -38.13 22.97
CA ARG P 157 12.73 -36.75 23.18
C ARG P 157 12.94 -36.45 24.66
N GLN P 158 12.03 -36.93 25.52
CA GLN P 158 12.16 -36.68 26.95
C GLN P 158 13.28 -37.52 27.56
N ILE P 159 13.49 -38.74 27.06
CA ILE P 159 14.60 -39.54 27.53
C ILE P 159 15.93 -38.89 27.14
N MET P 160 16.03 -38.40 25.92
CA MET P 160 17.24 -37.71 25.47
C MET P 160 17.39 -36.32 26.08
N ALA P 161 16.34 -35.79 26.70
CA ALA P 161 16.43 -34.47 27.30
C ALA P 161 17.37 -34.44 28.50
N HIS P 162 17.70 -35.60 29.06
CA HIS P 162 18.68 -35.65 30.15
C HIS P 162 20.05 -35.16 29.68
N PHE P 163 20.43 -35.52 28.46
CA PHE P 163 21.72 -35.13 27.88
C PHE P 163 21.77 -33.66 27.49
N SER P 164 20.72 -32.88 27.77
CA SER P 164 20.68 -31.49 27.32
C SER P 164 21.79 -30.66 27.95
N ASP P 165 22.07 -30.88 29.23
CA ASP P 165 23.10 -30.11 29.91
C ASP P 165 24.48 -30.36 29.29
N VAL P 166 24.78 -31.61 28.96
CA VAL P 166 26.08 -31.94 28.39
C VAL P 166 26.11 -31.64 26.89
N ALA P 167 24.95 -31.63 26.24
CA ALA P 167 24.91 -31.34 24.81
C ALA P 167 25.44 -29.94 24.51
N GLU P 168 25.02 -28.95 25.29
CA GLU P 168 25.56 -27.61 25.13
C GLU P 168 27.03 -27.55 25.52
N ALA P 169 27.42 -28.29 26.56
CA ALA P 169 28.81 -28.30 26.99
C ALA P 169 29.72 -28.97 25.97
N TYR P 170 29.16 -29.75 25.05
CA TYR P 170 29.95 -30.39 23.99
C TYR P 170 29.96 -29.59 22.70
N ILE P 171 28.82 -29.01 22.31
CA ILE P 171 28.78 -28.20 21.10
C ILE P 171 29.67 -26.98 21.24
N GLU P 172 29.58 -26.30 22.39
CA GLU P 172 30.39 -25.10 22.60
C GLU P 172 31.87 -25.44 22.70
N MET P 173 32.21 -26.61 23.25
CA MET P 173 33.62 -26.97 23.40
C MET P 173 34.28 -27.15 22.04
N ARG P 174 33.57 -27.78 21.09
CA ARG P 174 34.12 -27.95 19.75
C ARG P 174 34.09 -26.66 18.94
N ASN P 175 33.07 -25.81 19.15
CA ASN P 175 32.99 -24.57 18.38
C ASN P 175 34.21 -23.70 18.57
N LYS P 176 34.90 -23.85 19.70
CA LYS P 176 36.17 -23.14 19.90
C LYS P 176 37.21 -23.59 18.89
N LYS P 177 37.25 -24.89 18.60
CA LYS P 177 38.25 -25.41 17.66
C LYS P 177 37.79 -25.24 16.22
N GLU P 178 36.67 -25.88 15.84
CA GLU P 178 36.13 -25.82 14.50
C GLU P 178 34.62 -25.64 14.58
N PRO P 179 34.01 -25.03 13.56
CA PRO P 179 32.56 -24.86 13.57
C PRO P 179 31.82 -26.19 13.67
N TYR P 180 30.80 -26.22 14.50
CA TYR P 180 29.98 -27.42 14.71
C TYR P 180 28.50 -27.03 14.71
N MET P 181 28.09 -26.26 13.72
CA MET P 181 26.70 -25.83 13.60
C MET P 181 25.83 -27.04 13.32
N PRO P 182 24.98 -27.47 14.24
CA PRO P 182 24.27 -28.75 14.08
C PRO P 182 22.96 -28.58 13.33
N ARG P 183 22.26 -29.69 13.14
CA ARG P 183 20.99 -29.69 12.44
C ARG P 183 19.78 -29.86 13.34
N TYR P 184 19.92 -30.62 14.42
CA TYR P 184 18.83 -30.82 15.38
C TYR P 184 19.43 -30.80 16.78
N GLY P 185 18.65 -31.26 17.76
CA GLY P 185 19.12 -31.33 19.13
C GLY P 185 18.47 -32.47 19.88
N LEU P 186 19.01 -32.72 21.07
CA LEU P 186 18.50 -33.78 21.93
C LEU P 186 18.29 -33.27 23.36
N HIS Q 42 45.01 -9.90 39.72
CA HIS Q 42 46.18 -10.76 39.59
C HIS Q 42 46.04 -11.70 38.39
N THR Q 43 45.31 -12.80 38.58
CA THR Q 43 45.09 -13.80 37.54
C THR Q 43 43.64 -13.75 37.11
N VAL Q 44 43.41 -13.76 35.80
CA VAL Q 44 42.07 -13.66 35.23
C VAL Q 44 41.40 -15.03 35.29
N PRO Q 45 40.20 -15.14 35.87
CA PRO Q 45 39.54 -16.45 35.96
C PRO Q 45 38.95 -16.90 34.64
N ARG Q 46 39.55 -17.90 34.01
CA ARG Q 46 39.03 -18.47 32.77
C ARG Q 46 38.03 -19.56 33.09
N ILE Q 47 36.80 -19.43 32.56
CA ILE Q 47 35.75 -20.39 32.87
C ILE Q 47 36.02 -21.73 32.19
N LYS Q 48 35.56 -22.80 32.80
CA LYS Q 48 35.69 -24.13 32.25
C LYS Q 48 34.45 -24.51 31.44
N ALA Q 49 34.62 -25.50 30.57
CA ALA Q 49 33.50 -25.99 29.77
C ALA Q 49 32.56 -26.87 30.59
N ILE Q 50 33.11 -27.68 31.49
CA ILE Q 50 32.32 -28.56 32.35
C ILE Q 50 32.23 -27.86 33.70
N THR Q 51 31.16 -27.08 33.88
CA THR Q 51 30.93 -26.41 35.15
C THR Q 51 30.56 -27.42 36.23
N SER Q 52 30.91 -27.09 37.48
CA SER Q 52 30.57 -27.97 38.60
C SER Q 52 29.07 -28.10 38.76
N LYS Q 53 28.34 -26.99 38.64
CA LYS Q 53 26.89 -27.00 38.82
C LYS Q 53 26.18 -27.25 37.48
N MET Q 54 26.47 -28.41 36.91
CA MET Q 54 25.85 -28.85 35.66
C MET Q 54 25.46 -30.31 35.80
N ARG Q 55 24.22 -30.62 35.43
CA ARG Q 55 23.62 -31.94 35.72
C ARG Q 55 24.06 -32.96 34.68
N MET Q 56 25.11 -33.70 35.00
CA MET Q 56 25.43 -34.89 34.24
C MET Q 56 24.32 -35.92 34.41
N PRO Q 57 23.88 -36.58 33.34
CA PRO Q 57 22.86 -37.62 33.50
C PRO Q 57 23.34 -38.75 34.40
N LYS Q 58 22.43 -39.25 35.23
CA LYS Q 58 22.76 -40.26 36.23
C LYS Q 58 21.83 -41.45 36.10
N SER Q 59 22.36 -42.63 36.46
CA SER Q 59 21.58 -43.86 36.48
C SER Q 59 22.03 -44.68 37.68
N LYS Q 60 21.14 -44.83 38.67
CA LYS Q 60 21.44 -45.58 39.89
C LYS Q 60 22.69 -45.04 40.59
N GLY Q 61 22.81 -43.73 40.65
CA GLY Q 61 23.96 -43.10 41.29
C GLY Q 61 25.12 -42.79 40.37
N ALA Q 62 25.50 -43.76 39.54
CA ALA Q 62 26.60 -43.57 38.61
C ALA Q 62 26.17 -42.66 37.45
N THR Q 63 27.12 -42.36 36.57
CA THR Q 63 26.89 -41.48 35.44
C THR Q 63 26.90 -42.28 34.15
N VAL Q 64 25.88 -42.08 33.31
CA VAL Q 64 25.78 -42.81 32.06
C VAL Q 64 26.89 -42.40 31.10
N LEU Q 65 27.35 -41.16 31.16
CA LEU Q 65 28.39 -40.69 30.28
C LEU Q 65 29.77 -41.11 30.78
N ASN Q 66 30.78 -40.89 29.93
CA ASN Q 66 32.16 -41.28 30.19
C ASN Q 66 33.04 -40.05 29.98
N LEU Q 67 32.69 -38.96 30.69
CA LEU Q 67 33.24 -37.64 30.40
C LEU Q 67 34.71 -37.53 30.77
N GLU Q 68 35.55 -38.39 30.14
CA GLU Q 68 37.00 -38.19 30.12
C GLU Q 68 37.48 -38.40 28.68
N HIS Q 69 36.74 -39.22 27.94
CA HIS Q 69 36.94 -39.38 26.51
C HIS Q 69 35.84 -38.69 25.70
N LEU Q 70 34.88 -38.09 26.28
CA LEU Q 70 33.88 -37.37 25.51
C LEU Q 70 34.58 -36.18 24.86
N LEU Q 71 35.52 -35.54 25.62
CA LEU Q 71 36.25 -34.44 25.01
C LEU Q 71 37.22 -34.92 23.94
N GLU Q 72 37.78 -36.12 24.11
CA GLU Q 72 38.64 -36.74 23.11
C GLU Q 72 37.83 -37.63 22.16
N TYR Q 73 36.80 -37.04 21.56
CA TYR Q 73 35.94 -37.77 20.61
C TYR Q 73 35.40 -36.73 19.63
N ALA Q 74 36.03 -36.63 18.46
CA ALA Q 74 35.69 -35.61 17.46
C ALA Q 74 35.53 -36.26 16.10
N PRO Q 75 34.35 -36.76 15.78
CA PRO Q 75 34.10 -37.32 14.45
C PRO Q 75 33.63 -36.24 13.47
N GLN Q 76 33.82 -36.54 12.19
CA GLN Q 76 33.38 -35.64 11.14
C GLN Q 76 31.85 -35.60 11.09
N GLN Q 77 31.31 -34.42 10.74
CA GLN Q 77 29.87 -34.25 10.71
C GLN Q 77 29.19 -35.05 9.61
N ILE Q 78 29.94 -35.61 8.67
CA ILE Q 78 29.36 -36.39 7.58
C ILE Q 78 29.46 -37.90 7.82
N ASP Q 79 30.32 -38.34 8.74
CA ASP Q 79 30.53 -39.75 8.98
C ASP Q 79 29.66 -40.31 10.10
N ILE Q 80 28.84 -39.47 10.73
CA ILE Q 80 27.93 -39.91 11.78
C ILE Q 80 26.54 -39.35 11.47
N SER Q 81 26.35 -38.86 10.26
CA SER Q 81 25.08 -38.30 9.82
C SER Q 81 24.28 -39.35 9.06
N ASN Q 82 22.96 -39.35 9.27
CA ASN Q 82 22.10 -40.32 8.62
C ASN Q 82 21.67 -39.90 7.21
N THR Q 83 22.06 -38.70 6.75
CA THR Q 83 21.76 -38.31 5.39
C THR Q 83 22.55 -39.11 4.37
N ARG Q 84 23.63 -39.76 4.81
CA ARG Q 84 24.42 -40.64 3.96
C ARG Q 84 24.32 -42.07 4.49
N ALA Q 85 24.27 -43.03 3.58
CA ALA Q 85 24.25 -44.43 3.99
C ALA Q 85 25.59 -44.81 4.61
N THR Q 86 25.53 -45.68 5.62
CA THR Q 86 26.75 -46.10 6.30
C THR Q 86 27.66 -46.85 5.35
N GLN Q 87 28.96 -46.82 5.66
CA GLN Q 87 29.95 -47.42 4.76
C GLN Q 87 29.70 -48.90 4.54
N SER Q 88 29.18 -49.61 5.55
CA SER Q 88 28.86 -51.01 5.38
C SER Q 88 27.77 -51.22 4.35
N GLN Q 89 26.74 -50.37 4.37
CA GLN Q 89 25.68 -50.45 3.38
C GLN Q 89 26.12 -49.98 2.01
N PHE Q 90 27.10 -49.08 1.93
CA PHE Q 90 27.67 -48.71 0.65
C PHE Q 90 28.58 -49.79 0.10
N ASP Q 91 29.29 -50.51 0.98
CA ASP Q 91 30.10 -51.63 0.55
C ASP Q 91 29.24 -52.79 0.04
N THR Q 92 27.97 -52.84 0.41
CA THR Q 92 27.06 -53.87 -0.06
C THR Q 92 26.42 -53.47 -1.40
N TRP Q 93 25.95 -52.22 -1.51
CA TRP Q 93 25.38 -51.77 -2.76
C TRP Q 93 26.41 -51.77 -3.88
N TYR Q 94 27.64 -51.34 -3.60
CA TYR Q 94 28.67 -51.32 -4.62
C TYR Q 94 29.08 -52.73 -5.02
N GLU Q 95 28.96 -53.69 -4.10
CA GLU Q 95 29.31 -55.08 -4.41
C GLU Q 95 28.16 -55.85 -5.01
N ALA Q 96 26.91 -55.50 -4.67
CA ALA Q 96 25.75 -56.15 -5.25
C ALA Q 96 25.40 -55.60 -6.63
N VAL Q 97 25.96 -54.45 -7.02
CA VAL Q 97 25.77 -53.92 -8.36
C VAL Q 97 26.83 -54.45 -9.30
N GLN Q 98 28.07 -54.55 -8.83
CA GLN Q 98 29.16 -55.08 -9.66
C GLN Q 98 28.88 -56.51 -10.11
N LEU Q 99 28.22 -57.31 -9.25
CA LEU Q 99 27.90 -58.68 -9.62
C LEU Q 99 26.78 -58.75 -10.66
N ALA Q 100 25.80 -57.86 -10.58
CA ALA Q 100 24.70 -57.88 -11.54
C ALA Q 100 25.18 -57.49 -12.94
N TYR Q 101 26.10 -56.54 -13.02
CA TYR Q 101 26.67 -56.14 -14.30
C TYR Q 101 27.75 -57.10 -14.78
N ASP Q 102 28.24 -58.00 -13.92
CA ASP Q 102 29.32 -58.92 -14.24
C ASP Q 102 30.59 -58.19 -14.68
N ILE Q 103 30.76 -56.95 -14.23
CA ILE Q 103 31.91 -56.14 -14.62
C ILE Q 103 33.06 -56.42 -13.65
N GLY Q 104 34.27 -56.57 -14.19
CA GLY Q 104 35.43 -56.82 -13.36
C GLY Q 104 35.77 -55.63 -12.49
N GLU Q 105 36.54 -55.89 -11.43
CA GLU Q 105 36.88 -54.85 -10.48
C GLU Q 105 37.75 -53.76 -11.08
N THR Q 106 38.51 -54.06 -12.14
CA THR Q 106 39.31 -53.05 -12.81
C THR Q 106 38.49 -52.20 -13.77
N GLU Q 107 37.47 -52.79 -14.40
CA GLU Q 107 36.55 -52.04 -15.24
C GLU Q 107 35.38 -51.47 -14.47
N MET Q 108 35.22 -51.85 -13.19
CA MET Q 108 34.09 -51.38 -12.40
C MET Q 108 34.09 -49.86 -12.19
N PRO Q 109 35.20 -49.21 -11.78
CA PRO Q 109 35.09 -47.80 -11.40
C PRO Q 109 34.74 -46.86 -12.54
N THR Q 110 35.14 -47.18 -13.77
CA THR Q 110 34.80 -46.32 -14.91
C THR Q 110 33.29 -46.20 -15.09
N VAL Q 111 32.55 -47.24 -14.71
CA VAL Q 111 31.10 -47.18 -14.78
C VAL Q 111 30.55 -46.15 -13.79
N MET Q 112 31.15 -46.08 -12.60
CA MET Q 112 30.66 -45.16 -11.57
C MET Q 112 30.86 -43.69 -11.93
N ASN Q 113 31.76 -43.38 -12.87
CA ASN Q 113 31.84 -42.01 -13.36
C ASN Q 113 30.55 -41.61 -14.06
N GLY Q 114 30.07 -42.46 -14.97
CA GLY Q 114 28.85 -42.16 -15.69
C GLY Q 114 27.63 -42.16 -14.78
N LEU Q 115 27.60 -43.03 -13.77
CA LEU Q 115 26.43 -43.13 -12.92
C LEU Q 115 26.18 -41.84 -12.16
N MET Q 116 27.24 -41.19 -11.66
CA MET Q 116 27.07 -39.92 -10.97
C MET Q 116 26.64 -38.82 -11.94
N VAL Q 117 27.32 -38.74 -13.09
CA VAL Q 117 26.97 -37.73 -14.09
C VAL Q 117 25.53 -37.92 -14.56
N TRP Q 118 25.14 -39.18 -14.79
CA TRP Q 118 23.74 -39.44 -15.14
C TRP Q 118 22.81 -39.03 -14.00
N CYS Q 119 23.22 -39.27 -12.76
CA CYS Q 119 22.41 -38.90 -11.60
C CYS Q 119 22.45 -37.41 -11.30
N ILE Q 120 23.18 -36.60 -12.07
CA ILE Q 120 23.18 -35.16 -11.85
C ILE Q 120 22.01 -34.51 -12.59
N GLU Q 121 21.85 -34.77 -13.85
CA GLU Q 121 20.68 -34.27 -14.57
C GLU Q 121 19.39 -34.90 -14.07
N ASN Q 122 19.43 -36.22 -13.87
CA ASN Q 122 18.25 -36.95 -13.43
C ASN Q 122 18.33 -37.24 -11.94
N GLY Q 123 17.18 -37.18 -11.27
CA GLY Q 123 17.13 -37.34 -9.83
C GLY Q 123 17.43 -38.75 -9.38
N THR Q 124 17.51 -38.91 -8.06
CA THR Q 124 17.82 -40.19 -7.44
C THR Q 124 16.59 -41.06 -7.23
N SER Q 125 15.51 -40.81 -7.97
CA SER Q 125 14.31 -41.63 -7.93
C SER Q 125 13.91 -42.00 -9.35
N PRO Q 126 14.69 -42.86 -10.01
CA PRO Q 126 14.37 -43.22 -11.39
C PRO Q 126 13.43 -44.40 -11.48
N ASN Q 127 13.11 -44.82 -12.71
CA ASN Q 127 12.27 -45.99 -12.91
C ASN Q 127 13.11 -47.25 -12.73
N ILE Q 128 12.65 -48.14 -11.84
CA ILE Q 128 13.39 -49.38 -11.61
C ILE Q 128 13.38 -50.25 -12.87
N ASN Q 129 12.33 -50.15 -13.68
CA ASN Q 129 12.27 -50.87 -14.95
C ASN Q 129 12.78 -50.00 -16.10
N GLY Q 130 13.99 -49.46 -15.94
CA GLY Q 130 14.57 -48.59 -16.94
C GLY Q 130 16.08 -48.76 -17.06
N VAL Q 131 16.71 -47.89 -17.86
CA VAL Q 131 18.15 -47.95 -18.09
C VAL Q 131 18.74 -46.55 -17.97
N TRP Q 132 20.05 -46.51 -17.70
CA TRP Q 132 20.82 -45.29 -17.70
C TRP Q 132 21.98 -45.39 -18.69
N VAL Q 133 22.45 -44.24 -19.16
CA VAL Q 133 23.33 -44.19 -20.32
C VAL Q 133 24.65 -43.54 -19.94
N MET Q 134 25.76 -44.11 -20.45
CA MET Q 134 27.09 -43.52 -20.34
C MET Q 134 27.85 -43.83 -21.63
N MET Q 135 28.46 -42.79 -22.21
CA MET Q 135 28.94 -42.85 -23.59
C MET Q 135 30.34 -43.40 -23.72
N ASP Q 136 30.55 -44.23 -24.73
CA ASP Q 136 31.88 -44.50 -25.27
C ASP Q 136 32.11 -43.51 -26.42
N GLY Q 137 32.24 -42.25 -26.05
CA GLY Q 137 32.41 -41.20 -27.04
C GLY Q 137 31.08 -40.66 -27.54
N ASP Q 138 30.65 -41.13 -28.71
CA ASP Q 138 29.38 -40.74 -29.29
C ASP Q 138 28.36 -41.87 -29.31
N GLU Q 139 28.74 -43.07 -28.87
CA GLU Q 139 27.86 -44.24 -28.91
C GLU Q 139 27.28 -44.47 -27.52
N GLN Q 140 25.95 -44.53 -27.44
CA GLN Q 140 25.29 -44.77 -26.17
C GLN Q 140 25.51 -46.20 -25.69
N VAL Q 141 25.72 -46.36 -24.39
CA VAL Q 141 25.82 -47.66 -23.75
C VAL Q 141 24.75 -47.71 -22.66
N GLU Q 142 23.93 -48.76 -22.69
CA GLU Q 142 22.78 -48.89 -21.80
C GLU Q 142 23.13 -49.80 -20.64
N TYR Q 143 22.75 -49.39 -19.42
CA TYR Q 143 22.91 -50.20 -18.23
C TYR Q 143 21.58 -50.26 -17.49
N PRO Q 144 21.17 -51.44 -17.04
CA PRO Q 144 19.87 -51.56 -16.34
C PRO Q 144 19.90 -50.85 -15.01
N LEU Q 145 18.73 -50.35 -14.61
CA LEU Q 145 18.56 -49.61 -13.37
C LEU Q 145 18.01 -50.48 -12.25
N LYS Q 146 17.85 -51.79 -12.48
CA LYS Q 146 17.32 -52.65 -11.42
C LYS Q 146 18.31 -52.86 -10.29
N PRO Q 147 19.56 -53.31 -10.52
CA PRO Q 147 20.49 -53.45 -9.39
C PRO Q 147 20.80 -52.13 -8.69
N ILE Q 148 20.70 -51.01 -9.41
CA ILE Q 148 21.02 -49.72 -8.81
C ILE Q 148 19.99 -49.35 -7.74
N VAL Q 149 18.71 -49.54 -8.02
CA VAL Q 149 17.65 -49.13 -7.10
C VAL Q 149 17.29 -50.23 -6.13
N GLU Q 150 17.22 -51.48 -6.59
CA GLU Q 150 16.79 -52.56 -5.73
C GLU Q 150 17.79 -52.83 -4.62
N ASN Q 151 19.08 -52.74 -4.92
CA ASN Q 151 20.13 -53.10 -3.97
C ASN Q 151 20.60 -51.92 -3.14
N ALA Q 152 19.97 -50.75 -3.27
CA ALA Q 152 20.35 -49.55 -2.52
C ALA Q 152 19.50 -49.47 -1.26
N LYS Q 153 20.14 -49.65 -0.11
CA LYS Q 153 19.47 -49.59 1.19
C LYS Q 153 20.09 -48.50 2.04
N PRO Q 154 19.28 -47.75 2.81
CA PRO Q 154 17.83 -47.83 2.91
C PRO Q 154 17.13 -47.04 1.80
N THR Q 155 17.87 -46.19 1.10
CA THR Q 155 17.32 -45.37 0.03
C THR Q 155 18.44 -45.06 -0.96
N LEU Q 156 18.07 -44.99 -2.25
CA LEU Q 156 19.05 -44.63 -3.27
C LEU Q 156 19.58 -43.21 -3.05
N ARG Q 157 18.77 -42.33 -2.45
CA ARG Q 157 19.23 -40.98 -2.19
C ARG Q 157 20.40 -40.97 -1.21
N GLN Q 158 20.32 -41.79 -0.15
CA GLN Q 158 21.41 -41.83 0.82
C GLN Q 158 22.63 -42.57 0.27
N ILE Q 159 22.42 -43.59 -0.57
CA ILE Q 159 23.55 -44.25 -1.21
C ILE Q 159 24.25 -43.30 -2.16
N MET Q 160 23.48 -42.54 -2.95
CA MET Q 160 24.06 -41.56 -3.87
C MET Q 160 24.61 -40.34 -3.15
N ALA Q 161 24.28 -40.15 -1.86
CA ALA Q 161 24.79 -39.00 -1.13
C ALA Q 161 26.29 -39.06 -0.91
N HIS Q 162 26.90 -40.23 -1.08
CA HIS Q 162 28.36 -40.33 -0.99
C HIS Q 162 29.04 -39.51 -2.08
N PHE Q 163 28.47 -39.52 -3.29
CA PHE Q 163 29.01 -38.78 -4.43
C PHE Q 163 28.79 -37.27 -4.32
N SER Q 164 28.24 -36.78 -3.21
CA SER Q 164 27.92 -35.36 -3.10
C SER Q 164 29.17 -34.49 -3.16
N ASP Q 165 30.26 -34.93 -2.52
CA ASP Q 165 31.49 -34.15 -2.52
C ASP Q 165 32.05 -34.00 -3.93
N VAL Q 166 32.02 -35.07 -4.71
CA VAL Q 166 32.57 -35.02 -6.06
C VAL Q 166 31.56 -34.40 -7.03
N ALA Q 167 30.28 -34.47 -6.72
CA ALA Q 167 29.27 -33.89 -7.60
C ALA Q 167 29.47 -32.40 -7.77
N GLU Q 168 29.71 -31.69 -6.66
CA GLU Q 168 30.02 -30.26 -6.74
C GLU Q 168 31.35 -30.02 -7.44
N ALA Q 169 32.34 -30.88 -7.17
CA ALA Q 169 33.64 -30.73 -7.81
C ALA Q 169 33.58 -30.98 -9.31
N TYR Q 170 32.54 -31.63 -9.81
CA TYR Q 170 32.37 -31.87 -11.24
C TYR Q 170 31.51 -30.82 -11.92
N ILE Q 171 30.42 -30.40 -11.26
CA ILE Q 171 29.56 -29.36 -11.85
C ILE Q 171 30.33 -28.06 -11.99
N GLU Q 172 31.07 -27.67 -10.94
CA GLU Q 172 31.82 -26.42 -10.99
C GLU Q 172 32.96 -26.49 -12.00
N MET Q 173 33.56 -27.66 -12.18
CA MET Q 173 34.67 -27.79 -13.10
C MET Q 173 34.22 -27.55 -14.54
N ARG Q 174 33.04 -28.08 -14.90
CA ARG Q 174 32.52 -27.85 -16.25
C ARG Q 174 31.95 -26.45 -16.43
N ASN Q 175 31.37 -25.86 -15.37
CA ASN Q 175 30.80 -24.53 -15.48
C ASN Q 175 31.83 -23.50 -15.93
N LYS Q 176 33.11 -23.75 -15.64
CA LYS Q 176 34.17 -22.88 -16.13
C LYS Q 176 34.23 -22.91 -17.65
N LYS Q 177 34.05 -24.08 -18.25
CA LYS Q 177 34.11 -24.21 -19.71
C LYS Q 177 32.79 -23.81 -20.36
N GLU Q 178 31.72 -24.55 -20.06
CA GLU Q 178 30.39 -24.30 -20.61
C GLU Q 178 29.36 -24.42 -19.51
N PRO Q 179 28.23 -23.73 -19.64
CA PRO Q 179 27.18 -23.84 -18.61
C PRO Q 179 26.70 -25.27 -18.44
N TYR Q 180 26.52 -25.68 -17.19
CA TYR Q 180 26.05 -27.02 -16.86
C TYR Q 180 24.99 -26.93 -15.76
N MET Q 181 24.03 -26.05 -15.95
CA MET Q 181 22.94 -25.86 -14.99
C MET Q 181 22.09 -27.12 -14.95
N PRO Q 182 22.10 -27.89 -13.87
CA PRO Q 182 21.46 -29.22 -13.87
C PRO Q 182 19.99 -29.13 -13.48
N ARG Q 183 19.34 -30.29 -13.46
CA ARG Q 183 17.93 -30.37 -13.11
C ARG Q 183 17.68 -30.96 -11.74
N TYR Q 184 18.51 -31.89 -11.28
CA TYR Q 184 18.38 -32.49 -9.95
C TYR Q 184 19.77 -32.67 -9.37
N GLY Q 185 19.87 -33.45 -8.31
CA GLY Q 185 21.16 -33.73 -7.70
C GLY Q 185 21.19 -35.10 -7.07
N LEU Q 186 22.39 -35.50 -6.67
CA LEU Q 186 22.59 -36.80 -6.03
C LEU Q 186 23.44 -36.66 -4.76
N HIS R 42 11.39 44.30 68.05
CA HIS R 42 11.95 43.50 69.13
C HIS R 42 12.56 42.20 68.61
N THR R 43 11.70 41.20 68.39
CA THR R 43 12.13 39.89 67.89
C THR R 43 11.63 39.71 66.47
N VAL R 44 12.52 39.25 65.59
CA VAL R 44 12.19 39.07 64.18
C VAL R 44 11.41 37.77 64.00
N PRO R 45 10.24 37.80 63.36
CA PRO R 45 9.45 36.57 63.18
C PRO R 45 10.01 35.66 62.10
N ARG R 46 10.59 34.54 62.51
CA ARG R 46 11.11 33.56 61.55
C ARG R 46 9.99 32.59 61.17
N ILE R 47 9.72 32.47 59.88
CA ILE R 47 8.63 31.62 59.41
C ILE R 47 8.99 30.16 59.59
N LYS R 48 7.97 29.33 59.80
CA LYS R 48 8.14 27.89 59.93
C LYS R 48 7.95 27.20 58.59
N ALA R 49 8.46 25.98 58.50
CA ALA R 49 8.30 25.19 57.28
C ALA R 49 6.91 24.60 57.17
N ILE R 50 6.33 24.17 58.29
CA ILE R 50 4.98 23.61 58.31
C ILE R 50 4.05 24.73 58.79
N THR R 51 3.49 25.46 57.84
CA THR R 51 2.55 26.51 58.17
C THR R 51 1.24 25.92 58.69
N SER R 52 0.57 26.67 59.56
CA SER R 52 -0.71 26.22 60.09
C SER R 52 -1.75 26.08 58.99
N LYS R 53 -1.81 27.04 58.08
CA LYS R 53 -2.79 27.02 56.99
C LYS R 53 -2.23 26.28 55.77
N MET R 54 -1.91 25.01 55.97
CA MET R 54 -1.43 24.14 54.91
C MET R 54 -2.12 22.79 55.02
N ARG R 55 -2.64 22.31 53.89
CA ARG R 55 -3.54 21.16 53.86
C ARG R 55 -2.74 19.85 53.92
N MET R 56 -2.57 19.34 55.13
CA MET R 56 -2.09 17.96 55.26
C MET R 56 -3.13 17.00 54.70
N PRO R 57 -2.73 15.99 53.94
CA PRO R 57 -3.71 15.02 53.44
C PRO R 57 -4.40 14.30 54.58
N LYS R 58 -5.70 14.07 54.41
CA LYS R 58 -6.54 13.49 55.45
C LYS R 58 -7.28 12.27 54.93
N SER R 59 -7.55 11.32 55.81
CA SER R 59 -8.32 10.12 55.50
C SER R 59 -9.19 9.80 56.71
N LYS R 60 -10.52 9.95 56.55
CA LYS R 60 -11.48 9.69 57.61
C LYS R 60 -11.15 10.50 58.88
N GLY R 61 -10.80 11.75 58.69
CA GLY R 61 -10.45 12.62 59.80
C GLY R 61 -8.99 12.66 60.18
N ALA R 62 -8.37 11.48 60.28
CA ALA R 62 -6.96 11.40 60.64
C ALA R 62 -6.10 11.83 59.45
N THR R 63 -4.79 11.85 59.67
CA THR R 63 -3.82 12.28 58.68
C THR R 63 -3.03 11.08 58.19
N VAL R 64 -2.92 10.93 56.86
CA VAL R 64 -2.20 9.81 56.29
C VAL R 64 -0.70 9.92 56.59
N LEU R 65 -0.18 11.14 56.69
CA LEU R 65 1.24 11.31 56.95
C LEU R 65 1.54 11.18 58.44
N ASN R 66 2.85 11.14 58.75
CA ASN R 66 3.35 10.93 60.10
C ASN R 66 4.35 12.06 60.40
N LEU R 67 3.86 13.31 60.24
CA LEU R 67 4.73 14.47 60.21
C LEU R 67 5.34 14.77 61.58
N GLU R 68 6.10 13.80 62.13
CA GLU R 68 7.01 14.06 63.23
C GLU R 68 8.34 13.39 62.92
N HIS R 69 8.28 12.32 62.12
CA HIS R 69 9.46 11.69 61.55
C HIS R 69 9.62 12.00 60.06
N LEU R 70 8.76 12.71 59.45
CA LEU R 70 8.96 13.07 58.06
C LEU R 70 10.16 14.00 57.98
N LEU R 71 10.29 14.91 59.00
CA LEU R 71 11.46 15.77 59.01
C LEU R 71 12.73 15.00 59.34
N GLU R 72 12.63 13.96 60.17
CA GLU R 72 13.75 13.08 60.48
C GLU R 72 13.78 11.88 59.54
N TYR R 73 13.79 12.17 58.23
CA TYR R 73 13.85 11.13 57.21
C TYR R 73 14.54 11.73 56.00
N ALA R 74 15.85 11.46 55.86
CA ALA R 74 16.67 12.05 54.81
C ALA R 74 17.47 10.96 54.10
N PRO R 75 16.90 10.32 53.09
CA PRO R 75 17.64 9.32 52.32
C PRO R 75 18.40 9.97 51.17
N GLN R 76 19.42 9.26 50.70
CA GLN R 76 20.21 9.72 49.56
C GLN R 76 19.36 9.67 48.30
N GLN R 77 19.61 10.61 47.39
CA GLN R 77 18.84 10.70 46.15
C GLN R 77 19.09 9.52 45.21
N ILE R 78 20.12 8.72 45.46
CA ILE R 78 20.41 7.58 44.59
C ILE R 78 19.92 6.26 45.16
N ASP R 79 19.59 6.21 46.45
CA ASP R 79 19.17 4.97 47.09
C ASP R 79 17.66 4.79 47.11
N ILE R 80 16.91 5.76 46.60
CA ILE R 80 15.46 5.66 46.51
C ILE R 80 15.02 6.01 45.09
N SER R 81 15.97 6.03 44.16
CA SER R 81 15.71 6.35 42.78
C SER R 81 15.56 5.05 41.98
N ASN R 82 14.64 5.07 41.01
CA ASN R 82 14.39 3.89 40.20
C ASN R 82 15.34 3.77 39.00
N THR R 83 16.22 4.75 38.78
CA THR R 83 17.19 4.64 37.72
C THR R 83 18.24 3.58 38.01
N ARG R 84 18.37 3.16 39.27
CA ARG R 84 19.26 2.09 39.68
C ARG R 84 18.44 0.94 40.23
N ALA R 85 18.86 -0.29 39.93
CA ALA R 85 18.20 -1.46 40.46
C ALA R 85 18.39 -1.52 41.98
N THR R 86 17.37 -2.00 42.67
CA THR R 86 17.44 -2.09 44.12
C THR R 86 18.52 -3.08 44.54
N GLN R 87 19.05 -2.89 45.76
CA GLN R 87 20.17 -3.69 46.21
C GLN R 87 19.82 -5.18 46.26
N SER R 88 18.56 -5.51 46.54
CA SER R 88 18.15 -6.91 46.53
C SER R 88 18.25 -7.52 45.15
N GLN R 89 17.85 -6.77 44.12
CA GLN R 89 17.98 -7.24 42.75
C GLN R 89 19.41 -7.25 42.26
N PHE R 90 20.27 -6.38 42.80
CA PHE R 90 21.69 -6.44 42.48
C PHE R 90 22.36 -7.60 43.20
N ASP R 91 21.92 -7.93 44.41
CA ASP R 91 22.44 -9.09 45.11
C ASP R 91 22.05 -10.40 44.43
N THR R 92 21.00 -10.37 43.60
CA THR R 92 20.58 -11.55 42.85
C THR R 92 21.33 -11.67 41.53
N TRP R 93 21.46 -10.57 40.79
CA TRP R 93 22.22 -10.60 39.54
C TRP R 93 23.68 -10.94 39.78
N TYR R 94 24.28 -10.36 40.83
CA TYR R 94 25.68 -10.66 41.12
C TYR R 94 25.87 -12.09 41.58
N GLU R 95 24.86 -12.68 42.21
CA GLU R 95 24.94 -14.07 42.65
C GLU R 95 24.54 -15.06 41.58
N ALA R 96 23.64 -14.68 40.67
CA ALA R 96 23.25 -15.54 39.57
C ALA R 96 24.25 -15.53 38.42
N VAL R 97 25.16 -14.55 38.39
CA VAL R 97 26.22 -14.52 37.40
C VAL R 97 27.44 -15.29 37.88
N GLN R 98 27.77 -15.17 39.17
CA GLN R 98 28.91 -15.89 39.72
C GLN R 98 28.73 -17.40 39.61
N LEU R 99 27.49 -17.89 39.72
CA LEU R 99 27.25 -19.32 39.60
C LEU R 99 27.38 -19.80 38.15
N ALA R 100 26.96 -18.98 37.19
CA ALA R 100 27.06 -19.38 35.79
C ALA R 100 28.51 -19.48 35.33
N TYR R 101 29.36 -18.57 35.81
CA TYR R 101 30.79 -18.62 35.49
C TYR R 101 31.55 -19.62 36.33
N ASP R 102 30.94 -20.13 37.41
CA ASP R 102 31.58 -21.05 38.34
C ASP R 102 32.84 -20.45 38.96
N ILE R 103 32.92 -19.13 39.04
CA ILE R 103 34.08 -18.45 39.58
C ILE R 103 33.93 -18.32 41.09
N GLY R 104 35.02 -18.59 41.81
CA GLY R 104 34.98 -18.47 43.25
C GLY R 104 34.81 -17.03 43.71
N GLU R 105 34.38 -16.88 44.96
CA GLU R 105 34.10 -15.56 45.50
C GLU R 105 35.35 -14.69 45.62
N THR R 106 36.54 -15.31 45.74
CA THR R 106 37.77 -14.55 45.79
C THR R 106 38.25 -14.13 44.40
N GLU R 107 37.99 -14.95 43.38
CA GLU R 107 38.30 -14.59 42.01
C GLU R 107 37.15 -13.84 41.34
N MET R 108 35.99 -13.77 41.98
CA MET R 108 34.84 -13.10 41.38
C MET R 108 35.06 -11.61 41.13
N PRO R 109 35.56 -10.81 42.08
CA PRO R 109 35.55 -9.35 41.86
C PRO R 109 36.46 -8.89 40.74
N THR R 110 37.56 -9.59 40.48
CA THR R 110 38.47 -9.19 39.39
C THR R 110 37.75 -9.22 38.04
N VAL R 111 36.76 -10.09 37.90
CA VAL R 111 35.99 -10.15 36.66
C VAL R 111 35.16 -8.88 36.50
N MET R 112 34.61 -8.35 37.60
CA MET R 112 33.76 -7.17 37.53
C MET R 112 34.53 -5.91 37.15
N ASN R 113 35.86 -5.89 37.31
CA ASN R 113 36.63 -4.76 36.78
C ASN R 113 36.52 -4.70 35.26
N GLY R 114 36.72 -5.84 34.60
CA GLY R 114 36.64 -5.86 33.15
C GLY R 114 35.23 -5.62 32.64
N LEU R 115 34.22 -6.09 33.37
CA LEU R 115 32.84 -5.95 32.90
C LEU R 115 32.44 -4.49 32.79
N MET R 116 32.84 -3.67 33.76
CA MET R 116 32.53 -2.23 33.69
C MET R 116 33.30 -1.57 32.56
N VAL R 117 34.60 -1.84 32.48
CA VAL R 117 35.43 -1.27 31.41
C VAL R 117 34.90 -1.68 30.05
N TRP R 118 34.53 -2.96 29.90
CA TRP R 118 33.93 -3.39 28.64
C TRP R 118 32.61 -2.67 28.39
N CYS R 119 31.83 -2.44 29.45
CA CYS R 119 30.56 -1.74 29.33
C CYS R 119 30.72 -0.23 29.17
N ILE R 120 31.94 0.29 29.14
CA ILE R 120 32.13 1.72 28.91
C ILE R 120 32.18 2.01 27.42
N GLU R 121 33.00 1.33 26.67
CA GLU R 121 33.01 1.49 25.23
C GLU R 121 31.71 1.00 24.60
N ASN R 122 31.23 -0.16 25.05
CA ASN R 122 30.03 -0.76 24.51
C ASN R 122 28.85 -0.51 25.44
N GLY R 123 27.68 -0.28 24.84
CA GLY R 123 26.49 0.06 25.61
C GLY R 123 25.97 -1.10 26.44
N THR R 124 24.95 -0.79 27.24
CA THR R 124 24.34 -1.75 28.14
C THR R 124 23.24 -2.56 27.46
N SER R 125 23.24 -2.63 26.14
CA SER R 125 22.30 -3.46 25.38
C SER R 125 23.08 -4.31 24.38
N PRO R 126 23.82 -5.30 24.87
CA PRO R 126 24.62 -6.13 23.96
C PRO R 126 23.84 -7.32 23.42
N ASN R 127 24.50 -8.15 22.61
CA ASN R 127 23.87 -9.37 22.11
C ASN R 127 23.90 -10.44 23.20
N ILE R 128 22.72 -10.99 23.51
CA ILE R 128 22.66 -12.04 24.53
C ILE R 128 23.41 -13.28 24.07
N ASN R 129 23.45 -13.51 22.76
CA ASN R 129 24.22 -14.63 22.20
C ASN R 129 25.62 -14.18 21.79
N GLY R 130 26.33 -13.57 22.73
CA GLY R 130 27.67 -13.06 22.46
C GLY R 130 28.60 -13.18 23.65
N VAL R 131 29.81 -12.62 23.54
CA VAL R 131 30.80 -12.68 24.58
C VAL R 131 31.41 -11.30 24.81
N TRP R 132 31.98 -11.11 25.99
CA TRP R 132 32.73 -9.90 26.33
C TRP R 132 34.13 -10.29 26.75
N VAL R 133 35.07 -9.35 26.61
CA VAL R 133 36.50 -9.65 26.69
C VAL R 133 37.14 -8.84 27.82
N MET R 134 38.03 -9.50 28.57
CA MET R 134 38.87 -8.84 29.56
C MET R 134 40.23 -9.53 29.56
N MET R 135 41.29 -8.73 29.51
CA MET R 135 42.62 -9.24 29.17
C MET R 135 43.40 -9.71 30.38
N ASP R 136 44.10 -10.84 30.21
CA ASP R 136 45.23 -11.20 31.07
C ASP R 136 46.50 -10.67 30.40
N GLY R 137 46.61 -9.34 30.40
CA GLY R 137 47.72 -8.69 29.75
C GLY R 137 47.48 -8.43 28.27
N ASP R 138 48.02 -9.29 27.42
CA ASP R 138 47.82 -9.20 25.98
C ASP R 138 46.94 -10.32 25.42
N GLU R 139 46.53 -11.27 26.25
CA GLU R 139 45.75 -12.42 25.80
C GLU R 139 44.29 -12.19 26.13
N GLN R 140 43.43 -12.30 25.11
CA GLN R 140 42.00 -12.11 25.30
C GLN R 140 41.41 -13.28 26.08
N VAL R 141 40.49 -12.96 26.99
CA VAL R 141 39.71 -13.96 27.72
C VAL R 141 38.24 -13.69 27.44
N GLU R 142 37.52 -14.72 27.02
CA GLU R 142 36.14 -14.59 26.60
C GLU R 142 35.20 -15.04 27.71
N TYR R 143 34.15 -14.25 27.95
CA TYR R 143 33.11 -14.59 28.90
C TYR R 143 31.75 -14.46 28.24
N PRO R 144 30.87 -15.44 28.43
CA PRO R 144 29.56 -15.37 27.79
C PRO R 144 28.70 -14.24 28.35
N LEU R 145 27.85 -13.70 27.49
CA LEU R 145 26.97 -12.59 27.85
C LEU R 145 25.57 -13.04 28.20
N LYS R 146 25.33 -14.36 28.27
CA LYS R 146 23.99 -14.84 28.60
C LYS R 146 23.63 -14.58 30.06
N PRO R 147 24.43 -15.01 31.06
CA PRO R 147 24.05 -14.71 32.44
C PRO R 147 24.04 -13.22 32.76
N ILE R 148 24.80 -12.42 32.03
CA ILE R 148 24.86 -10.99 32.29
C ILE R 148 23.53 -10.32 31.95
N VAL R 149 22.95 -10.68 30.80
CA VAL R 149 21.73 -10.01 30.33
C VAL R 149 20.49 -10.73 30.82
N GLU R 150 20.49 -12.06 30.81
CA GLU R 150 19.30 -12.82 31.19
C GLU R 150 18.96 -12.63 32.65
N ASN R 151 19.96 -12.59 33.52
CA ASN R 151 19.76 -12.53 34.97
C ASN R 151 19.68 -11.11 35.51
N ALA R 152 19.71 -10.10 34.64
CA ALA R 152 19.66 -8.71 35.07
C ALA R 152 18.21 -8.23 35.03
N LYS R 153 17.64 -7.98 36.21
CA LYS R 153 16.27 -7.50 36.34
C LYS R 153 16.25 -6.15 37.03
N PRO R 154 15.38 -5.24 36.61
CA PRO R 154 14.42 -5.35 35.49
C PRO R 154 15.07 -5.02 34.15
N THR R 155 16.26 -4.43 34.18
CA THR R 155 16.98 -4.07 32.97
C THR R 155 18.46 -4.05 33.26
N LEU R 156 19.26 -4.45 32.26
CA LEU R 156 20.71 -4.41 32.42
C LEU R 156 21.21 -2.98 32.63
N ARG R 157 20.50 -2.00 32.08
CA ARG R 157 20.90 -0.60 32.27
C ARG R 157 20.83 -0.20 33.74
N GLN R 158 19.77 -0.61 34.43
CA GLN R 158 19.63 -0.26 35.85
C GLN R 158 20.59 -1.07 36.72
N ILE R 159 20.86 -2.32 36.35
CA ILE R 159 21.84 -3.11 37.07
C ILE R 159 23.23 -2.52 36.91
N MET R 160 23.58 -2.12 35.69
CA MET R 160 24.87 -1.49 35.43
C MET R 160 24.95 -0.06 35.96
N ALA R 161 23.81 0.54 36.33
CA ALA R 161 23.82 1.90 36.86
C ALA R 161 24.52 2.00 38.21
N HIS R 162 24.72 0.88 38.90
CA HIS R 162 25.46 0.89 40.15
C HIS R 162 26.91 1.31 39.93
N PHE R 163 27.51 0.86 38.82
CA PHE R 163 28.89 1.19 38.48
C PHE R 163 29.06 2.62 37.99
N SER R 164 27.99 3.44 38.02
CA SER R 164 28.09 4.79 37.48
C SER R 164 29.08 5.65 38.25
N ASP R 165 29.11 5.51 39.58
CA ASP R 165 30.02 6.32 40.38
C ASP R 165 31.47 6.00 40.06
N VAL R 166 31.79 4.72 39.87
CA VAL R 166 33.18 4.34 39.59
C VAL R 166 33.49 4.52 38.11
N ALA R 167 32.48 4.50 37.24
CA ALA R 167 32.71 4.69 35.81
C ALA R 167 33.34 6.05 35.53
N GLU R 168 32.80 7.10 36.15
CA GLU R 168 33.40 8.42 36.01
C GLU R 168 34.78 8.48 36.66
N ALA R 169 34.94 7.82 37.80
CA ALA R 169 36.23 7.81 38.49
C ALA R 169 37.29 7.05 37.70
N TYR R 170 36.90 6.21 36.74
CA TYR R 170 37.84 5.49 35.91
C TYR R 170 38.13 6.19 34.58
N ILE R 171 37.10 6.76 33.95
CA ILE R 171 37.30 7.49 32.70
C ILE R 171 38.20 8.69 32.92
N GLU R 172 37.92 9.47 33.99
CA GLU R 172 38.70 10.66 34.27
C GLU R 172 40.13 10.30 34.68
N MET R 173 40.33 9.17 35.36
CA MET R 173 41.67 8.79 35.79
C MET R 173 42.56 8.50 34.60
N ARG R 174 42.03 7.82 33.58
CA ARG R 174 42.81 7.54 32.39
C ARG R 174 42.98 8.77 31.50
N ASN R 175 41.97 9.64 31.44
CA ASN R 175 42.06 10.83 30.60
C ASN R 175 43.27 11.70 30.95
N LYS R 176 43.72 11.63 32.21
CA LYS R 176 44.95 12.32 32.59
C LYS R 176 46.15 11.78 31.83
N LYS R 177 46.21 10.46 31.64
CA LYS R 177 47.34 9.85 30.95
C LYS R 177 47.16 9.92 29.44
N GLU R 178 46.12 9.28 28.91
CA GLU R 178 45.84 9.25 27.47
C GLU R 178 44.35 9.47 27.25
N PRO R 179 43.96 10.01 26.10
CA PRO R 179 42.53 10.21 25.83
C PRO R 179 41.77 8.90 25.87
N TYR R 180 40.59 8.94 26.50
CA TYR R 180 39.72 7.78 26.62
C TYR R 180 38.28 8.19 26.32
N MET R 181 38.08 8.89 25.22
CA MET R 181 36.76 9.35 24.81
C MET R 181 35.92 8.13 24.44
N PRO R 182 34.90 7.77 25.21
CA PRO R 182 34.19 6.52 25.01
C PRO R 182 33.05 6.65 24.01
N ARG R 183 32.37 5.53 23.77
CA ARG R 183 31.25 5.50 22.84
C ARG R 183 29.89 5.42 23.51
N TYR R 184 29.79 4.74 24.65
CA TYR R 184 28.54 4.63 25.38
C TYR R 184 28.87 4.74 26.87
N GLY R 185 27.91 4.37 27.71
CA GLY R 185 28.11 4.40 29.15
C GLY R 185 27.29 3.31 29.84
N LEU R 186 27.59 3.14 31.12
CA LEU R 186 26.88 2.16 31.94
C LEU R 186 26.43 2.77 33.27
N HIS S 42 50.30 26.81 52.79
CA HIS S 42 51.44 25.91 52.94
C HIS S 42 51.50 24.89 51.80
N THR S 43 50.71 23.82 51.93
CA THR S 43 50.66 22.77 50.94
C THR S 43 49.31 22.80 50.23
N VAL S 44 49.35 22.70 48.91
CA VAL S 44 48.14 22.78 48.09
C VAL S 44 47.43 21.43 48.11
N PRO S 45 46.14 21.38 48.46
CA PRO S 45 45.43 20.09 48.51
C PRO S 45 45.08 19.56 47.13
N ARG S 46 45.77 18.50 46.70
CA ARG S 46 45.46 17.86 45.42
C ARG S 46 44.39 16.80 45.63
N ILE S 47 43.29 16.92 44.87
CA ILE S 47 42.16 16.00 45.03
C ILE S 47 42.53 14.63 44.51
N LYS S 48 41.92 13.61 45.09
CA LYS S 48 42.12 12.22 44.66
C LYS S 48 41.04 11.82 43.66
N ALA S 49 41.34 10.76 42.91
CA ALA S 49 40.38 10.24 41.95
C ALA S 49 39.27 9.43 42.63
N ILE S 50 39.62 8.68 43.67
CA ILE S 50 38.65 7.88 44.42
C ILE S 50 38.32 8.68 45.68
N THR S 51 37.27 9.49 45.60
CA THR S 51 36.82 10.25 46.75
C THR S 51 36.23 9.32 47.81
N SER S 52 36.35 9.74 49.07
CA SER S 52 35.78 8.95 50.17
C SER S 52 34.26 8.85 50.06
N LYS S 53 33.61 9.97 49.72
CA LYS S 53 32.15 10.00 49.62
C LYS S 53 31.70 9.67 48.19
N MET S 54 32.06 8.45 47.76
CA MET S 54 31.67 7.94 46.46
C MET S 54 31.21 6.50 46.62
N ARG S 55 30.06 6.18 46.04
CA ARG S 55 29.37 4.91 46.29
C ARG S 55 29.97 3.81 45.43
N MET S 56 30.92 3.08 46.00
CA MET S 56 31.34 1.83 45.38
C MET S 56 30.18 0.83 45.43
N PRO S 57 29.94 0.09 44.34
CA PRO S 57 28.86 -0.91 44.37
C PRO S 57 29.14 -1.98 45.41
N LYS S 58 28.08 -2.40 46.09
CA LYS S 58 28.18 -3.34 47.20
C LYS S 58 27.25 -4.53 46.98
N SER S 59 27.67 -5.68 47.51
CA SER S 59 26.86 -6.89 47.46
C SER S 59 27.05 -7.64 48.78
N LYS S 60 25.99 -7.70 49.59
CA LYS S 60 26.02 -8.36 50.90
C LYS S 60 27.14 -7.80 51.77
N GLY S 61 27.29 -6.49 51.78
CA GLY S 61 28.31 -5.82 52.57
C GLY S 61 29.64 -5.61 51.87
N ALA S 62 30.14 -6.63 51.20
CA ALA S 62 31.40 -6.52 50.48
C ALA S 62 31.22 -5.70 49.20
N THR S 63 32.32 -5.49 48.50
CA THR S 63 32.35 -4.68 47.29
C THR S 63 32.57 -5.59 46.08
N VAL S 64 31.73 -5.42 45.05
CA VAL S 64 31.85 -6.24 43.86
C VAL S 64 33.14 -5.92 43.10
N LEU S 65 33.60 -4.68 43.17
CA LEU S 65 34.82 -4.30 42.46
C LEU S 65 36.06 -4.70 43.26
N ASN S 66 37.21 -4.56 42.59
CA ASN S 66 38.51 -4.96 43.14
C ASN S 66 39.45 -3.76 43.01
N LEU S 67 39.01 -2.62 43.58
CA LEU S 67 39.64 -1.33 43.31
C LEU S 67 41.03 -1.23 43.93
N GLU S 68 41.94 -2.13 43.55
CA GLU S 68 43.37 -1.96 43.78
C GLU S 68 44.11 -2.29 42.48
N HIS S 69 43.50 -3.15 41.67
CA HIS S 69 43.95 -3.42 40.31
C HIS S 69 43.06 -2.77 39.27
N LEU S 70 42.02 -2.11 39.61
CA LEU S 70 41.21 -1.43 38.62
C LEU S 70 42.04 -0.30 38.03
N LEU S 71 42.85 0.38 38.91
CA LEU S 71 43.72 1.41 38.38
C LEU S 71 44.85 0.84 37.56
N GLU S 72 45.34 -0.35 37.91
CA GLU S 72 46.35 -1.06 37.13
C GLU S 72 45.71 -2.00 36.11
N TYR S 73 44.83 -1.44 35.28
CA TYR S 73 44.14 -2.20 34.24
C TYR S 73 43.83 -1.24 33.10
N ALA S 74 44.67 -1.23 32.08
CA ALA S 74 44.56 -0.28 30.96
C ALA S 74 44.64 -1.03 29.64
N PRO S 75 43.51 -1.53 29.13
CA PRO S 75 43.50 -2.18 27.82
C PRO S 75 43.27 -1.17 26.70
N GLN S 76 43.69 -1.57 25.51
CA GLN S 76 43.47 -0.74 24.33
C GLN S 76 42.00 -0.67 23.99
N GLN S 77 41.57 0.48 23.47
CA GLN S 77 40.15 0.69 23.15
C GLN S 77 39.67 -0.18 21.99
N ILE S 78 40.57 -0.82 21.25
CA ILE S 78 40.17 -1.67 20.13
C ILE S 78 40.19 -3.15 20.49
N ASP S 79 40.85 -3.54 21.58
CA ASP S 79 40.97 -4.94 21.95
C ASP S 79 39.88 -5.40 22.92
N ILE S 80 38.99 -4.50 23.33
CA ILE S 80 37.87 -4.86 24.20
C ILE S 80 36.59 -4.29 23.61
N SER S 81 36.64 -3.89 22.35
CA SER S 81 35.49 -3.33 21.64
C SER S 81 34.82 -4.43 20.81
N ASN S 82 33.49 -4.38 20.76
CA ASN S 82 32.73 -5.38 20.03
C ASN S 82 32.60 -5.06 18.54
N THR S 83 33.09 -3.91 18.09
CA THR S 83 33.07 -3.61 16.66
C THR S 83 34.02 -4.49 15.87
N ARG S 84 34.97 -5.14 16.55
CA ARG S 84 35.88 -6.09 15.93
C ARG S 84 35.64 -7.47 16.53
N ALA S 85 35.72 -8.49 15.70
CA ALA S 85 35.60 -9.86 16.18
C ALA S 85 36.78 -10.21 17.08
N THR S 86 36.51 -11.01 18.10
CA THR S 86 37.56 -11.40 19.04
C THR S 86 38.62 -12.24 18.33
N GLN S 87 39.84 -12.21 18.87
CA GLN S 87 40.96 -12.88 18.22
C GLN S 87 40.71 -14.37 18.06
N SER S 88 39.98 -14.99 19.01
CA SER S 88 39.66 -16.41 18.88
C SER S 88 38.77 -16.67 17.67
N GLN S 89 37.79 -15.80 17.43
CA GLN S 89 36.93 -15.94 16.27
C GLN S 89 37.63 -15.57 14.98
N PHE S 90 38.64 -14.70 15.03
CA PHE S 90 39.45 -14.43 13.85
C PHE S 90 40.42 -15.57 13.57
N ASP S 91 40.92 -16.23 14.62
CA ASP S 91 41.77 -17.40 14.42
C ASP S 91 40.99 -18.57 13.83
N THR S 92 39.66 -18.57 13.97
CA THR S 92 38.82 -19.61 13.39
C THR S 92 38.45 -19.30 11.94
N TRP S 93 38.06 -18.06 11.66
CA TRP S 93 37.75 -17.69 10.28
C TRP S 93 38.98 -17.79 9.39
N TYR S 94 40.13 -17.35 9.87
CA TYR S 94 41.35 -17.43 9.07
C TYR S 94 41.78 -18.88 8.85
N GLU S 95 41.46 -19.77 9.78
CA GLU S 95 41.82 -21.17 9.65
C GLU S 95 40.78 -21.98 8.89
N ALA S 96 39.50 -21.57 8.96
CA ALA S 96 38.46 -22.25 8.21
C ALA S 96 38.38 -21.79 6.77
N VAL S 97 39.03 -20.69 6.41
CA VAL S 97 39.12 -20.25 5.03
C VAL S 97 40.34 -20.86 4.33
N GLN S 98 41.46 -20.95 5.05
CA GLN S 98 42.66 -21.56 4.48
C GLN S 98 42.42 -23.01 4.09
N LEU S 99 41.60 -23.74 4.85
CA LEU S 99 41.31 -25.12 4.52
C LEU S 99 40.40 -25.25 3.29
N ALA S 100 39.45 -24.34 3.12
CA ALA S 100 38.55 -24.41 1.97
C ALA S 100 39.30 -24.13 0.68
N TYR S 101 40.25 -23.20 0.70
CA TYR S 101 41.06 -22.91 -0.48
C TYR S 101 42.18 -23.92 -0.67
N ASP S 102 42.47 -24.75 0.33
CA ASP S 102 43.57 -25.71 0.29
C ASP S 102 44.92 -25.04 0.05
N ILE S 103 45.04 -23.77 0.43
CA ILE S 103 46.27 -23.02 0.22
C ILE S 103 47.20 -23.25 1.41
N GLY S 104 48.49 -23.46 1.12
CA GLY S 104 49.45 -23.66 2.17
C GLY S 104 49.67 -22.42 3.00
N GLU S 105 50.21 -22.62 4.20
CA GLU S 105 50.40 -21.52 5.13
C GLU S 105 51.40 -20.49 4.63
N THR S 106 52.34 -20.89 3.76
CA THR S 106 53.28 -19.94 3.19
C THR S 106 52.68 -19.16 2.03
N GLU S 107 51.78 -19.76 1.26
CA GLU S 107 51.06 -19.06 0.21
C GLU S 107 49.78 -18.41 0.71
N MET S 108 49.38 -18.70 1.95
CA MET S 108 48.13 -18.14 2.48
C MET S 108 48.15 -16.62 2.59
N PRO S 109 49.17 -15.96 3.15
CA PRO S 109 49.03 -14.53 3.41
C PRO S 109 48.94 -13.67 2.16
N THR S 110 49.55 -14.07 1.04
CA THR S 110 49.46 -13.29 -0.18
C THR S 110 48.02 -13.16 -0.65
N VAL S 111 47.18 -14.16 -0.36
CA VAL S 111 45.77 -14.08 -0.71
C VAL S 111 45.08 -12.98 0.09
N MET S 112 45.44 -12.82 1.37
CA MET S 112 44.80 -11.82 2.21
C MET S 112 45.11 -10.39 1.80
N ASN S 113 46.18 -10.16 1.03
CA ASN S 113 46.39 -8.83 0.48
C ASN S 113 45.27 -8.47 -0.48
N GLY S 114 44.95 -9.38 -1.40
CA GLY S 114 43.89 -9.10 -2.36
C GLY S 114 42.52 -9.01 -1.71
N LEU S 115 42.28 -9.81 -0.67
CA LEU S 115 40.97 -9.83 -0.04
C LEU S 115 40.61 -8.48 0.56
N MET S 116 41.58 -7.82 1.20
CA MET S 116 41.33 -6.50 1.77
C MET S 116 41.12 -5.47 0.66
N VAL S 117 42.00 -5.47 -0.34
CA VAL S 117 41.88 -4.53 -1.45
C VAL S 117 40.56 -4.74 -2.17
N TRP S 118 40.16 -6.00 -2.40
CA TRP S 118 38.86 -6.26 -2.99
C TRP S 118 37.74 -5.75 -2.08
N CYS S 119 37.90 -5.91 -0.76
CA CYS S 119 36.91 -5.44 0.19
C CYS S 119 36.93 -3.94 0.40
N ILE S 120 37.81 -3.20 -0.28
CA ILE S 120 37.81 -1.74 -0.16
C ILE S 120 36.83 -1.13 -1.15
N GLU S 121 36.90 -1.48 -2.39
CA GLU S 121 35.91 -1.00 -3.36
C GLU S 121 34.53 -1.58 -3.07
N ASN S 122 34.48 -2.88 -2.77
CA ASN S 122 33.22 -3.56 -2.52
C ASN S 122 33.01 -3.75 -1.02
N GLY S 123 31.75 -3.61 -0.60
CA GLY S 123 31.43 -3.66 0.81
C GLY S 123 31.61 -5.05 1.41
N THR S 124 31.42 -5.12 2.73
CA THR S 124 31.57 -6.35 3.48
C THR S 124 30.30 -7.18 3.51
N SER S 125 29.39 -6.97 2.57
CA SER S 125 28.17 -7.76 2.44
C SER S 125 28.04 -8.23 0.99
N PRO S 126 28.90 -9.15 0.55
CA PRO S 126 28.84 -9.59 -0.84
C PRO S 126 27.89 -10.76 -1.03
N ASN S 127 27.80 -11.26 -2.26
CA ASN S 127 26.97 -12.43 -2.55
C ASN S 127 27.73 -13.69 -2.12
N ILE S 128 27.09 -14.51 -1.27
CA ILE S 128 27.72 -15.74 -0.82
C ILE S 128 27.92 -16.70 -1.99
N ASN S 129 27.06 -16.64 -2.99
CA ASN S 129 27.21 -17.43 -4.21
C ASN S 129 27.95 -16.66 -5.29
N GLY S 130 29.12 -16.14 -4.94
CA GLY S 130 29.92 -15.36 -5.87
C GLY S 130 31.41 -15.56 -5.70
N VAL S 131 32.22 -14.76 -6.42
CA VAL S 131 33.67 -14.87 -6.36
C VAL S 131 34.27 -13.48 -6.23
N TRP S 132 35.51 -13.44 -5.71
CA TRP S 132 36.30 -12.23 -5.65
C TRP S 132 37.61 -12.44 -6.39
N VAL S 133 38.19 -11.33 -6.84
CA VAL S 133 39.29 -11.36 -7.81
C VAL S 133 40.54 -10.72 -7.23
N MET S 134 41.69 -11.34 -7.48
CA MET S 134 43.00 -10.76 -7.17
C MET S 134 43.98 -11.18 -8.26
N MET S 135 44.72 -10.20 -8.78
CA MET S 135 45.44 -10.36 -10.03
C MET S 135 46.84 -10.94 -9.85
N ASP S 136 47.21 -11.85 -10.75
CA ASP S 136 48.61 -12.18 -11.02
C ASP S 136 49.09 -11.29 -12.17
N GLY S 137 49.18 -10.00 -11.86
CA GLY S 137 49.55 -9.02 -12.87
C GLY S 137 48.36 -8.50 -13.65
N ASP S 138 48.15 -9.05 -14.85
CA ASP S 138 47.01 -8.68 -15.69
C ASP S 138 45.99 -9.79 -15.82
N GLU S 139 46.24 -10.97 -15.23
CA GLU S 139 45.36 -12.12 -15.36
C GLU S 139 44.51 -12.23 -14.09
N GLN S 140 43.20 -12.27 -14.26
CA GLN S 140 42.30 -12.40 -13.13
C GLN S 140 42.38 -13.80 -12.53
N VAL S 141 42.34 -13.87 -11.20
CA VAL S 141 42.27 -15.12 -10.46
C VAL S 141 41.02 -15.07 -9.60
N GLU S 142 40.18 -16.10 -9.71
CA GLU S 142 38.88 -16.15 -9.04
C GLU S 142 38.97 -16.98 -7.78
N TYR S 143 38.39 -16.47 -6.70
CA TYR S 143 38.29 -17.20 -5.44
C TYR S 143 36.84 -17.19 -4.96
N PRO S 144 36.31 -18.32 -4.52
CA PRO S 144 34.92 -18.37 -4.08
C PRO S 144 34.71 -17.56 -2.81
N LEU S 145 33.51 -17.01 -2.68
CA LEU S 145 33.13 -16.19 -1.54
C LEU S 145 32.34 -16.97 -0.50
N LYS S 146 32.20 -18.28 -0.66
CA LYS S 146 31.45 -19.06 0.33
C LYS S 146 32.20 -19.20 1.65
N PRO S 147 33.45 -19.68 1.68
CA PRO S 147 34.14 -19.76 2.98
C PRO S 147 34.37 -18.40 3.63
N ILE S 148 34.43 -17.33 2.84
CA ILE S 148 34.68 -16.00 3.40
C ILE S 148 33.48 -15.55 4.23
N VAL S 149 32.27 -15.73 3.72
CA VAL S 149 31.07 -15.22 4.38
C VAL S 149 30.49 -16.26 5.34
N GLU S 150 30.48 -17.53 4.95
CA GLU S 150 29.85 -18.55 5.80
C GLU S 150 30.62 -18.75 7.10
N ASN S 151 31.94 -18.70 7.04
CA ASN S 151 32.78 -19.01 8.19
C ASN S 151 33.13 -17.77 9.03
N ALA S 152 32.57 -16.61 8.70
CA ALA S 152 32.84 -15.37 9.41
C ALA S 152 31.78 -15.19 10.49
N LYS S 153 32.17 -15.30 11.75
CA LYS S 153 31.28 -15.13 12.88
C LYS S 153 31.76 -13.98 13.77
N PRO S 154 30.84 -13.17 14.30
CA PRO S 154 29.39 -13.22 14.13
C PRO S 154 28.94 -12.50 12.86
N THR S 155 29.83 -11.71 12.26
CA THR S 155 29.52 -10.97 11.05
C THR S 155 30.81 -10.75 10.28
N LEU S 156 30.69 -10.76 8.94
CA LEU S 156 31.85 -10.49 8.10
C LEU S 156 32.37 -9.07 8.32
N ARG S 157 31.49 -8.14 8.69
CA ARG S 157 31.94 -6.78 8.95
C ARG S 157 32.90 -6.73 10.13
N GLN S 158 32.60 -7.46 11.20
CA GLN S 158 33.48 -7.45 12.36
C GLN S 158 34.76 -8.23 12.11
N ILE S 159 34.68 -9.32 11.32
CA ILE S 159 35.90 -10.04 10.95
C ILE S 159 36.79 -9.18 10.08
N MET S 160 36.21 -8.46 9.12
CA MET S 160 36.98 -7.57 8.27
C MET S 160 37.42 -6.30 8.99
N ALA S 161 36.86 -6.02 10.17
CA ALA S 161 37.26 -4.83 10.90
C ALA S 161 38.69 -4.88 11.41
N HIS S 162 39.29 -6.09 11.44
CA HIS S 162 40.70 -6.20 11.82
C HIS S 162 41.59 -5.47 10.82
N PHE S 163 41.26 -5.56 9.53
CA PHE S 163 42.02 -4.92 8.47
C PHE S 163 41.84 -3.41 8.43
N SER S 164 41.10 -2.82 9.38
CA SER S 164 40.82 -1.39 9.32
C SER S 164 42.08 -0.55 9.45
N ASP S 165 43.01 -0.97 10.32
CA ASP S 165 44.24 -0.21 10.49
C ASP S 165 45.07 -0.17 9.21
N VAL S 166 45.16 -1.29 8.51
CA VAL S 166 45.95 -1.35 7.29
C VAL S 166 45.17 -0.79 6.10
N ALA S 167 43.83 -0.81 6.17
CA ALA S 167 43.03 -0.28 5.08
C ALA S 167 43.31 1.19 4.85
N GLU S 168 43.36 1.98 5.94
CA GLU S 168 43.71 3.39 5.82
C GLU S 168 45.15 3.56 5.37
N ALA S 169 46.05 2.70 5.87
CA ALA S 169 47.46 2.79 5.48
C ALA S 169 47.68 2.43 4.02
N TYR S 170 46.72 1.76 3.38
CA TYR S 170 46.82 1.42 1.97
C TYR S 170 46.13 2.43 1.07
N ILE S 171 44.96 2.92 1.47
CA ILE S 171 44.26 3.93 0.67
C ILE S 171 45.08 5.20 0.59
N GLU S 172 45.62 5.65 1.72
CA GLU S 172 46.40 6.89 1.73
C GLU S 172 47.71 6.72 0.97
N MET S 173 48.30 5.53 0.99
CA MET S 173 49.57 5.32 0.30
C MET S 173 49.39 5.46 -1.21
N ARG S 174 48.29 4.92 -1.76
CA ARG S 174 48.04 5.06 -3.18
C ARG S 174 47.57 6.46 -3.56
N ASN S 175 46.81 7.13 -2.67
CA ASN S 175 46.31 8.46 -2.98
C ASN S 175 47.44 9.43 -3.29
N LYS S 176 48.63 9.18 -2.75
CA LYS S 176 49.79 10.00 -3.10
C LYS S 176 50.13 9.86 -4.57
N LYS S 177 50.04 8.64 -5.12
CA LYS S 177 50.37 8.42 -6.52
C LYS S 177 49.20 8.79 -7.43
N GLU S 178 48.08 8.09 -7.29
CA GLU S 178 46.88 8.33 -8.10
C GLU S 178 45.66 8.30 -7.21
N PRO S 179 44.59 8.99 -7.60
CA PRO S 179 43.36 8.99 -6.78
C PRO S 179 42.82 7.57 -6.62
N TYR S 180 42.39 7.26 -5.40
CA TYR S 180 41.83 5.96 -5.07
C TYR S 180 40.58 6.15 -4.20
N MET S 181 39.70 7.03 -4.63
CA MET S 181 38.45 7.31 -3.90
C MET S 181 37.58 6.06 -3.95
N PRO S 182 37.36 5.37 -2.83
CA PRO S 182 36.70 4.07 -2.86
C PRO S 182 35.18 4.21 -2.77
N ARG S 183 34.51 3.06 -2.80
CA ARG S 183 33.05 3.03 -2.72
C ARG S 183 32.52 2.54 -1.38
N TYR S 184 33.22 1.64 -0.71
CA TYR S 184 32.82 1.13 0.60
C TYR S 184 34.07 0.98 1.45
N GLY S 185 33.95 0.27 2.56
CA GLY S 185 35.09 0.02 3.43
C GLY S 185 34.96 -1.31 4.14
N LEU S 186 36.05 -1.70 4.79
CA LEU S 186 36.09 -2.95 5.55
C LEU S 186 36.69 -2.73 6.93
#